data_2KXV
#
_entry.id   2KXV
#
_cell.length_a   1.000
_cell.length_b   1.000
_cell.length_c   1.000
_cell.angle_alpha   90.00
_cell.angle_beta   90.00
_cell.angle_gamma   90.00
#
_symmetry.space_group_name_H-M   'P 1'
#
loop_
_entity.id
_entity.type
_entity.pdbx_description
1 polymer 'Tellurite resistance protein'
2 non-polymer 'CALCIUM ION'
#
_entity_poly.entity_id   1
_entity_poly.type   'polypeptide(L)'
_entity_poly.pdbx_seq_one_letter_code
;MSVSLSKGGNVSLSKTAPSMKNVLVGLGWDARSTDGQDFDLDASAFLLAANGKVRGDADFIFYNNLKSADGSVTHTGDNR
TGEGDGDDESLKIKLDAVPGDVDKIIFVVTIHDAQARRQSFGQVSGAFIRLVNDDNQTEVARYDLTEDASTETAMLFGEL
YRHNGEWKFRAVGQGYAGGLASVCAQYGINASLEHHHHHH
;
_entity_poly.pdbx_strand_id   A
#
# COMPACT_ATOMS: atom_id res chain seq x y z
N SER A 19 12.13 -14.44 3.87
CA SER A 19 12.29 -15.01 5.23
C SER A 19 11.38 -14.25 6.21
N MET A 20 10.98 -13.06 5.86
CA MET A 20 10.10 -12.28 6.76
C MET A 20 8.89 -13.13 7.17
N LYS A 21 8.79 -13.45 8.43
CA LYS A 21 7.63 -14.28 8.89
C LYS A 21 6.42 -13.38 9.13
N ASN A 22 6.64 -12.13 9.41
CA ASN A 22 5.50 -11.19 9.65
C ASN A 22 5.88 -9.80 9.13
N VAL A 23 5.04 -9.21 8.32
CA VAL A 23 5.32 -7.86 7.76
C VAL A 23 4.30 -6.85 8.28
N LEU A 24 4.68 -5.62 8.38
CA LEU A 24 3.73 -4.57 8.88
C LEU A 24 4.09 -3.24 8.21
N VAL A 25 3.26 -2.79 7.30
CA VAL A 25 3.55 -1.50 6.60
C VAL A 25 2.98 -0.34 7.44
N GLY A 26 3.58 0.81 7.35
CA GLY A 26 3.09 1.97 8.14
C GLY A 26 3.22 3.27 7.33
N LEU A 27 2.11 3.89 7.04
CA LEU A 27 2.12 5.17 6.27
C LEU A 27 1.84 6.32 7.24
N GLY A 28 2.53 7.43 7.12
CA GLY A 28 2.28 8.56 8.06
C GLY A 28 2.53 9.89 7.35
N TRP A 29 1.86 10.93 7.78
CA TRP A 29 2.08 12.25 7.13
C TRP A 29 1.50 13.35 8.01
N ASP A 30 1.96 14.56 7.81
CA ASP A 30 1.45 15.70 8.64
C ASP A 30 0.13 16.22 8.04
N ALA A 31 -0.88 16.33 8.86
CA ALA A 31 -2.19 16.84 8.35
C ALA A 31 -2.26 18.35 8.52
N ARG A 32 -3.02 19.03 7.70
CA ARG A 32 -3.13 20.51 7.80
C ARG A 32 -4.61 20.91 7.74
N SER A 33 -5.18 21.31 8.84
CA SER A 33 -6.61 21.71 8.85
C SER A 33 -6.73 23.22 8.64
N THR A 34 -7.13 23.64 7.48
CA THR A 34 -7.26 25.11 7.21
C THR A 34 -8.63 25.58 7.72
N ASP A 35 -9.68 24.92 7.31
CA ASP A 35 -11.04 25.31 7.75
C ASP A 35 -11.99 24.10 7.66
N GLY A 36 -11.43 22.92 7.54
CA GLY A 36 -12.29 21.70 7.44
C GLY A 36 -11.65 20.73 6.45
N GLN A 37 -10.92 21.23 5.49
CA GLN A 37 -10.28 20.33 4.49
C GLN A 37 -8.96 19.78 5.05
N ASP A 38 -8.57 18.61 4.63
CA ASP A 38 -7.29 18.02 5.13
C ASP A 38 -6.79 16.98 4.13
N PHE A 39 -5.61 16.46 4.34
CA PHE A 39 -5.06 15.43 3.40
C PHE A 39 -5.32 14.04 3.97
N ASP A 40 -5.78 13.13 3.15
CA ASP A 40 -6.07 11.75 3.64
C ASP A 40 -5.65 10.72 2.58
N LEU A 41 -4.53 10.07 2.78
CA LEU A 41 -4.08 9.04 1.79
C LEU A 41 -4.79 7.72 2.11
N ASP A 42 -4.79 6.81 1.17
CA ASP A 42 -5.46 5.49 1.40
C ASP A 42 -4.47 4.37 1.07
N ALA A 43 -4.33 3.41 1.96
CA ALA A 43 -3.39 2.28 1.71
C ALA A 43 -4.17 1.08 1.17
N SER A 44 -3.57 0.32 0.29
CA SER A 44 -4.28 -0.86 -0.29
C SER A 44 -3.26 -1.95 -0.63
N ALA A 45 -3.74 -3.13 -0.92
CA ALA A 45 -2.83 -4.26 -1.28
C ALA A 45 -3.52 -5.12 -2.34
N PHE A 46 -2.89 -5.31 -3.48
CA PHE A 46 -3.53 -6.12 -4.56
C PHE A 46 -2.85 -7.50 -4.65
N LEU A 47 -3.64 -8.54 -4.71
CA LEU A 47 -3.06 -9.91 -4.80
C LEU A 47 -2.61 -10.16 -6.23
N LEU A 48 -1.61 -10.98 -6.43
CA LEU A 48 -1.14 -11.27 -7.82
C LEU A 48 -0.63 -12.72 -7.90
N ALA A 49 -1.16 -13.50 -8.80
CA ALA A 49 -0.71 -14.92 -8.92
C ALA A 49 0.62 -14.96 -9.68
N ALA A 50 1.26 -16.10 -9.70
CA ALA A 50 2.55 -16.22 -10.43
C ALA A 50 2.27 -16.50 -11.92
N ASN A 51 1.02 -16.64 -12.27
CA ASN A 51 0.68 -16.91 -13.69
C ASN A 51 0.86 -15.64 -14.51
N GLY A 52 1.09 -14.52 -13.86
CA GLY A 52 1.27 -13.23 -14.59
C GLY A 52 -0.01 -12.41 -14.47
N LYS A 53 -1.03 -12.96 -13.86
CA LYS A 53 -2.31 -12.21 -13.71
C LYS A 53 -2.95 -12.60 -12.37
N VAL A 54 -3.50 -11.65 -11.67
CA VAL A 54 -4.12 -11.98 -10.36
C VAL A 54 -5.34 -12.88 -10.59
N ARG A 55 -5.56 -13.78 -9.69
CA ARG A 55 -6.75 -14.67 -9.83
C ARG A 55 -8.00 -13.81 -9.68
N GLY A 56 -7.81 -12.52 -9.57
CA GLY A 56 -8.98 -11.60 -9.43
C GLY A 56 -8.55 -10.35 -8.65
N ASP A 57 -8.29 -9.27 -9.33
CA ASP A 57 -7.87 -8.02 -8.63
C ASP A 57 -8.89 -7.68 -7.55
N ALA A 58 -10.14 -7.95 -7.81
CA ALA A 58 -11.20 -7.65 -6.81
C ALA A 58 -10.88 -8.35 -5.49
N ASP A 59 -9.82 -9.12 -5.45
CA ASP A 59 -9.45 -9.82 -4.18
C ASP A 59 -8.49 -8.94 -3.39
N PHE A 60 -8.57 -7.64 -3.57
CA PHE A 60 -7.67 -6.71 -2.85
C PHE A 60 -8.34 -6.28 -1.53
N ILE A 61 -7.56 -6.16 -0.50
CA ILE A 61 -8.10 -5.76 0.82
C ILE A 61 -8.33 -4.25 0.85
N PHE A 62 -9.40 -3.84 1.44
CA PHE A 62 -9.73 -2.39 1.53
C PHE A 62 -10.58 -2.16 2.78
N TYR A 63 -11.20 -1.02 2.92
CA TYR A 63 -12.03 -0.77 4.13
C TYR A 63 -13.26 -1.68 4.10
N ASN A 64 -13.59 -2.22 2.96
CA ASN A 64 -14.78 -3.11 2.88
C ASN A 64 -14.40 -4.51 3.38
N ASN A 65 -13.24 -4.63 3.97
CA ASN A 65 -12.80 -5.97 4.50
C ASN A 65 -11.90 -5.76 5.70
N LEU A 66 -12.41 -5.99 6.88
CA LEU A 66 -11.57 -5.80 8.11
C LEU A 66 -10.27 -6.59 7.96
N LYS A 67 -10.36 -7.77 7.40
CA LYS A 67 -9.13 -8.59 7.24
C LYS A 67 -9.42 -9.78 6.32
N SER A 68 -8.41 -10.35 5.73
CA SER A 68 -8.64 -11.51 4.82
C SER A 68 -9.01 -12.74 5.67
N ALA A 69 -9.91 -13.56 5.17
CA ALA A 69 -10.31 -14.77 5.94
C ALA A 69 -9.23 -15.84 5.82
N ASP A 70 -8.71 -16.02 4.64
CA ASP A 70 -7.64 -17.05 4.42
C ASP A 70 -6.34 -16.36 4.00
N GLY A 71 -6.38 -15.08 3.75
CA GLY A 71 -5.14 -14.35 3.34
C GLY A 71 -4.33 -13.99 4.58
N SER A 72 -4.88 -14.17 5.75
CA SER A 72 -4.14 -13.83 6.99
C SER A 72 -3.71 -12.36 6.94
N VAL A 73 -4.30 -11.59 6.07
CA VAL A 73 -3.94 -10.14 5.97
C VAL A 73 -4.90 -9.34 6.84
N THR A 74 -4.44 -8.27 7.43
CA THR A 74 -5.35 -7.43 8.30
C THR A 74 -4.97 -5.96 8.15
N HIS A 75 -5.94 -5.12 7.93
CA HIS A 75 -5.67 -3.65 7.79
C HIS A 75 -5.81 -2.98 9.15
N THR A 76 -4.86 -2.16 9.52
CA THR A 76 -4.94 -1.48 10.84
C THR A 76 -6.16 -0.54 10.86
N GLY A 77 -6.27 0.32 9.88
CA GLY A 77 -7.42 1.25 9.84
C GLY A 77 -7.10 2.44 8.93
N ASP A 78 -8.03 2.81 8.08
CA ASP A 78 -7.78 3.97 7.17
C ASP A 78 -8.09 5.27 7.90
N ASN A 79 -7.10 6.10 8.09
CA ASN A 79 -7.33 7.40 8.80
C ASN A 79 -8.19 8.30 7.92
N ARG A 80 -8.36 9.53 8.31
CA ARG A 80 -9.20 10.48 7.50
C ARG A 80 -8.53 11.86 7.50
N THR A 81 -7.37 11.98 8.08
CA THR A 81 -6.68 13.30 8.11
C THR A 81 -5.18 13.08 8.29
N GLY A 82 -4.80 12.08 9.05
CA GLY A 82 -3.35 11.79 9.29
C GLY A 82 -3.00 12.15 10.73
N GLU A 83 -3.98 12.50 11.51
CA GLU A 83 -3.70 12.86 12.93
C GLU A 83 -3.02 11.69 13.64
N GLY A 84 -1.77 11.84 13.97
CA GLY A 84 -1.04 10.73 14.65
C GLY A 84 0.47 10.92 14.49
N ASP A 85 1.19 11.07 15.57
CA ASP A 85 2.66 11.25 15.46
C ASP A 85 3.33 9.91 15.19
N GLY A 86 2.77 9.13 14.29
CA GLY A 86 3.38 7.81 13.99
C GLY A 86 2.80 7.28 12.67
N ASP A 87 2.99 6.02 12.39
CA ASP A 87 2.45 5.45 11.12
C ASP A 87 0.92 5.58 11.11
N ASP A 88 0.41 6.56 10.43
CA ASP A 88 -1.07 6.74 10.38
C ASP A 88 -1.73 5.42 9.98
N GLU A 89 -1.76 5.12 8.71
CA GLU A 89 -2.39 3.84 8.26
C GLU A 89 -1.35 2.72 8.33
N SER A 90 -1.78 1.49 8.21
CA SER A 90 -0.80 0.36 8.26
C SER A 90 -1.49 -0.93 7.81
N LEU A 91 -0.72 -1.94 7.51
CA LEU A 91 -1.32 -3.23 7.06
C LEU A 91 -0.48 -4.40 7.61
N LYS A 92 -1.10 -5.33 8.27
CA LYS A 92 -0.35 -6.50 8.82
C LYS A 92 -0.49 -7.68 7.86
N ILE A 93 0.61 -8.32 7.51
CA ILE A 93 0.56 -9.48 6.57
C ILE A 93 1.44 -10.62 7.10
N LYS A 94 0.84 -11.68 7.56
CA LYS A 94 1.65 -12.83 8.07
C LYS A 94 1.97 -13.76 6.90
N LEU A 95 2.98 -13.43 6.13
CA LEU A 95 3.34 -14.29 4.97
C LEU A 95 3.40 -15.76 5.41
N ASP A 96 3.61 -16.00 6.67
CA ASP A 96 3.69 -17.40 7.17
C ASP A 96 2.30 -18.05 7.13
N ALA A 97 1.32 -17.36 6.61
CA ALA A 97 -0.06 -17.93 6.55
C ALA A 97 -0.71 -17.61 5.21
N VAL A 98 0.08 -17.34 4.20
CA VAL A 98 -0.49 -17.02 2.86
C VAL A 98 -0.69 -18.34 2.07
N PRO A 99 -1.91 -18.75 1.77
CA PRO A 99 -2.16 -20.01 1.02
C PRO A 99 -1.21 -20.17 -0.19
N GLY A 100 -1.28 -21.29 -0.86
CA GLY A 100 -0.39 -21.52 -2.04
C GLY A 100 -1.06 -20.97 -3.29
N ASP A 101 -2.24 -20.41 -3.16
CA ASP A 101 -2.94 -19.85 -4.35
C ASP A 101 -2.20 -18.61 -4.85
N VAL A 102 -2.08 -17.62 -4.02
CA VAL A 102 -1.36 -16.38 -4.43
C VAL A 102 0.16 -16.61 -4.34
N ASP A 103 0.92 -15.97 -5.18
CA ASP A 103 2.40 -16.17 -5.15
C ASP A 103 3.10 -14.80 -5.25
N LYS A 104 2.33 -13.75 -5.38
CA LYS A 104 2.95 -12.39 -5.47
C LYS A 104 1.94 -11.35 -4.99
N ILE A 105 2.35 -10.48 -4.11
CA ILE A 105 1.43 -9.42 -3.57
C ILE A 105 2.12 -8.05 -3.67
N ILE A 106 1.35 -6.99 -3.75
CA ILE A 106 1.95 -5.62 -3.86
C ILE A 106 1.18 -4.66 -2.94
N PHE A 107 1.86 -3.63 -2.48
CA PHE A 107 1.21 -2.61 -1.60
C PHE A 107 1.13 -1.29 -2.38
N VAL A 108 0.13 -0.49 -2.12
CA VAL A 108 -0.01 0.79 -2.86
C VAL A 108 -0.61 1.87 -1.95
N VAL A 109 -0.35 3.11 -2.28
CA VAL A 109 -0.92 4.25 -1.49
C VAL A 109 -1.44 5.28 -2.49
N THR A 110 -2.74 5.49 -2.53
CA THR A 110 -3.34 6.46 -3.50
C THR A 110 -4.00 7.63 -2.76
N ILE A 111 -4.02 8.77 -3.37
CA ILE A 111 -4.66 9.96 -2.73
C ILE A 111 -6.19 9.79 -2.79
N HIS A 112 -6.87 10.13 -1.73
CA HIS A 112 -8.36 9.97 -1.73
C HIS A 112 -8.97 10.86 -2.81
N ASP A 113 -10.07 11.50 -2.51
CA ASP A 113 -10.73 12.37 -3.53
C ASP A 113 -9.88 13.63 -3.77
N ALA A 114 -9.00 13.94 -2.86
CA ALA A 114 -8.15 15.15 -3.05
C ALA A 114 -7.51 15.10 -4.44
N GLN A 115 -7.46 13.95 -5.05
CA GLN A 115 -6.86 13.85 -6.40
C GLN A 115 -7.70 14.69 -7.38
N ALA A 116 -8.99 14.62 -7.28
CA ALA A 116 -9.85 15.41 -8.20
C ALA A 116 -9.57 16.89 -7.99
N ARG A 117 -9.53 17.33 -6.76
CA ARG A 117 -9.25 18.77 -6.49
C ARG A 117 -7.77 19.05 -6.81
N ARG A 118 -7.10 18.13 -7.45
CA ARG A 118 -5.67 18.33 -7.79
C ARG A 118 -4.88 18.57 -6.50
N GLN A 119 -4.56 17.51 -5.79
CA GLN A 119 -3.78 17.66 -4.53
C GLN A 119 -2.95 16.41 -4.30
N SER A 120 -2.00 16.13 -5.16
CA SER A 120 -1.16 14.93 -4.99
C SER A 120 -0.48 14.97 -3.63
N PHE A 121 0.06 13.87 -3.18
CA PHE A 121 0.72 13.85 -1.84
C PHE A 121 1.65 15.07 -1.71
N GLY A 122 2.26 15.50 -2.77
CA GLY A 122 3.17 16.67 -2.69
C GLY A 122 2.45 17.83 -2.00
N GLN A 123 1.16 17.94 -2.20
CA GLN A 123 0.39 19.03 -1.55
C GLN A 123 0.57 18.94 -0.04
N VAL A 124 0.88 17.78 0.47
CA VAL A 124 1.08 17.61 1.93
C VAL A 124 2.42 18.23 2.33
N SER A 125 2.70 18.29 3.61
CA SER A 125 3.99 18.89 4.06
C SER A 125 5.13 17.89 3.85
N GLY A 126 4.81 16.62 3.73
CA GLY A 126 5.89 15.60 3.54
C GLY A 126 5.43 14.25 4.08
N ALA A 127 4.67 13.51 3.32
CA ALA A 127 4.20 12.19 3.80
C ALA A 127 5.35 11.19 3.72
N PHE A 128 5.23 10.06 4.36
CA PHE A 128 6.35 9.06 4.32
C PHE A 128 5.81 7.64 4.52
N ILE A 129 6.42 6.68 3.88
CA ILE A 129 5.99 5.26 4.02
C ILE A 129 7.00 4.52 4.90
N ARG A 130 6.59 3.49 5.58
CA ARG A 130 7.54 2.73 6.46
C ARG A 130 7.21 1.25 6.43
N LEU A 131 8.22 0.40 6.42
CA LEU A 131 7.99 -1.07 6.40
C LEU A 131 8.84 -1.72 7.50
N VAL A 132 8.28 -2.65 8.22
CA VAL A 132 9.05 -3.34 9.29
C VAL A 132 8.59 -4.78 9.43
N ASN A 133 9.48 -5.67 9.78
CA ASN A 133 9.06 -7.09 9.96
C ASN A 133 8.58 -7.26 11.40
N ASP A 134 7.29 -7.32 11.59
CA ASP A 134 6.78 -7.50 12.98
C ASP A 134 7.40 -8.74 13.59
N ASP A 135 8.12 -9.49 12.80
CA ASP A 135 8.77 -10.74 13.32
C ASP A 135 10.10 -10.38 13.96
N ASN A 136 10.94 -9.67 13.27
CA ASN A 136 12.27 -9.28 13.85
C ASN A 136 12.18 -7.92 14.51
N GLN A 137 11.16 -7.16 14.19
CA GLN A 137 11.02 -5.80 14.78
C GLN A 137 12.20 -4.92 14.36
N THR A 138 12.42 -4.80 13.08
CA THR A 138 13.56 -3.95 12.58
C THR A 138 13.10 -3.19 11.34
N GLU A 139 13.08 -1.88 11.41
CA GLU A 139 12.65 -1.07 10.24
C GLU A 139 13.33 -1.57 8.97
N VAL A 140 12.56 -1.86 7.94
CA VAL A 140 13.17 -2.36 6.68
C VAL A 140 13.49 -1.19 5.75
N ALA A 141 12.56 -0.30 5.54
CA ALA A 141 12.85 0.86 4.64
C ALA A 141 11.71 1.88 4.70
N ARG A 142 11.88 3.00 4.06
CA ARG A 142 10.82 4.05 4.06
C ARG A 142 11.03 4.99 2.87
N TYR A 143 10.05 5.12 2.02
CA TYR A 143 10.19 6.02 0.84
C TYR A 143 9.65 7.41 1.19
N ASP A 144 10.21 8.45 0.62
CA ASP A 144 9.73 9.84 0.89
C ASP A 144 8.81 10.30 -0.23
N LEU A 145 7.57 10.57 0.09
CA LEU A 145 6.62 11.03 -0.96
C LEU A 145 7.12 12.35 -1.56
N THR A 146 7.53 13.27 -0.73
CA THR A 146 8.02 14.59 -1.24
C THR A 146 8.97 14.35 -2.42
N GLU A 147 9.49 13.16 -2.53
CA GLU A 147 10.43 12.86 -3.66
C GLU A 147 9.64 12.33 -4.85
N ASP A 148 8.87 11.29 -4.65
CA ASP A 148 8.06 10.72 -5.78
C ASP A 148 6.66 11.32 -5.75
N ALA A 149 6.50 12.43 -5.08
CA ALA A 149 5.15 13.06 -5.00
C ALA A 149 4.93 13.98 -6.21
N SER A 150 5.85 14.88 -6.43
CA SER A 150 5.70 15.81 -7.58
C SER A 150 5.67 15.04 -8.89
N THR A 151 5.72 13.73 -8.82
CA THR A 151 5.71 12.91 -10.07
C THR A 151 4.28 12.54 -10.47
N GLU A 152 3.39 12.37 -9.51
CA GLU A 152 1.99 12.01 -9.88
C GLU A 152 1.07 12.18 -8.69
N THR A 153 0.02 11.40 -8.62
CA THR A 153 -0.95 11.49 -7.49
C THR A 153 -0.98 10.15 -6.72
N ALA A 154 -0.84 9.05 -7.42
CA ALA A 154 -0.84 7.71 -6.77
C ALA A 154 0.58 7.13 -6.81
N MET A 155 0.87 6.12 -6.04
CA MET A 155 2.25 5.56 -6.07
C MET A 155 2.29 4.15 -5.46
N LEU A 156 3.23 3.35 -5.88
CA LEU A 156 3.38 1.96 -5.35
C LEU A 156 4.65 1.90 -4.49
N PHE A 157 4.56 1.42 -3.29
CA PHE A 157 5.77 1.35 -2.42
C PHE A 157 6.72 0.27 -2.94
N GLY A 158 6.27 -0.96 -3.06
CA GLY A 158 7.18 -2.02 -3.56
C GLY A 158 6.39 -3.27 -3.95
N GLU A 159 6.98 -4.43 -3.84
CA GLU A 159 6.27 -5.68 -4.23
C GLU A 159 6.76 -6.84 -3.33
N LEU A 160 6.04 -7.94 -3.34
CA LEU A 160 6.43 -9.11 -2.51
C LEU A 160 6.28 -10.38 -3.36
N TYR A 161 7.22 -11.28 -3.30
CA TYR A 161 7.10 -12.53 -4.12
C TYR A 161 7.82 -13.68 -3.43
N ARG A 162 7.57 -14.89 -3.87
CA ARG A 162 8.22 -16.08 -3.25
C ARG A 162 9.52 -16.41 -3.98
N HIS A 163 10.50 -16.92 -3.28
CA HIS A 163 11.79 -17.27 -3.93
C HIS A 163 12.39 -18.49 -3.24
N ASN A 164 12.57 -19.58 -3.96
CA ASN A 164 13.14 -20.80 -3.34
C ASN A 164 12.27 -21.21 -2.13
N GLY A 165 11.01 -20.88 -2.15
CA GLY A 165 10.13 -21.23 -1.02
C GLY A 165 10.31 -20.22 0.12
N GLU A 166 10.90 -19.09 -0.18
CA GLU A 166 11.12 -18.05 0.87
C GLU A 166 10.58 -16.71 0.37
N TRP A 167 9.84 -16.01 1.19
CA TRP A 167 9.28 -14.70 0.76
C TRP A 167 10.42 -13.69 0.57
N LYS A 168 10.24 -12.73 -0.30
CA LYS A 168 11.31 -11.72 -0.53
C LYS A 168 10.66 -10.42 -1.03
N PHE A 169 10.98 -9.32 -0.41
CA PHE A 169 10.39 -8.02 -0.83
C PHE A 169 11.29 -7.37 -1.89
N ARG A 170 10.71 -6.59 -2.77
CA ARG A 170 11.52 -5.93 -3.83
C ARG A 170 10.88 -4.59 -4.21
N ALA A 171 11.58 -3.51 -3.97
CA ALA A 171 11.02 -2.17 -4.31
C ALA A 171 11.11 -1.94 -5.81
N VAL A 172 10.25 -1.10 -6.35
CA VAL A 172 10.27 -0.82 -7.82
C VAL A 172 10.10 0.68 -8.05
N GLY A 173 9.34 1.34 -7.21
CA GLY A 173 9.14 2.81 -7.39
C GLY A 173 8.38 3.07 -8.69
N GLN A 174 7.07 3.07 -8.61
CA GLN A 174 6.22 3.32 -9.83
C GLN A 174 5.24 4.46 -9.52
N GLY A 175 4.59 4.98 -10.53
CA GLY A 175 3.63 6.10 -10.28
C GLY A 175 2.52 6.08 -11.34
N TYR A 176 1.29 6.06 -10.92
CA TYR A 176 0.15 6.04 -11.88
C TYR A 176 -0.45 7.44 -11.97
N ALA A 177 -0.77 7.88 -13.16
CA ALA A 177 -1.36 9.24 -13.30
C ALA A 177 -2.78 9.25 -12.76
N GLY A 178 -3.02 8.57 -11.66
CA GLY A 178 -4.39 8.55 -11.07
C GLY A 178 -5.21 7.45 -11.74
N GLY A 179 -5.34 6.31 -11.09
CA GLY A 179 -6.14 5.20 -11.69
C GLY A 179 -6.52 4.21 -10.58
N LEU A 180 -6.94 4.71 -9.45
CA LEU A 180 -7.33 3.81 -8.32
C LEU A 180 -8.16 2.64 -8.84
N ALA A 181 -9.06 2.89 -9.76
CA ALA A 181 -9.91 1.79 -10.30
C ALA A 181 -9.15 1.03 -11.38
N SER A 182 -8.21 1.66 -12.02
CA SER A 182 -7.44 0.97 -13.09
C SER A 182 -6.27 0.19 -12.48
N VAL A 183 -5.46 0.83 -11.70
CA VAL A 183 -4.30 0.13 -11.08
C VAL A 183 -4.79 -1.16 -10.42
N CYS A 184 -6.06 -1.24 -10.12
CA CYS A 184 -6.59 -2.46 -9.46
C CYS A 184 -6.70 -3.60 -10.46
N ALA A 185 -7.48 -3.44 -11.49
CA ALA A 185 -7.63 -4.52 -12.50
C ALA A 185 -6.43 -4.53 -13.45
N GLN A 186 -5.76 -3.41 -13.58
CA GLN A 186 -4.58 -3.36 -14.48
C GLN A 186 -3.60 -4.48 -14.13
N TYR A 187 -3.58 -4.90 -12.90
CA TYR A 187 -2.64 -5.99 -12.52
C TYR A 187 -3.13 -7.31 -13.12
N GLY A 188 -4.37 -7.37 -13.50
CA GLY A 188 -4.91 -8.63 -14.10
C GLY A 188 -4.56 -8.68 -15.60
N ILE A 189 -4.22 -7.56 -16.17
CA ILE A 189 -3.86 -7.51 -17.62
C ILE A 189 -2.64 -6.60 -17.82
N ASN A 190 -1.67 -7.05 -18.57
CA ASN A 190 -0.46 -6.21 -18.81
C ASN A 190 -0.78 -5.13 -19.83
N ALA A 191 -0.17 -3.98 -19.70
CA ALA A 191 -0.44 -2.88 -20.67
C ALA A 191 0.37 -3.12 -21.95
N SER A 192 0.18 -2.28 -22.94
CA SER A 192 0.95 -2.45 -24.20
C SER A 192 2.45 -2.39 -23.90
N SER A 19 12.77 -14.38 4.87
CA SER A 19 12.12 -14.95 6.09
C SER A 19 11.11 -13.96 6.64
N MET A 20 10.53 -13.15 5.78
CA MET A 20 9.52 -12.16 6.26
C MET A 20 8.21 -12.88 6.62
N LYS A 21 8.29 -13.88 7.46
CA LYS A 21 7.05 -14.62 7.84
C LYS A 21 5.97 -13.62 8.23
N ASN A 22 6.34 -12.42 8.55
CA ASN A 22 5.33 -11.39 8.95
C ASN A 22 5.79 -10.01 8.47
N VAL A 23 4.93 -9.30 7.77
CA VAL A 23 5.30 -7.94 7.26
C VAL A 23 4.26 -6.93 7.77
N LEU A 24 4.65 -5.69 7.91
CA LEU A 24 3.69 -4.67 8.40
C LEU A 24 4.01 -3.31 7.78
N VAL A 25 3.19 -2.86 6.87
CA VAL A 25 3.44 -1.53 6.22
C VAL A 25 2.84 -0.43 7.08
N GLY A 26 3.40 0.74 7.05
CA GLY A 26 2.86 1.86 7.88
C GLY A 26 2.96 3.19 7.12
N LEU A 27 1.84 3.80 6.84
CA LEU A 27 1.82 5.10 6.11
C LEU A 27 1.50 6.20 7.12
N GLY A 28 2.23 7.28 7.11
CA GLY A 28 1.96 8.38 8.10
C GLY A 28 2.22 9.74 7.45
N TRP A 29 1.50 10.75 7.85
CA TRP A 29 1.72 12.10 7.26
C TRP A 29 1.21 13.17 8.23
N ASP A 30 1.76 14.35 8.13
CA ASP A 30 1.32 15.46 9.04
C ASP A 30 0.09 16.15 8.44
N ALA A 31 -0.95 16.29 9.21
CA ALA A 31 -2.17 16.96 8.69
C ALA A 31 -1.97 18.47 8.70
N ARG A 32 -2.22 19.13 7.61
CA ARG A 32 -2.04 20.61 7.56
C ARG A 32 -3.31 21.31 8.06
N SER A 33 -3.26 21.87 9.24
CA SER A 33 -4.46 22.57 9.80
C SER A 33 -4.35 24.06 9.51
N THR A 34 -5.37 24.65 8.95
CA THR A 34 -5.33 26.11 8.65
C THR A 34 -6.76 26.64 8.52
N ASP A 35 -7.64 25.84 8.00
CA ASP A 35 -9.06 26.30 7.84
C ASP A 35 -9.97 25.07 7.73
N GLY A 36 -9.71 24.06 8.51
CA GLY A 36 -10.56 22.82 8.45
C GLY A 36 -10.04 21.90 7.34
N GLN A 37 -9.29 22.44 6.42
CA GLN A 37 -8.75 21.60 5.32
C GLN A 37 -7.86 20.49 5.90
N ASP A 38 -7.77 19.37 5.24
CA ASP A 38 -6.93 18.27 5.77
C ASP A 38 -6.65 17.27 4.65
N PHE A 39 -5.52 16.60 4.70
CA PHE A 39 -5.18 15.60 3.64
C PHE A 39 -5.56 14.20 4.12
N ASP A 40 -5.95 13.34 3.21
CA ASP A 40 -6.35 11.95 3.60
C ASP A 40 -5.86 10.95 2.56
N LEU A 41 -4.76 10.29 2.84
CA LEU A 41 -4.22 9.28 1.88
C LEU A 41 -4.93 7.95 2.15
N ASP A 42 -4.86 7.01 1.24
CA ASP A 42 -5.54 5.69 1.44
C ASP A 42 -4.59 4.57 1.05
N ALA A 43 -4.36 3.63 1.93
CA ALA A 43 -3.44 2.49 1.61
C ALA A 43 -4.25 1.27 1.18
N SER A 44 -3.72 0.50 0.26
CA SER A 44 -4.46 -0.71 -0.22
C SER A 44 -3.46 -1.79 -0.61
N ALA A 45 -3.93 -3.01 -0.81
CA ALA A 45 -3.01 -4.13 -1.21
C ALA A 45 -3.69 -4.98 -2.27
N PHE A 46 -2.96 -5.43 -3.27
CA PHE A 46 -3.55 -6.28 -4.35
C PHE A 46 -2.78 -7.58 -4.50
N LEU A 47 -3.47 -8.65 -4.78
CA LEU A 47 -2.80 -9.98 -4.93
C LEU A 47 -2.30 -10.13 -6.36
N LEU A 48 -1.32 -10.98 -6.58
CA LEU A 48 -0.82 -11.20 -7.97
C LEU A 48 -0.36 -12.66 -8.13
N ALA A 49 -0.73 -13.30 -9.21
CA ALA A 49 -0.34 -14.72 -9.42
C ALA A 49 1.01 -14.78 -10.15
N ALA A 50 1.56 -15.96 -10.31
CA ALA A 50 2.86 -16.11 -11.02
C ALA A 50 2.61 -16.20 -12.53
N ASN A 51 1.37 -16.37 -12.93
CA ASN A 51 1.07 -16.46 -14.38
C ASN A 51 1.31 -15.10 -15.05
N GLY A 52 1.60 -14.11 -14.26
CA GLY A 52 1.84 -12.74 -14.83
C GLY A 52 0.56 -11.92 -14.69
N LYS A 53 -0.48 -12.54 -14.20
CA LYS A 53 -1.78 -11.83 -14.03
C LYS A 53 -2.42 -12.28 -12.72
N VAL A 54 -3.00 -11.39 -11.98
CA VAL A 54 -3.62 -11.80 -10.70
C VAL A 54 -4.80 -12.73 -10.98
N ARG A 55 -4.98 -13.70 -10.13
CA ARG A 55 -6.12 -14.65 -10.33
C ARG A 55 -7.41 -13.85 -10.21
N GLY A 56 -7.29 -12.57 -10.02
CA GLY A 56 -8.50 -11.71 -9.89
C GLY A 56 -8.19 -10.47 -9.04
N ASP A 57 -7.96 -9.35 -9.66
CA ASP A 57 -7.64 -8.12 -8.88
C ASP A 57 -8.73 -7.89 -7.84
N ALA A 58 -9.94 -8.26 -8.17
CA ALA A 58 -11.07 -8.06 -7.22
C ALA A 58 -10.75 -8.74 -5.89
N ASP A 59 -9.65 -9.45 -5.81
CA ASP A 59 -9.27 -10.11 -4.54
C ASP A 59 -8.39 -9.16 -3.74
N PHE A 60 -8.51 -7.88 -4.00
CA PHE A 60 -7.68 -6.88 -3.29
C PHE A 60 -8.43 -6.39 -2.04
N ILE A 61 -7.72 -6.29 -0.94
CA ILE A 61 -8.36 -5.86 0.33
C ILE A 61 -8.58 -4.33 0.30
N PHE A 62 -9.80 -3.91 0.49
CA PHE A 62 -10.09 -2.46 0.47
C PHE A 62 -11.53 -2.22 0.94
N TYR A 63 -12.08 -1.07 0.66
CA TYR A 63 -13.48 -0.78 1.09
C TYR A 63 -13.62 -1.03 2.60
N ASN A 64 -14.38 -2.02 2.98
CA ASN A 64 -14.57 -2.33 4.44
C ASN A 64 -13.90 -3.66 4.77
N ASN A 65 -13.13 -4.20 3.86
CA ASN A 65 -12.45 -5.49 4.14
C ASN A 65 -11.33 -5.26 5.16
N LEU A 66 -11.69 -4.90 6.37
CA LEU A 66 -10.65 -4.65 7.41
C LEU A 66 -9.69 -5.84 7.47
N LYS A 67 -10.13 -7.01 7.07
CA LYS A 67 -9.23 -8.19 7.11
C LYS A 67 -9.83 -9.32 6.28
N SER A 68 -9.00 -10.22 5.82
CA SER A 68 -9.51 -11.36 4.99
C SER A 68 -9.75 -12.58 5.88
N ALA A 69 -10.57 -13.49 5.46
CA ALA A 69 -10.85 -14.70 6.30
C ALA A 69 -9.74 -15.73 6.08
N ASP A 70 -9.42 -16.02 4.84
CA ASP A 70 -8.35 -17.02 4.52
C ASP A 70 -7.14 -16.31 3.93
N GLY A 71 -7.24 -15.02 3.72
CA GLY A 71 -6.09 -14.27 3.14
C GLY A 71 -5.06 -13.99 4.23
N SER A 72 -5.40 -14.23 5.47
CA SER A 72 -4.44 -13.99 6.57
C SER A 72 -3.98 -12.52 6.54
N VAL A 73 -4.66 -11.70 5.79
CA VAL A 73 -4.28 -10.26 5.71
C VAL A 73 -5.10 -9.47 6.75
N THR A 74 -4.56 -8.38 7.24
CA THR A 74 -5.32 -7.58 8.26
C THR A 74 -4.98 -6.10 8.11
N HIS A 75 -5.97 -5.27 7.88
CA HIS A 75 -5.73 -3.81 7.72
C HIS A 75 -5.89 -3.13 9.08
N THR A 76 -4.97 -2.29 9.46
CA THR A 76 -5.09 -1.60 10.78
C THR A 76 -6.31 -0.68 10.76
N GLY A 77 -6.39 0.19 9.81
CA GLY A 77 -7.57 1.12 9.74
C GLY A 77 -7.21 2.32 8.87
N ASP A 78 -8.10 2.72 8.00
CA ASP A 78 -7.81 3.89 7.11
C ASP A 78 -8.22 5.18 7.83
N ASN A 79 -7.26 5.98 8.21
CA ASN A 79 -7.60 7.25 8.92
C ASN A 79 -8.38 8.17 7.97
N ARG A 80 -8.53 9.42 8.32
CA ARG A 80 -9.27 10.36 7.43
C ARG A 80 -8.70 11.78 7.57
N THR A 81 -7.58 11.92 8.24
CA THR A 81 -6.97 13.27 8.39
C THR A 81 -5.46 13.13 8.59
N GLY A 82 -5.02 12.09 9.25
CA GLY A 82 -3.56 11.89 9.48
C GLY A 82 -3.24 12.24 10.94
N GLU A 83 -4.24 12.56 11.70
CA GLU A 83 -3.99 12.92 13.13
C GLU A 83 -3.29 11.75 13.83
N GLY A 84 -2.05 11.91 14.18
CA GLY A 84 -1.31 10.81 14.86
C GLY A 84 0.19 10.98 14.65
N ASP A 85 0.94 11.17 15.70
CA ASP A 85 2.40 11.36 15.54
C ASP A 85 3.07 10.00 15.28
N GLY A 86 2.67 9.34 14.23
CA GLY A 86 3.26 8.01 13.91
C GLY A 86 2.68 7.48 12.59
N ASP A 87 2.70 6.19 12.40
CA ASP A 87 2.14 5.62 11.14
C ASP A 87 0.62 5.74 11.16
N ASP A 88 0.06 6.52 10.26
CA ASP A 88 -1.42 6.67 10.24
C ASP A 88 -2.07 5.34 9.85
N GLU A 89 -2.04 5.00 8.59
CA GLU A 89 -2.66 3.70 8.15
C GLU A 89 -1.59 2.60 8.22
N SER A 90 -2.00 1.37 8.05
CA SER A 90 -1.00 0.27 8.11
C SER A 90 -1.65 -1.04 7.63
N LEU A 91 -0.85 -2.03 7.32
CA LEU A 91 -1.41 -3.33 6.85
C LEU A 91 -0.49 -4.47 7.32
N LYS A 92 -1.03 -5.40 8.08
CA LYS A 92 -0.19 -6.54 8.59
C LYS A 92 -0.56 -7.80 7.79
N ILE A 93 0.42 -8.41 7.17
CA ILE A 93 0.17 -9.64 6.37
C ILE A 93 1.08 -10.78 6.85
N LYS A 94 0.52 -11.90 7.18
CA LYS A 94 1.35 -13.06 7.64
C LYS A 94 1.74 -13.90 6.43
N LEU A 95 2.78 -13.51 5.74
CA LEU A 95 3.21 -14.28 4.54
C LEU A 95 3.40 -15.76 4.92
N ASP A 96 3.31 -16.07 6.19
CA ASP A 96 3.49 -17.49 6.63
C ASP A 96 2.15 -18.23 6.52
N ALA A 97 1.14 -17.58 5.98
CA ALA A 97 -0.20 -18.24 5.85
C ALA A 97 -0.78 -17.95 4.47
N VAL A 98 0.05 -17.54 3.54
CA VAL A 98 -0.45 -17.24 2.17
C VAL A 98 -0.55 -18.56 1.37
N PRO A 99 -1.74 -18.98 0.97
CA PRO A 99 -1.91 -20.24 0.19
C PRO A 99 -0.87 -20.38 -0.94
N GLY A 100 -0.88 -21.48 -1.63
CA GLY A 100 0.11 -21.67 -2.75
C GLY A 100 -0.46 -21.07 -4.04
N ASP A 101 -1.64 -20.54 -3.99
CA ASP A 101 -2.25 -19.94 -5.20
C ASP A 101 -1.52 -18.64 -5.55
N VAL A 102 -1.56 -17.68 -4.67
CA VAL A 102 -0.87 -16.39 -4.95
C VAL A 102 0.65 -16.61 -4.92
N ASP A 103 1.39 -15.85 -5.69
CA ASP A 103 2.88 -16.01 -5.73
C ASP A 103 3.54 -14.64 -5.56
N LYS A 104 2.77 -13.58 -5.60
CA LYS A 104 3.36 -12.23 -5.44
C LYS A 104 2.29 -11.27 -4.91
N ILE A 105 2.68 -10.31 -4.11
CA ILE A 105 1.70 -9.33 -3.55
C ILE A 105 2.30 -7.93 -3.65
N ILE A 106 1.47 -6.92 -3.72
CA ILE A 106 1.98 -5.52 -3.85
C ILE A 106 1.18 -4.58 -2.94
N PHE A 107 1.72 -3.41 -2.71
CA PHE A 107 1.03 -2.39 -1.85
C PHE A 107 1.02 -1.06 -2.61
N VAL A 108 -0.07 -0.35 -2.56
CA VAL A 108 -0.14 0.95 -3.30
C VAL A 108 -1.02 1.94 -2.53
N VAL A 109 -0.62 3.18 -2.48
CA VAL A 109 -1.40 4.22 -1.77
C VAL A 109 -1.96 5.21 -2.80
N THR A 110 -3.16 5.67 -2.59
CA THR A 110 -3.78 6.63 -3.55
C THR A 110 -4.40 7.81 -2.79
N ILE A 111 -4.32 9.00 -3.33
CA ILE A 111 -4.91 10.16 -2.62
C ILE A 111 -6.44 10.07 -2.70
N HIS A 112 -7.12 10.27 -1.60
CA HIS A 112 -8.62 10.21 -1.62
C HIS A 112 -9.20 11.62 -1.72
N ASP A 113 -8.85 12.48 -0.81
CA ASP A 113 -9.40 13.87 -0.85
C ASP A 113 -9.21 14.45 -2.25
N ALA A 114 -8.35 13.88 -3.03
CA ALA A 114 -8.12 14.41 -4.41
C ALA A 114 -9.41 14.27 -5.24
N GLN A 115 -10.11 13.19 -5.07
CA GLN A 115 -11.37 13.01 -5.86
C GLN A 115 -12.23 14.27 -5.72
N ALA A 116 -12.26 14.85 -4.55
CA ALA A 116 -13.10 16.07 -4.35
C ALA A 116 -12.29 17.35 -4.62
N ARG A 117 -11.14 17.51 -3.99
CA ARG A 117 -10.34 18.77 -4.20
C ARG A 117 -9.19 18.53 -5.18
N ARG A 118 -8.91 17.30 -5.52
CA ARG A 118 -7.79 17.04 -6.47
C ARG A 118 -6.49 17.59 -5.88
N GLN A 119 -5.79 16.79 -5.12
CA GLN A 119 -4.50 17.23 -4.50
C GLN A 119 -3.48 16.10 -4.58
N SER A 120 -2.23 16.41 -4.75
CA SER A 120 -1.18 15.35 -4.84
C SER A 120 -0.38 15.31 -3.53
N PHE A 121 0.37 14.26 -3.31
CA PHE A 121 1.17 14.18 -2.06
C PHE A 121 1.91 15.49 -1.82
N GLY A 122 2.48 16.04 -2.87
CA GLY A 122 3.23 17.32 -2.72
C GLY A 122 2.36 18.36 -2.00
N GLN A 123 1.06 18.19 -2.03
CA GLN A 123 0.17 19.17 -1.36
C GLN A 123 0.19 18.90 0.15
N VAL A 124 0.59 17.72 0.54
CA VAL A 124 0.62 17.40 2.00
C VAL A 124 1.85 18.07 2.64
N SER A 125 1.89 18.13 3.94
CA SER A 125 3.05 18.78 4.61
C SER A 125 4.28 17.89 4.46
N GLY A 126 4.10 16.61 4.23
CA GLY A 126 5.27 15.70 4.09
C GLY A 126 4.87 14.28 4.48
N ALA A 127 4.22 13.57 3.59
CA ALA A 127 3.80 12.18 3.92
C ALA A 127 5.01 11.24 3.85
N PHE A 128 4.91 10.06 4.39
CA PHE A 128 6.06 9.12 4.36
C PHE A 128 5.58 7.67 4.53
N ILE A 129 6.12 6.76 3.77
CA ILE A 129 5.73 5.33 3.88
C ILE A 129 6.81 4.59 4.70
N ARG A 130 6.42 3.59 5.45
CA ARG A 130 7.42 2.84 6.27
C ARG A 130 7.11 1.34 6.22
N LEU A 131 8.11 0.50 6.37
CA LEU A 131 7.88 -0.98 6.32
C LEU A 131 8.70 -1.66 7.41
N VAL A 132 8.11 -2.60 8.11
CA VAL A 132 8.85 -3.31 9.18
C VAL A 132 8.43 -4.77 9.20
N ASN A 133 9.32 -5.65 9.56
CA ASN A 133 8.96 -7.09 9.60
C ASN A 133 8.39 -7.39 10.98
N ASP A 134 7.09 -7.52 11.09
CA ASP A 134 6.49 -7.81 12.43
C ASP A 134 7.17 -9.05 13.00
N ASP A 135 7.95 -9.73 12.18
CA ASP A 135 8.65 -10.96 12.66
C ASP A 135 9.99 -10.58 13.29
N ASN A 136 10.79 -9.82 12.60
CA ASN A 136 12.12 -9.42 13.15
C ASN A 136 11.99 -8.13 13.96
N GLN A 137 10.92 -7.40 13.77
CA GLN A 137 10.73 -6.13 14.52
C GLN A 137 11.88 -5.17 14.21
N THR A 138 12.16 -4.94 12.97
CA THR A 138 13.28 -4.02 12.58
C THR A 138 12.87 -3.22 11.33
N GLU A 139 12.98 -1.93 11.39
CA GLU A 139 12.60 -1.08 10.22
C GLU A 139 13.20 -1.68 8.95
N VAL A 140 12.39 -1.90 7.93
CA VAL A 140 12.92 -2.49 6.67
C VAL A 140 13.23 -1.37 5.66
N ALA A 141 12.31 -0.45 5.45
CA ALA A 141 12.59 0.63 4.47
C ALA A 141 11.53 1.73 4.56
N ARG A 142 11.71 2.80 3.83
CA ARG A 142 10.72 3.91 3.85
C ARG A 142 10.78 4.65 2.51
N TYR A 143 9.71 5.29 2.12
CA TYR A 143 9.68 6.02 0.81
C TYR A 143 9.10 7.42 1.03
N ASP A 144 9.62 8.41 0.34
CA ASP A 144 9.10 9.80 0.50
C ASP A 144 8.11 10.11 -0.63
N LEU A 145 6.86 10.27 -0.31
CA LEU A 145 5.85 10.56 -1.36
C LEU A 145 5.92 12.04 -1.74
N THR A 146 5.83 12.92 -0.78
CA THR A 146 5.89 14.38 -1.10
C THR A 146 7.07 14.66 -2.02
N GLU A 147 8.08 13.83 -1.98
CA GLU A 147 9.27 14.04 -2.85
C GLU A 147 9.15 13.21 -4.12
N ASP A 148 8.55 12.05 -4.03
CA ASP A 148 8.43 11.17 -5.23
C ASP A 148 7.16 11.54 -6.02
N ALA A 149 6.04 11.18 -5.50
CA ALA A 149 4.75 11.46 -6.21
C ALA A 149 4.36 12.93 -5.99
N SER A 150 5.31 13.73 -5.62
CA SER A 150 5.03 15.18 -5.38
C SER A 150 4.13 15.75 -6.48
N THR A 151 4.02 15.06 -7.59
CA THR A 151 3.17 15.56 -8.72
C THR A 151 2.10 14.52 -9.06
N GLU A 152 2.30 13.29 -8.68
CA GLU A 152 1.27 12.24 -9.00
C GLU A 152 0.25 12.18 -7.87
N THR A 153 -0.61 11.19 -7.89
CA THR A 153 -1.65 11.06 -6.83
C THR A 153 -1.80 9.57 -6.47
N ALA A 154 -0.89 8.76 -6.93
CA ALA A 154 -0.95 7.31 -6.62
C ALA A 154 0.40 6.69 -6.99
N MET A 155 0.88 5.74 -6.23
CA MET A 155 2.19 5.13 -6.56
C MET A 155 2.38 3.82 -5.79
N LEU A 156 3.09 2.88 -6.36
CA LEU A 156 3.32 1.58 -5.67
C LEU A 156 4.52 1.70 -4.72
N PHE A 157 4.32 1.43 -3.46
CA PHE A 157 5.45 1.53 -2.49
C PHE A 157 6.48 0.44 -2.81
N GLY A 158 6.08 -0.81 -2.82
CA GLY A 158 7.05 -1.90 -3.13
C GLY A 158 6.30 -3.19 -3.41
N GLU A 159 6.99 -4.31 -3.43
CA GLU A 159 6.32 -5.61 -3.71
C GLU A 159 7.07 -6.75 -3.02
N LEU A 160 6.43 -7.88 -2.84
CA LEU A 160 7.10 -9.05 -2.19
C LEU A 160 6.88 -10.30 -3.03
N TYR A 161 7.79 -11.24 -2.99
CA TYR A 161 7.63 -12.49 -3.79
C TYR A 161 8.23 -13.68 -3.03
N ARG A 162 7.95 -14.89 -3.46
CA ARG A 162 8.49 -16.09 -2.77
C ARG A 162 9.69 -16.63 -3.56
N HIS A 163 10.75 -16.98 -2.87
CA HIS A 163 11.98 -17.52 -3.56
C HIS A 163 12.12 -19.00 -3.23
N ASN A 164 13.19 -19.37 -2.58
CA ASN A 164 13.38 -20.81 -2.23
C ASN A 164 12.52 -21.16 -1.01
N GLY A 165 11.25 -20.88 -1.07
CA GLY A 165 10.36 -21.21 0.08
C GLY A 165 10.50 -20.12 1.14
N GLU A 166 11.11 -19.01 0.80
CA GLU A 166 11.29 -17.89 1.78
C GLU A 166 10.77 -16.59 1.16
N TRP A 167 9.90 -15.90 1.84
CA TRP A 167 9.38 -14.62 1.29
C TRP A 167 10.50 -13.58 1.24
N LYS A 168 10.42 -12.65 0.32
CA LYS A 168 11.47 -11.60 0.21
C LYS A 168 10.80 -10.27 -0.13
N PHE A 169 11.58 -9.21 -0.19
CA PHE A 169 11.00 -7.87 -0.51
C PHE A 169 11.91 -7.13 -1.49
N ARG A 170 11.34 -6.45 -2.44
CA ARG A 170 12.17 -5.70 -3.44
C ARG A 170 11.39 -4.47 -3.91
N ALA A 171 11.81 -3.30 -3.48
CA ALA A 171 11.10 -2.06 -3.89
C ALA A 171 11.24 -1.86 -5.39
N VAL A 172 10.32 -1.16 -6.00
CA VAL A 172 10.39 -0.92 -7.48
C VAL A 172 10.11 0.56 -7.76
N GLY A 173 9.30 1.19 -6.95
CA GLY A 173 9.00 2.63 -7.16
C GLY A 173 8.36 2.82 -8.54
N GLN A 174 7.06 2.70 -8.62
CA GLN A 174 6.34 2.87 -9.92
C GLN A 174 5.19 3.87 -9.74
N GLY A 175 5.37 5.07 -10.21
CA GLY A 175 4.29 6.10 -10.06
C GLY A 175 3.38 6.07 -11.28
N TYR A 176 2.09 6.25 -11.08
CA TYR A 176 1.15 6.24 -12.23
C TYR A 176 -0.05 7.15 -11.91
N ALA A 177 -0.33 8.10 -12.74
CA ALA A 177 -1.47 9.03 -12.48
C ALA A 177 -2.77 8.39 -12.99
N GLY A 178 -2.88 7.10 -12.89
CA GLY A 178 -4.12 6.42 -13.37
C GLY A 178 -5.25 6.63 -12.36
N GLY A 179 -5.76 5.56 -11.80
CA GLY A 179 -6.86 5.70 -10.80
C GLY A 179 -7.03 4.38 -10.05
N LEU A 180 -7.48 4.44 -8.82
CA LEU A 180 -7.67 3.19 -8.04
C LEU A 180 -8.66 2.27 -8.76
N ALA A 181 -9.36 2.79 -9.73
CA ALA A 181 -10.34 1.95 -10.46
C ALA A 181 -9.61 1.03 -11.44
N SER A 182 -8.88 1.60 -12.37
CA SER A 182 -8.14 0.76 -13.35
C SER A 182 -6.89 0.17 -12.68
N VAL A 183 -6.17 0.98 -11.94
CA VAL A 183 -4.95 0.48 -11.26
C VAL A 183 -5.25 -0.86 -10.57
N CYS A 184 -6.50 -1.12 -10.32
CA CYS A 184 -6.88 -2.40 -9.64
C CYS A 184 -6.79 -3.54 -10.65
N ALA A 185 -7.57 -3.48 -11.70
CA ALA A 185 -7.53 -4.57 -12.72
C ALA A 185 -6.26 -4.44 -13.55
N GLN A 186 -5.64 -3.29 -13.52
CA GLN A 186 -4.39 -3.10 -14.31
C GLN A 186 -3.34 -4.10 -13.86
N TYR A 187 -3.43 -4.57 -12.65
CA TYR A 187 -2.43 -5.55 -12.15
C TYR A 187 -2.64 -6.90 -12.84
N GLY A 188 -3.75 -7.07 -13.51
CA GLY A 188 -4.02 -8.35 -14.20
C GLY A 188 -3.31 -8.38 -15.56
N ILE A 189 -3.38 -7.30 -16.28
CA ILE A 189 -2.70 -7.26 -17.62
C ILE A 189 -1.19 -7.17 -17.42
N ASN A 190 -0.43 -7.78 -18.28
CA ASN A 190 1.05 -7.73 -18.15
C ASN A 190 1.53 -6.29 -18.35
N ALA A 191 2.06 -5.67 -17.32
CA ALA A 191 2.55 -4.27 -17.46
C ALA A 191 3.93 -4.28 -18.11
N SER A 192 4.04 -3.81 -19.32
CA SER A 192 5.36 -3.79 -20.00
C SER A 192 6.40 -3.16 -19.07
N SER A 19 12.80 -11.55 7.70
CA SER A 19 12.46 -10.85 6.43
C SER A 19 11.73 -11.82 5.50
N MET A 20 10.94 -12.69 6.05
CA MET A 20 10.20 -13.67 5.20
C MET A 20 9.23 -14.47 6.06
N LYS A 21 8.55 -13.82 6.95
CA LYS A 21 7.57 -14.55 7.84
C LYS A 21 6.47 -13.59 8.27
N ASN A 22 6.82 -12.36 8.55
CA ASN A 22 5.80 -11.36 8.99
C ASN A 22 6.19 -9.98 8.46
N VAL A 23 5.28 -9.32 7.80
CA VAL A 23 5.57 -7.95 7.24
C VAL A 23 4.55 -6.95 7.81
N LEU A 24 4.92 -5.71 7.88
CA LEU A 24 3.97 -4.68 8.42
C LEU A 24 4.24 -3.33 7.74
N VAL A 25 3.32 -2.90 6.90
CA VAL A 25 3.51 -1.58 6.21
C VAL A 25 2.98 -0.48 7.11
N GLY A 26 3.53 0.71 7.00
CA GLY A 26 3.06 1.85 7.86
C GLY A 26 2.96 3.12 7.03
N LEU A 27 1.98 3.93 7.33
CA LEU A 27 1.78 5.22 6.58
C LEU A 27 1.44 6.30 7.59
N GLY A 28 2.15 7.41 7.58
CA GLY A 28 1.85 8.50 8.57
C GLY A 28 2.04 9.85 7.91
N TRP A 29 1.20 10.80 8.24
CA TRP A 29 1.33 12.16 7.64
C TRP A 29 0.72 13.19 8.59
N ASP A 30 1.19 14.40 8.50
CA ASP A 30 0.64 15.47 9.40
C ASP A 30 -0.69 15.98 8.85
N ALA A 31 -1.72 15.94 9.65
CA ALA A 31 -3.06 16.41 9.19
C ALA A 31 -3.10 17.94 9.24
N ARG A 32 -3.72 18.56 8.27
CA ARG A 32 -3.80 20.06 8.24
C ARG A 32 -5.25 20.48 7.94
N SER A 33 -5.95 20.97 8.93
CA SER A 33 -7.37 21.40 8.73
C SER A 33 -7.49 22.89 9.07
N THR A 34 -7.63 23.73 8.09
CA THR A 34 -7.75 25.19 8.35
C THR A 34 -9.24 25.55 8.46
N ASP A 35 -9.85 25.91 7.37
CA ASP A 35 -11.30 26.27 7.41
C ASP A 35 -12.14 25.00 7.40
N GLY A 36 -11.58 23.91 6.95
CA GLY A 36 -12.35 22.63 6.90
C GLY A 36 -11.62 21.62 6.01
N GLN A 37 -10.78 22.10 5.13
CA GLN A 37 -10.04 21.17 4.23
C GLN A 37 -9.26 20.16 5.07
N ASP A 38 -8.61 19.23 4.44
CA ASP A 38 -7.82 18.21 5.21
C ASP A 38 -7.07 17.31 4.23
N PHE A 39 -6.56 16.20 4.71
CA PHE A 39 -5.82 15.27 3.81
C PHE A 39 -5.92 13.85 4.37
N ASP A 40 -6.32 12.90 3.54
CA ASP A 40 -6.45 11.49 4.02
C ASP A 40 -5.98 10.53 2.92
N LEU A 41 -4.84 9.92 3.10
CA LEU A 41 -4.34 8.95 2.07
C LEU A 41 -4.99 7.59 2.32
N ASP A 42 -4.96 6.72 1.36
CA ASP A 42 -5.57 5.36 1.51
C ASP A 42 -4.55 4.28 1.16
N ALA A 43 -4.16 3.48 2.12
CA ALA A 43 -3.15 2.41 1.85
C ALA A 43 -3.87 1.09 1.62
N SER A 44 -3.47 0.34 0.62
CA SER A 44 -4.14 -0.96 0.35
C SER A 44 -3.12 -1.94 -0.26
N ALA A 45 -3.48 -3.19 -0.34
CA ALA A 45 -2.55 -4.22 -0.93
C ALA A 45 -3.28 -4.97 -2.04
N PHE A 46 -2.54 -5.48 -3.00
CA PHE A 46 -3.19 -6.24 -4.13
C PHE A 46 -2.41 -7.52 -4.40
N LEU A 47 -3.09 -8.62 -4.56
CA LEU A 47 -2.39 -9.91 -4.81
C LEU A 47 -1.94 -9.95 -6.28
N LEU A 48 -0.93 -10.73 -6.58
CA LEU A 48 -0.46 -10.83 -8.00
C LEU A 48 0.07 -12.25 -8.26
N ALA A 49 -0.37 -12.88 -9.31
CA ALA A 49 0.12 -14.27 -9.62
C ALA A 49 1.46 -14.18 -10.36
N ALA A 50 2.13 -15.28 -10.52
CA ALA A 50 3.43 -15.27 -11.25
C ALA A 50 3.17 -15.38 -12.75
N ASN A 51 1.93 -15.55 -13.14
CA ASN A 51 1.61 -15.66 -14.59
C ASN A 51 1.63 -14.27 -15.23
N GLY A 52 1.83 -13.25 -14.44
CA GLY A 52 1.85 -11.85 -14.99
C GLY A 52 0.52 -11.17 -14.67
N LYS A 53 -0.43 -11.91 -14.17
CA LYS A 53 -1.76 -11.34 -13.81
C LYS A 53 -2.13 -11.80 -12.41
N VAL A 54 -3.23 -11.34 -11.89
CA VAL A 54 -3.64 -11.77 -10.51
C VAL A 54 -4.59 -12.96 -10.62
N ARG A 55 -4.42 -13.94 -9.78
CA ARG A 55 -5.37 -15.10 -9.82
C ARG A 55 -6.75 -14.54 -9.48
N GLY A 56 -6.81 -13.26 -9.18
CA GLY A 56 -8.11 -12.62 -8.83
C GLY A 56 -7.85 -11.19 -8.37
N ASP A 57 -7.70 -10.28 -9.28
CA ASP A 57 -7.45 -8.85 -8.91
C ASP A 57 -8.45 -8.43 -7.83
N ALA A 58 -9.68 -8.81 -7.99
CA ALA A 58 -10.72 -8.44 -6.99
C ALA A 58 -10.36 -9.02 -5.62
N ASP A 59 -9.22 -9.67 -5.51
CA ASP A 59 -8.82 -10.26 -4.20
C ASP A 59 -7.98 -9.24 -3.42
N PHE A 60 -8.13 -7.98 -3.74
CA PHE A 60 -7.34 -6.93 -3.03
C PHE A 60 -8.14 -6.44 -1.81
N ILE A 61 -7.49 -6.31 -0.70
CA ILE A 61 -8.17 -5.87 0.56
C ILE A 61 -8.13 -4.34 0.66
N PHE A 62 -9.24 -3.72 0.98
CA PHE A 62 -9.27 -2.23 1.13
C PHE A 62 -10.13 -1.85 2.34
N TYR A 63 -10.38 -0.57 2.53
CA TYR A 63 -11.18 -0.12 3.70
C TYR A 63 -12.47 -0.93 3.84
N ASN A 64 -13.21 -1.10 2.79
CA ASN A 64 -14.49 -1.88 2.89
C ASN A 64 -14.24 -3.20 3.61
N ASN A 65 -13.00 -3.55 3.84
CA ASN A 65 -12.69 -4.84 4.53
C ASN A 65 -11.48 -4.62 5.45
N LEU A 66 -11.69 -4.66 6.73
CA LEU A 66 -10.57 -4.45 7.70
C LEU A 66 -9.58 -5.60 7.60
N LYS A 67 -10.01 -6.76 7.17
CA LYS A 67 -9.08 -7.91 7.05
C LYS A 67 -9.64 -8.96 6.09
N SER A 68 -8.83 -9.91 5.70
CA SER A 68 -9.28 -10.98 4.76
C SER A 68 -9.56 -12.27 5.54
N ALA A 69 -10.30 -13.17 4.97
CA ALA A 69 -10.59 -14.45 5.68
C ALA A 69 -9.41 -15.40 5.52
N ASP A 70 -8.93 -15.58 4.32
CA ASP A 70 -7.77 -16.48 4.06
C ASP A 70 -6.58 -15.68 3.55
N GLY A 71 -6.80 -14.42 3.23
CA GLY A 71 -5.69 -13.58 2.72
C GLY A 71 -4.59 -13.46 3.79
N SER A 72 -4.92 -13.77 5.01
CA SER A 72 -3.90 -13.68 6.09
C SER A 72 -3.46 -12.23 6.29
N VAL A 73 -4.02 -11.34 5.51
CA VAL A 73 -3.66 -9.89 5.64
C VAL A 73 -4.63 -9.22 6.61
N THR A 74 -4.21 -8.18 7.28
CA THR A 74 -5.12 -7.48 8.24
C THR A 74 -4.83 -5.97 8.22
N HIS A 75 -5.84 -5.17 8.00
CA HIS A 75 -5.65 -3.68 7.97
C HIS A 75 -5.91 -3.12 9.36
N THR A 76 -5.05 -2.26 9.84
CA THR A 76 -5.27 -1.67 11.20
C THR A 76 -6.48 -0.73 11.17
N GLY A 77 -6.46 0.26 10.31
CA GLY A 77 -7.62 1.20 10.25
C GLY A 77 -7.26 2.37 9.34
N ASP A 78 -8.18 2.78 8.50
CA ASP A 78 -7.91 3.94 7.58
C ASP A 78 -8.32 5.24 8.27
N ASN A 79 -7.37 6.06 8.62
CA ASN A 79 -7.71 7.35 9.30
C ASN A 79 -8.31 8.31 8.27
N ARG A 80 -9.10 9.26 8.73
CA ARG A 80 -9.75 10.23 7.80
C ARG A 80 -9.04 11.59 7.90
N THR A 81 -7.94 11.65 8.61
CA THR A 81 -7.21 12.95 8.75
C THR A 81 -5.72 12.68 9.00
N GLY A 82 -5.41 11.61 9.70
CA GLY A 82 -3.98 11.29 9.99
C GLY A 82 -3.67 11.68 11.43
N GLU A 83 -4.68 11.93 12.22
CA GLU A 83 -4.45 12.31 13.63
C GLU A 83 -3.65 11.21 14.34
N GLY A 84 -2.42 11.49 14.67
CA GLY A 84 -1.58 10.46 15.37
C GLY A 84 -0.10 10.79 15.16
N ASP A 85 0.63 10.98 16.22
CA ASP A 85 2.08 11.30 16.08
C ASP A 85 2.85 10.02 15.77
N GLY A 86 2.75 9.53 14.57
CA GLY A 86 3.49 8.28 14.21
C GLY A 86 2.84 7.64 12.98
N ASP A 87 2.89 6.35 12.87
CA ASP A 87 2.28 5.67 11.70
C ASP A 87 0.75 5.78 11.79
N ASP A 88 0.18 6.67 11.03
CA ASP A 88 -1.30 6.83 11.07
C ASP A 88 -1.97 5.49 10.76
N GLU A 89 -1.93 5.06 9.52
CA GLU A 89 -2.56 3.76 9.15
C GLU A 89 -1.51 2.66 9.22
N SER A 90 -1.89 1.44 8.94
CA SER A 90 -0.90 0.32 9.01
C SER A 90 -1.54 -0.96 8.46
N LEU A 91 -0.74 -1.87 7.97
CA LEU A 91 -1.28 -3.15 7.41
C LEU A 91 -0.40 -4.31 7.89
N LYS A 92 -0.97 -5.26 8.59
CA LYS A 92 -0.18 -6.43 9.08
C LYS A 92 -0.34 -7.59 8.11
N ILE A 93 0.73 -8.26 7.77
CA ILE A 93 0.63 -9.40 6.80
C ILE A 93 1.48 -10.58 7.30
N LYS A 94 1.05 -11.78 7.03
CA LYS A 94 1.80 -13.00 7.44
C LYS A 94 2.05 -13.86 6.21
N LEU A 95 3.23 -13.79 5.64
CA LEU A 95 3.52 -14.60 4.43
C LEU A 95 3.58 -16.08 4.79
N ASP A 96 3.84 -16.40 6.03
CA ASP A 96 3.92 -17.82 6.45
C ASP A 96 2.54 -18.48 6.33
N ALA A 97 1.56 -17.76 5.82
CA ALA A 97 0.18 -18.33 5.68
C ALA A 97 -0.32 -18.10 4.24
N VAL A 98 0.56 -17.74 3.34
CA VAL A 98 0.13 -17.51 1.93
C VAL A 98 0.13 -18.85 1.19
N PRO A 99 -0.96 -19.24 0.54
CA PRO A 99 -1.03 -20.53 -0.21
C PRO A 99 -0.28 -20.47 -1.54
N GLY A 100 -0.52 -21.42 -2.40
CA GLY A 100 0.19 -21.44 -3.72
C GLY A 100 -0.64 -20.68 -4.77
N ASP A 101 -1.76 -20.13 -4.36
CA ASP A 101 -2.60 -19.38 -5.34
C ASP A 101 -1.84 -18.14 -5.82
N VAL A 102 -1.43 -17.30 -4.91
CA VAL A 102 -0.67 -16.08 -5.30
C VAL A 102 0.83 -16.36 -5.22
N ASP A 103 1.62 -15.73 -6.06
CA ASP A 103 3.10 -15.98 -6.04
C ASP A 103 3.82 -14.65 -5.78
N LYS A 104 3.10 -13.56 -5.76
CA LYS A 104 3.74 -12.24 -5.50
C LYS A 104 2.72 -11.28 -4.89
N ILE A 105 3.14 -10.45 -3.98
CA ILE A 105 2.21 -9.49 -3.31
C ILE A 105 2.75 -8.07 -3.52
N ILE A 106 1.89 -7.08 -3.48
CA ILE A 106 2.35 -5.67 -3.69
C ILE A 106 1.57 -4.72 -2.77
N PHE A 107 2.17 -3.61 -2.43
CA PHE A 107 1.50 -2.62 -1.54
C PHE A 107 1.63 -1.24 -2.18
N VAL A 108 0.54 -0.51 -2.29
CA VAL A 108 0.59 0.84 -2.93
C VAL A 108 -0.31 1.82 -2.18
N VAL A 109 0.01 3.08 -2.23
CA VAL A 109 -0.81 4.12 -1.55
C VAL A 109 -1.59 4.90 -2.61
N THR A 110 -2.67 5.51 -2.24
CA THR A 110 -3.47 6.28 -3.24
C THR A 110 -4.13 7.49 -2.57
N ILE A 111 -4.17 8.60 -3.24
CA ILE A 111 -4.81 9.82 -2.66
C ILE A 111 -6.33 9.63 -2.68
N HIS A 112 -7.00 10.15 -1.68
CA HIS A 112 -8.49 10.00 -1.63
C HIS A 112 -9.16 11.05 -2.52
N ASP A 113 -10.18 11.69 -2.01
CA ASP A 113 -10.90 12.73 -2.82
C ASP A 113 -9.91 13.80 -3.27
N ALA A 114 -8.87 14.03 -2.53
CA ALA A 114 -7.89 15.07 -2.93
C ALA A 114 -7.45 14.81 -4.38
N GLN A 115 -7.64 13.62 -4.86
CA GLN A 115 -7.26 13.31 -6.26
C GLN A 115 -8.20 14.03 -7.23
N ALA A 116 -9.48 13.99 -6.97
CA ALA A 116 -10.45 14.67 -7.87
C ALA A 116 -10.20 16.18 -7.82
N ARG A 117 -10.08 16.73 -6.64
CA ARG A 117 -9.84 18.20 -6.52
C ARG A 117 -8.39 18.49 -6.93
N ARG A 118 -7.74 17.55 -7.56
CA ARG A 118 -6.33 17.77 -7.99
C ARG A 118 -5.49 18.19 -6.77
N GLN A 119 -5.12 17.25 -5.94
CA GLN A 119 -4.31 17.59 -4.73
C GLN A 119 -3.42 16.40 -4.38
N SER A 120 -2.40 16.17 -5.14
CA SER A 120 -1.49 15.02 -4.86
C SER A 120 -0.94 15.13 -3.44
N PHE A 121 -0.45 14.04 -2.91
CA PHE A 121 0.10 14.07 -1.51
C PHE A 121 1.00 15.31 -1.33
N GLY A 122 1.54 15.83 -2.40
CA GLY A 122 2.43 17.01 -2.27
C GLY A 122 1.71 18.13 -1.50
N GLN A 123 0.43 18.25 -1.67
CA GLN A 123 -0.32 19.32 -0.95
C GLN A 123 -0.21 19.09 0.56
N VAL A 124 0.14 17.90 0.97
CA VAL A 124 0.26 17.62 2.43
C VAL A 124 1.52 18.29 2.97
N SER A 125 1.66 18.38 4.27
CA SER A 125 2.87 19.04 4.85
C SER A 125 4.08 18.10 4.76
N GLY A 126 3.86 16.81 4.71
CA GLY A 126 5.01 15.87 4.61
C GLY A 126 4.56 14.45 4.95
N ALA A 127 3.90 13.80 4.04
CA ALA A 127 3.45 12.41 4.31
C ALA A 127 4.65 11.46 4.19
N PHE A 128 4.54 10.25 4.67
CA PHE A 128 5.69 9.32 4.57
C PHE A 128 5.22 7.86 4.73
N ILE A 129 5.85 6.96 4.03
CA ILE A 129 5.50 5.51 4.13
C ILE A 129 6.62 4.78 4.85
N ARG A 130 6.31 3.73 5.57
CA ARG A 130 7.36 2.95 6.30
C ARG A 130 7.07 1.46 6.20
N LEU A 131 8.10 0.64 6.17
CA LEU A 131 7.89 -0.84 6.06
C LEU A 131 8.82 -1.53 7.05
N VAL A 132 8.30 -2.41 7.87
CA VAL A 132 9.15 -3.13 8.87
C VAL A 132 8.77 -4.61 8.89
N ASN A 133 9.70 -5.47 9.20
CA ASN A 133 9.38 -6.91 9.26
C ASN A 133 8.93 -7.24 10.67
N ASP A 134 7.65 -7.40 10.88
CA ASP A 134 7.16 -7.73 12.25
C ASP A 134 7.86 -9.00 12.73
N ASP A 135 8.60 -9.62 11.85
CA ASP A 135 9.31 -10.88 12.23
C ASP A 135 10.66 -10.54 12.87
N ASN A 136 11.46 -9.75 12.20
CA ASN A 136 12.79 -9.37 12.76
C ASN A 136 12.69 -8.06 13.53
N GLN A 137 11.65 -7.29 13.30
CA GLN A 137 11.48 -6.00 14.02
C GLN A 137 12.60 -5.03 13.63
N THR A 138 12.74 -4.76 12.35
CA THR A 138 13.81 -3.81 11.90
C THR A 138 13.28 -2.97 10.74
N GLU A 139 13.37 -1.68 10.87
CA GLU A 139 12.86 -0.79 9.78
C GLU A 139 13.45 -1.22 8.44
N VAL A 140 12.63 -1.60 7.50
CA VAL A 140 13.15 -2.03 6.18
C VAL A 140 13.44 -0.81 5.31
N ALA A 141 12.51 0.11 5.21
CA ALA A 141 12.78 1.31 4.36
C ALA A 141 11.66 2.34 4.50
N ARG A 142 11.84 3.49 3.90
CA ARG A 142 10.81 4.57 3.97
C ARG A 142 10.80 5.31 2.62
N TYR A 143 9.69 5.90 2.25
CA TYR A 143 9.59 6.63 0.95
C TYR A 143 9.22 8.09 1.21
N ASP A 144 9.75 9.00 0.42
CA ASP A 144 9.44 10.45 0.61
C ASP A 144 8.41 10.89 -0.43
N LEU A 145 7.24 11.26 0.01
CA LEU A 145 6.18 11.70 -0.95
C LEU A 145 6.43 13.16 -1.35
N THR A 146 6.86 13.98 -0.43
CA THR A 146 7.12 15.41 -0.77
C THR A 146 7.91 15.49 -2.07
N GLU A 147 8.75 14.52 -2.30
CA GLU A 147 9.57 14.51 -3.56
C GLU A 147 8.87 13.67 -4.63
N ASP A 148 8.35 12.54 -4.25
CA ASP A 148 7.65 11.66 -5.23
C ASP A 148 6.17 12.01 -5.28
N ALA A 149 5.81 13.18 -4.83
CA ALA A 149 4.37 13.57 -4.84
C ALA A 149 4.04 14.25 -6.17
N SER A 150 4.82 15.22 -6.55
CA SER A 150 4.54 15.94 -7.83
C SER A 150 4.55 14.95 -9.01
N THR A 151 4.73 13.68 -8.74
CA THR A 151 4.77 12.69 -9.86
C THR A 151 3.34 12.20 -10.18
N GLU A 152 2.49 12.08 -9.19
CA GLU A 152 1.11 11.60 -9.47
C GLU A 152 0.25 11.71 -8.21
N THR A 153 -0.64 10.78 -8.04
CA THR A 153 -1.53 10.76 -6.83
C THR A 153 -1.48 9.36 -6.21
N ALA A 154 -0.72 8.47 -6.81
CA ALA A 154 -0.60 7.09 -6.27
C ALA A 154 0.84 6.61 -6.50
N MET A 155 1.29 5.63 -5.77
CA MET A 155 2.69 5.16 -5.96
C MET A 155 2.88 3.79 -5.30
N LEU A 156 3.71 2.96 -5.87
CA LEU A 156 3.96 1.61 -5.28
C LEU A 156 5.17 1.68 -4.34
N PHE A 157 5.00 1.35 -3.09
CA PHE A 157 6.14 1.41 -2.15
C PHE A 157 7.13 0.28 -2.46
N GLY A 158 6.64 -0.93 -2.59
CA GLY A 158 7.57 -2.05 -2.90
C GLY A 158 6.78 -3.32 -3.21
N GLU A 159 7.42 -4.45 -3.24
CA GLU A 159 6.71 -5.72 -3.55
C GLU A 159 7.40 -6.90 -2.85
N LEU A 160 6.76 -8.03 -2.80
CA LEU A 160 7.35 -9.25 -2.16
C LEU A 160 7.09 -10.45 -3.06
N TYR A 161 8.10 -11.24 -3.35
CA TYR A 161 7.89 -12.43 -4.24
C TYR A 161 8.59 -13.66 -3.64
N ARG A 162 8.28 -14.82 -4.13
CA ARG A 162 8.91 -16.07 -3.59
C ARG A 162 10.25 -16.31 -4.27
N HIS A 163 11.18 -16.91 -3.58
CA HIS A 163 12.51 -17.19 -4.18
C HIS A 163 13.15 -18.39 -3.45
N ASN A 164 13.50 -19.41 -4.18
CA ASN A 164 14.12 -20.61 -3.53
C ASN A 164 13.20 -21.11 -2.42
N GLY A 165 11.93 -20.83 -2.52
CA GLY A 165 10.97 -21.29 -1.47
C GLY A 165 11.00 -20.32 -0.29
N GLU A 166 11.60 -19.17 -0.46
CA GLU A 166 11.67 -18.17 0.64
C GLU A 166 11.17 -16.82 0.13
N TRP A 167 10.38 -16.12 0.91
CA TRP A 167 9.86 -14.79 0.48
C TRP A 167 11.02 -13.81 0.38
N LYS A 168 10.94 -12.87 -0.52
CA LYS A 168 12.04 -11.86 -0.67
C LYS A 168 11.44 -10.51 -1.10
N PHE A 169 11.96 -9.43 -0.58
CA PHE A 169 11.43 -8.09 -0.94
C PHE A 169 12.20 -7.53 -2.14
N ARG A 170 11.59 -6.63 -2.86
CA ARG A 170 12.27 -6.02 -4.05
C ARG A 170 11.73 -4.61 -4.26
N ALA A 171 12.59 -3.63 -4.37
CA ALA A 171 12.13 -2.24 -4.58
C ALA A 171 11.84 -1.99 -6.06
N VAL A 172 10.91 -1.12 -6.36
CA VAL A 172 10.60 -0.83 -7.79
C VAL A 172 10.20 0.65 -7.93
N GLY A 173 9.56 1.19 -6.95
CA GLY A 173 9.15 2.63 -7.02
C GLY A 173 8.42 2.89 -8.33
N GLN A 174 7.15 2.56 -8.37
CA GLN A 174 6.34 2.77 -9.61
C GLN A 174 5.30 3.87 -9.34
N GLY A 175 4.93 4.60 -10.36
CA GLY A 175 3.92 5.70 -10.19
C GLY A 175 2.88 5.60 -11.32
N TYR A 176 1.62 5.62 -10.98
CA TYR A 176 0.56 5.52 -12.01
C TYR A 176 -0.70 6.26 -11.55
N ALA A 177 -1.56 6.64 -12.46
CA ALA A 177 -2.81 7.37 -12.10
C ALA A 177 -4.02 6.53 -12.50
N GLY A 178 -3.85 5.23 -12.59
CA GLY A 178 -4.98 4.35 -12.98
C GLY A 178 -6.15 4.56 -12.02
N GLY A 179 -5.88 5.01 -10.82
CA GLY A 179 -6.98 5.23 -9.85
C GLY A 179 -7.26 3.94 -9.07
N LEU A 180 -7.62 4.04 -7.83
CA LEU A 180 -7.90 2.82 -7.03
C LEU A 180 -8.88 1.92 -7.80
N ALA A 181 -9.61 2.48 -8.72
CA ALA A 181 -10.58 1.66 -9.51
C ALA A 181 -9.82 0.79 -10.52
N SER A 182 -9.07 1.39 -11.40
CA SER A 182 -8.32 0.60 -12.41
C SER A 182 -7.10 -0.04 -11.76
N VAL A 183 -6.42 0.67 -10.90
CA VAL A 183 -5.22 0.11 -10.23
C VAL A 183 -5.54 -1.28 -9.67
N CYS A 184 -6.80 -1.57 -9.48
CA CYS A 184 -7.19 -2.90 -8.93
C CYS A 184 -7.18 -3.95 -10.05
N ALA A 185 -7.96 -3.74 -11.08
CA ALA A 185 -8.01 -4.73 -12.20
C ALA A 185 -6.79 -4.52 -13.10
N GLN A 186 -6.12 -3.41 -12.97
CA GLN A 186 -4.93 -3.15 -13.83
C GLN A 186 -3.88 -4.22 -13.59
N TYR A 187 -3.77 -4.70 -12.38
CA TYR A 187 -2.75 -5.75 -12.09
C TYR A 187 -3.20 -7.07 -12.72
N GLY A 188 -4.47 -7.19 -13.02
CA GLY A 188 -4.98 -8.45 -13.65
C GLY A 188 -4.86 -8.35 -15.17
N ILE A 189 -4.98 -7.16 -15.70
CA ILE A 189 -4.88 -6.99 -17.19
C ILE A 189 -4.05 -5.73 -17.50
N ASN A 190 -3.29 -5.77 -18.56
CA ASN A 190 -2.46 -4.57 -18.91
C ASN A 190 -3.33 -3.54 -19.62
N ALA A 191 -3.04 -2.29 -19.45
CA ALA A 191 -3.85 -1.23 -20.12
C ALA A 191 -3.39 -1.08 -21.57
N SER A 192 -4.23 -0.54 -22.42
CA SER A 192 -3.84 -0.37 -23.84
C SER A 192 -4.82 0.60 -24.52
N SER A 19 11.63 -16.29 4.75
CA SER A 19 12.37 -15.41 5.71
C SER A 19 11.37 -14.49 6.41
N MET A 20 10.67 -13.67 5.67
CA MET A 20 9.68 -12.74 6.30
C MET A 20 8.42 -13.52 6.67
N LYS A 21 8.15 -13.66 7.95
CA LYS A 21 6.93 -14.41 8.39
C LYS A 21 5.81 -13.41 8.69
N ASN A 22 6.15 -12.17 8.91
CA ASN A 22 5.10 -11.15 9.20
C ASN A 22 5.54 -9.80 8.62
N VAL A 23 4.68 -9.17 7.85
CA VAL A 23 5.02 -7.85 7.24
C VAL A 23 4.08 -6.78 7.80
N LEU A 24 4.53 -5.56 7.87
CA LEU A 24 3.68 -4.47 8.41
C LEU A 24 4.04 -3.14 7.72
N VAL A 25 3.15 -2.64 6.91
CA VAL A 25 3.42 -1.34 6.21
C VAL A 25 3.00 -0.19 7.11
N GLY A 26 3.63 0.95 6.96
CA GLY A 26 3.30 2.14 7.81
C GLY A 26 3.05 3.36 6.92
N LEU A 27 2.02 4.10 7.24
CA LEU A 27 1.67 5.32 6.44
C LEU A 27 1.26 6.42 7.42
N GLY A 28 1.87 7.58 7.36
CA GLY A 28 1.49 8.66 8.31
C GLY A 28 1.74 10.03 7.68
N TRP A 29 0.90 10.98 7.95
CA TRP A 29 1.09 12.34 7.37
C TRP A 29 0.43 13.38 8.27
N ASP A 30 0.89 14.60 8.21
CA ASP A 30 0.31 15.66 9.07
C ASP A 30 -1.05 16.09 8.51
N ALA A 31 -2.07 16.04 9.32
CA ALA A 31 -3.43 16.44 8.85
C ALA A 31 -3.60 17.95 9.04
N ARG A 32 -4.30 18.61 8.14
CA ARG A 32 -4.51 20.08 8.27
C ARG A 32 -5.99 20.39 8.03
N SER A 33 -6.71 20.73 9.08
CA SER A 33 -8.18 21.04 8.93
C SER A 33 -8.40 22.51 9.23
N THR A 34 -8.64 23.31 8.23
CA THR A 34 -8.89 24.78 8.45
C THR A 34 -10.39 25.02 8.49
N ASP A 35 -11.09 24.66 7.44
CA ASP A 35 -12.57 24.88 7.41
C ASP A 35 -13.20 23.93 6.39
N GLY A 36 -12.49 22.90 6.00
CA GLY A 36 -13.04 21.93 5.00
C GLY A 36 -11.89 21.30 4.22
N GLN A 37 -10.74 21.91 4.23
CA GLN A 37 -9.58 21.37 3.47
C GLN A 37 -8.92 20.25 4.29
N ASP A 38 -8.75 19.10 3.71
CA ASP A 38 -8.11 17.98 4.46
C ASP A 38 -7.59 16.93 3.46
N PHE A 39 -6.44 16.36 3.73
CA PHE A 39 -5.89 15.33 2.80
C PHE A 39 -6.24 13.94 3.32
N ASP A 40 -6.52 13.01 2.44
CA ASP A 40 -6.89 11.63 2.88
C ASP A 40 -6.25 10.59 1.95
N LEU A 41 -5.16 10.00 2.34
CA LEU A 41 -4.51 8.96 1.49
C LEU A 41 -5.16 7.61 1.80
N ASP A 42 -5.01 6.64 0.94
CA ASP A 42 -5.62 5.29 1.18
C ASP A 42 -4.55 4.21 1.06
N ALA A 43 -4.35 3.44 2.10
CA ALA A 43 -3.30 2.36 2.06
C ALA A 43 -3.98 1.03 1.74
N SER A 44 -3.52 0.36 0.72
CA SER A 44 -4.13 -0.95 0.34
C SER A 44 -3.05 -1.84 -0.29
N ALA A 45 -3.36 -3.12 -0.47
CA ALA A 45 -2.36 -4.05 -1.07
C ALA A 45 -3.06 -4.92 -2.13
N PHE A 46 -2.40 -5.20 -3.22
CA PHE A 46 -3.01 -6.03 -4.30
C PHE A 46 -2.23 -7.35 -4.42
N LEU A 47 -2.93 -8.45 -4.54
CA LEU A 47 -2.23 -9.76 -4.65
C LEU A 47 -1.64 -9.91 -6.05
N LEU A 48 -0.68 -10.78 -6.22
CA LEU A 48 -0.06 -10.99 -7.57
C LEU A 48 0.34 -12.46 -7.72
N ALA A 49 0.00 -13.09 -8.81
CA ALA A 49 0.37 -14.53 -9.00
C ALA A 49 1.79 -14.63 -9.56
N ALA A 50 2.29 -15.82 -9.72
CA ALA A 50 3.67 -16.01 -10.28
C ALA A 50 3.61 -15.99 -11.81
N ASN A 51 2.44 -16.05 -12.37
CA ASN A 51 2.32 -16.05 -13.86
C ASN A 51 2.55 -14.62 -14.38
N GLY A 52 2.79 -13.69 -13.48
CA GLY A 52 3.01 -12.27 -13.92
C GLY A 52 1.70 -11.52 -13.79
N LYS A 53 0.61 -12.23 -13.65
CA LYS A 53 -0.73 -11.59 -13.51
C LYS A 53 -1.29 -11.95 -12.13
N VAL A 54 -2.39 -11.36 -11.75
CA VAL A 54 -2.97 -11.70 -10.42
C VAL A 54 -3.96 -12.84 -10.57
N ARG A 55 -3.94 -13.79 -9.68
CA ARG A 55 -4.92 -14.90 -9.78
C ARG A 55 -6.32 -14.27 -9.69
N GLY A 56 -6.36 -12.98 -9.47
CA GLY A 56 -7.66 -12.27 -9.37
C GLY A 56 -7.38 -10.83 -8.88
N ASP A 57 -7.07 -9.95 -9.79
CA ASP A 57 -6.79 -8.53 -9.40
C ASP A 57 -7.85 -8.05 -8.41
N ALA A 58 -9.08 -8.38 -8.66
CA ALA A 58 -10.18 -7.94 -7.76
C ALA A 58 -10.02 -8.60 -6.39
N ASP A 59 -8.92 -9.28 -6.17
CA ASP A 59 -8.71 -9.95 -4.85
C ASP A 59 -7.93 -9.01 -3.93
N PHE A 60 -7.98 -7.72 -4.19
CA PHE A 60 -7.25 -6.75 -3.32
C PHE A 60 -8.18 -6.28 -2.21
N ILE A 61 -7.77 -6.45 -0.98
CA ILE A 61 -8.63 -6.03 0.18
C ILE A 61 -8.27 -4.61 0.60
N PHE A 62 -9.27 -3.81 0.89
CA PHE A 62 -9.02 -2.40 1.32
C PHE A 62 -10.05 -2.00 2.39
N TYR A 63 -10.20 -0.74 2.65
CA TYR A 63 -11.16 -0.28 3.69
C TYR A 63 -12.49 -1.04 3.57
N ASN A 64 -12.74 -1.67 2.45
CA ASN A 64 -14.03 -2.42 2.30
C ASN A 64 -14.06 -3.57 3.32
N ASN A 65 -12.95 -3.91 3.90
CA ASN A 65 -12.92 -5.02 4.89
C ASN A 65 -11.85 -4.73 5.95
N LEU A 66 -12.27 -4.50 7.16
CA LEU A 66 -11.27 -4.21 8.24
C LEU A 66 -10.18 -5.28 8.22
N LYS A 67 -10.52 -6.48 7.83
CA LYS A 67 -9.51 -7.57 7.80
C LYS A 67 -10.05 -8.76 7.01
N SER A 68 -9.18 -9.60 6.53
CA SER A 68 -9.63 -10.80 5.74
C SER A 68 -9.94 -11.94 6.69
N ALA A 69 -10.85 -12.80 6.33
CA ALA A 69 -11.18 -13.96 7.22
C ALA A 69 -10.12 -15.04 7.04
N ASP A 70 -9.81 -15.38 5.82
CA ASP A 70 -8.78 -16.43 5.54
C ASP A 70 -7.60 -15.80 4.79
N GLY A 71 -7.71 -14.54 4.45
CA GLY A 71 -6.60 -13.87 3.72
C GLY A 71 -5.43 -13.62 4.68
N SER A 72 -5.65 -13.82 5.96
CA SER A 72 -4.55 -13.58 6.94
C SER A 72 -4.11 -12.12 6.89
N VAL A 73 -4.80 -11.30 6.13
CA VAL A 73 -4.43 -9.86 6.04
C VAL A 73 -5.24 -9.07 7.06
N THR A 74 -4.72 -7.97 7.56
CA THR A 74 -5.47 -7.17 8.56
C THR A 74 -5.11 -5.69 8.41
N HIS A 75 -6.10 -4.84 8.30
CA HIS A 75 -5.82 -3.37 8.15
C HIS A 75 -5.85 -2.73 9.54
N THR A 76 -4.84 -1.96 9.88
CA THR A 76 -4.82 -1.33 11.22
C THR A 76 -6.00 -0.35 11.35
N GLY A 77 -6.27 0.41 10.32
CA GLY A 77 -7.40 1.37 10.40
C GLY A 77 -7.20 2.49 9.36
N ASP A 78 -8.07 2.59 8.41
CA ASP A 78 -7.93 3.65 7.37
C ASP A 78 -8.53 4.95 7.90
N ASN A 79 -7.71 5.93 8.17
CA ASN A 79 -8.24 7.22 8.69
C ASN A 79 -8.79 8.05 7.53
N ARG A 80 -9.01 9.33 7.75
CA ARG A 80 -9.56 10.19 6.66
C ARG A 80 -8.99 11.60 6.79
N THR A 81 -7.98 11.77 7.60
CA THR A 81 -7.38 13.13 7.78
C THR A 81 -5.90 12.99 8.14
N GLY A 82 -5.55 11.97 8.90
CA GLY A 82 -4.12 11.77 9.30
C GLY A 82 -3.96 12.15 10.78
N GLU A 83 -5.05 12.38 11.47
CA GLU A 83 -4.97 12.75 12.90
C GLU A 83 -4.24 11.65 13.67
N GLY A 84 -3.04 11.93 14.13
CA GLY A 84 -2.28 10.89 14.89
C GLY A 84 -0.80 11.26 14.90
N ASP A 85 -0.22 11.38 16.06
CA ASP A 85 1.23 11.74 16.14
C ASP A 85 2.08 10.50 15.85
N GLY A 86 1.80 9.83 14.77
CA GLY A 86 2.60 8.61 14.43
C GLY A 86 2.01 7.95 13.18
N ASP A 87 1.92 6.65 13.17
CA ASP A 87 1.36 5.95 11.98
C ASP A 87 -0.16 6.10 11.97
N ASP A 88 -0.68 6.94 11.11
CA ASP A 88 -2.16 7.13 11.06
C ASP A 88 -2.80 5.93 10.35
N GLU A 89 -2.12 5.38 9.37
CA GLU A 89 -2.68 4.21 8.62
C GLU A 89 -1.59 3.15 8.48
N SER A 90 -1.97 1.90 8.54
CA SER A 90 -0.94 0.81 8.42
C SER A 90 -1.65 -0.50 8.06
N LEU A 91 -0.92 -1.48 7.59
CA LEU A 91 -1.55 -2.79 7.21
C LEU A 91 -0.71 -3.95 7.76
N LYS A 92 -1.35 -4.87 8.44
CA LYS A 92 -0.61 -6.04 9.01
C LYS A 92 -0.85 -7.26 8.11
N ILE A 93 0.19 -7.96 7.75
CA ILE A 93 0.03 -9.16 6.85
C ILE A 93 0.89 -10.31 7.38
N LYS A 94 0.42 -11.52 7.20
CA LYS A 94 1.19 -12.72 7.66
C LYS A 94 1.36 -13.68 6.47
N LEU A 95 2.54 -13.79 5.94
CA LEU A 95 2.76 -14.69 4.79
C LEU A 95 2.76 -16.15 5.25
N ASP A 96 2.86 -16.37 6.53
CA ASP A 96 2.87 -17.78 7.04
C ASP A 96 1.58 -18.49 6.60
N ALA A 97 0.51 -17.76 6.44
CA ALA A 97 -0.78 -18.38 6.01
C ALA A 97 -1.00 -18.15 4.51
N VAL A 98 0.05 -17.88 3.77
CA VAL A 98 -0.12 -17.65 2.31
C VAL A 98 -0.70 -18.92 1.66
N PRO A 99 -1.69 -18.80 0.79
CA PRO A 99 -2.30 -20.00 0.12
C PRO A 99 -1.36 -20.62 -0.91
N GLY A 100 -1.78 -21.66 -1.57
CA GLY A 100 -0.92 -22.32 -2.60
C GLY A 100 -1.18 -21.70 -3.97
N ASP A 101 -1.32 -20.41 -4.04
CA ASP A 101 -1.58 -19.74 -5.35
C ASP A 101 -0.81 -18.42 -5.43
N VAL A 102 -1.09 -17.53 -4.52
CA VAL A 102 -0.38 -16.20 -4.52
C VAL A 102 1.12 -16.44 -4.35
N ASP A 103 1.93 -15.67 -5.01
CA ASP A 103 3.41 -15.83 -4.89
C ASP A 103 4.10 -14.47 -4.82
N LYS A 104 3.35 -13.39 -4.89
CA LYS A 104 3.97 -12.05 -4.82
C LYS A 104 2.90 -11.03 -4.39
N ILE A 105 3.21 -10.21 -3.41
CA ILE A 105 2.24 -9.18 -2.92
C ILE A 105 2.83 -7.79 -3.17
N ILE A 106 1.98 -6.80 -3.29
CA ILE A 106 2.47 -5.40 -3.53
C ILE A 106 1.70 -4.43 -2.62
N PHE A 107 2.28 -3.30 -2.33
CA PHE A 107 1.61 -2.30 -1.43
C PHE A 107 1.71 -0.91 -2.07
N VAL A 108 0.62 -0.21 -2.18
CA VAL A 108 0.64 1.16 -2.79
C VAL A 108 -0.29 2.09 -2.02
N VAL A 109 -0.06 3.38 -2.12
CA VAL A 109 -0.94 4.38 -1.41
C VAL A 109 -1.43 5.41 -2.42
N THR A 110 -2.70 5.44 -2.68
CA THR A 110 -3.27 6.41 -3.67
C THR A 110 -4.00 7.54 -2.93
N ILE A 111 -4.01 8.72 -3.51
CA ILE A 111 -4.72 9.85 -2.84
C ILE A 111 -6.23 9.66 -2.99
N HIS A 112 -6.97 9.80 -1.93
CA HIS A 112 -8.45 9.60 -2.01
C HIS A 112 -9.13 10.91 -2.43
N ASP A 113 -9.01 11.93 -1.61
CA ASP A 113 -9.67 13.23 -1.95
C ASP A 113 -9.34 13.61 -3.40
N ALA A 114 -8.33 13.02 -3.95
CA ALA A 114 -7.95 13.35 -5.36
C ALA A 114 -9.12 13.01 -6.30
N GLN A 115 -9.79 11.92 -6.06
CA GLN A 115 -10.93 11.56 -6.94
C GLN A 115 -11.88 12.75 -7.05
N ALA A 116 -12.02 13.51 -6.00
CA ALA A 116 -12.96 14.69 -6.04
C ALA A 116 -12.23 15.96 -6.50
N ARG A 117 -11.13 16.31 -5.88
CA ARG A 117 -10.41 17.57 -6.26
C ARG A 117 -9.09 17.25 -6.99
N ARG A 118 -8.73 16.00 -7.08
CA ARG A 118 -7.46 15.65 -7.78
C ARG A 118 -6.29 16.39 -7.12
N GLN A 119 -5.59 15.74 -6.23
CA GLN A 119 -4.44 16.40 -5.54
C GLN A 119 -3.33 15.37 -5.31
N SER A 120 -2.09 15.76 -5.45
CA SER A 120 -0.96 14.81 -5.24
C SER A 120 -0.50 14.90 -3.79
N PHE A 121 -0.01 13.82 -3.25
CA PHE A 121 0.47 13.84 -1.82
C PHE A 121 1.28 15.12 -1.55
N GLY A 122 1.91 15.66 -2.55
CA GLY A 122 2.72 16.90 -2.34
C GLY A 122 1.83 17.98 -1.71
N GLN A 123 0.60 18.07 -2.13
CA GLN A 123 -0.30 19.11 -1.55
C GLN A 123 -0.32 18.96 -0.03
N VAL A 124 0.17 17.85 0.48
CA VAL A 124 0.18 17.66 1.95
C VAL A 124 1.37 18.40 2.55
N SER A 125 1.43 18.51 3.85
CA SER A 125 2.57 19.24 4.48
C SER A 125 3.82 18.35 4.49
N GLY A 126 3.67 17.07 4.60
CA GLY A 126 4.86 16.17 4.60
C GLY A 126 4.42 14.73 4.89
N ALA A 127 3.81 14.08 3.94
CA ALA A 127 3.37 12.67 4.17
C ALA A 127 4.58 11.73 4.05
N PHE A 128 4.47 10.54 4.56
CA PHE A 128 5.63 9.59 4.47
C PHE A 128 5.12 8.15 4.53
N ILE A 129 5.98 7.21 4.26
CA ILE A 129 5.60 5.76 4.30
C ILE A 129 6.69 4.99 5.04
N ARG A 130 6.34 3.89 5.65
CA ARG A 130 7.36 3.09 6.39
C ARG A 130 7.06 1.59 6.21
N LEU A 131 8.06 0.76 6.33
CA LEU A 131 7.84 -0.71 6.17
C LEU A 131 8.70 -1.45 7.19
N VAL A 132 8.15 -2.45 7.82
CA VAL A 132 8.93 -3.21 8.84
C VAL A 132 8.41 -4.63 8.93
N ASN A 133 9.28 -5.57 9.19
CA ASN A 133 8.82 -6.97 9.32
C ASN A 133 8.33 -7.18 10.75
N ASP A 134 7.05 -7.21 10.96
CA ASP A 134 6.51 -7.41 12.33
C ASP A 134 7.14 -8.67 12.92
N ASP A 135 7.85 -9.42 12.12
CA ASP A 135 8.50 -10.67 12.63
C ASP A 135 9.90 -10.34 13.15
N ASN A 136 10.71 -9.69 12.36
CA ASN A 136 12.09 -9.35 12.81
C ASN A 136 12.08 -8.03 13.55
N GLN A 137 11.05 -7.25 13.39
CA GLN A 137 10.98 -5.94 14.09
C GLN A 137 12.17 -5.07 13.68
N THR A 138 12.41 -4.94 12.41
CA THR A 138 13.55 -4.10 11.92
C THR A 138 13.06 -3.17 10.81
N GLU A 139 13.18 -1.89 11.02
CA GLU A 139 12.71 -0.91 9.99
C GLU A 139 13.30 -1.28 8.63
N VAL A 140 12.46 -1.52 7.65
CA VAL A 140 12.97 -1.88 6.29
C VAL A 140 13.35 -0.60 5.55
N ALA A 141 12.44 0.32 5.37
CA ALA A 141 12.79 1.56 4.64
C ALA A 141 11.62 2.55 4.66
N ARG A 142 11.84 3.73 4.15
CA ARG A 142 10.75 4.77 4.12
C ARG A 142 10.86 5.55 2.80
N TYR A 143 9.77 5.70 2.11
CA TYR A 143 9.80 6.45 0.80
C TYR A 143 9.50 7.93 1.06
N ASP A 144 10.15 8.80 0.32
CA ASP A 144 9.92 10.26 0.52
C ASP A 144 8.83 10.75 -0.46
N LEU A 145 7.72 11.18 0.05
CA LEU A 145 6.62 11.66 -0.85
C LEU A 145 6.88 13.12 -1.22
N THR A 146 7.20 13.96 -0.28
CA THR A 146 7.46 15.39 -0.60
C THR A 146 8.37 15.49 -1.81
N GLU A 147 9.19 14.49 -2.03
CA GLU A 147 10.12 14.51 -3.19
C GLU A 147 9.49 13.78 -4.38
N ASP A 148 9.01 12.59 -4.16
CA ASP A 148 8.38 11.81 -5.28
C ASP A 148 6.91 12.19 -5.41
N ALA A 149 6.48 13.21 -4.72
CA ALA A 149 5.05 13.62 -4.81
C ALA A 149 4.81 14.36 -6.12
N SER A 150 5.59 15.36 -6.39
CA SER A 150 5.42 16.13 -7.64
C SER A 150 5.56 15.19 -8.84
N THR A 151 5.81 13.94 -8.59
CA THR A 151 5.97 12.97 -9.72
C THR A 151 4.61 12.47 -10.19
N GLU A 152 3.64 12.35 -9.30
CA GLU A 152 2.30 11.87 -9.73
C GLU A 152 1.31 11.98 -8.56
N THR A 153 0.29 11.17 -8.56
CA THR A 153 -0.73 11.21 -7.47
C THR A 153 -0.64 9.92 -6.65
N ALA A 154 -0.50 8.80 -7.32
CA ALA A 154 -0.39 7.49 -6.61
C ALA A 154 1.07 7.03 -6.65
N MET A 155 1.44 6.07 -5.86
CA MET A 155 2.85 5.62 -5.87
C MET A 155 2.99 4.26 -5.19
N LEU A 156 3.72 3.36 -5.79
CA LEU A 156 3.92 2.01 -5.19
C LEU A 156 5.16 2.03 -4.31
N PHE A 157 5.02 1.71 -3.06
CA PHE A 157 6.20 1.73 -2.15
C PHE A 157 7.18 0.62 -2.55
N GLY A 158 6.71 -0.59 -2.63
CA GLY A 158 7.64 -1.70 -3.01
C GLY A 158 6.85 -2.99 -3.21
N GLU A 159 7.51 -4.12 -3.17
CA GLU A 159 6.80 -5.41 -3.37
C GLU A 159 7.53 -6.54 -2.61
N LEU A 160 6.89 -7.67 -2.47
CA LEU A 160 7.51 -8.83 -1.77
C LEU A 160 7.36 -10.07 -2.66
N TYR A 161 8.34 -10.93 -2.72
CA TYR A 161 8.23 -12.14 -3.59
C TYR A 161 8.95 -13.32 -2.92
N ARG A 162 8.70 -14.51 -3.40
CA ARG A 162 9.36 -15.71 -2.81
C ARG A 162 10.59 -16.10 -3.62
N HIS A 163 11.62 -16.54 -2.95
CA HIS A 163 12.89 -16.94 -3.64
C HIS A 163 13.13 -18.44 -3.41
N ASN A 164 14.24 -18.78 -2.81
CA ASN A 164 14.53 -20.21 -2.55
C ASN A 164 13.64 -20.72 -1.42
N GLY A 165 12.36 -20.52 -1.53
CA GLY A 165 11.43 -20.99 -0.46
C GLY A 165 11.43 -19.98 0.69
N GLU A 166 12.03 -18.83 0.49
CA GLU A 166 12.08 -17.78 1.56
C GLU A 166 11.57 -16.46 1.00
N TRP A 167 10.82 -15.73 1.77
CA TRP A 167 10.29 -14.42 1.28
C TRP A 167 11.45 -13.44 1.09
N LYS A 168 11.32 -12.52 0.18
CA LYS A 168 12.41 -11.52 -0.04
C LYS A 168 11.80 -10.21 -0.53
N PHE A 169 12.17 -9.11 0.08
CA PHE A 169 11.61 -7.79 -0.34
C PHE A 169 12.49 -7.18 -1.42
N ARG A 170 11.93 -6.32 -2.24
CA ARG A 170 12.73 -5.68 -3.32
C ARG A 170 12.04 -4.38 -3.74
N ALA A 171 12.63 -3.25 -3.43
CA ALA A 171 12.02 -1.96 -3.80
C ALA A 171 11.83 -1.90 -5.32
N VAL A 172 10.89 -1.12 -5.79
CA VAL A 172 10.64 -1.03 -7.26
C VAL A 172 10.53 0.45 -7.67
N GLY A 173 9.88 1.25 -6.87
CA GLY A 173 9.75 2.69 -7.22
C GLY A 173 8.90 2.85 -8.48
N GLN A 174 7.62 2.76 -8.34
CA GLN A 174 6.71 2.90 -9.52
C GLN A 174 5.42 3.59 -9.07
N GLY A 175 4.60 4.02 -9.97
CA GLY A 175 3.33 4.70 -9.57
C GLY A 175 2.33 4.72 -10.72
N TYR A 176 1.24 5.42 -10.56
CA TYR A 176 0.21 5.47 -11.63
C TYR A 176 -0.52 6.82 -11.56
N ALA A 177 -1.13 7.24 -12.64
CA ALA A 177 -1.86 8.54 -12.62
C ALA A 177 -2.89 8.54 -11.48
N GLY A 178 -3.05 7.43 -10.82
CA GLY A 178 -4.04 7.36 -9.69
C GLY A 178 -5.39 6.91 -10.24
N GLY A 179 -5.65 5.63 -10.25
CA GLY A 179 -6.95 5.13 -10.77
C GLY A 179 -7.21 3.72 -10.22
N LEU A 180 -7.72 3.63 -9.02
CA LEU A 180 -7.98 2.28 -8.44
C LEU A 180 -8.72 1.41 -9.46
N ALA A 181 -9.23 2.00 -10.51
CA ALA A 181 -9.95 1.20 -11.54
C ALA A 181 -8.94 0.43 -12.40
N SER A 182 -7.96 1.12 -12.92
CA SER A 182 -6.94 0.44 -13.77
C SER A 182 -5.80 -0.07 -12.90
N VAL A 183 -5.37 0.72 -11.95
CA VAL A 183 -4.25 0.29 -11.07
C VAL A 183 -4.57 -1.06 -10.43
N CYS A 184 -5.82 -1.43 -10.36
CA CYS A 184 -6.18 -2.74 -9.74
C CYS A 184 -6.07 -3.85 -10.77
N ALA A 185 -6.73 -3.71 -11.90
CA ALA A 185 -6.65 -4.76 -12.95
C ALA A 185 -5.32 -4.64 -13.70
N GLN A 186 -4.65 -3.53 -13.57
CA GLN A 186 -3.35 -3.35 -14.28
C GLN A 186 -2.34 -4.38 -13.76
N TYR A 187 -2.49 -4.80 -12.53
CA TYR A 187 -1.53 -5.80 -11.98
C TYR A 187 -1.80 -7.16 -12.63
N GLY A 188 -2.91 -7.30 -13.30
CA GLY A 188 -3.23 -8.60 -13.96
C GLY A 188 -4.19 -8.35 -15.12
N ILE A 189 -3.97 -7.30 -15.87
CA ILE A 189 -4.88 -7.02 -17.02
C ILE A 189 -4.54 -7.96 -18.18
N ASN A 190 -5.49 -8.22 -19.04
CA ASN A 190 -5.22 -9.12 -20.19
C ASN A 190 -4.46 -8.37 -21.27
N ALA A 191 -3.33 -8.87 -21.68
CA ALA A 191 -2.53 -8.18 -22.74
C ALA A 191 -3.11 -8.52 -24.11
N SER A 192 -4.41 -8.65 -24.21
CA SER A 192 -5.03 -8.99 -25.52
C SER A 192 -4.98 -7.76 -26.43
N SER A 19 13.01 -14.33 9.96
CA SER A 19 13.22 -13.59 8.70
C SER A 19 12.10 -12.55 8.53
N MET A 20 10.93 -12.98 8.15
CA MET A 20 9.81 -12.01 7.96
C MET A 20 8.47 -12.78 8.00
N LYS A 21 8.32 -13.69 8.92
CA LYS A 21 7.06 -14.46 9.01
C LYS A 21 5.87 -13.49 9.04
N ASN A 22 6.13 -12.24 9.29
CA ASN A 22 5.02 -11.23 9.33
C ASN A 22 5.51 -9.89 8.80
N VAL A 23 4.82 -9.33 7.86
CA VAL A 23 5.21 -8.01 7.29
C VAL A 23 4.18 -6.98 7.71
N LEU A 24 4.57 -5.74 7.82
CA LEU A 24 3.60 -4.69 8.24
C LEU A 24 3.96 -3.35 7.60
N VAL A 25 3.12 -2.87 6.71
CA VAL A 25 3.40 -1.57 6.05
C VAL A 25 2.86 -0.46 6.93
N GLY A 26 3.44 0.71 6.88
CA GLY A 26 2.95 1.84 7.74
C GLY A 26 3.02 3.15 6.97
N LEU A 27 1.89 3.76 6.75
CA LEU A 27 1.84 5.07 6.03
C LEU A 27 1.43 6.14 7.04
N GLY A 28 2.12 7.26 7.07
CA GLY A 28 1.75 8.31 8.06
C GLY A 28 2.07 9.69 7.51
N TRP A 29 1.35 10.69 7.94
CA TRP A 29 1.61 12.06 7.44
C TRP A 29 1.00 13.08 8.40
N ASP A 30 1.55 14.26 8.44
CA ASP A 30 1.02 15.31 9.36
C ASP A 30 -0.20 15.99 8.73
N ALA A 31 -1.31 15.98 9.41
CA ALA A 31 -2.54 16.63 8.86
C ALA A 31 -2.56 18.10 9.27
N ARG A 32 -2.80 18.98 8.33
CA ARG A 32 -2.84 20.44 8.65
C ARG A 32 -4.27 20.85 8.99
N SER A 33 -4.55 21.10 10.25
CA SER A 33 -5.93 21.51 10.65
C SER A 33 -6.01 23.04 10.67
N THR A 34 -7.00 23.59 10.03
CA THR A 34 -7.14 25.08 10.01
C THR A 34 -8.61 25.44 9.80
N ASP A 35 -9.29 24.71 8.97
CA ASP A 35 -10.74 25.02 8.72
C ASP A 35 -11.43 23.77 8.18
N GLY A 36 -11.17 22.63 8.79
CA GLY A 36 -11.82 21.37 8.31
C GLY A 36 -11.06 20.83 7.09
N GLN A 37 -10.27 21.66 6.47
CA GLN A 37 -9.51 21.19 5.27
C GLN A 37 -8.29 20.39 5.75
N ASP A 38 -8.08 19.23 5.20
CA ASP A 38 -6.91 18.40 5.60
C ASP A 38 -6.57 17.41 4.49
N PHE A 39 -5.46 16.72 4.60
CA PHE A 39 -5.07 15.74 3.55
C PHE A 39 -5.52 14.35 3.97
N ASP A 40 -5.88 13.52 3.02
CA ASP A 40 -6.34 12.13 3.35
C ASP A 40 -5.81 11.15 2.32
N LEU A 41 -4.74 10.46 2.61
CA LEU A 41 -4.19 9.47 1.65
C LEU A 41 -4.91 8.13 1.84
N ASP A 42 -4.81 7.24 0.88
CA ASP A 42 -5.49 5.91 0.99
C ASP A 42 -4.49 4.80 0.66
N ALA A 43 -4.37 3.84 1.54
CA ALA A 43 -3.41 2.70 1.28
C ALA A 43 -4.20 1.52 0.71
N SER A 44 -3.58 0.75 -0.15
CA SER A 44 -4.29 -0.42 -0.75
C SER A 44 -3.28 -1.52 -1.07
N ALA A 45 -3.75 -2.70 -1.38
CA ALA A 45 -2.84 -3.83 -1.71
C ALA A 45 -3.52 -4.75 -2.72
N PHE A 46 -2.82 -5.13 -3.77
CA PHE A 46 -3.44 -6.04 -4.80
C PHE A 46 -2.72 -7.38 -4.78
N LEU A 47 -3.46 -8.45 -4.80
CA LEU A 47 -2.83 -9.81 -4.79
C LEU A 47 -2.45 -10.18 -6.22
N LEU A 48 -1.41 -10.95 -6.39
CA LEU A 48 -1.01 -11.37 -7.77
C LEU A 48 -0.42 -12.78 -7.72
N ALA A 49 -0.89 -13.66 -8.56
CA ALA A 49 -0.35 -15.05 -8.56
C ALA A 49 1.02 -15.08 -9.25
N ALA A 50 1.72 -16.18 -9.15
CA ALA A 50 3.07 -16.27 -9.80
C ALA A 50 2.89 -16.68 -11.26
N ASN A 51 1.67 -16.94 -11.68
CA ASN A 51 1.43 -17.34 -13.09
C ASN A 51 1.55 -16.11 -13.99
N GLY A 52 1.67 -14.94 -13.41
CA GLY A 52 1.79 -13.70 -14.23
C GLY A 52 0.45 -12.96 -14.22
N LYS A 53 -0.55 -13.54 -13.61
CA LYS A 53 -1.89 -12.88 -13.58
C LYS A 53 -2.56 -13.19 -12.23
N VAL A 54 -3.19 -12.22 -11.64
CA VAL A 54 -3.86 -12.47 -10.34
C VAL A 54 -5.02 -13.43 -10.54
N ARG A 55 -5.25 -14.29 -9.60
CA ARG A 55 -6.39 -15.24 -9.73
C ARG A 55 -7.68 -14.42 -9.61
N GLY A 56 -7.54 -13.12 -9.58
CA GLY A 56 -8.75 -12.25 -9.47
C GLY A 56 -8.36 -10.93 -8.77
N ASP A 57 -8.11 -9.90 -9.53
CA ASP A 57 -7.73 -8.60 -8.92
C ASP A 57 -8.74 -8.25 -7.82
N ALA A 58 -9.98 -8.57 -8.05
CA ALA A 58 -11.03 -8.26 -7.04
C ALA A 58 -10.68 -8.89 -5.69
N ASP A 59 -9.57 -9.58 -5.63
CA ASP A 59 -9.17 -10.21 -4.34
C ASP A 59 -8.34 -9.19 -3.55
N PHE A 60 -8.58 -7.93 -3.80
CA PHE A 60 -7.82 -6.86 -3.08
C PHE A 60 -8.54 -6.50 -1.79
N ILE A 61 -7.79 -6.36 -0.73
CA ILE A 61 -8.39 -6.00 0.59
C ILE A 61 -8.37 -4.49 0.77
N PHE A 62 -9.42 -3.96 1.32
CA PHE A 62 -9.49 -2.48 1.54
C PHE A 62 -10.47 -2.20 2.68
N TYR A 63 -11.02 -1.02 2.72
CA TYR A 63 -11.99 -0.67 3.81
C TYR A 63 -13.19 -1.61 3.74
N ASN A 64 -13.64 -1.93 2.55
CA ASN A 64 -14.82 -2.83 2.41
C ASN A 64 -14.44 -4.23 2.93
N ASN A 65 -13.27 -4.37 3.48
CA ASN A 65 -12.84 -5.71 4.00
C ASN A 65 -11.78 -5.50 5.09
N LEU A 66 -12.17 -5.62 6.33
CA LEU A 66 -11.20 -5.43 7.44
C LEU A 66 -10.03 -6.41 7.26
N LYS A 67 -10.28 -7.58 6.76
CA LYS A 67 -9.18 -8.57 6.59
C LYS A 67 -9.65 -9.70 5.67
N SER A 68 -8.73 -10.46 5.13
CA SER A 68 -9.12 -11.58 4.23
C SER A 68 -9.44 -12.82 5.08
N ALA A 69 -10.20 -13.73 4.56
CA ALA A 69 -10.55 -14.96 5.34
C ALA A 69 -9.40 -15.96 5.23
N ASP A 70 -8.90 -16.17 4.03
CA ASP A 70 -7.79 -17.15 3.81
C ASP A 70 -6.56 -16.39 3.31
N GLY A 71 -6.72 -15.14 2.95
CA GLY A 71 -5.55 -14.36 2.44
C GLY A 71 -4.60 -14.05 3.59
N SER A 72 -5.02 -14.27 4.80
CA SER A 72 -4.13 -14.00 5.96
C SER A 72 -3.73 -12.52 5.97
N VAL A 73 -4.44 -11.70 5.23
CA VAL A 73 -4.11 -10.24 5.18
C VAL A 73 -4.95 -9.50 6.22
N THR A 74 -4.45 -8.41 6.74
CA THR A 74 -5.23 -7.65 7.78
C THR A 74 -4.92 -6.15 7.67
N HIS A 75 -5.91 -5.36 7.35
CA HIS A 75 -5.71 -3.89 7.26
C HIS A 75 -6.04 -3.24 8.60
N THR A 76 -5.18 -2.40 9.11
CA THR A 76 -5.46 -1.75 10.42
C THR A 76 -6.66 -0.81 10.27
N GLY A 77 -6.66 0.03 9.27
CA GLY A 77 -7.79 0.97 9.09
C GLY A 77 -7.36 2.16 8.24
N ASP A 78 -8.20 2.62 7.36
CA ASP A 78 -7.85 3.78 6.49
C ASP A 78 -8.24 5.08 7.20
N ASN A 79 -7.28 5.85 7.61
CA ASN A 79 -7.60 7.13 8.31
C ASN A 79 -8.42 8.03 7.37
N ARG A 80 -8.64 9.25 7.76
CA ARG A 80 -9.43 10.18 6.89
C ARG A 80 -8.87 11.60 7.03
N THR A 81 -7.77 11.76 7.69
CA THR A 81 -7.17 13.11 7.86
C THR A 81 -5.67 12.99 8.12
N GLY A 82 -5.27 11.96 8.84
CA GLY A 82 -3.82 11.76 9.14
C GLY A 82 -3.57 11.97 10.64
N GLU A 83 -4.61 12.25 11.38
CA GLU A 83 -4.43 12.47 12.84
C GLU A 83 -3.81 11.22 13.47
N GLY A 84 -2.65 11.37 14.05
CA GLY A 84 -1.97 10.20 14.69
C GLY A 84 -0.45 10.37 14.57
N ASP A 85 0.24 10.43 15.68
CA ASP A 85 1.72 10.59 15.63
C ASP A 85 2.38 9.24 15.36
N GLY A 86 2.13 8.66 14.21
CA GLY A 86 2.73 7.34 13.89
C GLY A 86 2.22 6.86 12.53
N ASP A 87 2.41 5.61 12.23
CA ASP A 87 1.92 5.06 10.92
C ASP A 87 0.40 5.14 10.88
N ASP A 88 -0.14 6.07 10.14
CA ASP A 88 -1.62 6.19 10.05
C ASP A 88 -2.21 4.88 9.52
N GLU A 89 -2.16 4.67 8.23
CA GLU A 89 -2.72 3.41 7.66
C GLU A 89 -1.63 2.33 7.67
N SER A 90 -2.01 1.08 7.68
CA SER A 90 -0.99 0.00 7.71
C SER A 90 -1.62 -1.32 7.27
N LEU A 91 -0.82 -2.27 6.85
CA LEU A 91 -1.37 -3.59 6.39
C LEU A 91 -0.46 -4.71 6.92
N LYS A 92 -1.00 -5.60 7.73
CA LYS A 92 -0.18 -6.72 8.28
C LYS A 92 -0.38 -7.97 7.43
N ILE A 93 0.63 -8.36 6.69
CA ILE A 93 0.51 -9.57 5.82
C ILE A 93 1.19 -10.77 6.50
N LYS A 94 0.41 -11.69 7.00
CA LYS A 94 1.00 -12.88 7.66
C LYS A 94 1.30 -13.93 6.59
N LEU A 95 2.37 -13.76 5.87
CA LEU A 95 2.71 -14.73 4.79
C LEU A 95 2.98 -16.10 5.41
N ASP A 96 3.18 -16.15 6.70
CA ASP A 96 3.44 -17.47 7.36
C ASP A 96 2.23 -18.38 7.17
N ALA A 97 1.22 -17.90 6.50
CA ALA A 97 0.00 -18.74 6.26
C ALA A 97 -0.57 -18.42 4.87
N VAL A 98 0.27 -17.97 3.98
CA VAL A 98 -0.20 -17.63 2.60
C VAL A 98 -0.80 -18.90 1.95
N PRO A 99 -1.94 -18.81 1.30
CA PRO A 99 -2.57 -19.99 0.63
C PRO A 99 -1.85 -20.33 -0.68
N GLY A 100 -2.38 -21.25 -1.44
CA GLY A 100 -1.74 -21.62 -2.73
C GLY A 100 -2.34 -20.81 -3.87
N ASP A 101 -3.09 -19.78 -3.54
CA ASP A 101 -3.73 -18.94 -4.59
C ASP A 101 -2.81 -17.76 -4.92
N VAL A 102 -2.53 -16.92 -3.96
CA VAL A 102 -1.66 -15.75 -4.23
C VAL A 102 -0.18 -16.14 -4.09
N ASP A 103 0.69 -15.51 -4.84
CA ASP A 103 2.14 -15.83 -4.77
C ASP A 103 2.94 -14.53 -4.72
N LYS A 104 2.46 -13.50 -5.37
CA LYS A 104 3.18 -12.18 -5.36
C LYS A 104 2.19 -11.09 -4.89
N ILE A 105 2.65 -10.16 -4.09
CA ILE A 105 1.75 -9.07 -3.58
C ILE A 105 2.39 -7.70 -3.82
N ILE A 106 1.59 -6.68 -3.93
CA ILE A 106 2.11 -5.30 -4.15
C ILE A 106 1.31 -4.30 -3.31
N PHE A 107 1.88 -3.16 -3.03
CA PHE A 107 1.17 -2.14 -2.20
C PHE A 107 1.35 -0.76 -2.84
N VAL A 108 0.32 0.06 -2.84
CA VAL A 108 0.42 1.41 -3.45
C VAL A 108 -0.31 2.44 -2.58
N VAL A 109 0.04 3.70 -2.71
CA VAL A 109 -0.64 4.77 -1.92
C VAL A 109 -1.20 5.80 -2.90
N THR A 110 -2.48 6.10 -2.80
CA THR A 110 -3.11 7.09 -3.74
C THR A 110 -3.76 8.23 -2.97
N ILE A 111 -3.67 9.42 -3.48
CA ILE A 111 -4.28 10.60 -2.77
C ILE A 111 -5.81 10.53 -2.95
N HIS A 112 -6.54 10.72 -1.89
CA HIS A 112 -8.04 10.67 -1.99
C HIS A 112 -8.60 12.08 -2.16
N ASP A 113 -8.30 12.96 -1.24
CA ASP A 113 -8.82 14.36 -1.34
C ASP A 113 -8.57 14.90 -2.74
N ALA A 114 -7.68 14.30 -3.47
CA ALA A 114 -7.38 14.78 -4.85
C ALA A 114 -8.68 14.97 -5.62
N GLN A 115 -9.51 13.97 -5.66
CA GLN A 115 -10.80 14.09 -6.41
C GLN A 115 -11.58 15.29 -5.86
N ALA A 116 -11.35 15.66 -4.62
CA ALA A 116 -12.11 16.80 -4.04
C ALA A 116 -11.36 18.13 -4.25
N ARG A 117 -10.12 18.22 -3.85
CA ARG A 117 -9.33 19.49 -4.02
C ARG A 117 -8.22 19.33 -5.05
N ARG A 118 -8.04 18.14 -5.57
CA ARG A 118 -6.96 17.93 -6.57
C ARG A 118 -5.62 18.39 -5.97
N GLN A 119 -4.88 17.47 -5.41
CA GLN A 119 -3.57 17.84 -4.80
C GLN A 119 -2.68 16.59 -4.70
N SER A 120 -1.39 16.77 -4.73
CA SER A 120 -0.46 15.61 -4.63
C SER A 120 0.10 15.51 -3.22
N PHE A 121 0.55 14.34 -2.82
CA PHE A 121 1.10 14.18 -1.44
C PHE A 121 2.04 15.35 -1.13
N GLY A 122 2.71 15.87 -2.13
CA GLY A 122 3.65 17.00 -1.90
C GLY A 122 2.91 18.15 -1.21
N GLN A 123 1.69 18.38 -1.58
CA GLN A 123 0.92 19.49 -0.94
C GLN A 123 0.82 19.23 0.57
N VAL A 124 1.14 18.04 1.00
CA VAL A 124 1.06 17.73 2.45
C VAL A 124 2.29 18.31 3.16
N SER A 125 2.27 18.38 4.46
CA SER A 125 3.43 18.94 5.20
C SER A 125 4.63 18.00 5.06
N GLY A 126 4.40 16.74 4.80
CA GLY A 126 5.53 15.79 4.66
C GLY A 126 5.06 14.36 4.97
N ALA A 127 4.41 13.72 4.03
CA ALA A 127 3.92 12.34 4.28
C ALA A 127 5.11 11.37 4.19
N PHE A 128 4.95 10.16 4.66
CA PHE A 128 6.09 9.19 4.59
C PHE A 128 5.57 7.74 4.65
N ILE A 129 6.13 6.89 3.84
CA ILE A 129 5.73 5.45 3.83
C ILE A 129 6.78 4.66 4.62
N ARG A 130 6.40 3.61 5.29
CA ARG A 130 7.39 2.82 6.08
C ARG A 130 7.08 1.32 5.98
N LEU A 131 8.05 0.48 6.23
CA LEU A 131 7.81 -0.99 6.16
C LEU A 131 8.62 -1.69 7.26
N VAL A 132 7.95 -2.34 8.18
CA VAL A 132 8.66 -3.05 9.29
C VAL A 132 8.21 -4.51 9.31
N ASN A 133 9.08 -5.40 9.66
CA ASN A 133 8.69 -6.82 9.74
C ASN A 133 8.08 -7.09 11.11
N ASP A 134 6.78 -7.17 11.19
CA ASP A 134 6.14 -7.42 12.51
C ASP A 134 6.77 -8.66 13.14
N ASP A 135 7.55 -9.37 12.37
CA ASP A 135 8.22 -10.60 12.90
C ASP A 135 9.55 -10.23 13.56
N ASN A 136 10.37 -9.48 12.87
CA ASN A 136 11.70 -9.10 13.45
C ASN A 136 11.54 -7.81 14.27
N GLN A 137 10.47 -7.09 14.08
CA GLN A 137 10.26 -5.84 14.86
C GLN A 137 11.42 -4.86 14.61
N THR A 138 11.71 -4.60 13.37
CA THR A 138 12.83 -3.65 13.04
C THR A 138 12.54 -2.98 11.69
N GLU A 139 12.66 -1.68 11.64
CA GLU A 139 12.40 -0.96 10.35
C GLU A 139 13.07 -1.68 9.19
N VAL A 140 12.57 -1.51 8.00
CA VAL A 140 13.19 -2.21 6.81
C VAL A 140 13.23 -1.26 5.60
N ALA A 141 12.26 -0.38 5.47
CA ALA A 141 12.28 0.54 4.29
C ALA A 141 11.51 1.83 4.61
N ARG A 142 11.79 2.88 3.89
CA ARG A 142 11.08 4.17 4.11
C ARG A 142 11.15 5.01 2.84
N TYR A 143 10.02 5.40 2.30
CA TYR A 143 10.01 6.21 1.04
C TYR A 143 9.70 7.67 1.38
N ASP A 144 10.25 8.60 0.63
CA ASP A 144 10.00 10.05 0.89
C ASP A 144 9.14 10.62 -0.25
N LEU A 145 7.88 10.82 -0.02
CA LEU A 145 7.00 11.36 -1.09
C LEU A 145 7.33 12.83 -1.32
N THR A 146 7.84 13.51 -0.33
CA THR A 146 8.18 14.95 -0.52
C THR A 146 8.95 15.12 -1.82
N GLU A 147 9.75 14.14 -2.17
CA GLU A 147 10.54 14.21 -3.44
C GLU A 147 9.79 13.47 -4.55
N ASP A 148 9.25 12.32 -4.25
CA ASP A 148 8.51 11.55 -5.29
C ASP A 148 7.06 12.02 -5.38
N ALA A 149 6.74 13.12 -4.76
CA ALA A 149 5.34 13.63 -4.79
C ALA A 149 5.08 14.39 -6.10
N SER A 150 5.96 15.30 -6.43
CA SER A 150 5.77 16.10 -7.66
C SER A 150 5.67 15.18 -8.90
N THR A 151 5.69 13.89 -8.71
CA THR A 151 5.61 12.98 -9.90
C THR A 151 4.15 12.71 -10.27
N GLU A 152 3.26 12.64 -9.31
CA GLU A 152 1.83 12.38 -9.64
C GLU A 152 0.97 12.46 -8.37
N THR A 153 -0.03 11.62 -8.30
CA THR A 153 -0.94 11.59 -7.11
C THR A 153 -1.09 10.13 -6.66
N ALA A 154 -0.44 9.22 -7.35
CA ALA A 154 -0.53 7.79 -6.99
C ALA A 154 0.75 7.09 -7.44
N MET A 155 1.23 6.13 -6.69
CA MET A 155 2.47 5.42 -7.09
C MET A 155 2.63 4.14 -6.28
N LEU A 156 3.38 3.20 -6.79
CA LEU A 156 3.58 1.92 -6.05
C LEU A 156 4.73 2.08 -5.06
N PHE A 157 4.48 1.88 -3.80
CA PHE A 157 5.56 2.03 -2.79
C PHE A 157 6.60 0.92 -2.99
N GLY A 158 6.19 -0.32 -2.97
CA GLY A 158 7.17 -1.42 -3.16
C GLY A 158 6.45 -2.69 -3.62
N GLU A 159 7.13 -3.81 -3.55
CA GLU A 159 6.51 -5.10 -4.00
C GLU A 159 7.11 -6.26 -3.20
N LEU A 160 6.46 -7.40 -3.20
CA LEU A 160 7.00 -8.57 -2.45
C LEU A 160 6.79 -9.84 -3.30
N TYR A 161 7.72 -10.76 -3.26
CA TYR A 161 7.57 -12.01 -4.07
C TYR A 161 8.26 -13.17 -3.35
N ARG A 162 7.99 -14.38 -3.76
CA ARG A 162 8.61 -15.57 -3.10
C ARG A 162 9.91 -15.92 -3.80
N HIS A 163 10.82 -16.53 -3.09
CA HIS A 163 12.13 -16.91 -3.70
C HIS A 163 12.74 -18.07 -2.91
N ASN A 164 12.94 -19.20 -3.56
CA ASN A 164 13.53 -20.37 -2.85
C ASN A 164 12.71 -20.67 -1.60
N GLY A 165 11.43 -20.42 -1.65
CA GLY A 165 10.58 -20.70 -0.46
C GLY A 165 10.81 -19.62 0.60
N GLU A 166 11.41 -18.52 0.22
CA GLU A 166 11.67 -17.40 1.19
C GLU A 166 11.12 -16.09 0.62
N TRP A 167 10.36 -15.37 1.39
CA TRP A 167 9.79 -14.09 0.89
C TRP A 167 10.92 -13.07 0.68
N LYS A 168 10.74 -12.15 -0.22
CA LYS A 168 11.80 -11.12 -0.47
C LYS A 168 11.12 -9.78 -0.79
N PHE A 169 11.89 -8.75 -0.97
CA PHE A 169 11.29 -7.41 -1.27
C PHE A 169 12.10 -6.72 -2.37
N ARG A 170 11.43 -6.07 -3.29
CA ARG A 170 12.14 -5.38 -4.41
C ARG A 170 11.45 -4.03 -4.68
N ALA A 171 12.13 -2.94 -4.46
CA ALA A 171 11.52 -1.61 -4.70
C ALA A 171 11.43 -1.34 -6.19
N VAL A 172 10.50 -0.52 -6.61
CA VAL A 172 10.36 -0.20 -8.07
C VAL A 172 9.89 1.25 -8.22
N GLY A 173 9.05 1.71 -7.33
CA GLY A 173 8.56 3.11 -7.42
C GLY A 173 8.01 3.36 -8.82
N GLN A 174 6.80 2.92 -9.07
CA GLN A 174 6.17 3.13 -10.42
C GLN A 174 5.09 4.20 -10.31
N GLY A 175 5.37 5.39 -10.78
CA GLY A 175 4.36 6.49 -10.69
C GLY A 175 3.37 6.37 -11.87
N TYR A 176 2.11 6.53 -11.61
CA TYR A 176 1.10 6.43 -12.71
C TYR A 176 -0.10 7.33 -12.37
N ALA A 177 -0.73 7.89 -13.38
CA ALA A 177 -1.91 8.78 -13.14
C ALA A 177 -3.20 7.99 -13.38
N GLY A 178 -3.12 6.68 -13.39
CA GLY A 178 -4.33 5.86 -13.62
C GLY A 178 -5.35 6.13 -12.51
N GLY A 179 -5.72 5.12 -11.77
CA GLY A 179 -6.71 5.31 -10.68
C GLY A 179 -6.62 4.15 -9.69
N LEU A 180 -6.78 4.44 -8.42
CA LEU A 180 -6.69 3.35 -7.40
C LEU A 180 -7.53 2.15 -7.84
N ALA A 181 -8.57 2.39 -8.60
CA ALA A 181 -9.43 1.26 -9.06
C ALA A 181 -8.85 0.66 -10.34
N SER A 182 -8.14 1.44 -11.10
CA SER A 182 -7.53 0.90 -12.35
C SER A 182 -6.27 0.11 -12.03
N VAL A 183 -5.36 0.70 -11.32
CA VAL A 183 -4.09 -0.02 -10.98
C VAL A 183 -4.43 -1.35 -10.31
N CYS A 184 -5.61 -1.48 -9.77
CA CYS A 184 -5.98 -2.77 -9.11
C CYS A 184 -6.41 -3.81 -10.15
N ALA A 185 -7.37 -3.48 -10.97
CA ALA A 185 -7.83 -4.45 -12.00
C ALA A 185 -6.90 -4.40 -13.21
N GLN A 186 -6.10 -3.38 -13.32
CA GLN A 186 -5.18 -3.28 -14.49
C GLN A 186 -4.02 -4.27 -14.33
N TYR A 187 -3.63 -4.58 -13.13
CA TYR A 187 -2.50 -5.54 -12.93
C TYR A 187 -2.98 -6.95 -13.28
N GLY A 188 -4.26 -7.18 -13.29
CA GLY A 188 -4.78 -8.53 -13.64
C GLY A 188 -4.93 -8.65 -15.16
N ILE A 189 -5.39 -7.61 -15.80
CA ILE A 189 -5.55 -7.67 -17.29
C ILE A 189 -4.18 -7.55 -17.95
N ASN A 190 -3.95 -8.27 -19.02
CA ASN A 190 -2.63 -8.18 -19.71
C ASN A 190 -2.59 -6.90 -20.54
N ALA A 191 -1.82 -5.93 -20.11
CA ALA A 191 -1.72 -4.65 -20.88
C ALA A 191 -0.75 -4.84 -22.05
N SER A 192 -0.43 -6.06 -22.38
CA SER A 192 0.51 -6.30 -23.51
C SER A 192 1.80 -5.51 -23.28
N SER A 19 13.21 -14.31 4.92
CA SER A 19 12.39 -15.21 5.77
C SER A 19 11.38 -14.39 6.59
N MET A 20 11.11 -13.20 6.15
CA MET A 20 10.14 -12.34 6.90
C MET A 20 8.86 -13.14 7.18
N LYS A 21 8.71 -13.63 8.39
CA LYS A 21 7.49 -14.42 8.72
C LYS A 21 6.31 -13.46 8.88
N ASN A 22 6.56 -12.20 9.07
CA ASN A 22 5.45 -11.22 9.24
C ASN A 22 5.84 -9.88 8.62
N VAL A 23 4.89 -9.13 8.13
CA VAL A 23 5.19 -7.81 7.50
C VAL A 23 4.19 -6.78 8.01
N LEU A 24 4.58 -5.52 8.08
CA LEU A 24 3.64 -4.47 8.57
C LEU A 24 3.97 -3.14 7.89
N VAL A 25 3.05 -2.63 7.12
CA VAL A 25 3.28 -1.32 6.42
C VAL A 25 2.90 -0.18 7.35
N GLY A 26 3.52 0.96 7.20
CA GLY A 26 3.21 2.13 8.08
C GLY A 26 3.12 3.40 7.24
N LEU A 27 1.96 4.02 7.22
CA LEU A 27 1.76 5.28 6.43
C LEU A 27 1.22 6.35 7.37
N GLY A 28 1.76 7.53 7.34
CA GLY A 28 1.25 8.59 8.26
C GLY A 28 1.55 9.98 7.66
N TRP A 29 0.75 10.95 8.01
CA TRP A 29 0.98 12.32 7.47
C TRP A 29 0.30 13.35 8.37
N ASP A 30 0.81 14.55 8.38
CA ASP A 30 0.21 15.61 9.24
C ASP A 30 -1.04 16.19 8.55
N ALA A 31 -2.13 16.26 9.26
CA ALA A 31 -3.39 16.82 8.67
C ALA A 31 -3.50 18.31 9.02
N ARG A 32 -4.23 19.05 8.24
CA ARG A 32 -4.39 20.52 8.52
C ARG A 32 -5.87 20.88 8.40
N SER A 33 -6.52 21.13 9.51
CA SER A 33 -7.98 21.50 9.48
C SER A 33 -8.11 23.03 9.50
N THR A 34 -8.88 23.57 8.60
CA THR A 34 -9.07 25.05 8.58
C THR A 34 -10.43 25.36 7.96
N ASP A 35 -10.52 25.37 6.66
CA ASP A 35 -11.81 25.66 5.99
C ASP A 35 -12.63 24.38 5.91
N GLY A 36 -12.38 23.44 6.79
CA GLY A 36 -13.14 22.16 6.76
C GLY A 36 -12.48 21.19 5.78
N GLN A 37 -11.46 21.63 5.11
CA GLN A 37 -10.76 20.74 4.13
C GLN A 37 -9.75 19.86 4.88
N ASP A 38 -9.22 18.86 4.23
CA ASP A 38 -8.24 17.97 4.90
C ASP A 38 -7.71 16.95 3.89
N PHE A 39 -6.54 16.40 4.14
CA PHE A 39 -5.95 15.40 3.19
C PHE A 39 -6.29 13.99 3.68
N ASP A 40 -6.58 13.09 2.78
CA ASP A 40 -6.92 11.69 3.18
C ASP A 40 -6.30 10.71 2.18
N LEU A 41 -5.19 10.12 2.51
CA LEU A 41 -4.54 9.14 1.59
C LEU A 41 -5.22 7.78 1.80
N ASP A 42 -5.04 6.86 0.87
CA ASP A 42 -5.66 5.51 1.00
C ASP A 42 -4.62 4.43 0.73
N ALA A 43 -4.37 3.59 1.71
CA ALA A 43 -3.36 2.49 1.53
C ALA A 43 -4.09 1.20 1.18
N SER A 44 -3.58 0.45 0.23
CA SER A 44 -4.25 -0.82 -0.17
C SER A 44 -3.19 -1.81 -0.65
N ALA A 45 -3.56 -3.07 -0.81
CA ALA A 45 -2.59 -4.10 -1.29
C ALA A 45 -3.24 -4.94 -2.37
N PHE A 46 -2.52 -5.21 -3.44
CA PHE A 46 -3.09 -6.04 -4.56
C PHE A 46 -2.33 -7.36 -4.65
N LEU A 47 -3.05 -8.44 -4.77
CA LEU A 47 -2.39 -9.79 -4.84
C LEU A 47 -1.89 -10.03 -6.27
N LEU A 48 -0.90 -10.88 -6.42
CA LEU A 48 -0.38 -11.18 -7.79
C LEU A 48 0.09 -12.65 -7.83
N ALA A 49 -0.31 -13.38 -8.83
CA ALA A 49 0.10 -14.81 -8.93
C ALA A 49 1.47 -14.90 -9.62
N ALA A 50 2.06 -16.07 -9.64
CA ALA A 50 3.39 -16.22 -10.30
C ALA A 50 3.17 -16.48 -11.80
N ASN A 51 1.95 -16.61 -12.22
CA ASN A 51 1.67 -16.85 -13.67
C ASN A 51 1.94 -15.57 -14.46
N GLY A 52 2.16 -14.48 -13.77
CA GLY A 52 2.42 -13.18 -14.47
C GLY A 52 1.15 -12.32 -14.39
N LYS A 53 0.10 -12.87 -13.86
CA LYS A 53 -1.18 -12.10 -13.74
C LYS A 53 -1.87 -12.50 -12.44
N VAL A 54 -2.50 -11.57 -11.77
CA VAL A 54 -3.17 -11.92 -10.50
C VAL A 54 -4.34 -12.86 -10.78
N ARG A 55 -4.56 -13.79 -9.90
CA ARG A 55 -5.69 -14.72 -10.10
C ARG A 55 -6.99 -13.91 -10.06
N GLY A 56 -6.86 -12.62 -9.91
CA GLY A 56 -8.07 -11.74 -9.85
C GLY A 56 -7.77 -10.52 -8.99
N ASP A 57 -7.46 -9.41 -9.61
CA ASP A 57 -7.15 -8.18 -8.82
C ASP A 57 -8.25 -7.96 -7.78
N ALA A 58 -9.46 -8.34 -8.11
CA ALA A 58 -10.59 -8.16 -7.17
C ALA A 58 -10.26 -8.83 -5.83
N ASP A 59 -9.14 -9.50 -5.74
CA ASP A 59 -8.76 -10.16 -4.46
C ASP A 59 -7.91 -9.19 -3.64
N PHE A 60 -8.10 -7.91 -3.85
CA PHE A 60 -7.31 -6.89 -3.10
C PHE A 60 -8.05 -6.50 -1.83
N ILE A 61 -7.35 -6.46 -0.73
CA ILE A 61 -7.99 -6.11 0.56
C ILE A 61 -8.22 -4.60 0.63
N PHE A 62 -9.38 -4.20 1.05
CA PHE A 62 -9.69 -2.75 1.14
C PHE A 62 -10.97 -2.56 1.96
N TYR A 63 -11.71 -1.53 1.68
CA TYR A 63 -12.97 -1.28 2.44
C TYR A 63 -13.93 -2.47 2.28
N ASN A 64 -13.53 -3.47 1.54
CA ASN A 64 -14.42 -4.65 1.35
C ASN A 64 -14.21 -5.65 2.49
N ASN A 65 -13.06 -5.61 3.11
CA ASN A 65 -12.80 -6.57 4.23
C ASN A 65 -11.70 -6.00 5.13
N LEU A 66 -12.04 -5.68 6.36
CA LEU A 66 -11.01 -5.12 7.29
C LEU A 66 -10.06 -6.25 7.72
N LYS A 67 -10.35 -7.46 7.33
CA LYS A 67 -9.47 -8.59 7.71
C LYS A 67 -9.75 -9.79 6.79
N SER A 68 -8.71 -10.44 6.33
CA SER A 68 -8.90 -11.61 5.43
C SER A 68 -9.11 -12.87 6.27
N ALA A 69 -10.01 -13.72 5.89
CA ALA A 69 -10.24 -14.97 6.67
C ALA A 69 -9.18 -16.00 6.33
N ASP A 70 -8.81 -16.09 5.08
CA ASP A 70 -7.76 -17.09 4.64
C ASP A 70 -6.54 -16.34 4.11
N GLY A 71 -6.63 -15.04 3.96
CA GLY A 71 -5.47 -14.26 3.44
C GLY A 71 -4.54 -13.88 4.59
N SER A 72 -4.98 -14.06 5.81
CA SER A 72 -4.11 -13.71 6.96
C SER A 72 -3.72 -12.24 6.88
N VAL A 73 -4.40 -11.48 6.05
CA VAL A 73 -4.07 -10.03 5.91
C VAL A 73 -4.94 -9.23 6.86
N THR A 74 -4.45 -8.12 7.37
CA THR A 74 -5.27 -7.30 8.30
C THR A 74 -4.95 -5.82 8.11
N HIS A 75 -5.95 -5.01 7.85
CA HIS A 75 -5.71 -3.54 7.65
C HIS A 75 -5.89 -2.82 8.99
N THR A 76 -4.94 -2.02 9.37
CA THR A 76 -5.05 -1.29 10.66
C THR A 76 -6.28 -0.39 10.63
N GLY A 77 -6.43 0.40 9.60
CA GLY A 77 -7.60 1.31 9.51
C GLY A 77 -7.29 2.47 8.57
N ASP A 78 -8.21 2.84 7.72
CA ASP A 78 -7.95 3.97 6.79
C ASP A 78 -8.24 5.30 7.50
N ASN A 79 -7.24 6.13 7.64
CA ASN A 79 -7.45 7.44 8.33
C ASN A 79 -8.10 8.43 7.36
N ARG A 80 -9.13 9.09 7.78
CA ARG A 80 -9.82 10.07 6.89
C ARG A 80 -9.09 11.42 6.95
N THR A 81 -8.06 11.50 7.76
CA THR A 81 -7.32 12.79 7.87
C THR A 81 -5.85 12.51 8.22
N GLY A 82 -5.59 11.46 8.96
CA GLY A 82 -4.18 11.13 9.33
C GLY A 82 -3.92 11.66 10.74
N GLU A 83 -4.94 12.01 11.47
CA GLU A 83 -4.76 12.53 12.84
C GLU A 83 -4.01 11.50 13.69
N GLY A 84 -2.78 11.78 14.04
CA GLY A 84 -1.99 10.81 14.86
C GLY A 84 -0.50 11.09 14.69
N ASP A 85 0.21 11.26 15.77
CA ASP A 85 1.67 11.52 15.67
C ASP A 85 2.42 10.21 15.44
N GLY A 86 2.29 9.64 14.27
CA GLY A 86 2.99 8.36 13.98
C GLY A 86 2.31 7.65 12.81
N ASP A 87 2.72 6.45 12.51
CA ASP A 87 2.10 5.71 11.38
C ASP A 87 0.57 5.75 11.53
N ASP A 88 -0.08 6.60 10.80
CA ASP A 88 -1.57 6.69 10.90
C ASP A 88 -2.18 5.38 10.40
N GLU A 89 -2.03 5.08 9.13
CA GLU A 89 -2.61 3.83 8.58
C GLU A 89 -1.52 2.74 8.53
N SER A 90 -1.90 1.52 8.28
CA SER A 90 -0.89 0.43 8.23
C SER A 90 -1.56 -0.85 7.72
N LEU A 91 -0.77 -1.86 7.43
CA LEU A 91 -1.36 -3.15 6.94
C LEU A 91 -0.48 -4.32 7.40
N LYS A 92 -1.04 -5.23 8.16
CA LYS A 92 -0.24 -6.41 8.64
C LYS A 92 -0.49 -7.59 7.70
N ILE A 93 0.56 -8.27 7.31
CA ILE A 93 0.40 -9.44 6.39
C ILE A 93 1.27 -10.61 6.87
N LYS A 94 0.66 -11.63 7.41
CA LYS A 94 1.45 -12.81 7.88
C LYS A 94 1.59 -13.79 6.72
N LEU A 95 2.59 -13.62 5.90
CA LEU A 95 2.76 -14.54 4.74
C LEU A 95 2.94 -15.97 5.25
N ASP A 96 3.27 -16.13 6.51
CA ASP A 96 3.45 -17.50 7.06
C ASP A 96 2.13 -18.28 6.92
N ALA A 97 1.11 -17.62 6.42
CA ALA A 97 -0.21 -18.30 6.24
C ALA A 97 -0.75 -17.97 4.84
N VAL A 98 0.14 -17.65 3.92
CA VAL A 98 -0.31 -17.32 2.54
C VAL A 98 -1.04 -18.53 1.93
N PRO A 99 -2.18 -18.34 1.28
CA PRO A 99 -2.93 -19.47 0.67
C PRO A 99 -2.24 -20.01 -0.58
N GLY A 100 -2.67 -21.14 -1.08
CA GLY A 100 -2.04 -21.73 -2.29
C GLY A 100 -2.65 -21.11 -3.55
N ASP A 101 -2.82 -19.81 -3.56
CA ASP A 101 -3.42 -19.13 -4.77
C ASP A 101 -2.67 -17.83 -5.05
N VAL A 102 -1.65 -17.54 -4.29
CA VAL A 102 -0.86 -16.28 -4.50
C VAL A 102 0.63 -16.60 -4.40
N ASP A 103 1.45 -15.88 -5.13
CA ASP A 103 2.93 -16.12 -5.08
C ASP A 103 3.66 -14.78 -4.91
N LYS A 104 2.95 -13.69 -4.98
CA LYS A 104 3.62 -12.36 -4.83
C LYS A 104 2.60 -11.36 -4.28
N ILE A 105 3.06 -10.29 -3.69
CA ILE A 105 2.14 -9.27 -3.11
C ILE A 105 2.72 -7.87 -3.35
N ILE A 106 1.88 -6.87 -3.42
CA ILE A 106 2.38 -5.49 -3.65
C ILE A 106 1.55 -4.50 -2.82
N PHE A 107 2.14 -3.39 -2.46
CA PHE A 107 1.43 -2.36 -1.65
C PHE A 107 1.62 -0.99 -2.31
N VAL A 108 0.56 -0.26 -2.50
CA VAL A 108 0.67 1.08 -3.16
C VAL A 108 -0.24 2.09 -2.46
N VAL A 109 0.18 3.33 -2.41
CA VAL A 109 -0.65 4.39 -1.76
C VAL A 109 -1.29 5.25 -2.85
N THR A 110 -2.48 5.71 -2.63
CA THR A 110 -3.17 6.55 -3.65
C THR A 110 -3.90 7.71 -2.97
N ILE A 111 -3.85 8.88 -3.57
CA ILE A 111 -4.54 10.06 -2.96
C ILE A 111 -6.05 9.91 -3.17
N HIS A 112 -6.85 10.36 -2.24
CA HIS A 112 -8.33 10.25 -2.38
C HIS A 112 -8.90 11.58 -2.87
N ASP A 113 -8.82 12.61 -2.08
CA ASP A 113 -9.37 13.94 -2.49
C ASP A 113 -8.91 14.26 -3.92
N ALA A 114 -7.89 13.58 -4.38
CA ALA A 114 -7.37 13.83 -5.75
C ALA A 114 -8.50 13.61 -6.76
N GLN A 115 -9.53 12.93 -6.39
CA GLN A 115 -10.64 12.68 -7.34
C GLN A 115 -11.41 13.98 -7.60
N ALA A 116 -11.99 14.54 -6.58
CA ALA A 116 -12.77 15.81 -6.76
C ALA A 116 -11.87 17.04 -6.54
N ARG A 117 -11.04 17.01 -5.54
CA ARG A 117 -10.17 18.21 -5.27
C ARG A 117 -8.92 18.19 -6.16
N ARG A 118 -8.57 17.06 -6.71
CA ARG A 118 -7.35 17.01 -7.56
C ARG A 118 -6.15 17.56 -6.79
N GLN A 119 -5.34 16.69 -6.23
CA GLN A 119 -4.16 17.16 -5.46
C GLN A 119 -3.21 15.98 -5.22
N SER A 120 -1.93 16.24 -5.19
CA SER A 120 -0.93 15.14 -4.96
C SER A 120 -0.49 15.16 -3.49
N PHE A 121 0.02 14.05 -3.01
CA PHE A 121 0.47 14.00 -1.59
C PHE A 121 1.29 15.25 -1.24
N GLY A 122 1.96 15.81 -2.21
CA GLY A 122 2.78 17.03 -1.94
C GLY A 122 1.89 18.11 -1.31
N GLN A 123 0.68 18.25 -1.80
CA GLN A 123 -0.21 19.29 -1.22
C GLN A 123 -0.27 19.12 0.30
N VAL A 124 0.18 18.00 0.79
CA VAL A 124 0.17 17.78 2.27
C VAL A 124 1.39 18.45 2.90
N SER A 125 1.42 18.54 4.20
CA SER A 125 2.58 19.19 4.88
C SER A 125 3.81 18.29 4.77
N GLY A 126 3.64 17.02 4.56
CA GLY A 126 4.81 16.11 4.45
C GLY A 126 4.42 14.70 4.89
N ALA A 127 3.81 13.95 4.00
CA ALA A 127 3.40 12.57 4.37
C ALA A 127 4.64 11.66 4.37
N PHE A 128 4.53 10.48 4.95
CA PHE A 128 5.70 9.57 4.99
C PHE A 128 5.25 8.11 5.00
N ILE A 129 5.83 7.32 4.13
CA ILE A 129 5.47 5.87 4.06
C ILE A 129 6.57 5.07 4.78
N ARG A 130 6.21 4.00 5.44
CA ARG A 130 7.24 3.19 6.17
C ARG A 130 6.89 1.71 6.10
N LEU A 131 7.90 0.86 6.18
CA LEU A 131 7.66 -0.61 6.12
C LEU A 131 8.56 -1.29 7.15
N VAL A 132 8.03 -2.23 7.89
CA VAL A 132 8.86 -2.94 8.92
C VAL A 132 8.40 -4.38 9.05
N ASN A 133 9.29 -5.25 9.45
CA ASN A 133 8.89 -6.67 9.62
C ASN A 133 8.40 -6.87 11.05
N ASP A 134 7.11 -6.92 11.24
CA ASP A 134 6.59 -7.12 12.63
C ASP A 134 7.09 -8.45 13.16
N ASP A 135 7.78 -9.18 12.32
CA ASP A 135 8.32 -10.51 12.76
C ASP A 135 9.49 -10.28 13.72
N ASN A 136 10.44 -9.48 13.33
CA ASN A 136 11.63 -9.19 14.19
C ASN A 136 11.73 -7.69 14.44
N GLN A 137 10.72 -6.95 14.05
CA GLN A 137 10.75 -5.48 14.25
C GLN A 137 11.98 -4.88 13.57
N THR A 138 12.28 -5.33 12.37
CA THR A 138 13.46 -4.80 11.62
C THR A 138 12.99 -3.79 10.59
N GLU A 139 13.11 -2.51 10.88
CA GLU A 139 12.66 -1.48 9.91
C GLU A 139 13.17 -1.81 8.51
N VAL A 140 12.33 -1.70 7.52
CA VAL A 140 12.75 -2.01 6.12
C VAL A 140 13.15 -0.72 5.40
N ALA A 141 12.24 0.20 5.23
CA ALA A 141 12.61 1.47 4.54
C ALA A 141 11.43 2.45 4.56
N ARG A 142 11.64 3.64 4.07
CA ARG A 142 10.55 4.66 4.06
C ARG A 142 10.70 5.53 2.81
N TYR A 143 9.63 5.72 2.07
CA TYR A 143 9.71 6.55 0.83
C TYR A 143 9.36 8.00 1.16
N ASP A 144 9.97 8.95 0.49
CA ASP A 144 9.68 10.39 0.76
C ASP A 144 8.78 10.94 -0.33
N LEU A 145 7.52 11.14 -0.05
CA LEU A 145 6.59 11.67 -1.08
C LEU A 145 6.88 13.15 -1.30
N THR A 146 7.28 13.86 -0.28
CA THR A 146 7.58 15.31 -0.46
C THR A 146 8.44 15.51 -1.71
N GLU A 147 9.25 14.53 -2.02
CA GLU A 147 10.13 14.63 -3.23
C GLU A 147 9.45 13.92 -4.41
N ASP A 148 8.90 12.75 -4.18
CA ASP A 148 8.23 12.00 -5.27
C ASP A 148 6.76 12.36 -5.35
N ALA A 149 6.36 13.44 -4.73
CA ALA A 149 4.93 13.84 -4.76
C ALA A 149 4.64 14.65 -6.03
N SER A 150 5.44 15.64 -6.30
CA SER A 150 5.21 16.48 -7.51
C SER A 150 5.27 15.62 -8.77
N THR A 151 5.45 14.32 -8.63
CA THR A 151 5.53 13.45 -9.83
C THR A 151 4.15 12.88 -10.19
N GLU A 152 3.30 12.62 -9.21
CA GLU A 152 1.96 12.05 -9.55
C GLU A 152 1.05 12.09 -8.32
N THR A 153 0.14 11.15 -8.24
CA THR A 153 -0.81 11.09 -7.09
C THR A 153 -0.76 9.67 -6.49
N ALA A 154 -0.51 8.68 -7.31
CA ALA A 154 -0.44 7.27 -6.81
C ALA A 154 0.95 6.71 -7.13
N MET A 155 1.41 5.77 -6.34
CA MET A 155 2.76 5.20 -6.60
C MET A 155 2.92 3.90 -5.81
N LEU A 156 3.81 3.04 -6.23
CA LEU A 156 4.02 1.74 -5.52
C LEU A 156 5.16 1.88 -4.53
N PHE A 157 4.92 1.57 -3.27
CA PHE A 157 6.00 1.68 -2.26
C PHE A 157 7.03 0.56 -2.48
N GLY A 158 6.58 -0.66 -2.51
CA GLY A 158 7.53 -1.79 -2.73
C GLY A 158 6.76 -3.08 -3.03
N GLU A 159 7.42 -4.21 -2.96
CA GLU A 159 6.73 -5.49 -3.26
C GLU A 159 7.40 -6.64 -2.48
N LEU A 160 6.74 -7.78 -2.41
CA LEU A 160 7.32 -8.95 -1.68
C LEU A 160 7.12 -10.20 -2.54
N TYR A 161 8.12 -11.05 -2.64
CA TYR A 161 7.97 -12.28 -3.48
C TYR A 161 8.60 -13.48 -2.74
N ARG A 162 8.26 -14.68 -3.14
CA ARG A 162 8.83 -15.89 -2.46
C ARG A 162 10.13 -16.31 -3.14
N HIS A 163 11.03 -16.88 -2.38
CA HIS A 163 12.33 -17.33 -2.97
C HIS A 163 12.86 -18.52 -2.15
N ASN A 164 13.10 -19.63 -2.80
CA ASN A 164 13.62 -20.81 -2.06
C ASN A 164 12.72 -21.09 -0.85
N GLY A 165 11.48 -20.70 -0.92
CA GLY A 165 10.55 -20.94 0.22
C GLY A 165 10.74 -19.85 1.28
N GLU A 166 11.37 -18.76 0.92
CA GLU A 166 11.59 -17.64 1.89
C GLU A 166 11.09 -16.34 1.29
N TRP A 167 10.32 -15.58 2.03
CA TRP A 167 9.80 -14.29 1.49
C TRP A 167 10.94 -13.27 1.43
N LYS A 168 10.95 -12.44 0.42
CA LYS A 168 12.03 -11.41 0.30
C LYS A 168 11.43 -10.13 -0.28
N PHE A 169 11.87 -9.00 0.22
CA PHE A 169 11.33 -7.69 -0.28
C PHE A 169 12.17 -7.20 -1.46
N ARG A 170 11.57 -6.39 -2.31
CA ARG A 170 12.31 -5.85 -3.48
C ARG A 170 11.81 -4.42 -3.78
N ALA A 171 12.70 -3.49 -3.93
CA ALA A 171 12.27 -2.08 -4.21
C ALA A 171 11.98 -1.91 -5.70
N VAL A 172 11.05 -1.06 -6.04
CA VAL A 172 10.71 -0.85 -7.48
C VAL A 172 10.25 0.59 -7.68
N GLY A 173 9.54 1.13 -6.72
CA GLY A 173 9.06 2.54 -6.84
C GLY A 173 8.43 2.75 -8.22
N GLN A 174 7.22 2.29 -8.40
CA GLN A 174 6.53 2.45 -9.71
C GLN A 174 5.56 3.63 -9.63
N GLY A 175 5.91 4.75 -10.20
CA GLY A 175 5.00 5.93 -10.16
C GLY A 175 4.08 5.91 -11.38
N TYR A 176 2.80 6.12 -11.17
CA TYR A 176 1.84 6.11 -12.32
C TYR A 176 0.67 7.03 -12.01
N ALA A 177 0.37 7.94 -12.91
CA ALA A 177 -0.77 8.88 -12.68
C ALA A 177 -2.06 8.26 -13.23
N GLY A 178 -2.08 6.96 -13.40
CA GLY A 178 -3.31 6.30 -13.93
C GLY A 178 -4.48 6.55 -12.99
N GLY A 179 -5.06 5.50 -12.45
CA GLY A 179 -6.21 5.68 -11.52
C GLY A 179 -6.36 4.43 -10.65
N LEU A 180 -6.79 4.60 -9.43
CA LEU A 180 -6.96 3.42 -8.53
C LEU A 180 -7.92 2.42 -9.16
N ALA A 181 -8.62 2.82 -10.19
CA ALA A 181 -9.59 1.89 -10.85
C ALA A 181 -8.82 0.92 -11.75
N SER A 182 -8.11 1.43 -12.72
CA SER A 182 -7.35 0.54 -13.64
C SER A 182 -6.13 -0.04 -12.90
N VAL A 183 -5.45 0.78 -12.14
CA VAL A 183 -4.26 0.28 -11.40
C VAL A 183 -4.61 -1.03 -10.68
N CYS A 184 -5.87 -1.27 -10.47
CA CYS A 184 -6.28 -2.51 -9.75
C CYS A 184 -6.26 -3.69 -10.73
N ALA A 185 -7.03 -3.62 -11.78
CA ALA A 185 -7.06 -4.74 -12.76
C ALA A 185 -5.82 -4.67 -13.66
N GLN A 186 -5.14 -3.56 -13.65
CA GLN A 186 -3.92 -3.43 -14.50
C GLN A 186 -2.86 -4.43 -14.02
N TYR A 187 -2.95 -4.86 -12.80
CA TYR A 187 -1.94 -5.84 -12.29
C TYR A 187 -2.19 -7.21 -12.94
N GLY A 188 -3.36 -7.43 -13.46
CA GLY A 188 -3.66 -8.73 -14.11
C GLY A 188 -3.17 -8.70 -15.56
N ILE A 189 -3.39 -7.62 -16.25
CA ILE A 189 -2.94 -7.53 -17.66
C ILE A 189 -1.43 -7.27 -17.71
N ASN A 190 -0.68 -8.22 -18.18
CA ASN A 190 0.80 -8.03 -18.25
C ASN A 190 1.15 -7.18 -19.46
N ALA A 191 1.54 -5.95 -19.25
CA ALA A 191 1.89 -5.06 -20.40
C ALA A 191 3.31 -5.37 -20.85
N SER A 192 3.67 -4.96 -22.04
CA SER A 192 5.05 -5.22 -22.54
C SER A 192 6.06 -4.48 -21.68
N SER A 19 14.18 -15.10 5.68
CA SER A 19 13.25 -15.96 6.46
C SER A 19 12.07 -15.12 6.98
N MET A 20 11.73 -14.07 6.27
CA MET A 20 10.59 -13.22 6.71
C MET A 20 9.34 -14.07 6.90
N LYS A 21 8.57 -13.80 7.92
CA LYS A 21 7.33 -14.59 8.17
C LYS A 21 6.13 -13.65 8.33
N ASN A 22 6.39 -12.39 8.60
CA ASN A 22 5.27 -11.42 8.77
C ASN A 22 5.71 -10.04 8.25
N VAL A 23 4.92 -9.45 7.38
CA VAL A 23 5.27 -8.10 6.83
C VAL A 23 4.29 -7.06 7.40
N LEU A 24 4.70 -5.83 7.46
CA LEU A 24 3.80 -4.77 8.00
C LEU A 24 4.10 -3.44 7.31
N VAL A 25 3.17 -2.95 6.54
CA VAL A 25 3.38 -1.65 5.83
C VAL A 25 2.96 -0.51 6.77
N GLY A 26 3.56 0.64 6.63
CA GLY A 26 3.21 1.79 7.52
C GLY A 26 3.08 3.07 6.70
N LEU A 27 2.06 3.84 6.96
CA LEU A 27 1.86 5.13 6.21
C LEU A 27 1.38 6.18 7.20
N GLY A 28 1.96 7.36 7.20
CA GLY A 28 1.51 8.40 8.17
C GLY A 28 1.77 9.79 7.60
N TRP A 29 1.01 10.76 8.03
CA TRP A 29 1.21 12.14 7.52
C TRP A 29 0.56 13.15 8.48
N ASP A 30 1.06 14.35 8.49
CA ASP A 30 0.49 15.38 9.39
C ASP A 30 -0.76 15.99 8.76
N ALA A 31 -1.88 15.93 9.44
CA ALA A 31 -3.14 16.50 8.89
C ALA A 31 -3.29 17.94 9.36
N ARG A 32 -3.87 18.79 8.55
CA ARG A 32 -4.05 20.23 8.94
C ARG A 32 -5.48 20.67 8.62
N SER A 33 -6.31 20.82 9.63
CA SER A 33 -7.72 21.24 9.39
C SER A 33 -7.84 22.75 9.62
N THR A 34 -7.97 23.51 8.56
CA THR A 34 -8.10 24.99 8.72
C THR A 34 -9.55 25.33 9.04
N ASP A 35 -10.46 25.00 8.16
CA ASP A 35 -11.90 25.31 8.41
C ASP A 35 -12.77 24.38 7.58
N GLY A 36 -12.22 23.29 7.11
CA GLY A 36 -13.02 22.35 6.28
C GLY A 36 -12.08 21.52 5.40
N GLN A 37 -10.92 22.03 5.12
CA GLN A 37 -9.95 21.29 4.25
C GLN A 37 -9.22 20.25 5.10
N ASP A 38 -8.66 19.24 4.47
CA ASP A 38 -7.93 18.19 5.23
C ASP A 38 -7.27 17.23 4.26
N PHE A 39 -6.15 16.65 4.64
CA PHE A 39 -5.45 15.69 3.73
C PHE A 39 -5.84 14.26 4.10
N ASP A 40 -6.15 13.44 3.12
CA ASP A 40 -6.55 12.03 3.41
C ASP A 40 -5.95 11.10 2.35
N LEU A 41 -5.07 10.21 2.75
CA LEU A 41 -4.46 9.25 1.78
C LEU A 41 -5.12 7.88 1.95
N ASP A 42 -4.97 7.01 0.99
CA ASP A 42 -5.59 5.64 1.09
C ASP A 42 -4.55 4.57 0.77
N ALA A 43 -4.17 3.79 1.75
CA ALA A 43 -3.16 2.72 1.52
C ALA A 43 -3.89 1.38 1.32
N SER A 44 -3.47 0.60 0.35
CA SER A 44 -4.14 -0.71 0.10
C SER A 44 -3.12 -1.70 -0.46
N ALA A 45 -3.48 -2.97 -0.50
CA ALA A 45 -2.56 -4.02 -1.04
C ALA A 45 -3.30 -4.84 -2.10
N PHE A 46 -2.64 -5.16 -3.19
CA PHE A 46 -3.30 -5.97 -4.27
C PHE A 46 -2.59 -7.32 -4.41
N LEU A 47 -3.35 -8.38 -4.38
CA LEU A 47 -2.73 -9.74 -4.51
C LEU A 47 -2.27 -9.95 -5.95
N LEU A 48 -1.33 -10.82 -6.19
CA LEU A 48 -0.85 -11.06 -7.59
C LEU A 48 -0.44 -12.53 -7.73
N ALA A 49 -0.94 -13.22 -8.72
CA ALA A 49 -0.57 -14.66 -8.89
C ALA A 49 0.73 -14.75 -9.70
N ALA A 50 1.29 -15.94 -9.82
CA ALA A 50 2.55 -16.10 -10.60
C ALA A 50 2.22 -16.26 -12.09
N ASN A 51 0.96 -16.44 -12.41
CA ASN A 51 0.58 -16.61 -13.83
C ASN A 51 0.77 -15.29 -14.57
N GLY A 52 1.08 -14.24 -13.86
CA GLY A 52 1.29 -12.91 -14.51
C GLY A 52 0.04 -12.06 -14.27
N LYS A 53 -0.96 -12.65 -13.66
CA LYS A 53 -2.22 -11.90 -13.36
C LYS A 53 -2.63 -12.20 -11.93
N VAL A 54 -3.66 -11.57 -11.44
CA VAL A 54 -4.10 -11.84 -10.04
C VAL A 54 -5.13 -12.97 -10.05
N ARG A 55 -5.03 -13.88 -9.13
CA ARG A 55 -6.04 -14.97 -9.07
C ARG A 55 -7.40 -14.31 -8.86
N GLY A 56 -7.38 -13.00 -8.67
CA GLY A 56 -8.65 -12.25 -8.44
C GLY A 56 -8.30 -10.81 -8.06
N ASP A 57 -8.08 -9.97 -9.03
CA ASP A 57 -7.72 -8.55 -8.74
C ASP A 57 -8.67 -7.99 -7.68
N ALA A 58 -9.92 -8.30 -7.80
CA ALA A 58 -10.91 -7.80 -6.81
C ALA A 58 -10.62 -8.39 -5.44
N ASP A 59 -9.52 -9.09 -5.29
CA ASP A 59 -9.17 -9.68 -3.97
C ASP A 59 -8.27 -8.71 -3.19
N PHE A 60 -8.34 -7.45 -3.51
CA PHE A 60 -7.49 -6.45 -2.79
C PHE A 60 -8.27 -5.90 -1.59
N ILE A 61 -7.74 -6.06 -0.42
CA ILE A 61 -8.43 -5.58 0.81
C ILE A 61 -8.15 -4.08 1.00
N PHE A 62 -9.15 -3.34 1.38
CA PHE A 62 -8.95 -1.88 1.60
C PHE A 62 -10.17 -1.27 2.28
N TYR A 63 -10.09 -1.07 3.57
CA TYR A 63 -11.22 -0.45 4.32
C TYR A 63 -12.49 -1.31 4.19
N ASN A 64 -13.09 -1.33 3.03
CA ASN A 64 -14.34 -2.14 2.84
C ASN A 64 -14.15 -3.54 3.40
N ASN A 65 -12.94 -3.91 3.72
CA ASN A 65 -12.67 -5.27 4.28
C ASN A 65 -11.66 -5.16 5.43
N LEU A 66 -12.11 -5.33 6.64
CA LEU A 66 -11.18 -5.24 7.80
C LEU A 66 -10.00 -6.20 7.58
N LYS A 67 -10.22 -7.27 6.88
CA LYS A 67 -9.12 -8.25 6.64
C LYS A 67 -9.51 -9.21 5.52
N SER A 68 -8.55 -9.77 4.84
CA SER A 68 -8.87 -10.72 3.75
C SER A 68 -9.45 -12.00 4.35
N ALA A 69 -10.18 -12.75 3.56
CA ALA A 69 -10.78 -14.01 4.08
C ALA A 69 -9.73 -15.12 4.04
N ASP A 70 -9.06 -15.27 2.94
CA ASP A 70 -8.00 -16.32 2.81
C ASP A 70 -6.64 -15.66 2.60
N GLY A 71 -6.61 -14.36 2.46
CA GLY A 71 -5.31 -13.66 2.26
C GLY A 71 -4.61 -13.50 3.60
N SER A 72 -5.29 -13.75 4.68
CA SER A 72 -4.65 -13.62 6.03
C SER A 72 -4.10 -12.20 6.20
N VAL A 73 -4.56 -11.28 5.40
CA VAL A 73 -4.07 -9.87 5.51
C VAL A 73 -5.01 -9.10 6.44
N THR A 74 -4.50 -8.09 7.12
CA THR A 74 -5.36 -7.30 8.06
C THR A 74 -5.00 -5.82 7.95
N HIS A 75 -5.98 -4.98 7.74
CA HIS A 75 -5.73 -3.51 7.62
C HIS A 75 -5.88 -2.86 9.00
N THR A 76 -5.00 -1.95 9.33
CA THR A 76 -5.10 -1.28 10.67
C THR A 76 -6.34 -0.39 10.70
N GLY A 77 -6.42 0.56 9.80
CA GLY A 77 -7.60 1.46 9.78
C GLY A 77 -7.45 2.48 8.64
N ASP A 78 -8.43 3.33 8.46
CA ASP A 78 -8.37 4.36 7.38
C ASP A 78 -8.61 5.75 7.98
N ASN A 79 -7.60 6.57 8.01
CA ASN A 79 -7.78 7.94 8.57
C ASN A 79 -8.40 8.85 7.52
N ARG A 80 -9.50 9.48 7.85
CA ARG A 80 -10.16 10.38 6.86
C ARG A 80 -9.48 11.75 6.86
N THR A 81 -8.42 11.88 7.62
CA THR A 81 -7.71 13.20 7.67
C THR A 81 -6.24 12.96 8.03
N GLY A 82 -5.97 11.99 8.87
CA GLY A 82 -4.57 11.70 9.28
C GLY A 82 -4.34 12.19 10.71
N GLU A 83 -5.39 12.63 11.35
CA GLU A 83 -5.24 13.13 12.75
C GLU A 83 -4.67 12.02 13.63
N GLY A 84 -3.46 12.18 14.07
CA GLY A 84 -2.83 11.13 14.93
C GLY A 84 -1.31 11.27 14.89
N ASP A 85 -0.71 11.68 15.97
CA ASP A 85 0.78 11.82 15.98
C ASP A 85 1.43 10.44 15.90
N GLY A 86 1.27 9.76 14.80
CA GLY A 86 1.89 8.40 14.67
C GLY A 86 1.48 7.79 13.33
N ASP A 87 1.35 6.49 13.29
CA ASP A 87 0.96 5.83 12.01
C ASP A 87 -0.53 6.06 11.75
N ASP A 88 -0.86 6.72 10.67
CA ASP A 88 -2.29 6.98 10.36
C ASP A 88 -2.92 5.73 9.73
N GLU A 89 -2.21 5.06 8.87
CA GLU A 89 -2.75 3.83 8.22
C GLU A 89 -1.64 2.79 8.07
N SER A 90 -1.98 1.53 8.12
CA SER A 90 -0.94 0.47 8.00
C SER A 90 -1.60 -0.83 7.52
N LEU A 91 -0.81 -1.84 7.27
CA LEU A 91 -1.39 -3.13 6.80
C LEU A 91 -0.50 -4.29 7.29
N LYS A 92 -1.04 -5.18 8.08
CA LYS A 92 -0.25 -6.33 8.59
C LYS A 92 -0.50 -7.56 7.72
N ILE A 93 0.51 -8.35 7.48
CA ILE A 93 0.35 -9.57 6.63
C ILE A 93 1.05 -10.76 7.29
N LYS A 94 0.45 -11.92 7.23
CA LYS A 94 1.06 -13.15 7.82
C LYS A 94 1.49 -14.08 6.69
N LEU A 95 2.75 -14.09 6.36
CA LEU A 95 3.23 -14.97 5.26
C LEU A 95 2.95 -16.43 5.60
N ASP A 96 3.35 -16.87 6.76
CA ASP A 96 3.11 -18.28 7.15
C ASP A 96 1.64 -18.65 6.92
N ALA A 97 0.80 -17.66 6.72
CA ALA A 97 -0.65 -17.95 6.50
C ALA A 97 -0.97 -17.89 5.00
N VAL A 98 -0.17 -17.20 4.23
CA VAL A 98 -0.44 -17.11 2.77
C VAL A 98 -0.39 -18.53 2.16
N PRO A 99 -1.41 -18.96 1.44
CA PRO A 99 -1.43 -20.32 0.82
C PRO A 99 -0.56 -20.39 -0.44
N GLY A 100 -0.70 -21.44 -1.21
CA GLY A 100 0.12 -21.57 -2.46
C GLY A 100 -0.62 -20.93 -3.63
N ASP A 101 -1.78 -20.39 -3.40
CA ASP A 101 -2.53 -19.74 -4.51
C ASP A 101 -1.81 -18.46 -4.93
N VAL A 102 -1.65 -17.54 -4.03
CA VAL A 102 -0.95 -16.27 -4.38
C VAL A 102 0.56 -16.53 -4.44
N ASP A 103 1.27 -15.82 -5.28
CA ASP A 103 2.74 -16.02 -5.39
C ASP A 103 3.45 -14.66 -5.37
N LYS A 104 2.71 -13.59 -5.35
CA LYS A 104 3.35 -12.25 -5.34
C LYS A 104 2.35 -11.23 -4.77
N ILE A 105 2.79 -10.43 -3.83
CA ILE A 105 1.90 -9.40 -3.21
C ILE A 105 2.52 -8.02 -3.43
N ILE A 106 1.71 -6.99 -3.44
CA ILE A 106 2.24 -5.61 -3.66
C ILE A 106 1.49 -4.62 -2.76
N PHE A 107 2.15 -3.55 -2.40
CA PHE A 107 1.51 -2.51 -1.54
C PHE A 107 1.69 -1.15 -2.21
N VAL A 108 0.62 -0.38 -2.34
CA VAL A 108 0.72 0.95 -3.01
C VAL A 108 -0.13 1.99 -2.26
N VAL A 109 0.20 3.24 -2.43
CA VAL A 109 -0.57 4.33 -1.76
C VAL A 109 -1.33 5.12 -2.84
N THR A 110 -2.41 5.75 -2.47
CA THR A 110 -3.19 6.54 -3.47
C THR A 110 -3.80 7.77 -2.81
N ILE A 111 -3.80 8.87 -3.50
CA ILE A 111 -4.38 10.12 -2.92
C ILE A 111 -5.92 10.00 -2.91
N HIS A 112 -6.54 10.25 -1.79
CA HIS A 112 -8.02 10.14 -1.72
C HIS A 112 -8.66 11.19 -2.64
N ASP A 113 -9.56 11.98 -2.10
CA ASP A 113 -10.22 13.02 -2.94
C ASP A 113 -9.25 14.16 -3.25
N ALA A 114 -8.20 14.27 -2.47
CA ALA A 114 -7.21 15.37 -2.73
C ALA A 114 -6.80 15.32 -4.20
N GLN A 115 -7.00 14.21 -4.86
CA GLN A 115 -6.62 14.12 -6.29
C GLN A 115 -7.56 14.99 -7.13
N ALA A 116 -8.85 14.85 -6.93
CA ALA A 116 -9.80 15.68 -7.72
C ALA A 116 -9.51 17.16 -7.47
N ARG A 117 -9.36 17.54 -6.24
CA ARG A 117 -9.07 18.97 -5.94
C ARG A 117 -7.61 19.27 -6.32
N ARG A 118 -6.99 18.40 -7.07
CA ARG A 118 -5.58 18.63 -7.47
C ARG A 118 -4.72 18.87 -6.23
N GLN A 119 -4.34 17.82 -5.54
CA GLN A 119 -3.51 17.99 -4.32
C GLN A 119 -2.70 16.71 -4.07
N SER A 120 -1.65 16.52 -4.82
CA SER A 120 -0.83 15.30 -4.63
C SER A 120 -0.34 15.23 -3.18
N PHE A 121 0.14 14.09 -2.74
CA PHE A 121 0.61 13.98 -1.33
C PHE A 121 1.50 15.18 -0.98
N GLY A 122 2.02 15.86 -1.97
CA GLY A 122 2.90 17.03 -1.70
C GLY A 122 2.10 18.13 -1.00
N GLN A 123 0.92 18.41 -1.49
CA GLN A 123 0.09 19.48 -0.85
C GLN A 123 0.06 19.26 0.66
N VAL A 124 0.38 18.08 1.10
CA VAL A 124 0.37 17.79 2.56
C VAL A 124 1.60 18.44 3.22
N SER A 125 1.65 18.48 4.51
CA SER A 125 2.81 19.09 5.22
C SER A 125 4.05 18.19 5.07
N GLY A 126 3.85 16.92 4.80
CA GLY A 126 5.02 16.02 4.65
C GLY A 126 4.60 14.59 5.00
N ALA A 127 3.98 13.90 4.09
CA ALA A 127 3.56 12.49 4.37
C ALA A 127 4.79 11.58 4.32
N PHE A 128 4.67 10.38 4.84
CA PHE A 128 5.85 9.46 4.81
C PHE A 128 5.38 8.00 4.79
N ILE A 129 6.05 7.16 4.06
CA ILE A 129 5.70 5.71 3.96
C ILE A 129 6.79 4.90 4.66
N ARG A 130 6.43 3.83 5.31
CA ARG A 130 7.46 2.99 6.01
C ARG A 130 7.01 1.53 6.02
N LEU A 131 7.94 0.61 5.95
CA LEU A 131 7.57 -0.84 5.96
C LEU A 131 8.54 -1.60 6.87
N VAL A 132 8.05 -2.57 7.59
CA VAL A 132 8.92 -3.35 8.51
C VAL A 132 8.48 -4.81 8.53
N ASN A 133 9.36 -5.69 8.95
CA ASN A 133 8.99 -7.13 9.01
C ASN A 133 8.51 -7.44 10.43
N ASP A 134 7.22 -7.55 10.63
CA ASP A 134 6.71 -7.84 12.00
C ASP A 134 7.33 -9.16 12.48
N ASP A 135 8.05 -9.82 11.62
CA ASP A 135 8.69 -11.10 12.04
C ASP A 135 9.95 -10.81 12.86
N ASN A 136 10.78 -9.90 12.41
CA ASN A 136 12.03 -9.55 13.15
C ASN A 136 12.03 -8.07 13.49
N GLN A 137 10.97 -7.38 13.17
CA GLN A 137 10.90 -5.92 13.48
C GLN A 137 12.11 -5.21 12.88
N THR A 138 12.49 -5.58 11.68
CA THR A 138 13.67 -4.94 11.02
C THR A 138 13.18 -3.88 10.04
N GLU A 139 13.36 -2.62 10.35
CA GLU A 139 12.90 -1.54 9.44
C GLU A 139 13.35 -1.86 8.01
N VAL A 140 12.41 -2.07 7.12
CA VAL A 140 12.79 -2.39 5.72
C VAL A 140 13.20 -1.10 4.98
N ALA A 141 12.31 -0.15 4.87
CA ALA A 141 12.69 1.11 4.15
C ALA A 141 11.57 2.15 4.26
N ARG A 142 11.80 3.33 3.77
CA ARG A 142 10.76 4.40 3.81
C ARG A 142 10.90 5.29 2.57
N TYR A 143 9.81 5.51 1.88
CA TYR A 143 9.87 6.35 0.64
C TYR A 143 9.57 7.81 1.01
N ASP A 144 10.18 8.74 0.33
CA ASP A 144 9.94 10.19 0.63
C ASP A 144 8.88 10.74 -0.31
N LEU A 145 7.72 11.08 0.20
CA LEU A 145 6.65 11.61 -0.68
C LEU A 145 6.85 13.12 -0.89
N THR A 146 7.21 13.83 0.15
CA THR A 146 7.42 15.30 0.00
C THR A 146 8.29 15.57 -1.23
N GLU A 147 9.16 14.64 -1.57
CA GLU A 147 10.05 14.82 -2.76
C GLU A 147 9.42 14.15 -3.99
N ASP A 148 9.01 12.91 -3.86
CA ASP A 148 8.41 12.20 -5.02
C ASP A 148 6.94 12.58 -5.19
N ALA A 149 6.44 13.43 -4.33
CA ALA A 149 5.01 13.83 -4.44
C ALA A 149 4.77 14.59 -5.74
N SER A 150 5.53 15.62 -5.97
CA SER A 150 5.34 16.45 -7.20
C SER A 150 5.44 15.56 -8.45
N THR A 151 5.61 14.27 -8.30
CA THR A 151 5.71 13.39 -9.50
C THR A 151 4.32 12.85 -9.89
N GLU A 152 3.45 12.63 -8.95
CA GLU A 152 2.10 12.09 -9.33
C GLU A 152 1.17 12.13 -8.12
N THR A 153 0.34 11.12 -8.01
CA THR A 153 -0.63 11.04 -6.87
C THR A 153 -0.67 9.59 -6.37
N ALA A 154 -0.56 8.64 -7.26
CA ALA A 154 -0.58 7.19 -6.87
C ALA A 154 0.78 6.58 -7.20
N MET A 155 1.25 5.66 -6.42
CA MET A 155 2.57 5.04 -6.71
C MET A 155 2.73 3.75 -5.91
N LEU A 156 3.60 2.87 -6.35
CA LEU A 156 3.82 1.59 -5.61
C LEU A 156 5.00 1.75 -4.66
N PHE A 157 4.80 1.46 -3.40
CA PHE A 157 5.91 1.59 -2.41
C PHE A 157 6.94 0.46 -2.66
N GLY A 158 6.49 -0.77 -2.64
CA GLY A 158 7.44 -1.89 -2.86
C GLY A 158 6.68 -3.13 -3.33
N GLU A 159 7.32 -4.27 -3.29
CA GLU A 159 6.65 -5.53 -3.74
C GLU A 159 7.23 -6.73 -2.98
N LEU A 160 6.56 -7.85 -3.02
CA LEU A 160 7.06 -9.08 -2.31
C LEU A 160 6.79 -10.29 -3.19
N TYR A 161 7.78 -11.15 -3.37
CA TYR A 161 7.57 -12.36 -4.22
C TYR A 161 8.25 -13.59 -3.58
N ARG A 162 7.92 -14.77 -4.04
CA ARG A 162 8.52 -16.01 -3.45
C ARG A 162 9.72 -16.46 -4.28
N HIS A 163 10.75 -16.95 -3.63
CA HIS A 163 11.97 -17.44 -4.37
C HIS A 163 12.32 -18.85 -3.87
N ASN A 164 13.34 -18.97 -3.07
CA ASN A 164 13.73 -20.31 -2.55
C ASN A 164 12.70 -20.78 -1.53
N GLY A 165 11.46 -20.89 -1.90
CA GLY A 165 10.42 -21.35 -0.94
C GLY A 165 10.25 -20.31 0.17
N GLU A 166 10.87 -19.16 0.01
CA GLU A 166 10.75 -18.08 1.06
C GLU A 166 10.33 -16.78 0.37
N TRP A 167 9.99 -15.77 1.12
CA TRP A 167 9.57 -14.48 0.51
C TRP A 167 10.77 -13.54 0.36
N LYS A 168 10.74 -12.67 -0.62
CA LYS A 168 11.87 -11.71 -0.83
C LYS A 168 11.28 -10.35 -1.25
N PHE A 169 11.71 -9.30 -0.62
CA PHE A 169 11.19 -7.94 -0.96
C PHE A 169 12.07 -7.32 -2.05
N ARG A 170 11.48 -6.51 -2.90
CA ARG A 170 12.26 -5.87 -3.99
C ARG A 170 11.63 -4.52 -4.33
N ALA A 171 12.32 -3.44 -4.06
CA ALA A 171 11.76 -2.09 -4.36
C ALA A 171 11.63 -1.91 -5.88
N VAL A 172 10.72 -1.07 -6.31
CA VAL A 172 10.54 -0.85 -7.78
C VAL A 172 10.11 0.60 -8.02
N GLY A 173 9.33 1.15 -7.13
CA GLY A 173 8.88 2.56 -7.30
C GLY A 173 8.22 2.73 -8.67
N GLN A 174 6.98 2.35 -8.79
CA GLN A 174 6.25 2.47 -10.09
C GLN A 174 5.17 3.55 -9.97
N GLY A 175 5.34 4.66 -10.63
CA GLY A 175 4.32 5.75 -10.55
C GLY A 175 3.31 5.58 -11.69
N TYR A 176 2.04 5.74 -11.41
CA TYR A 176 1.02 5.59 -12.48
C TYR A 176 -0.20 6.47 -12.14
N ALA A 177 -0.50 7.42 -12.98
CA ALA A 177 -1.66 8.31 -12.70
C ALA A 177 -2.96 7.58 -13.05
N GLY A 178 -2.94 6.28 -13.04
CA GLY A 178 -4.17 5.50 -13.38
C GLY A 178 -5.27 5.85 -12.36
N GLY A 179 -5.66 4.90 -11.57
CA GLY A 179 -6.74 5.17 -10.56
C GLY A 179 -6.97 3.92 -9.72
N LEU A 180 -7.21 4.08 -8.45
CA LEU A 180 -7.45 2.90 -7.57
C LEU A 180 -8.48 1.96 -8.23
N ALA A 181 -9.15 2.43 -9.25
CA ALA A 181 -10.16 1.57 -9.93
C ALA A 181 -9.45 0.64 -10.93
N SER A 182 -8.75 1.20 -11.87
CA SER A 182 -8.04 0.34 -12.86
C SER A 182 -6.82 -0.30 -12.20
N VAL A 183 -6.12 0.44 -11.38
CA VAL A 183 -4.91 -0.14 -10.70
C VAL A 183 -5.26 -1.50 -10.10
N CYS A 184 -6.53 -1.75 -9.88
CA CYS A 184 -6.94 -3.04 -9.28
C CYS A 184 -6.91 -4.15 -10.33
N ALA A 185 -7.68 -4.01 -11.39
CA ALA A 185 -7.72 -5.05 -12.44
C ALA A 185 -6.55 -4.86 -13.43
N GLN A 186 -6.14 -3.65 -13.63
CA GLN A 186 -5.02 -3.39 -14.58
C GLN A 186 -3.84 -4.28 -14.24
N TYR A 187 -3.62 -4.54 -12.97
CA TYR A 187 -2.47 -5.41 -12.58
C TYR A 187 -2.78 -6.85 -12.97
N GLY A 188 -4.04 -7.16 -13.18
CA GLY A 188 -4.42 -8.56 -13.57
C GLY A 188 -4.29 -8.70 -15.08
N ILE A 189 -4.41 -7.62 -15.81
CA ILE A 189 -4.30 -7.70 -17.29
C ILE A 189 -2.83 -7.80 -17.68
N ASN A 190 -2.52 -8.58 -18.68
CA ASN A 190 -1.10 -8.71 -19.12
C ASN A 190 -0.67 -7.45 -19.87
N ALA A 191 0.28 -6.72 -19.34
CA ALA A 191 0.73 -5.48 -20.03
C ALA A 191 1.71 -5.85 -21.14
N SER A 192 2.00 -4.92 -22.02
CA SER A 192 2.94 -5.22 -23.13
C SER A 192 3.33 -3.91 -23.84
N SER A 19 13.90 -14.50 6.33
CA SER A 19 12.54 -15.07 6.13
C SER A 19 11.49 -14.17 6.79
N MET A 20 10.79 -13.40 6.01
CA MET A 20 9.75 -12.50 6.60
C MET A 20 8.44 -13.27 6.77
N LYS A 21 8.21 -13.79 7.95
CA LYS A 21 6.96 -14.55 8.20
C LYS A 21 5.83 -13.58 8.56
N ASN A 22 6.17 -12.37 8.89
CA ASN A 22 5.13 -11.36 9.25
C ASN A 22 5.59 -9.97 8.78
N VAL A 23 4.74 -9.28 8.05
CA VAL A 23 5.11 -7.92 7.55
C VAL A 23 4.03 -6.92 7.96
N LEU A 24 4.39 -5.66 8.06
CA LEU A 24 3.39 -4.62 8.45
C LEU A 24 3.75 -3.30 7.77
N VAL A 25 2.88 -2.80 6.94
CA VAL A 25 3.17 -1.51 6.25
C VAL A 25 2.72 -0.35 7.14
N GLY A 26 3.37 0.78 7.02
CA GLY A 26 3.00 1.96 7.87
C GLY A 26 2.86 3.20 6.99
N LEU A 27 1.67 3.76 6.94
CA LEU A 27 1.43 4.99 6.12
C LEU A 27 0.92 6.08 7.06
N GLY A 28 1.52 7.24 7.04
CA GLY A 28 1.05 8.32 7.97
C GLY A 28 1.36 9.69 7.37
N TRP A 29 0.65 10.69 7.80
CA TRP A 29 0.91 12.06 7.27
C TRP A 29 0.35 13.10 8.23
N ASP A 30 0.90 14.28 8.22
CA ASP A 30 0.42 15.35 9.14
C ASP A 30 -0.91 15.90 8.64
N ALA A 31 -1.93 15.87 9.47
CA ALA A 31 -3.26 16.39 9.05
C ALA A 31 -3.36 17.87 9.40
N ARG A 32 -4.38 18.54 8.93
CA ARG A 32 -4.56 20.01 9.23
C ARG A 32 -5.99 20.25 9.73
N SER A 33 -6.21 21.35 10.37
CA SER A 33 -7.57 21.66 10.89
C SER A 33 -8.38 22.34 9.78
N THR A 34 -9.66 22.42 9.96
CA THR A 34 -10.53 23.07 8.92
C THR A 34 -9.91 24.41 8.51
N ASP A 35 -9.15 25.02 9.36
CA ASP A 35 -8.51 26.31 9.01
C ASP A 35 -7.59 26.13 7.80
N GLY A 36 -7.50 24.93 7.29
CA GLY A 36 -6.63 24.68 6.11
C GLY A 36 -7.09 23.42 5.38
N GLN A 37 -6.87 23.35 4.10
CA GLN A 37 -7.30 22.15 3.32
C GLN A 37 -6.90 20.88 4.07
N ASP A 38 -7.68 19.85 3.97
CA ASP A 38 -7.35 18.57 4.67
C ASP A 38 -6.56 17.65 3.73
N PHE A 39 -6.26 16.46 4.17
CA PHE A 39 -5.48 15.52 3.31
C PHE A 39 -5.81 14.08 3.72
N ASP A 40 -6.06 13.22 2.77
CA ASP A 40 -6.40 11.80 3.12
C ASP A 40 -5.74 10.85 2.11
N LEU A 41 -4.64 10.26 2.46
CA LEU A 41 -3.95 9.30 1.54
C LEU A 41 -4.57 7.92 1.76
N ASP A 42 -4.97 7.25 0.71
CA ASP A 42 -5.60 5.91 0.85
C ASP A 42 -4.59 4.81 0.55
N ALA A 43 -4.47 3.83 1.40
CA ALA A 43 -3.52 2.71 1.18
C ALA A 43 -4.28 1.52 0.58
N SER A 44 -3.65 0.73 -0.25
CA SER A 44 -4.37 -0.43 -0.86
C SER A 44 -3.38 -1.57 -1.13
N ALA A 45 -3.88 -2.74 -1.44
CA ALA A 45 -2.98 -3.89 -1.73
C ALA A 45 -3.65 -4.79 -2.77
N PHE A 46 -2.93 -5.22 -3.78
CA PHE A 46 -3.52 -6.10 -4.84
C PHE A 46 -2.80 -7.44 -4.88
N LEU A 47 -3.53 -8.51 -4.99
CA LEU A 47 -2.91 -9.86 -5.04
C LEU A 47 -2.44 -10.14 -6.46
N LEU A 48 -1.43 -10.95 -6.63
CA LEU A 48 -0.93 -11.26 -8.01
C LEU A 48 -0.40 -12.70 -8.05
N ALA A 49 -0.84 -13.48 -9.01
CA ALA A 49 -0.35 -14.89 -9.10
C ALA A 49 0.99 -14.92 -9.85
N ALA A 50 1.63 -16.06 -9.89
CA ALA A 50 2.94 -16.16 -10.60
C ALA A 50 2.67 -16.45 -12.08
N ASN A 51 1.44 -16.67 -12.45
CA ASN A 51 1.13 -16.95 -13.88
C ASN A 51 1.29 -15.67 -14.69
N GLY A 52 1.50 -14.57 -14.01
CA GLY A 52 1.66 -13.26 -14.73
C GLY A 52 0.36 -12.47 -14.64
N LYS A 53 -0.64 -13.05 -14.04
CA LYS A 53 -1.96 -12.35 -13.90
C LYS A 53 -2.59 -12.74 -12.56
N VAL A 54 -3.20 -11.81 -11.88
CA VAL A 54 -3.82 -12.14 -10.57
C VAL A 54 -4.98 -13.10 -10.80
N ARG A 55 -5.18 -14.01 -9.89
CA ARG A 55 -6.32 -14.95 -10.03
C ARG A 55 -7.61 -14.15 -9.94
N GLY A 56 -7.49 -12.85 -9.84
CA GLY A 56 -8.70 -11.98 -9.75
C GLY A 56 -8.34 -10.70 -8.99
N ASP A 57 -8.12 -9.62 -9.70
CA ASP A 57 -7.77 -8.33 -9.01
C ASP A 57 -8.82 -8.03 -7.96
N ALA A 58 -10.05 -8.36 -8.23
CA ALA A 58 -11.15 -8.10 -7.25
C ALA A 58 -10.82 -8.78 -5.92
N ASP A 59 -9.71 -9.47 -5.84
CA ASP A 59 -9.32 -10.13 -4.58
C ASP A 59 -8.46 -9.16 -3.78
N PHE A 60 -8.69 -7.88 -3.96
CA PHE A 60 -7.89 -6.86 -3.24
C PHE A 60 -8.53 -6.55 -1.89
N ILE A 61 -7.73 -6.44 -0.87
CA ILE A 61 -8.25 -6.14 0.49
C ILE A 61 -8.29 -4.64 0.73
N PHE A 62 -9.31 -4.18 1.38
CA PHE A 62 -9.43 -2.72 1.66
C PHE A 62 -10.36 -2.52 2.86
N TYR A 63 -10.94 -1.36 2.99
CA TYR A 63 -11.86 -1.10 4.13
C TYR A 63 -13.12 -1.96 3.99
N ASN A 64 -13.51 -2.26 2.77
CA ASN A 64 -14.72 -3.10 2.56
C ASN A 64 -14.54 -4.44 3.25
N ASN A 65 -13.39 -4.68 3.82
CA ASN A 65 -13.15 -5.98 4.51
C ASN A 65 -12.09 -5.78 5.60
N LEU A 66 -12.49 -5.95 6.84
CA LEU A 66 -11.51 -5.76 7.95
C LEU A 66 -10.27 -6.64 7.70
N LYS A 67 -10.48 -7.82 7.18
CA LYS A 67 -9.33 -8.71 6.91
C LYS A 67 -9.76 -9.84 5.96
N SER A 68 -8.85 -10.40 5.22
CA SER A 68 -9.20 -11.50 4.30
C SER A 68 -9.62 -12.74 5.10
N ALA A 69 -10.27 -13.67 4.47
CA ALA A 69 -10.70 -14.91 5.20
C ALA A 69 -9.55 -15.91 5.20
N ASP A 70 -8.97 -16.15 4.05
CA ASP A 70 -7.82 -17.12 3.96
C ASP A 70 -6.57 -16.37 3.52
N GLY A 71 -6.67 -15.09 3.31
CA GLY A 71 -5.48 -14.30 2.87
C GLY A 71 -4.61 -13.95 4.08
N SER A 72 -5.13 -14.14 5.26
CA SER A 72 -4.33 -13.82 6.48
C SER A 72 -3.92 -12.35 6.45
N VAL A 73 -4.53 -11.57 5.59
CA VAL A 73 -4.17 -10.12 5.49
C VAL A 73 -5.11 -9.32 6.40
N THR A 74 -4.65 -8.26 7.00
CA THR A 74 -5.53 -7.45 7.89
C THR A 74 -5.19 -5.95 7.77
N HIS A 75 -6.15 -5.15 7.38
CA HIS A 75 -5.90 -3.68 7.25
C HIS A 75 -6.28 -2.99 8.56
N THR A 76 -5.42 -2.17 9.09
CA THR A 76 -5.75 -1.48 10.37
C THR A 76 -6.97 -0.58 10.15
N GLY A 77 -6.94 0.27 9.16
CA GLY A 77 -8.09 1.17 8.90
C GLY A 77 -7.63 2.37 8.07
N ASP A 78 -8.51 2.91 7.25
CA ASP A 78 -8.13 4.08 6.41
C ASP A 78 -8.46 5.37 7.16
N ASN A 79 -7.49 6.20 7.43
CA ASN A 79 -7.76 7.47 8.16
C ASN A 79 -8.29 8.51 7.17
N ARG A 80 -9.31 9.24 7.56
CA ARG A 80 -9.89 10.28 6.65
C ARG A 80 -9.08 11.56 6.77
N THR A 81 -8.22 11.64 7.75
CA THR A 81 -7.39 12.88 7.94
C THR A 81 -5.96 12.49 8.35
N GLY A 82 -5.80 11.40 9.03
CA GLY A 82 -4.43 10.97 9.46
C GLY A 82 -4.13 11.58 10.82
N GLU A 83 -5.14 12.05 11.51
CA GLU A 83 -4.92 12.66 12.85
C GLU A 83 -4.25 11.64 13.77
N GLY A 84 -3.01 11.85 14.11
CA GLY A 84 -2.30 10.89 15.00
C GLY A 84 -0.78 10.99 14.77
N ASP A 85 -0.03 11.15 15.82
CA ASP A 85 1.45 11.26 15.66
C ASP A 85 2.05 9.86 15.47
N GLY A 86 1.98 9.32 14.30
CA GLY A 86 2.55 7.96 14.05
C GLY A 86 1.89 7.34 12.81
N ASP A 87 2.29 6.16 12.46
CA ASP A 87 1.70 5.50 11.26
C ASP A 87 0.17 5.57 11.35
N ASP A 88 -0.45 6.32 10.48
CA ASP A 88 -1.94 6.44 10.52
C ASP A 88 -2.55 5.12 10.03
N GLU A 89 -2.37 4.79 8.78
CA GLU A 89 -2.94 3.53 8.23
C GLU A 89 -1.84 2.47 8.15
N SER A 90 -2.20 1.23 8.06
CA SER A 90 -1.16 0.16 7.98
C SER A 90 -1.79 -1.14 7.46
N LEU A 91 -0.98 -2.09 7.07
CA LEU A 91 -1.52 -3.38 6.54
C LEU A 91 -0.65 -4.53 7.06
N LYS A 92 -1.24 -5.44 7.81
CA LYS A 92 -0.46 -6.60 8.34
C LYS A 92 -0.66 -7.80 7.42
N ILE A 93 0.40 -8.47 7.04
CA ILE A 93 0.29 -9.65 6.14
C ILE A 93 1.13 -10.81 6.69
N LYS A 94 0.51 -11.91 7.00
CA LYS A 94 1.27 -13.09 7.53
C LYS A 94 1.73 -13.93 6.34
N LEU A 95 2.83 -13.55 5.72
CA LEU A 95 3.33 -14.31 4.54
C LEU A 95 3.51 -15.79 4.92
N ASP A 96 3.32 -16.13 6.16
CA ASP A 96 3.48 -17.55 6.59
C ASP A 96 2.15 -18.30 6.47
N ALA A 97 1.04 -17.61 6.64
CA ALA A 97 -0.29 -18.29 6.56
C ALA A 97 -0.83 -18.18 5.12
N VAL A 98 -0.14 -17.51 4.25
CA VAL A 98 -0.63 -17.37 2.85
C VAL A 98 -0.77 -18.76 2.22
N PRO A 99 -1.70 -18.94 1.30
CA PRO A 99 -1.91 -20.25 0.62
C PRO A 99 -0.85 -20.52 -0.45
N GLY A 100 -1.05 -21.53 -1.26
CA GLY A 100 -0.07 -21.86 -2.34
C GLY A 100 -0.56 -21.28 -3.68
N ASP A 101 -1.66 -20.58 -3.66
CA ASP A 101 -2.19 -20.00 -4.93
C ASP A 101 -1.48 -18.67 -5.22
N VAL A 102 -1.74 -17.67 -4.43
CA VAL A 102 -1.07 -16.36 -4.67
C VAL A 102 0.45 -16.54 -4.59
N ASP A 103 1.18 -15.80 -5.39
CA ASP A 103 2.68 -15.93 -5.38
C ASP A 103 3.32 -14.55 -5.32
N LYS A 104 2.59 -13.50 -5.61
CA LYS A 104 3.18 -12.13 -5.56
C LYS A 104 2.13 -11.14 -5.08
N ILE A 105 2.53 -10.19 -4.27
CA ILE A 105 1.56 -9.17 -3.74
C ILE A 105 2.21 -7.78 -3.84
N ILE A 106 1.41 -6.75 -3.94
CA ILE A 106 1.98 -5.37 -4.05
C ILE A 106 1.17 -4.40 -3.19
N PHE A 107 1.76 -3.29 -2.83
CA PHE A 107 1.07 -2.28 -1.98
C PHE A 107 1.36 -0.89 -2.54
N VAL A 108 0.36 -0.08 -2.75
CA VAL A 108 0.60 1.30 -3.30
C VAL A 108 -0.30 2.32 -2.59
N VAL A 109 0.21 3.50 -2.37
CA VAL A 109 -0.59 4.58 -1.72
C VAL A 109 -1.07 5.54 -2.80
N THR A 110 -2.31 5.97 -2.73
CA THR A 110 -2.85 6.91 -3.77
C THR A 110 -3.58 8.06 -3.10
N ILE A 111 -3.46 9.24 -3.66
CA ILE A 111 -4.17 10.41 -3.06
C ILE A 111 -5.66 10.30 -3.38
N HIS A 112 -6.51 10.74 -2.49
CA HIS A 112 -7.98 10.64 -2.74
C HIS A 112 -8.53 11.99 -3.23
N ASP A 113 -8.57 12.97 -2.36
CA ASP A 113 -9.10 14.30 -2.76
C ASP A 113 -8.46 14.73 -4.08
N ALA A 114 -7.37 14.12 -4.46
CA ALA A 114 -6.69 14.48 -5.73
C ALA A 114 -7.69 14.40 -6.89
N GLN A 115 -8.78 13.72 -6.70
CA GLN A 115 -9.78 13.61 -7.80
C GLN A 115 -10.45 14.96 -8.03
N ALA A 116 -11.11 15.49 -7.03
CA ALA A 116 -11.81 16.80 -7.20
C ALA A 116 -10.90 17.97 -6.81
N ARG A 117 -10.18 17.85 -5.73
CA ARG A 117 -9.30 18.99 -5.29
C ARG A 117 -7.94 18.94 -5.98
N ARG A 118 -7.58 17.83 -6.57
CA ARG A 118 -6.24 17.75 -7.25
C ARG A 118 -5.15 18.15 -6.24
N GLN A 119 -4.49 17.18 -5.67
CA GLN A 119 -3.42 17.48 -4.68
C GLN A 119 -2.38 16.35 -4.68
N SER A 120 -1.12 16.69 -4.55
CA SER A 120 -0.05 15.66 -4.55
C SER A 120 0.42 15.41 -3.10
N PHE A 121 1.13 14.34 -2.88
CA PHE A 121 1.60 14.04 -1.50
C PHE A 121 2.23 15.29 -0.88
N GLY A 122 3.02 16.00 -1.63
CA GLY A 122 3.66 17.23 -1.09
C GLY A 122 2.60 18.23 -0.62
N GLN A 123 1.48 18.28 -1.30
CA GLN A 123 0.42 19.24 -0.88
C GLN A 123 0.14 19.07 0.60
N VAL A 124 0.46 17.92 1.15
CA VAL A 124 0.22 17.69 2.60
C VAL A 124 1.33 18.37 3.42
N SER A 125 1.22 18.34 4.72
CA SER A 125 2.26 19.00 5.56
C SER A 125 3.48 18.07 5.70
N GLY A 126 3.37 16.84 5.25
CA GLY A 126 4.54 15.92 5.37
C GLY A 126 4.06 14.47 5.35
N ALA A 127 3.76 13.94 4.20
CA ALA A 127 3.28 12.52 4.12
C ALA A 127 4.49 11.59 4.08
N PHE A 128 4.34 10.37 4.53
CA PHE A 128 5.49 9.43 4.52
C PHE A 128 4.99 7.99 4.47
N ILE A 129 5.88 7.05 4.24
CA ILE A 129 5.50 5.61 4.18
C ILE A 129 6.56 4.79 4.92
N ARG A 130 6.20 3.67 5.49
CA ARG A 130 7.20 2.86 6.23
C ARG A 130 6.85 1.37 6.15
N LEU A 131 7.83 0.52 6.29
CA LEU A 131 7.59 -0.95 6.24
C LEU A 131 8.43 -1.63 7.32
N VAL A 132 7.86 -2.56 8.05
CA VAL A 132 8.63 -3.25 9.12
C VAL A 132 8.26 -4.73 9.13
N ASN A 133 9.17 -5.57 9.56
CA ASN A 133 8.86 -7.03 9.62
C ASN A 133 8.27 -7.31 11.00
N ASP A 134 6.98 -7.47 11.08
CA ASP A 134 6.34 -7.76 12.39
C ASP A 134 6.92 -9.07 12.94
N ASP A 135 7.75 -9.72 12.16
CA ASP A 135 8.35 -11.00 12.61
C ASP A 135 9.63 -10.73 13.41
N ASN A 136 10.53 -9.97 12.85
CA ASN A 136 11.81 -9.66 13.57
C ASN A 136 11.72 -8.30 14.24
N GLN A 137 10.78 -7.48 13.84
CA GLN A 137 10.63 -6.13 14.45
C GLN A 137 11.83 -5.26 14.07
N THR A 138 12.01 -5.03 12.79
CA THR A 138 13.17 -4.18 12.34
C THR A 138 12.72 -3.34 11.15
N GLU A 139 12.79 -2.04 11.26
CA GLU A 139 12.36 -1.15 10.15
C GLU A 139 12.93 -1.68 8.82
N VAL A 140 12.08 -1.96 7.87
CA VAL A 140 12.57 -2.47 6.56
C VAL A 140 13.00 -1.29 5.68
N ALA A 141 12.15 -0.31 5.49
CA ALA A 141 12.53 0.84 4.65
C ALA A 141 11.50 1.97 4.79
N ARG A 142 11.76 3.09 4.18
CA ARG A 142 10.80 4.24 4.27
C ARG A 142 10.99 5.12 3.02
N TYR A 143 9.92 5.41 2.33
CA TYR A 143 10.03 6.27 1.11
C TYR A 143 9.83 7.74 1.49
N ASP A 144 10.55 8.63 0.87
CA ASP A 144 10.40 10.08 1.20
C ASP A 144 9.45 10.73 0.19
N LEU A 145 8.26 11.06 0.62
CA LEU A 145 7.29 11.70 -0.31
C LEU A 145 7.65 13.17 -0.49
N THR A 146 8.06 13.84 0.55
CA THR A 146 8.42 15.28 0.42
C THR A 146 9.33 15.46 -0.80
N GLU A 147 10.05 14.44 -1.17
CA GLU A 147 10.96 14.53 -2.34
C GLU A 147 10.25 13.99 -3.59
N ASP A 148 9.76 12.78 -3.54
CA ASP A 148 9.07 12.20 -4.73
C ASP A 148 7.63 12.70 -4.81
N ALA A 149 7.24 13.57 -3.93
CA ALA A 149 5.84 14.09 -3.94
C ALA A 149 5.53 14.72 -5.32
N SER A 150 6.46 15.44 -5.85
CA SER A 150 6.22 16.11 -7.17
C SER A 150 6.35 15.11 -8.33
N THR A 151 6.58 13.86 -8.05
CA THR A 151 6.71 12.88 -9.18
C THR A 151 5.33 12.35 -9.60
N GLU A 152 4.41 12.20 -8.68
CA GLU A 152 3.06 11.69 -9.06
C GLU A 152 2.09 11.79 -7.88
N THR A 153 0.91 11.25 -8.04
CA THR A 153 -0.12 11.27 -6.95
C THR A 153 -0.34 9.84 -6.48
N ALA A 154 0.10 8.88 -7.26
CA ALA A 154 -0.06 7.45 -6.88
C ALA A 154 1.24 6.72 -7.21
N MET A 155 1.76 5.93 -6.31
CA MET A 155 3.04 5.21 -6.59
C MET A 155 3.09 3.91 -5.78
N LEU A 156 3.90 2.97 -6.21
CA LEU A 156 4.02 1.68 -5.47
C LEU A 156 5.18 1.75 -4.48
N PHE A 157 4.93 1.43 -3.23
CA PHE A 157 6.02 1.48 -2.21
C PHE A 157 6.95 0.29 -2.41
N GLY A 158 6.41 -0.90 -2.53
CA GLY A 158 7.30 -2.08 -2.71
C GLY A 158 6.47 -3.30 -3.14
N GLU A 159 7.05 -4.46 -3.13
CA GLU A 159 6.30 -5.69 -3.54
C GLU A 159 6.87 -6.92 -2.81
N LEU A 160 6.15 -8.01 -2.86
CA LEU A 160 6.62 -9.27 -2.19
C LEU A 160 6.43 -10.44 -3.17
N TYR A 161 7.40 -11.33 -3.26
CA TYR A 161 7.25 -12.49 -4.20
C TYR A 161 7.92 -13.72 -3.58
N ARG A 162 7.60 -14.88 -4.07
CA ARG A 162 8.20 -16.14 -3.52
C ARG A 162 9.48 -16.46 -4.29
N HIS A 163 10.48 -16.96 -3.60
CA HIS A 163 11.78 -17.32 -4.27
C HIS A 163 12.04 -18.82 -4.10
N ASN A 164 13.10 -19.18 -3.44
CA ASN A 164 13.39 -20.63 -3.24
C ASN A 164 12.44 -21.21 -2.20
N GLY A 165 11.16 -21.01 -2.40
CA GLY A 165 10.16 -21.55 -1.42
C GLY A 165 10.07 -20.60 -0.22
N GLU A 166 10.72 -19.47 -0.29
CA GLU A 166 10.68 -18.48 0.84
C GLU A 166 10.26 -17.11 0.31
N TRP A 167 9.53 -16.37 1.08
CA TRP A 167 9.08 -15.01 0.62
C TRP A 167 10.30 -14.09 0.51
N LYS A 168 10.24 -13.12 -0.37
CA LYS A 168 11.38 -12.18 -0.52
C LYS A 168 10.87 -10.81 -0.97
N PHE A 169 11.24 -9.77 -0.28
CA PHE A 169 10.78 -8.40 -0.64
C PHE A 169 11.76 -7.76 -1.63
N ARG A 170 11.26 -6.91 -2.50
CA ARG A 170 12.15 -6.22 -3.48
C ARG A 170 11.60 -4.82 -3.76
N ALA A 171 12.43 -3.81 -3.68
CA ALA A 171 11.95 -2.43 -3.92
C ALA A 171 11.82 -2.18 -5.42
N VAL A 172 10.97 -1.27 -5.81
CA VAL A 172 10.79 -0.97 -7.26
C VAL A 172 10.45 0.52 -7.43
N GLY A 173 9.68 1.06 -6.53
CA GLY A 173 9.31 2.50 -6.63
C GLY A 173 8.78 2.80 -8.03
N GLN A 174 7.55 2.43 -8.29
CA GLN A 174 6.94 2.69 -9.64
C GLN A 174 5.91 3.82 -9.52
N GLY A 175 6.23 4.98 -10.01
CA GLY A 175 5.28 6.13 -9.92
C GLY A 175 4.38 6.15 -11.16
N TYR A 176 3.10 6.31 -10.97
CA TYR A 176 2.17 6.34 -12.13
C TYR A 176 0.96 7.21 -11.78
N ALA A 177 0.50 8.03 -12.70
CA ALA A 177 -0.68 8.90 -12.43
C ALA A 177 -1.95 8.19 -12.90
N GLY A 178 -2.05 6.90 -12.64
CA GLY A 178 -3.27 6.16 -13.08
C GLY A 178 -4.43 6.46 -12.12
N GLY A 179 -4.62 5.65 -11.12
CA GLY A 179 -5.73 5.89 -10.17
C GLY A 179 -6.09 4.58 -9.44
N LEU A 180 -6.26 4.64 -8.16
CA LEU A 180 -6.60 3.40 -7.39
C LEU A 180 -7.75 2.66 -8.10
N ALA A 181 -8.39 3.30 -9.04
CA ALA A 181 -9.52 2.63 -9.75
C ALA A 181 -8.99 1.61 -10.75
N SER A 182 -8.13 2.02 -11.64
CA SER A 182 -7.58 1.07 -12.66
C SER A 182 -6.30 0.42 -12.12
N VAL A 183 -5.54 1.13 -11.34
CA VAL A 183 -4.28 0.56 -10.79
C VAL A 183 -4.58 -0.79 -10.11
N CYS A 184 -5.80 -1.02 -9.72
CA CYS A 184 -6.14 -2.32 -9.04
C CYS A 184 -6.43 -3.40 -10.09
N ALA A 185 -7.32 -3.13 -11.00
CA ALA A 185 -7.66 -4.15 -12.04
C ALA A 185 -6.61 -4.11 -13.15
N GLN A 186 -5.82 -3.08 -13.20
CA GLN A 186 -4.78 -2.98 -14.28
C GLN A 186 -3.72 -4.06 -14.06
N TYR A 187 -3.55 -4.53 -12.86
CA TYR A 187 -2.51 -5.57 -12.61
C TYR A 187 -2.97 -6.90 -13.20
N GLY A 188 -4.25 -7.05 -13.44
CA GLY A 188 -4.77 -8.32 -14.01
C GLY A 188 -4.66 -8.27 -15.54
N ILE A 189 -4.98 -7.14 -16.13
CA ILE A 189 -4.89 -7.02 -17.63
C ILE A 189 -4.30 -5.66 -17.99
N ASN A 190 -3.40 -5.62 -18.93
CA ASN A 190 -2.78 -4.32 -19.33
C ASN A 190 -3.73 -3.57 -20.28
N ALA A 191 -4.29 -2.48 -19.83
CA ALA A 191 -5.22 -1.72 -20.69
C ALA A 191 -4.41 -0.85 -21.67
N SER A 192 -3.34 -1.37 -22.18
CA SER A 192 -2.50 -0.57 -23.13
C SER A 192 -3.40 0.01 -24.23
N SER A 19 13.56 -16.94 9.47
CA SER A 19 13.24 -15.98 8.38
C SER A 19 12.03 -15.12 8.79
N MET A 20 11.57 -14.27 7.92
CA MET A 20 10.39 -13.42 8.26
C MET A 20 9.12 -14.22 8.08
N LYS A 21 8.15 -14.03 8.94
CA LYS A 21 6.86 -14.78 8.84
C LYS A 21 5.68 -13.83 9.01
N ASN A 22 5.96 -12.57 9.28
CA ASN A 22 4.85 -11.58 9.46
C ASN A 22 5.30 -10.21 8.94
N VAL A 23 4.51 -9.60 8.09
CA VAL A 23 4.88 -8.26 7.54
C VAL A 23 3.88 -7.22 8.05
N LEU A 24 4.29 -5.98 8.14
CA LEU A 24 3.37 -4.92 8.62
C LEU A 24 3.74 -3.59 7.95
N VAL A 25 2.88 -3.09 7.10
CA VAL A 25 3.16 -1.81 6.40
C VAL A 25 2.72 -0.64 7.28
N GLY A 26 3.35 0.50 7.15
CA GLY A 26 2.98 1.68 7.98
C GLY A 26 2.82 2.92 7.10
N LEU A 27 1.75 3.65 7.27
CA LEU A 27 1.50 4.88 6.46
C LEU A 27 0.93 5.94 7.40
N GLY A 28 1.54 7.10 7.48
CA GLY A 28 1.02 8.16 8.40
C GLY A 28 1.34 9.53 7.84
N TRP A 29 0.56 10.52 8.19
CA TRP A 29 0.81 11.89 7.68
C TRP A 29 0.16 12.90 8.62
N ASP A 30 0.70 14.09 8.68
CA ASP A 30 0.13 15.14 9.57
C ASP A 30 -0.95 15.91 8.82
N ALA A 31 -2.15 15.95 9.36
CA ALA A 31 -3.25 16.68 8.67
C ALA A 31 -3.09 18.19 8.93
N ARG A 32 -3.85 19.00 8.24
CA ARG A 32 -3.77 20.48 8.43
C ARG A 32 -5.18 21.06 8.56
N SER A 33 -5.56 21.46 9.75
CA SER A 33 -6.92 22.03 9.95
C SER A 33 -6.84 23.56 9.80
N THR A 34 -7.71 24.11 8.99
CA THR A 34 -7.70 25.59 8.79
C THR A 34 -9.09 26.05 8.37
N ASP A 35 -9.70 25.39 7.42
CA ASP A 35 -11.06 25.78 6.96
C ASP A 35 -11.83 24.52 6.56
N GLY A 36 -11.60 23.43 7.25
CA GLY A 36 -12.31 22.16 6.91
C GLY A 36 -11.49 21.36 5.92
N GLN A 37 -10.41 21.93 5.44
CA GLN A 37 -9.55 21.19 4.46
C GLN A 37 -8.81 20.07 5.19
N ASP A 38 -8.66 18.93 4.54
CA ASP A 38 -7.94 17.80 5.20
C ASP A 38 -7.47 16.82 4.14
N PHE A 39 -6.32 16.21 4.34
CA PHE A 39 -5.80 15.23 3.34
C PHE A 39 -6.17 13.82 3.78
N ASP A 40 -6.43 12.93 2.85
CA ASP A 40 -6.81 11.53 3.20
C ASP A 40 -6.16 10.55 2.22
N LEU A 41 -5.07 9.95 2.60
CA LEU A 41 -4.40 8.97 1.70
C LEU A 41 -5.03 7.59 1.92
N ASP A 42 -4.83 6.67 1.01
CA ASP A 42 -5.44 5.31 1.16
C ASP A 42 -4.40 4.24 0.82
N ALA A 43 -4.12 3.36 1.75
CA ALA A 43 -3.12 2.28 1.49
C ALA A 43 -3.87 1.00 1.12
N SER A 44 -3.38 0.26 0.17
CA SER A 44 -4.07 -1.00 -0.24
C SER A 44 -3.03 -2.00 -0.75
N ALA A 45 -3.29 -3.28 -0.57
CA ALA A 45 -2.33 -4.32 -1.06
C ALA A 45 -2.94 -5.06 -2.24
N PHE A 46 -2.23 -5.11 -3.35
CA PHE A 46 -2.77 -5.81 -4.57
C PHE A 46 -2.08 -7.17 -4.72
N LEU A 47 -2.86 -8.19 -4.95
CA LEU A 47 -2.28 -9.56 -5.10
C LEU A 47 -1.82 -9.78 -6.56
N LEU A 48 -0.91 -10.69 -6.79
CA LEU A 48 -0.45 -10.95 -8.18
C LEU A 48 -0.11 -12.45 -8.32
N ALA A 49 -0.57 -13.10 -9.36
CA ALA A 49 -0.25 -14.55 -9.52
C ALA A 49 1.07 -14.70 -10.28
N ALA A 50 1.60 -15.89 -10.35
CA ALA A 50 2.89 -16.10 -11.10
C ALA A 50 2.59 -16.30 -12.59
N ASN A 51 1.34 -16.33 -12.95
CA ASN A 51 0.99 -16.53 -14.39
C ASN A 51 1.21 -15.23 -15.16
N GLY A 52 1.50 -14.15 -14.46
CA GLY A 52 1.72 -12.84 -15.15
C GLY A 52 0.47 -11.97 -14.97
N LYS A 53 -0.55 -12.52 -14.39
CA LYS A 53 -1.81 -11.75 -14.16
C LYS A 53 -2.36 -12.11 -12.78
N VAL A 54 -3.04 -11.22 -12.14
CA VAL A 54 -3.59 -11.56 -10.80
C VAL A 54 -4.66 -12.64 -10.95
N ARG A 55 -4.65 -13.62 -10.09
CA ARG A 55 -5.71 -14.65 -10.17
C ARG A 55 -7.04 -13.95 -9.95
N GLY A 56 -6.98 -12.67 -9.67
CA GLY A 56 -8.21 -11.87 -9.44
C GLY A 56 -7.81 -10.46 -9.04
N ASP A 57 -7.49 -9.63 -9.99
CA ASP A 57 -7.08 -8.23 -9.68
C ASP A 57 -8.05 -7.63 -8.66
N ALA A 58 -9.30 -7.91 -8.80
CA ALA A 58 -10.31 -7.36 -7.84
C ALA A 58 -10.11 -7.99 -6.47
N ASP A 59 -9.03 -8.71 -6.27
CA ASP A 59 -8.78 -9.36 -4.95
C ASP A 59 -7.86 -8.45 -4.11
N PHE A 60 -7.88 -7.17 -4.38
CA PHE A 60 -7.02 -6.23 -3.60
C PHE A 60 -7.82 -5.70 -2.40
N ILE A 61 -7.17 -5.52 -1.30
CA ILE A 61 -7.87 -5.01 -0.09
C ILE A 61 -7.92 -3.48 -0.12
N PHE A 62 -9.03 -2.94 0.29
CA PHE A 62 -9.22 -1.46 0.31
C PHE A 62 -9.69 -1.04 1.71
N TYR A 63 -10.16 0.17 1.86
CA TYR A 63 -10.62 0.65 3.19
C TYR A 63 -11.84 -0.18 3.65
N ASN A 64 -12.86 -0.26 2.84
CA ASN A 64 -14.07 -1.03 3.26
C ASN A 64 -13.67 -2.49 3.57
N ASN A 65 -12.73 -3.02 2.86
CA ASN A 65 -12.30 -4.43 3.11
C ASN A 65 -11.39 -4.45 4.35
N LEU A 66 -11.97 -4.47 5.51
CA LEU A 66 -11.15 -4.49 6.76
C LEU A 66 -10.14 -5.65 6.70
N LYS A 67 -10.53 -6.77 6.15
CA LYS A 67 -9.59 -7.92 6.08
C LYS A 67 -10.11 -8.95 5.08
N SER A 68 -9.24 -9.79 4.58
CA SER A 68 -9.66 -10.82 3.60
C SER A 68 -10.29 -11.99 4.36
N ALA A 69 -10.86 -12.94 3.66
CA ALA A 69 -11.47 -14.11 4.34
C ALA A 69 -10.39 -15.16 4.60
N ASP A 70 -9.62 -15.48 3.59
CA ASP A 70 -8.52 -16.49 3.73
C ASP A 70 -7.18 -15.82 3.45
N GLY A 71 -7.20 -14.64 2.88
CA GLY A 71 -5.93 -13.94 2.57
C GLY A 71 -5.07 -13.81 3.84
N SER A 72 -5.67 -14.00 4.98
CA SER A 72 -4.89 -13.89 6.25
C SER A 72 -4.35 -12.46 6.39
N VAL A 73 -4.72 -11.58 5.50
CA VAL A 73 -4.25 -10.17 5.58
C VAL A 73 -5.25 -9.35 6.38
N THR A 74 -4.82 -8.30 7.03
CA THR A 74 -5.77 -7.48 7.83
C THR A 74 -5.37 -6.00 7.76
N HIS A 75 -6.30 -5.14 7.43
CA HIS A 75 -6.00 -3.68 7.35
C HIS A 75 -6.34 -3.02 8.69
N THR A 76 -5.46 -2.19 9.20
CA THR A 76 -5.75 -1.53 10.51
C THR A 76 -7.00 -0.65 10.37
N GLY A 77 -7.10 0.06 9.28
CA GLY A 77 -8.29 0.95 9.09
C GLY A 77 -7.94 2.07 8.11
N ASP A 78 -8.87 2.94 7.83
CA ASP A 78 -8.61 4.08 6.88
C ASP A 78 -8.94 5.40 7.57
N ASN A 79 -7.95 6.20 7.87
CA ASN A 79 -8.21 7.50 8.53
C ASN A 79 -8.58 8.55 7.49
N ARG A 80 -9.64 9.29 7.73
CA ARG A 80 -10.06 10.33 6.75
C ARG A 80 -9.29 11.63 7.02
N THR A 81 -8.28 11.58 7.85
CA THR A 81 -7.49 12.80 8.16
C THR A 81 -6.08 12.40 8.58
N GLY A 82 -5.95 11.32 9.30
CA GLY A 82 -4.59 10.88 9.75
C GLY A 82 -4.19 11.64 11.00
N GLU A 83 -5.13 12.25 11.67
CA GLU A 83 -4.80 13.01 12.90
C GLU A 83 -4.15 12.07 13.91
N GLY A 84 -2.87 12.25 14.17
CA GLY A 84 -2.18 11.37 15.15
C GLY A 84 -0.67 11.37 14.86
N ASP A 85 0.13 11.54 15.87
CA ASP A 85 1.61 11.56 15.66
C ASP A 85 2.12 10.12 15.55
N GLY A 86 1.99 9.52 14.41
CA GLY A 86 2.48 8.11 14.24
C GLY A 86 1.82 7.48 13.02
N ASP A 87 2.16 6.26 12.71
CA ASP A 87 1.55 5.59 11.52
C ASP A 87 0.04 5.63 11.64
N ASP A 88 -0.62 6.30 10.73
CA ASP A 88 -2.11 6.39 10.78
C ASP A 88 -2.70 5.12 10.18
N GLU A 89 -2.37 4.81 8.96
CA GLU A 89 -2.91 3.59 8.29
C GLU A 89 -1.84 2.49 8.29
N SER A 90 -2.23 1.26 8.14
CA SER A 90 -1.21 0.16 8.14
C SER A 90 -1.86 -1.13 7.62
N LEU A 91 -1.06 -2.13 7.37
CA LEU A 91 -1.61 -3.43 6.86
C LEU A 91 -0.78 -4.58 7.44
N LYS A 92 -1.39 -5.43 8.22
CA LYS A 92 -0.65 -6.58 8.82
C LYS A 92 -0.88 -7.83 7.96
N ILE A 93 0.16 -8.58 7.70
CA ILE A 93 0.02 -9.80 6.85
C ILE A 93 0.76 -10.99 7.49
N LYS A 94 0.23 -12.17 7.31
CA LYS A 94 0.89 -13.40 7.88
C LYS A 94 1.41 -14.24 6.71
N LEU A 95 2.68 -14.18 6.44
CA LEU A 95 3.25 -14.96 5.31
C LEU A 95 3.00 -16.45 5.54
N ASP A 96 3.34 -16.94 6.69
CA ASP A 96 3.13 -18.39 6.97
C ASP A 96 1.69 -18.77 6.64
N ALA A 97 0.82 -17.80 6.45
CA ALA A 97 -0.60 -18.09 6.12
C ALA A 97 -0.82 -17.98 4.61
N VAL A 98 0.01 -17.26 3.92
CA VAL A 98 -0.15 -17.12 2.45
C VAL A 98 -0.05 -18.52 1.79
N PRO A 99 -1.05 -18.95 1.03
CA PRO A 99 -1.01 -20.29 0.37
C PRO A 99 -0.12 -20.28 -0.89
N GLY A 100 -0.27 -21.28 -1.73
CA GLY A 100 0.55 -21.34 -2.97
C GLY A 100 -0.21 -20.70 -4.13
N ASP A 101 -1.37 -20.16 -3.87
CA ASP A 101 -2.16 -19.53 -4.96
C ASP A 101 -1.44 -18.27 -5.42
N VAL A 102 -1.23 -17.33 -4.54
CA VAL A 102 -0.52 -16.08 -4.92
C VAL A 102 0.98 -16.32 -4.88
N ASP A 103 1.72 -15.63 -5.72
CA ASP A 103 3.20 -15.81 -5.77
C ASP A 103 3.89 -14.47 -5.54
N LYS A 104 3.14 -13.40 -5.45
CA LYS A 104 3.77 -12.07 -5.23
C LYS A 104 2.73 -11.11 -4.63
N ILE A 105 3.19 -10.11 -3.92
CA ILE A 105 2.24 -9.14 -3.29
C ILE A 105 2.86 -7.74 -3.37
N ILE A 106 2.05 -6.71 -3.40
CA ILE A 106 2.61 -5.33 -3.48
C ILE A 106 1.74 -4.37 -2.65
N PHE A 107 2.36 -3.33 -2.13
CA PHE A 107 1.63 -2.32 -1.32
C PHE A 107 1.72 -0.96 -2.02
N VAL A 108 0.62 -0.25 -2.13
CA VAL A 108 0.64 1.08 -2.82
C VAL A 108 -0.22 2.08 -2.04
N VAL A 109 0.03 3.35 -2.22
CA VAL A 109 -0.76 4.42 -1.53
C VAL A 109 -1.33 5.38 -2.58
N THR A 110 -2.63 5.57 -2.57
CA THR A 110 -3.27 6.49 -3.58
C THR A 110 -3.97 7.63 -2.86
N ILE A 111 -3.92 8.82 -3.42
CA ILE A 111 -4.60 9.97 -2.78
C ILE A 111 -6.11 9.84 -2.99
N HIS A 112 -6.89 10.30 -2.04
CA HIS A 112 -8.39 10.20 -2.16
C HIS A 112 -8.99 11.59 -2.40
N ASP A 113 -8.80 12.49 -1.49
CA ASP A 113 -9.36 13.87 -1.66
C ASP A 113 -9.03 14.38 -3.06
N ALA A 114 -8.05 13.79 -3.70
CA ALA A 114 -7.67 14.24 -5.07
C ALA A 114 -8.87 14.12 -6.01
N GLN A 115 -9.85 13.35 -5.66
CA GLN A 115 -11.03 13.20 -6.55
C GLN A 115 -11.71 14.56 -6.70
N ALA A 116 -12.16 15.12 -5.62
CA ALA A 116 -12.86 16.45 -5.69
C ALA A 116 -11.86 17.61 -5.51
N ARG A 117 -10.84 17.42 -4.73
CA ARG A 117 -9.85 18.54 -4.49
C ARG A 117 -8.65 18.43 -5.43
N ARG A 118 -8.39 17.28 -5.98
CA ARG A 118 -7.22 17.15 -6.89
C ARG A 118 -5.97 17.65 -6.16
N GLN A 119 -5.33 16.78 -5.40
CA GLN A 119 -4.11 17.18 -4.65
C GLN A 119 -3.12 16.02 -4.63
N SER A 120 -1.84 16.31 -4.57
CA SER A 120 -0.81 15.23 -4.55
C SER A 120 -0.25 15.08 -3.14
N PHE A 121 0.43 14.00 -2.86
CA PHE A 121 1.01 13.80 -1.51
C PHE A 121 1.72 15.08 -1.05
N GLY A 122 2.40 15.73 -1.93
CA GLY A 122 3.13 16.98 -1.55
C GLY A 122 2.17 18.00 -0.94
N GLN A 123 0.96 18.08 -1.45
CA GLN A 123 -0.01 19.05 -0.88
C GLN A 123 -0.14 18.83 0.62
N VAL A 124 0.20 17.66 1.08
CA VAL A 124 0.11 17.37 2.55
C VAL A 124 1.28 18.03 3.28
N SER A 125 1.19 18.15 4.57
CA SER A 125 2.30 18.78 5.33
C SER A 125 3.56 17.92 5.22
N GLY A 126 3.40 16.63 5.02
CA GLY A 126 4.59 15.74 4.91
C GLY A 126 4.19 14.30 5.22
N ALA A 127 3.57 13.63 4.30
CA ALA A 127 3.15 12.22 4.56
C ALA A 127 4.38 11.31 4.45
N PHE A 128 4.28 10.09 4.95
CA PHE A 128 5.45 9.17 4.88
C PHE A 128 4.96 7.72 4.78
N ILE A 129 5.85 6.82 4.51
CA ILE A 129 5.50 5.37 4.39
C ILE A 129 6.57 4.54 5.11
N ARG A 130 6.20 3.45 5.71
CA ARG A 130 7.22 2.61 6.44
C ARG A 130 6.85 1.14 6.32
N LEU A 131 7.82 0.27 6.54
CA LEU A 131 7.55 -1.19 6.46
C LEU A 131 8.38 -1.90 7.54
N VAL A 132 7.80 -2.86 8.21
CA VAL A 132 8.56 -3.58 9.28
C VAL A 132 8.12 -5.03 9.32
N ASN A 133 9.01 -5.92 9.67
CA ASN A 133 8.62 -7.35 9.75
C ASN A 133 8.14 -7.64 11.17
N ASP A 134 6.85 -7.73 11.37
CA ASP A 134 6.33 -8.00 12.73
C ASP A 134 6.98 -9.29 13.23
N ASP A 135 7.66 -9.98 12.36
CA ASP A 135 8.32 -11.25 12.74
C ASP A 135 9.74 -10.97 13.23
N ASN A 136 10.51 -10.27 12.44
CA ASN A 136 11.92 -9.98 12.84
C ASN A 136 11.95 -8.76 13.79
N GLN A 137 10.89 -7.98 13.80
CA GLN A 137 10.84 -6.79 14.69
C GLN A 137 11.96 -5.82 14.34
N THR A 138 12.05 -5.44 13.10
CA THR A 138 13.12 -4.47 12.68
C THR A 138 12.66 -3.69 11.45
N GLU A 139 12.76 -2.39 11.50
CA GLU A 139 12.32 -1.55 10.35
C GLU A 139 12.87 -2.14 9.04
N VAL A 140 12.05 -2.19 8.01
CA VAL A 140 12.52 -2.73 6.71
C VAL A 140 12.93 -1.58 5.78
N ALA A 141 12.09 -0.58 5.65
CA ALA A 141 12.47 0.55 4.75
C ALA A 141 11.48 1.71 4.91
N ARG A 142 11.75 2.82 4.28
CA ARG A 142 10.84 4.00 4.37
C ARG A 142 10.85 4.77 3.05
N TYR A 143 9.79 5.47 2.74
CA TYR A 143 9.73 6.25 1.46
C TYR A 143 9.42 7.71 1.76
N ASP A 144 10.09 8.63 1.09
CA ASP A 144 9.84 10.08 1.33
C ASP A 144 8.86 10.61 0.28
N LEU A 145 7.65 10.94 0.69
CA LEU A 145 6.66 11.46 -0.29
C LEU A 145 6.94 12.93 -0.58
N THR A 146 7.32 13.69 0.41
CA THR A 146 7.61 15.14 0.18
C THR A 146 8.49 15.28 -1.05
N GLU A 147 9.28 14.29 -1.35
CA GLU A 147 10.18 14.35 -2.54
C GLU A 147 9.49 13.66 -3.73
N ASP A 148 9.08 12.43 -3.57
CA ASP A 148 8.42 11.70 -4.69
C ASP A 148 6.99 12.20 -4.87
N ALA A 149 6.56 13.13 -4.06
CA ALA A 149 5.18 13.65 -4.19
C ALA A 149 4.97 14.15 -5.62
N SER A 150 5.88 14.94 -6.11
CA SER A 150 5.75 15.48 -7.48
C SER A 150 5.81 14.34 -8.50
N THR A 151 5.90 13.13 -8.03
CA THR A 151 5.97 11.98 -8.98
C THR A 151 4.57 11.63 -9.50
N GLU A 152 3.56 11.78 -8.68
CA GLU A 152 2.16 11.47 -9.13
C GLU A 152 1.22 11.52 -7.92
N THR A 153 0.02 11.01 -8.07
CA THR A 153 -0.96 11.00 -6.95
C THR A 153 -1.13 9.54 -6.49
N ALA A 154 -0.64 8.62 -7.27
CA ALA A 154 -0.73 7.18 -6.91
C ALA A 154 0.58 6.50 -7.32
N MET A 155 1.09 5.61 -6.50
CA MET A 155 2.38 4.95 -6.85
C MET A 155 2.58 3.72 -5.96
N LEU A 156 3.38 2.79 -6.39
CA LEU A 156 3.64 1.56 -5.55
C LEU A 156 4.91 1.75 -4.72
N PHE A 157 4.80 1.59 -3.43
CA PHE A 157 6.01 1.77 -2.57
C PHE A 157 7.06 0.72 -2.97
N GLY A 158 6.65 -0.51 -3.16
CA GLY A 158 7.64 -1.56 -3.55
C GLY A 158 6.90 -2.85 -3.91
N GLU A 159 7.52 -3.98 -3.70
CA GLU A 159 6.86 -5.27 -4.04
C GLU A 159 7.37 -6.38 -3.10
N LEU A 160 6.70 -7.51 -3.10
CA LEU A 160 7.13 -8.65 -2.24
C LEU A 160 7.04 -9.93 -3.07
N TYR A 161 8.11 -10.69 -3.14
CA TYR A 161 8.09 -11.95 -3.96
C TYR A 161 8.76 -13.08 -3.19
N ARG A 162 8.58 -14.30 -3.65
CA ARG A 162 9.20 -15.47 -2.96
C ARG A 162 10.56 -15.78 -3.58
N HIS A 163 11.48 -16.27 -2.80
CA HIS A 163 12.83 -16.62 -3.33
C HIS A 163 13.40 -17.79 -2.53
N ASN A 164 13.74 -18.86 -3.21
CA ASN A 164 14.30 -20.05 -2.49
C ASN A 164 13.37 -20.42 -1.34
N GLY A 165 12.11 -20.10 -1.46
CA GLY A 165 11.14 -20.44 -0.36
C GLY A 165 11.21 -19.37 0.73
N GLU A 166 11.78 -18.22 0.43
CA GLU A 166 11.89 -17.13 1.44
C GLU A 166 11.33 -15.84 0.84
N TRP A 167 10.48 -15.16 1.57
CA TRP A 167 9.90 -13.88 1.05
C TRP A 167 11.00 -12.82 0.96
N LYS A 168 10.87 -11.88 0.05
CA LYS A 168 11.90 -10.81 -0.07
C LYS A 168 11.19 -9.51 -0.46
N PHE A 169 11.92 -8.42 -0.49
CA PHE A 169 11.31 -7.10 -0.85
C PHE A 169 12.22 -6.38 -1.85
N ARG A 170 11.64 -5.74 -2.83
CA ARG A 170 12.46 -5.01 -3.85
C ARG A 170 11.76 -3.70 -4.22
N ALA A 171 12.29 -2.59 -3.77
CA ALA A 171 11.64 -1.28 -4.11
C ALA A 171 11.99 -0.89 -5.54
N VAL A 172 11.17 -0.10 -6.16
CA VAL A 172 11.43 0.33 -7.57
C VAL A 172 11.00 1.78 -7.77
N GLY A 173 9.96 2.19 -7.10
CA GLY A 173 9.49 3.60 -7.25
C GLY A 173 8.92 3.80 -8.66
N GLN A 174 7.65 3.55 -8.82
CA GLN A 174 7.02 3.72 -10.16
C GLN A 174 5.64 4.36 -9.99
N GLY A 175 5.52 5.63 -10.29
CA GLY A 175 4.21 6.32 -10.14
C GLY A 175 3.35 6.07 -11.40
N TYR A 176 2.05 6.07 -11.24
CA TYR A 176 1.15 5.84 -12.41
C TYR A 176 -0.09 6.73 -12.27
N ALA A 177 -0.51 7.35 -13.34
CA ALA A 177 -1.71 8.24 -13.28
C ALA A 177 -2.94 7.47 -13.77
N GLY A 178 -2.80 6.18 -13.95
CA GLY A 178 -3.96 5.38 -14.43
C GLY A 178 -5.20 5.71 -13.59
N GLY A 179 -5.27 5.18 -12.40
CA GLY A 179 -6.45 5.45 -11.52
C GLY A 179 -6.59 4.34 -10.49
N LEU A 180 -6.87 4.70 -9.26
CA LEU A 180 -7.01 3.66 -8.20
C LEU A 180 -7.89 2.51 -8.71
N ALA A 181 -8.81 2.79 -9.58
CA ALA A 181 -9.69 1.71 -10.13
C ALA A 181 -9.01 1.04 -11.30
N SER A 182 -8.21 1.76 -12.03
CA SER A 182 -7.51 1.16 -13.21
C SER A 182 -6.27 0.40 -12.74
N VAL A 183 -5.44 1.03 -11.94
CA VAL A 183 -4.22 0.34 -11.45
C VAL A 183 -4.59 -1.04 -10.90
N CYS A 184 -5.84 -1.22 -10.54
CA CYS A 184 -6.26 -2.53 -10.00
C CYS A 184 -6.31 -3.58 -11.11
N ALA A 185 -7.14 -3.37 -12.09
CA ALA A 185 -7.22 -4.35 -13.21
C ALA A 185 -5.96 -4.27 -14.07
N GLN A 186 -5.20 -3.23 -13.90
CA GLN A 186 -3.95 -3.07 -14.70
C GLN A 186 -2.94 -4.15 -14.30
N TYR A 187 -3.00 -4.61 -13.08
CA TYR A 187 -2.04 -5.66 -12.64
C TYR A 187 -2.41 -7.00 -13.29
N GLY A 188 -3.63 -7.11 -13.76
CA GLY A 188 -4.05 -8.38 -14.41
C GLY A 188 -3.57 -8.40 -15.86
N ILE A 189 -3.39 -7.25 -16.45
CA ILE A 189 -2.92 -7.19 -17.86
C ILE A 189 -1.41 -7.43 -17.91
N ASN A 190 -0.97 -8.45 -18.58
CA ASN A 190 0.49 -8.72 -18.66
C ASN A 190 1.19 -7.60 -19.43
N ALA A 191 2.23 -7.05 -18.87
CA ALA A 191 2.95 -5.94 -19.57
C ALA A 191 3.89 -6.53 -20.62
N SER A 192 4.30 -5.74 -21.57
CA SER A 192 5.21 -6.25 -22.63
C SER A 192 4.62 -7.53 -23.23
N SER A 19 14.29 -14.01 5.34
CA SER A 19 12.95 -14.62 5.18
C SER A 19 11.90 -13.76 5.89
N MET A 20 11.18 -12.96 5.15
CA MET A 20 10.15 -12.09 5.78
C MET A 20 8.95 -12.94 6.20
N LYS A 21 8.96 -13.45 7.40
CA LYS A 21 7.83 -14.30 7.87
C LYS A 21 6.66 -13.40 8.27
N ASN A 22 6.93 -12.16 8.60
CA ASN A 22 5.83 -11.23 9.02
C ASN A 22 6.18 -9.81 8.55
N VAL A 23 5.28 -9.17 7.86
CA VAL A 23 5.52 -7.78 7.35
C VAL A 23 4.42 -6.85 7.89
N LEU A 24 4.74 -5.60 8.08
CA LEU A 24 3.73 -4.64 8.61
C LEU A 24 4.02 -3.24 8.05
N VAL A 25 3.24 -2.79 7.11
CA VAL A 25 3.48 -1.44 6.53
C VAL A 25 2.77 -0.39 7.38
N GLY A 26 3.29 0.81 7.43
CA GLY A 26 2.66 1.89 8.26
C GLY A 26 2.75 3.22 7.53
N LEU A 27 1.61 3.80 7.24
CA LEU A 27 1.58 5.13 6.55
C LEU A 27 1.24 6.20 7.59
N GLY A 28 1.87 7.34 7.52
CA GLY A 28 1.58 8.40 8.52
C GLY A 28 1.82 9.78 7.91
N TRP A 29 1.01 10.75 8.26
CA TRP A 29 1.20 12.10 7.70
C TRP A 29 0.49 13.14 8.59
N ASP A 30 0.95 14.36 8.56
CA ASP A 30 0.32 15.42 9.40
C ASP A 30 -0.87 16.02 8.66
N ALA A 31 -1.98 16.17 9.33
CA ALA A 31 -3.18 16.75 8.67
C ALA A 31 -3.05 18.27 8.64
N ARG A 32 -3.14 18.88 7.49
CA ARG A 32 -3.03 20.35 7.40
C ARG A 32 -4.39 21.00 7.67
N SER A 33 -4.55 21.60 8.83
CA SER A 33 -5.85 22.26 9.16
C SER A 33 -5.72 23.77 8.97
N THR A 34 -6.65 24.38 8.30
CA THR A 34 -6.59 25.85 8.07
C THR A 34 -7.97 26.36 7.70
N ASP A 35 -8.73 25.58 6.98
CA ASP A 35 -10.10 26.02 6.57
C ASP A 35 -10.95 24.80 6.28
N GLY A 36 -10.86 23.78 7.08
CA GLY A 36 -11.68 22.55 6.85
C GLY A 36 -10.94 21.63 5.88
N GLN A 37 -10.17 22.20 4.99
CA GLN A 37 -9.41 21.35 4.02
C GLN A 37 -8.59 20.31 4.77
N ASP A 38 -8.14 19.29 4.09
CA ASP A 38 -7.32 18.24 4.77
C ASP A 38 -6.79 17.25 3.74
N PHE A 39 -6.36 16.10 4.16
CA PHE A 39 -5.82 15.09 3.21
C PHE A 39 -6.07 13.69 3.77
N ASP A 40 -6.42 12.76 2.92
CA ASP A 40 -6.68 11.37 3.39
C ASP A 40 -6.14 10.36 2.38
N LEU A 41 -5.00 9.78 2.66
CA LEU A 41 -4.43 8.78 1.72
C LEU A 41 -5.07 7.42 1.99
N ASP A 42 -5.00 6.51 1.05
CA ASP A 42 -5.62 5.15 1.23
C ASP A 42 -4.56 4.08 0.98
N ALA A 43 -4.25 3.29 1.98
CA ALA A 43 -3.22 2.22 1.81
C ALA A 43 -3.93 0.88 1.55
N SER A 44 -3.47 0.16 0.55
CA SER A 44 -4.10 -1.16 0.24
C SER A 44 -3.04 -2.09 -0.36
N ALA A 45 -3.36 -3.37 -0.46
CA ALA A 45 -2.38 -4.35 -1.03
C ALA A 45 -3.09 -5.22 -2.08
N PHE A 46 -2.53 -5.33 -3.26
CA PHE A 46 -3.17 -6.16 -4.33
C PHE A 46 -2.39 -7.46 -4.53
N LEU A 47 -3.07 -8.56 -4.68
CA LEU A 47 -2.39 -9.87 -4.88
C LEU A 47 -1.94 -10.00 -6.33
N LEU A 48 -0.95 -10.81 -6.60
CA LEU A 48 -0.48 -10.99 -8.02
C LEU A 48 0.00 -12.44 -8.20
N ALA A 49 -0.47 -13.11 -9.21
CA ALA A 49 -0.03 -14.52 -9.45
C ALA A 49 1.39 -14.53 -10.02
N ALA A 50 1.96 -15.69 -10.21
CA ALA A 50 3.34 -15.76 -10.78
C ALA A 50 3.27 -15.68 -12.31
N ASN A 51 2.09 -15.69 -12.86
CA ASN A 51 1.96 -15.60 -14.34
C ASN A 51 2.15 -14.16 -14.79
N GLY A 52 2.30 -13.25 -13.86
CA GLY A 52 2.50 -11.81 -14.23
C GLY A 52 1.14 -11.12 -14.16
N LYS A 53 0.08 -11.87 -14.05
CA LYS A 53 -1.29 -11.28 -13.97
C LYS A 53 -1.97 -11.79 -12.70
N VAL A 54 -2.66 -10.93 -12.00
CA VAL A 54 -3.34 -11.40 -10.76
C VAL A 54 -4.55 -12.23 -11.13
N ARG A 55 -4.84 -13.23 -10.34
CA ARG A 55 -6.03 -14.08 -10.63
C ARG A 55 -7.27 -13.19 -10.53
N GLY A 56 -7.06 -11.93 -10.27
CA GLY A 56 -8.20 -10.96 -10.14
C GLY A 56 -7.85 -9.93 -9.07
N ASP A 57 -7.42 -8.76 -9.47
CA ASP A 57 -7.07 -7.71 -8.47
C ASP A 57 -8.18 -7.61 -7.42
N ALA A 58 -9.37 -7.98 -7.78
CA ALA A 58 -10.50 -7.91 -6.82
C ALA A 58 -10.17 -8.73 -5.56
N ASP A 59 -9.07 -9.43 -5.56
CA ASP A 59 -8.70 -10.22 -4.36
C ASP A 59 -7.83 -9.36 -3.45
N PHE A 60 -7.99 -8.07 -3.53
CA PHE A 60 -7.17 -7.15 -2.69
C PHE A 60 -7.89 -6.88 -1.37
N ILE A 61 -7.16 -6.91 -0.28
CA ILE A 61 -7.77 -6.65 1.04
C ILE A 61 -7.88 -5.15 1.27
N PHE A 62 -8.96 -4.72 1.84
CA PHE A 62 -9.18 -3.26 2.11
C PHE A 62 -9.44 -3.04 3.60
N TYR A 63 -9.88 -1.87 3.98
CA TYR A 63 -10.13 -1.58 5.42
C TYR A 63 -11.52 -2.08 5.82
N ASN A 64 -11.99 -3.14 5.21
CA ASN A 64 -13.34 -3.65 5.58
C ASN A 64 -13.57 -5.01 4.91
N ASN A 65 -12.52 -5.70 4.55
CA ASN A 65 -12.69 -7.03 3.88
C ASN A 65 -12.78 -8.13 4.95
N LEU A 66 -13.41 -7.83 6.05
CA LEU A 66 -13.55 -8.84 7.13
C LEU A 66 -12.21 -9.54 7.37
N LYS A 67 -11.14 -8.86 7.06
CA LYS A 67 -9.76 -9.46 7.24
C LYS A 67 -9.66 -10.75 6.43
N SER A 68 -8.63 -10.88 5.64
CA SER A 68 -8.48 -12.12 4.81
C SER A 68 -8.55 -13.34 5.73
N ALA A 69 -9.59 -14.11 5.62
CA ALA A 69 -9.72 -15.32 6.48
C ALA A 69 -8.82 -16.43 5.93
N ASP A 70 -8.42 -16.30 4.69
CA ASP A 70 -7.54 -17.34 4.06
C ASP A 70 -6.19 -16.72 3.70
N GLY A 71 -6.10 -15.41 3.71
CA GLY A 71 -4.80 -14.75 3.36
C GLY A 71 -4.03 -14.43 4.65
N SER A 72 -4.67 -14.59 5.79
CA SER A 72 -3.97 -14.28 7.07
C SER A 72 -3.56 -12.81 7.07
N VAL A 73 -4.06 -12.05 6.14
CA VAL A 73 -3.71 -10.60 6.06
C VAL A 73 -4.77 -9.79 6.83
N THR A 74 -4.40 -8.66 7.37
CA THR A 74 -5.40 -7.84 8.13
C THR A 74 -5.06 -6.36 7.96
N HIS A 75 -6.05 -5.53 7.75
CA HIS A 75 -5.80 -4.06 7.59
C HIS A 75 -5.95 -3.37 8.94
N THR A 76 -5.15 -2.37 9.19
CA THR A 76 -5.24 -1.65 10.50
C THR A 76 -6.49 -0.78 10.51
N GLY A 77 -6.56 0.18 9.62
CA GLY A 77 -7.76 1.07 9.59
C GLY A 77 -7.47 2.29 8.72
N ASP A 78 -8.35 2.61 7.80
CA ASP A 78 -8.12 3.78 6.92
C ASP A 78 -8.56 5.06 7.64
N ASN A 79 -7.65 5.95 7.91
CA ASN A 79 -8.01 7.21 8.61
C ASN A 79 -8.77 8.13 7.65
N ARG A 80 -9.03 9.35 8.06
CA ARG A 80 -9.76 10.31 7.18
C ARG A 80 -9.10 11.69 7.26
N THR A 81 -8.05 11.82 8.02
CA THR A 81 -7.35 13.13 8.14
C THR A 81 -5.87 12.91 8.47
N GLY A 82 -5.56 11.88 9.20
CA GLY A 82 -4.13 11.61 9.56
C GLY A 82 -3.87 12.14 10.97
N GLU A 83 -4.89 12.64 11.61
CA GLU A 83 -4.71 13.16 13.00
C GLU A 83 -4.17 12.05 13.90
N GLY A 84 -2.93 12.16 14.33
CA GLY A 84 -2.34 11.12 15.20
C GLY A 84 -0.85 10.95 14.87
N ASP A 85 0.00 11.00 15.85
CA ASP A 85 1.45 10.85 15.59
C ASP A 85 1.74 9.41 15.13
N GLY A 86 2.98 9.01 15.13
CA GLY A 86 3.31 7.62 14.69
C GLY A 86 2.69 7.36 13.31
N ASP A 87 2.51 6.12 12.97
CA ASP A 87 1.91 5.79 11.63
C ASP A 87 0.39 5.92 11.71
N ASP A 88 -0.21 6.54 10.73
CA ASP A 88 -1.70 6.69 10.75
C ASP A 88 -2.34 5.36 10.35
N GLU A 89 -2.27 5.00 9.10
CA GLU A 89 -2.87 3.72 8.64
C GLU A 89 -1.81 2.62 8.67
N SER A 90 -2.18 1.40 8.40
CA SER A 90 -1.18 0.31 8.42
C SER A 90 -1.81 -1.00 7.91
N LEU A 91 -1.00 -1.94 7.53
CA LEU A 91 -1.54 -3.24 7.02
C LEU A 91 -0.63 -4.38 7.53
N LYS A 92 -1.20 -5.34 8.20
CA LYS A 92 -0.38 -6.47 8.73
C LYS A 92 -0.45 -7.65 7.76
N ILE A 93 0.67 -8.25 7.46
CA ILE A 93 0.70 -9.40 6.51
C ILE A 93 1.59 -10.52 7.06
N LYS A 94 1.24 -11.75 6.79
CA LYS A 94 2.05 -12.91 7.27
C LYS A 94 2.43 -13.77 6.07
N LEU A 95 3.55 -13.49 5.46
CA LEU A 95 3.97 -14.28 4.26
C LEU A 95 4.21 -15.74 4.66
N ASP A 96 4.12 -16.02 5.94
CA ASP A 96 4.35 -17.43 6.40
C ASP A 96 3.02 -18.20 6.42
N ALA A 97 1.96 -17.59 5.94
CA ALA A 97 0.62 -18.28 5.93
C ALA A 97 0.01 -18.18 4.52
N VAL A 98 0.77 -17.71 3.58
CA VAL A 98 0.24 -17.57 2.19
C VAL A 98 -0.08 -18.96 1.62
N PRO A 99 -1.05 -19.07 0.74
CA PRO A 99 -1.43 -20.38 0.12
C PRO A 99 -0.45 -20.78 -0.99
N GLY A 100 -0.84 -21.68 -1.85
CA GLY A 100 0.06 -22.12 -2.96
C GLY A 100 -0.37 -21.44 -4.27
N ASP A 101 -1.36 -20.59 -4.21
CA ASP A 101 -1.83 -19.91 -5.45
C ASP A 101 -1.06 -18.60 -5.65
N VAL A 102 -1.34 -17.61 -4.84
CA VAL A 102 -0.63 -16.31 -4.98
C VAL A 102 0.88 -16.54 -4.86
N ASP A 103 1.66 -15.73 -5.54
CA ASP A 103 3.16 -15.90 -5.47
C ASP A 103 3.82 -14.52 -5.33
N LYS A 104 3.07 -13.47 -5.35
CA LYS A 104 3.66 -12.11 -5.22
C LYS A 104 2.63 -11.15 -4.62
N ILE A 105 3.08 -10.15 -3.90
CA ILE A 105 2.15 -9.17 -3.28
C ILE A 105 2.68 -7.76 -3.51
N ILE A 106 1.82 -6.77 -3.52
CA ILE A 106 2.29 -5.37 -3.75
C ILE A 106 1.51 -4.42 -2.83
N PHE A 107 2.08 -3.27 -2.56
CA PHE A 107 1.42 -2.27 -1.66
C PHE A 107 1.48 -0.89 -2.31
N VAL A 108 0.39 -0.17 -2.33
CA VAL A 108 0.39 1.20 -2.94
C VAL A 108 -0.46 2.15 -2.10
N VAL A 109 -0.21 3.43 -2.23
CA VAL A 109 -0.99 4.44 -1.44
C VAL A 109 -1.49 5.52 -2.41
N THR A 110 -2.78 5.60 -2.60
CA THR A 110 -3.35 6.63 -3.54
C THR A 110 -4.03 7.73 -2.74
N ILE A 111 -4.02 8.94 -3.24
CA ILE A 111 -4.68 10.06 -2.52
C ILE A 111 -6.20 9.92 -2.64
N HIS A 112 -6.94 10.31 -1.64
CA HIS A 112 -8.43 10.19 -1.70
C HIS A 112 -9.04 11.53 -2.15
N ASP A 113 -8.90 12.55 -1.34
CA ASP A 113 -9.48 13.87 -1.72
C ASP A 113 -9.11 14.21 -3.16
N ALA A 114 -8.12 13.55 -3.69
CA ALA A 114 -7.71 13.83 -5.10
C ALA A 114 -8.85 13.48 -6.05
N GLN A 115 -9.53 12.40 -5.81
CA GLN A 115 -10.65 12.02 -6.72
C GLN A 115 -11.61 13.20 -6.83
N ALA A 116 -11.76 13.98 -5.79
CA ALA A 116 -12.71 15.13 -5.84
C ALA A 116 -12.01 16.41 -6.31
N ARG A 117 -10.91 16.80 -5.69
CA ARG A 117 -10.20 18.06 -6.09
C ARG A 117 -8.84 17.76 -6.72
N ARG A 118 -8.50 16.51 -6.87
CA ARG A 118 -7.17 16.18 -7.47
C ARG A 118 -6.06 16.82 -6.64
N GLN A 119 -5.36 16.04 -5.87
CA GLN A 119 -4.26 16.61 -5.02
C GLN A 119 -3.18 15.55 -4.82
N SER A 120 -1.94 15.92 -4.98
CA SER A 120 -0.83 14.93 -4.79
C SER A 120 -0.35 14.97 -3.34
N PHE A 121 0.13 13.87 -2.83
CA PHE A 121 0.60 13.85 -1.40
C PHE A 121 1.44 15.11 -1.11
N GLY A 122 2.12 15.62 -2.10
CA GLY A 122 2.95 16.84 -1.88
C GLY A 122 2.09 17.92 -1.22
N GLN A 123 0.86 18.04 -1.64
CA GLN A 123 -0.03 19.07 -1.03
C GLN A 123 -0.07 18.88 0.48
N VAL A 124 0.35 17.74 0.96
CA VAL A 124 0.34 17.49 2.42
C VAL A 124 1.57 18.16 3.06
N SER A 125 1.58 18.28 4.35
CA SER A 125 2.74 18.94 5.02
C SER A 125 3.99 18.05 4.89
N GLY A 126 3.80 16.77 4.70
CA GLY A 126 4.98 15.86 4.57
C GLY A 126 4.58 14.45 5.02
N ALA A 127 3.93 13.70 4.17
CA ALA A 127 3.53 12.32 4.55
C ALA A 127 4.74 11.40 4.51
N PHE A 128 4.65 10.24 5.10
CA PHE A 128 5.83 9.31 5.10
C PHE A 128 5.36 7.85 5.18
N ILE A 129 5.89 7.02 4.31
CA ILE A 129 5.52 5.58 4.32
C ILE A 129 6.64 4.80 5.02
N ARG A 130 6.32 3.75 5.74
CA ARG A 130 7.38 2.98 6.46
C ARG A 130 7.09 1.48 6.37
N LEU A 131 8.11 0.66 6.45
CA LEU A 131 7.92 -0.82 6.38
C LEU A 131 8.77 -1.49 7.46
N VAL A 132 8.21 -2.45 8.16
CA VAL A 132 9.00 -3.16 9.21
C VAL A 132 8.61 -4.63 9.25
N ASN A 133 9.53 -5.48 9.57
CA ASN A 133 9.20 -6.93 9.65
C ASN A 133 8.70 -7.22 11.07
N ASP A 134 7.42 -7.38 11.24
CA ASP A 134 6.89 -7.66 12.61
C ASP A 134 7.66 -8.85 13.19
N ASP A 135 8.41 -9.52 12.35
CA ASP A 135 9.18 -10.70 12.84
C ASP A 135 10.52 -10.24 13.41
N ASN A 136 11.25 -9.46 12.66
CA ASN A 136 12.59 -8.98 13.16
C ASN A 136 12.40 -7.69 13.98
N GLN A 137 11.27 -7.04 13.84
CA GLN A 137 11.03 -5.79 14.61
C GLN A 137 12.12 -4.76 14.27
N THR A 138 12.36 -4.53 13.00
CA THR A 138 13.40 -3.54 12.60
C THR A 138 12.93 -2.78 11.35
N GLU A 139 12.95 -1.48 11.40
CA GLU A 139 12.50 -0.69 10.23
C GLU A 139 13.19 -1.19 8.96
N VAL A 140 12.43 -1.60 7.98
CA VAL A 140 13.05 -2.11 6.72
C VAL A 140 13.37 -0.93 5.79
N ALA A 141 12.45 -0.02 5.60
CA ALA A 141 12.74 1.13 4.69
C ALA A 141 11.70 2.23 4.89
N ARG A 142 11.89 3.35 4.24
CA ARG A 142 10.93 4.48 4.38
C ARG A 142 10.93 5.30 3.08
N TYR A 143 9.79 5.44 2.44
CA TYR A 143 9.73 6.21 1.17
C TYR A 143 9.40 7.68 1.48
N ASP A 144 10.11 8.60 0.86
CA ASP A 144 9.85 10.04 1.11
C ASP A 144 8.83 10.57 0.09
N LEU A 145 7.68 10.96 0.53
CA LEU A 145 6.65 11.47 -0.42
C LEU A 145 6.93 12.94 -0.74
N THR A 146 7.24 13.73 0.24
CA THR A 146 7.52 15.17 -0.02
C THR A 146 8.48 15.30 -1.22
N GLU A 147 9.26 14.27 -1.47
CA GLU A 147 10.21 14.31 -2.62
C GLU A 147 9.59 13.65 -3.84
N ASP A 148 9.14 12.43 -3.72
CA ASP A 148 8.52 11.73 -4.88
C ASP A 148 7.08 12.19 -5.09
N ALA A 149 6.60 13.05 -4.23
CA ALA A 149 5.19 13.52 -4.37
C ALA A 149 5.03 14.29 -5.69
N SER A 150 5.86 15.26 -5.91
CA SER A 150 5.75 16.06 -7.17
C SER A 150 5.82 15.13 -8.39
N THR A 151 5.98 13.85 -8.17
CA THR A 151 6.07 12.91 -9.32
C THR A 151 4.67 12.52 -9.80
N GLU A 152 3.70 12.42 -8.91
CA GLU A 152 2.33 12.03 -9.35
C GLU A 152 1.36 12.14 -8.17
N THR A 153 0.35 11.30 -8.18
CA THR A 153 -0.66 11.30 -7.07
C THR A 153 -0.66 9.93 -6.40
N ALA A 154 -0.62 8.88 -7.18
CA ALA A 154 -0.60 7.49 -6.61
C ALA A 154 0.76 6.87 -6.92
N MET A 155 1.19 5.92 -6.15
CA MET A 155 2.52 5.30 -6.41
C MET A 155 2.67 3.99 -5.63
N LEU A 156 3.52 3.11 -6.08
CA LEU A 156 3.72 1.82 -5.38
C LEU A 156 4.93 1.92 -4.46
N PHE A 157 4.76 1.63 -3.19
CA PHE A 157 5.91 1.70 -2.24
C PHE A 157 6.92 0.62 -2.59
N GLY A 158 6.50 -0.62 -2.61
CA GLY A 158 7.46 -1.72 -2.93
C GLY A 158 6.67 -2.99 -3.26
N GLU A 159 7.35 -4.11 -3.29
CA GLU A 159 6.64 -5.39 -3.60
C GLU A 159 7.34 -6.56 -2.92
N LEU A 160 6.71 -7.70 -2.88
CA LEU A 160 7.31 -8.91 -2.25
C LEU A 160 7.09 -10.10 -3.17
N TYR A 161 8.11 -10.91 -3.38
CA TYR A 161 7.95 -12.10 -4.28
C TYR A 161 8.66 -13.31 -3.67
N ARG A 162 8.41 -14.48 -4.18
CA ARG A 162 9.05 -15.71 -3.63
C ARG A 162 10.40 -15.93 -4.32
N HIS A 163 11.34 -16.49 -3.61
CA HIS A 163 12.69 -16.75 -4.20
C HIS A 163 13.30 -17.97 -3.53
N ASN A 164 13.61 -18.99 -4.30
CA ASN A 164 14.21 -20.21 -3.70
C ASN A 164 13.29 -20.74 -2.60
N GLY A 165 12.02 -20.45 -2.68
CA GLY A 165 11.08 -20.93 -1.63
C GLY A 165 11.12 -19.99 -0.43
N GLU A 166 11.71 -18.83 -0.60
CA GLU A 166 11.80 -17.84 0.52
C GLU A 166 11.27 -16.48 0.05
N TRP A 167 10.50 -15.82 0.87
CA TRP A 167 9.95 -14.49 0.47
C TRP A 167 11.09 -13.48 0.38
N LYS A 168 10.95 -12.49 -0.45
CA LYS A 168 12.03 -11.47 -0.59
C LYS A 168 11.42 -10.15 -1.06
N PHE A 169 11.91 -9.04 -0.54
CA PHE A 169 11.36 -7.71 -0.93
C PHE A 169 12.12 -7.17 -2.14
N ARG A 170 11.50 -6.29 -2.89
CA ARG A 170 12.17 -5.70 -4.09
C ARG A 170 11.64 -4.28 -4.30
N ALA A 171 12.54 -3.33 -4.47
CA ALA A 171 12.09 -1.92 -4.68
C ALA A 171 11.74 -1.70 -6.15
N VAL A 172 10.77 -0.85 -6.41
CA VAL A 172 10.37 -0.57 -7.82
C VAL A 172 9.89 0.87 -7.94
N GLY A 173 9.16 1.35 -6.97
CA GLY A 173 8.66 2.75 -7.03
C GLY A 173 8.08 3.03 -8.41
N GLN A 174 6.93 2.49 -8.69
CA GLN A 174 6.27 2.71 -10.01
C GLN A 174 5.13 3.72 -9.86
N GLY A 175 5.21 4.84 -10.53
CA GLY A 175 4.13 5.87 -10.42
C GLY A 175 3.09 5.65 -11.52
N TYR A 176 1.83 5.82 -11.20
CA TYR A 176 0.76 5.62 -12.22
C TYR A 176 -0.42 6.55 -11.89
N ALA A 177 -0.87 7.31 -12.86
CA ALA A 177 -2.02 8.24 -12.62
C ALA A 177 -3.30 7.64 -13.21
N GLY A 178 -3.45 6.34 -13.13
CA GLY A 178 -4.67 5.70 -13.71
C GLY A 178 -5.89 6.11 -12.87
N GLY A 179 -6.09 5.47 -11.75
CA GLY A 179 -7.26 5.81 -10.90
C GLY A 179 -7.48 4.70 -9.87
N LEU A 180 -7.76 5.05 -8.64
CA LEU A 180 -7.97 4.02 -7.60
C LEU A 180 -8.89 2.90 -8.13
N ALA A 181 -9.70 3.20 -9.10
CA ALA A 181 -10.62 2.17 -9.65
C ALA A 181 -9.92 1.36 -10.75
N SER A 182 -9.20 2.03 -11.62
CA SER A 182 -8.50 1.31 -12.73
C SER A 182 -7.15 0.77 -12.26
N VAL A 183 -6.42 1.53 -11.50
CA VAL A 183 -5.10 1.07 -11.03
C VAL A 183 -5.24 -0.30 -10.37
N CYS A 184 -6.42 -0.66 -9.98
CA CYS A 184 -6.61 -1.99 -9.32
C CYS A 184 -6.57 -3.11 -10.36
N ALA A 185 -7.49 -3.10 -11.30
CA ALA A 185 -7.53 -4.18 -12.34
C ALA A 185 -6.65 -3.81 -13.54
N GLN A 186 -6.26 -2.57 -13.65
CA GLN A 186 -5.42 -2.16 -14.82
C GLN A 186 -4.04 -2.80 -14.76
N TYR A 187 -3.34 -2.62 -13.67
CA TYR A 187 -1.96 -3.21 -13.56
C TYR A 187 -2.03 -4.63 -12.98
N GLY A 188 -3.21 -5.15 -12.81
CA GLY A 188 -3.35 -6.54 -12.27
C GLY A 188 -3.43 -7.53 -13.44
N ILE A 189 -4.05 -7.12 -14.52
CA ILE A 189 -4.17 -8.03 -15.71
C ILE A 189 -3.92 -7.22 -16.97
N ASN A 190 -3.24 -7.79 -17.93
CA ASN A 190 -2.96 -7.05 -19.20
C ASN A 190 -4.28 -6.82 -19.95
N ALA A 191 -4.41 -5.69 -20.58
CA ALA A 191 -5.67 -5.40 -21.33
C ALA A 191 -5.61 -6.09 -22.70
N SER A 192 -6.56 -5.82 -23.55
CA SER A 192 -6.56 -6.48 -24.89
C SER A 192 -5.56 -5.76 -25.80
N SER A 19 13.18 -14.12 6.21
CA SER A 19 12.22 -14.67 7.22
C SER A 19 11.15 -13.64 7.53
N MET A 20 10.57 -13.05 6.53
CA MET A 20 9.51 -12.03 6.77
C MET A 20 8.18 -12.73 7.07
N LYS A 21 8.22 -13.77 7.86
CA LYS A 21 6.97 -14.50 8.21
C LYS A 21 5.91 -13.50 8.68
N ASN A 22 6.32 -12.31 9.02
CA ASN A 22 5.34 -11.28 9.48
C ASN A 22 5.78 -9.91 8.96
N VAL A 23 4.90 -9.19 8.33
CA VAL A 23 5.24 -7.84 7.78
C VAL A 23 4.25 -6.81 8.33
N LEU A 24 4.66 -5.56 8.38
CA LEU A 24 3.75 -4.49 8.91
C LEU A 24 4.08 -3.18 8.17
N VAL A 25 3.24 -2.77 7.26
CA VAL A 25 3.49 -1.50 6.53
C VAL A 25 2.90 -0.34 7.34
N GLY A 26 3.45 0.83 7.24
CA GLY A 26 2.92 1.98 8.03
C GLY A 26 3.06 3.28 7.24
N LEU A 27 1.95 3.91 6.93
CA LEU A 27 1.98 5.21 6.20
C LEU A 27 1.72 6.31 7.22
N GLY A 28 2.43 7.41 7.14
CA GLY A 28 2.21 8.51 8.13
C GLY A 28 2.39 9.87 7.46
N TRP A 29 1.67 10.85 7.89
CA TRP A 29 1.80 12.19 7.26
C TRP A 29 1.17 13.26 8.16
N ASP A 30 1.65 14.47 8.06
CA ASP A 30 1.10 15.58 8.91
C ASP A 30 0.05 16.35 8.09
N ALA A 31 -1.20 16.03 8.27
CA ALA A 31 -2.26 16.74 7.51
C ALA A 31 -2.37 18.18 8.02
N ARG A 32 -3.11 19.02 7.33
CA ARG A 32 -3.27 20.44 7.76
C ARG A 32 -4.75 20.82 7.71
N SER A 33 -5.35 21.05 8.84
CA SER A 33 -6.80 21.42 8.85
C SER A 33 -6.95 22.87 8.41
N THR A 34 -7.63 23.10 7.32
CA THR A 34 -7.82 24.50 6.84
C THR A 34 -9.16 24.59 6.11
N ASP A 35 -9.88 25.65 6.31
CA ASP A 35 -11.21 25.79 5.63
C ASP A 35 -12.03 24.52 5.84
N GLY A 36 -11.65 23.70 6.80
CA GLY A 36 -12.40 22.44 7.06
C GLY A 36 -11.84 21.33 6.17
N GLN A 37 -11.02 21.66 5.22
CA GLN A 37 -10.44 20.62 4.32
C GLN A 37 -9.32 19.87 5.05
N ASP A 38 -8.79 18.86 4.44
CA ASP A 38 -7.70 18.08 5.10
C ASP A 38 -7.17 17.02 4.13
N PHE A 39 -5.99 16.52 4.37
CA PHE A 39 -5.42 15.47 3.47
C PHE A 39 -5.69 14.08 4.07
N ASP A 40 -6.12 13.15 3.25
CA ASP A 40 -6.41 11.78 3.75
C ASP A 40 -5.94 10.74 2.73
N LEU A 41 -4.82 10.12 2.96
CA LEU A 41 -4.32 9.10 1.99
C LEU A 41 -5.00 7.76 2.31
N ASP A 42 -4.96 6.84 1.37
CA ASP A 42 -5.59 5.50 1.58
C ASP A 42 -4.52 4.42 1.39
N ALA A 43 -4.69 3.27 2.00
CA ALA A 43 -3.68 2.17 1.86
C ALA A 43 -4.38 0.88 1.48
N SER A 44 -3.97 0.28 0.39
CA SER A 44 -4.62 -1.00 -0.05
C SER A 44 -3.54 -1.93 -0.62
N ALA A 45 -3.87 -3.18 -0.84
CA ALA A 45 -2.87 -4.14 -1.39
C ALA A 45 -3.58 -5.11 -2.33
N PHE A 46 -2.97 -5.43 -3.45
CA PHE A 46 -3.60 -6.37 -4.43
C PHE A 46 -2.75 -7.65 -4.53
N LEU A 47 -3.40 -8.79 -4.61
CA LEU A 47 -2.65 -10.08 -4.72
C LEU A 47 -2.11 -10.24 -6.14
N LEU A 48 -1.02 -10.94 -6.31
CA LEU A 48 -0.46 -11.14 -7.67
C LEU A 48 0.21 -12.52 -7.76
N ALA A 49 -0.14 -13.31 -8.74
CA ALA A 49 0.48 -14.66 -8.87
C ALA A 49 1.85 -14.52 -9.54
N ALA A 50 2.63 -15.58 -9.57
CA ALA A 50 3.97 -15.50 -10.21
C ALA A 50 3.82 -15.75 -11.72
N ASN A 51 2.63 -16.03 -12.17
CA ASN A 51 2.43 -16.28 -13.62
C ASN A 51 2.51 -14.95 -14.38
N GLY A 52 2.57 -13.86 -13.66
CA GLY A 52 2.64 -12.52 -14.32
C GLY A 52 1.27 -11.86 -14.27
N LYS A 53 0.29 -12.56 -13.78
CA LYS A 53 -1.09 -11.98 -13.69
C LYS A 53 -1.77 -12.49 -12.42
N VAL A 54 -2.46 -11.65 -11.72
CA VAL A 54 -3.14 -12.10 -10.48
C VAL A 54 -4.23 -13.10 -10.83
N ARG A 55 -4.45 -14.07 -9.98
CA ARG A 55 -5.52 -15.05 -10.26
C ARG A 55 -6.85 -14.31 -10.21
N GLY A 56 -6.80 -13.02 -10.02
CA GLY A 56 -8.05 -12.21 -9.96
C GLY A 56 -7.83 -11.00 -9.04
N ASP A 57 -7.57 -9.86 -9.61
CA ASP A 57 -7.35 -8.64 -8.78
C ASP A 57 -8.48 -8.49 -7.78
N ALA A 58 -9.66 -8.92 -8.17
CA ALA A 58 -10.83 -8.80 -7.25
C ALA A 58 -10.53 -9.52 -5.93
N ASP A 59 -9.39 -10.15 -5.82
CA ASP A 59 -9.05 -10.85 -4.55
C ASP A 59 -8.25 -9.88 -3.67
N PHE A 60 -8.48 -8.60 -3.85
CA PHE A 60 -7.76 -7.58 -3.04
C PHE A 60 -8.61 -7.20 -1.83
N ILE A 61 -7.98 -7.05 -0.70
CA ILE A 61 -8.73 -6.68 0.54
C ILE A 61 -8.79 -5.17 0.67
N PHE A 62 -9.90 -4.65 1.07
CA PHE A 62 -10.04 -3.17 1.22
C PHE A 62 -11.27 -2.83 2.06
N TYR A 63 -11.80 -1.66 1.90
CA TYR A 63 -13.00 -1.24 2.69
C TYR A 63 -14.03 -2.38 2.74
N ASN A 64 -14.51 -2.80 1.60
CA ASN A 64 -15.53 -3.90 1.58
C ASN A 64 -15.06 -5.05 2.48
N ASN A 65 -13.81 -5.02 2.87
CA ASN A 65 -13.28 -6.11 3.75
C ASN A 65 -12.26 -5.53 4.72
N LEU A 66 -12.69 -5.18 5.90
CA LEU A 66 -11.75 -4.61 6.90
C LEU A 66 -10.52 -5.52 7.02
N LYS A 67 -10.68 -6.79 6.82
CA LYS A 67 -9.52 -7.72 6.92
C LYS A 67 -9.86 -9.04 6.25
N SER A 68 -8.87 -9.83 5.94
CA SER A 68 -9.13 -11.15 5.28
C SER A 68 -9.35 -12.22 6.35
N ALA A 69 -10.28 -13.12 6.13
CA ALA A 69 -10.53 -14.19 7.13
C ALA A 69 -9.47 -15.28 6.96
N ASP A 70 -9.11 -15.58 5.73
CA ASP A 70 -8.09 -16.64 5.46
C ASP A 70 -6.86 -16.00 4.81
N GLY A 71 -6.98 -14.77 4.38
CA GLY A 71 -5.82 -14.09 3.73
C GLY A 71 -4.77 -13.74 4.79
N SER A 72 -5.17 -13.68 6.03
CA SER A 72 -4.20 -13.34 7.11
C SER A 72 -3.83 -11.85 7.01
N VAL A 73 -4.37 -11.15 6.07
CA VAL A 73 -4.05 -9.70 5.92
C VAL A 73 -5.09 -8.88 6.68
N THR A 74 -4.71 -7.79 7.30
CA THR A 74 -5.70 -6.98 8.08
C THR A 74 -5.36 -5.49 8.00
N HIS A 75 -6.37 -4.65 8.01
CA HIS A 75 -6.14 -3.17 7.97
C HIS A 75 -6.04 -2.66 9.41
N THR A 76 -5.00 -1.94 9.73
CA THR A 76 -4.87 -1.42 11.12
C THR A 76 -5.97 -0.38 11.38
N GLY A 77 -6.17 0.52 10.45
CA GLY A 77 -7.23 1.55 10.65
C GLY A 77 -7.07 2.65 9.60
N ASP A 78 -8.11 2.95 8.87
CA ASP A 78 -8.02 4.01 7.83
C ASP A 78 -8.15 5.39 8.50
N ASN A 79 -7.08 6.14 8.52
CA ASN A 79 -7.14 7.49 9.15
C ASN A 79 -7.78 8.48 8.17
N ARG A 80 -8.53 9.43 8.67
CA ARG A 80 -9.17 10.44 7.77
C ARG A 80 -8.32 11.70 7.71
N THR A 81 -7.21 11.70 8.40
CA THR A 81 -6.32 12.90 8.39
C THR A 81 -4.88 12.47 8.71
N GLY A 82 -4.72 11.49 9.55
CA GLY A 82 -3.35 11.03 9.91
C GLY A 82 -2.59 12.17 10.57
N GLU A 83 -3.26 13.25 10.86
CA GLU A 83 -2.60 14.41 11.51
C GLU A 83 -1.96 13.96 12.83
N GLY A 84 -0.66 14.04 12.94
CA GLY A 84 0.02 13.63 14.20
C GLY A 84 0.12 12.11 14.26
N ASP A 85 0.81 11.61 15.23
CA ASP A 85 0.97 10.13 15.36
C ASP A 85 1.61 9.57 14.07
N GLY A 86 2.85 9.15 14.16
CA GLY A 86 3.52 8.60 12.95
C GLY A 86 2.85 7.27 12.55
N ASP A 87 3.20 6.74 11.41
CA ASP A 87 2.58 5.46 10.97
C ASP A 87 1.06 5.57 11.09
N ASP A 88 0.49 6.61 10.55
CA ASP A 88 -0.99 6.78 10.63
C ASP A 88 -1.68 5.47 10.22
N GLU A 89 -1.73 5.20 8.94
CA GLU A 89 -2.39 3.94 8.48
C GLU A 89 -1.36 2.81 8.42
N SER A 90 -1.78 1.59 8.57
CA SER A 90 -0.82 0.46 8.53
C SER A 90 -1.59 -0.84 8.21
N LEU A 91 -0.90 -1.82 7.68
CA LEU A 91 -1.57 -3.12 7.35
C LEU A 91 -0.75 -4.28 7.92
N LYS A 92 -1.40 -5.26 8.48
CA LYS A 92 -0.68 -6.45 9.04
C LYS A 92 -0.77 -7.59 8.03
N ILE A 93 0.35 -8.12 7.62
CA ILE A 93 0.35 -9.23 6.61
C ILE A 93 1.22 -10.39 7.10
N LYS A 94 0.63 -11.53 7.35
CA LYS A 94 1.42 -12.71 7.80
C LYS A 94 1.72 -13.60 6.59
N LEU A 95 2.76 -13.29 5.86
CA LEU A 95 3.08 -14.11 4.66
C LEU A 95 3.10 -15.59 5.03
N ASP A 96 3.55 -15.90 6.22
CA ASP A 96 3.61 -17.33 6.65
C ASP A 96 2.25 -18.00 6.41
N ALA A 97 1.20 -17.23 6.36
CA ALA A 97 -0.16 -17.83 6.14
C ALA A 97 -0.46 -17.89 4.63
N VAL A 98 0.21 -17.09 3.85
CA VAL A 98 -0.06 -17.10 2.38
C VAL A 98 0.26 -18.51 1.83
N PRO A 99 -0.67 -19.16 1.16
CA PRO A 99 -0.44 -20.52 0.60
C PRO A 99 0.40 -20.49 -0.69
N GLY A 100 0.36 -21.53 -1.47
CA GLY A 100 1.13 -21.57 -2.73
C GLY A 100 0.31 -20.94 -3.86
N ASP A 101 -0.88 -20.50 -3.56
CA ASP A 101 -1.74 -19.88 -4.62
C ASP A 101 -1.11 -18.55 -5.06
N VAL A 102 -0.92 -17.65 -4.15
CA VAL A 102 -0.31 -16.33 -4.50
C VAL A 102 1.21 -16.44 -4.35
N ASP A 103 1.94 -15.71 -5.16
CA ASP A 103 3.43 -15.75 -5.09
C ASP A 103 4.00 -14.33 -5.16
N LYS A 104 3.14 -13.34 -5.27
CA LYS A 104 3.63 -11.94 -5.34
C LYS A 104 2.50 -10.99 -4.94
N ILE A 105 2.80 -10.03 -4.10
CA ILE A 105 1.75 -9.06 -3.65
C ILE A 105 2.27 -7.63 -3.86
N ILE A 106 1.38 -6.68 -4.04
CA ILE A 106 1.81 -5.26 -4.27
C ILE A 106 1.05 -4.33 -3.31
N PHE A 107 1.65 -3.21 -2.98
CA PHE A 107 1.00 -2.24 -2.05
C PHE A 107 1.12 -0.83 -2.63
N VAL A 108 0.06 -0.07 -2.59
CA VAL A 108 0.10 1.32 -3.15
C VAL A 108 -0.77 2.25 -2.28
N VAL A 109 -0.52 3.53 -2.33
CA VAL A 109 -1.34 4.50 -1.53
C VAL A 109 -1.83 5.61 -2.46
N THR A 110 -3.12 5.87 -2.45
CA THR A 110 -3.70 6.93 -3.34
C THR A 110 -4.31 8.04 -2.49
N ILE A 111 -4.31 9.25 -2.97
CA ILE A 111 -4.91 10.38 -2.19
C ILE A 111 -6.43 10.25 -2.23
N HIS A 112 -7.09 10.54 -1.14
CA HIS A 112 -8.58 10.43 -1.12
C HIS A 112 -9.22 11.78 -1.46
N ASP A 113 -8.99 12.78 -0.64
CA ASP A 113 -9.58 14.12 -0.92
C ASP A 113 -9.32 14.52 -2.37
N ALA A 114 -8.37 13.87 -3.01
CA ALA A 114 -8.07 14.21 -4.42
C ALA A 114 -9.30 13.93 -5.30
N GLN A 115 -9.97 12.84 -5.07
CA GLN A 115 -11.16 12.54 -5.90
C GLN A 115 -12.10 13.75 -5.89
N ALA A 116 -12.16 14.46 -4.80
CA ALA A 116 -13.07 15.64 -4.72
C ALA A 116 -12.35 16.93 -5.15
N ARG A 117 -11.22 17.23 -4.56
CA ARG A 117 -10.48 18.50 -4.90
C ARG A 117 -9.21 18.21 -5.71
N ARG A 118 -8.91 16.96 -5.96
CA ARG A 118 -7.69 16.63 -6.74
C ARG A 118 -6.46 17.23 -6.03
N GLN A 119 -5.71 16.42 -5.33
CA GLN A 119 -4.51 16.93 -4.61
C GLN A 119 -3.46 15.82 -4.53
N SER A 120 -2.23 16.15 -4.80
CA SER A 120 -1.14 15.11 -4.73
C SER A 120 -0.51 15.12 -3.35
N PHE A 121 -0.01 13.99 -2.90
CA PHE A 121 0.60 13.95 -1.54
C PHE A 121 1.51 15.17 -1.33
N GLY A 122 2.15 15.64 -2.37
CA GLY A 122 3.04 16.82 -2.22
C GLY A 122 2.28 17.95 -1.54
N GLN A 123 1.02 18.11 -1.87
CA GLN A 123 0.22 19.19 -1.22
C GLN A 123 0.27 19.02 0.30
N VAL A 124 0.67 17.87 0.76
CA VAL A 124 0.74 17.65 2.23
C VAL A 124 2.03 18.26 2.78
N SER A 125 2.15 18.36 4.07
CA SER A 125 3.38 18.96 4.66
C SER A 125 4.58 18.04 4.43
N GLY A 126 4.33 16.76 4.21
CA GLY A 126 5.46 15.82 3.98
C GLY A 126 5.05 14.42 4.41
N ALA A 127 4.32 13.71 3.58
CA ALA A 127 3.90 12.34 3.94
C ALA A 127 5.09 11.38 3.81
N PHE A 128 4.99 10.20 4.37
CA PHE A 128 6.13 9.23 4.25
C PHE A 128 5.63 7.80 4.45
N ILE A 129 6.21 6.86 3.76
CA ILE A 129 5.82 5.43 3.88
C ILE A 129 6.87 4.72 4.74
N ARG A 130 6.48 3.69 5.45
CA ARG A 130 7.47 2.96 6.31
C ARG A 130 7.14 1.46 6.29
N LEU A 131 8.14 0.61 6.40
CA LEU A 131 7.88 -0.86 6.39
C LEU A 131 8.79 -1.54 7.42
N VAL A 132 8.27 -2.50 8.13
CA VAL A 132 9.09 -3.22 9.15
C VAL A 132 8.65 -4.69 9.19
N ASN A 133 9.54 -5.57 9.55
CA ASN A 133 9.17 -7.00 9.64
C ASN A 133 8.69 -7.30 11.06
N ASP A 134 7.41 -7.39 11.27
CA ASP A 134 6.91 -7.67 12.64
C ASP A 134 7.57 -8.95 13.14
N ASP A 135 8.26 -9.63 12.28
CA ASP A 135 8.95 -10.90 12.68
C ASP A 135 10.33 -10.59 13.25
N ASN A 136 11.13 -9.84 12.53
CA ASN A 136 12.49 -9.49 13.02
C ASN A 136 12.46 -8.12 13.70
N GLN A 137 11.35 -7.43 13.63
CA GLN A 137 11.26 -6.10 14.27
C GLN A 137 12.41 -5.22 13.79
N THR A 138 12.72 -5.28 12.52
CA THR A 138 13.85 -4.45 11.95
C THR A 138 13.30 -3.54 10.86
N GLU A 139 13.58 -2.27 10.95
CA GLU A 139 13.08 -1.32 9.91
C GLU A 139 13.46 -1.83 8.52
N VAL A 140 12.51 -1.99 7.65
CA VAL A 140 12.83 -2.48 6.27
C VAL A 140 13.20 -1.29 5.37
N ALA A 141 12.36 -0.30 5.28
CA ALA A 141 12.70 0.86 4.40
C ALA A 141 11.69 1.99 4.60
N ARG A 142 11.94 3.12 3.96
CA ARG A 142 11.01 4.29 4.09
C ARG A 142 11.06 5.10 2.80
N TYR A 143 9.93 5.46 2.27
CA TYR A 143 9.88 6.25 0.99
C TYR A 143 9.56 7.72 1.30
N ASP A 144 10.09 8.63 0.52
CA ASP A 144 9.82 10.09 0.74
C ASP A 144 8.86 10.58 -0.34
N LEU A 145 7.62 10.82 0.02
CA LEU A 145 6.64 11.30 -0.99
C LEU A 145 6.95 12.75 -1.37
N THR A 146 7.39 13.55 -0.44
CA THR A 146 7.71 14.98 -0.76
C THR A 146 8.56 15.02 -2.04
N GLU A 147 9.26 13.96 -2.33
CA GLU A 147 10.12 13.93 -3.56
C GLU A 147 9.36 13.29 -4.72
N ASP A 148 8.86 12.10 -4.52
CA ASP A 148 8.12 11.41 -5.62
C ASP A 148 6.68 11.95 -5.71
N ALA A 149 6.32 12.85 -4.84
CA ALA A 149 4.94 13.39 -4.86
C ALA A 149 4.70 14.17 -6.16
N SER A 150 5.56 15.11 -6.45
CA SER A 150 5.38 15.91 -7.69
C SER A 150 5.29 15.00 -8.92
N THR A 151 5.38 13.71 -8.73
CA THR A 151 5.29 12.79 -9.90
C THR A 151 3.83 12.52 -10.27
N GLU A 152 2.94 12.47 -9.31
CA GLU A 152 1.50 12.21 -9.63
C GLU A 152 0.67 12.33 -8.36
N THR A 153 -0.41 11.59 -8.29
CA THR A 153 -1.30 11.62 -7.09
C THR A 153 -1.21 10.29 -6.34
N ALA A 154 -1.13 9.20 -7.08
CA ALA A 154 -1.03 7.85 -6.45
C ALA A 154 0.34 7.25 -6.79
N MET A 155 0.77 6.24 -6.09
CA MET A 155 2.10 5.65 -6.39
C MET A 155 2.22 4.27 -5.74
N LEU A 156 3.10 3.44 -6.25
CA LEU A 156 3.29 2.07 -5.67
C LEU A 156 4.57 2.07 -4.83
N PHE A 157 4.48 1.76 -3.56
CA PHE A 157 5.70 1.75 -2.72
C PHE A 157 6.65 0.64 -3.20
N GLY A 158 6.15 -0.55 -3.37
CA GLY A 158 7.05 -1.65 -3.85
C GLY A 158 6.24 -2.94 -4.03
N GLU A 159 6.90 -4.07 -3.97
CA GLU A 159 6.18 -5.37 -4.16
C GLU A 159 6.88 -6.49 -3.39
N LEU A 160 6.13 -7.40 -2.82
CA LEU A 160 6.73 -8.54 -2.08
C LEU A 160 6.74 -9.77 -2.99
N TYR A 161 7.73 -10.62 -2.89
CA TYR A 161 7.76 -11.83 -3.77
C TYR A 161 8.50 -12.96 -3.05
N ARG A 162 8.39 -14.16 -3.55
CA ARG A 162 9.07 -15.32 -2.92
C ARG A 162 10.49 -15.48 -3.48
N HIS A 163 11.39 -15.98 -2.69
CA HIS A 163 12.79 -16.15 -3.18
C HIS A 163 13.53 -17.13 -2.25
N ASN A 164 14.29 -18.03 -2.80
CA ASN A 164 15.04 -19.00 -1.96
C ASN A 164 14.07 -19.71 -1.00
N GLY A 165 12.80 -19.70 -1.31
CA GLY A 165 11.82 -20.38 -0.42
C GLY A 165 11.41 -19.45 0.72
N GLU A 166 11.87 -18.23 0.71
CA GLU A 166 11.53 -17.25 1.79
C GLU A 166 10.98 -15.97 1.17
N TRP A 167 10.08 -15.31 1.84
CA TRP A 167 9.50 -14.04 1.28
C TRP A 167 10.59 -12.96 1.25
N LYS A 168 10.49 -12.04 0.33
CA LYS A 168 11.51 -10.96 0.24
C LYS A 168 10.86 -9.71 -0.35
N PHE A 169 11.28 -8.55 0.07
CA PHE A 169 10.68 -7.29 -0.46
C PHE A 169 11.47 -6.82 -1.69
N ARG A 170 10.84 -6.05 -2.54
CA ARG A 170 11.54 -5.55 -3.76
C ARG A 170 10.92 -4.21 -4.17
N ALA A 171 11.70 -3.18 -4.25
CA ALA A 171 11.16 -1.85 -4.64
C ALA A 171 11.00 -1.78 -6.17
N VAL A 172 10.10 -0.95 -6.64
CA VAL A 172 9.88 -0.82 -8.11
C VAL A 172 9.74 0.65 -8.46
N GLY A 173 9.13 1.42 -7.59
CA GLY A 173 8.96 2.87 -7.87
C GLY A 173 8.14 3.08 -9.14
N GLN A 174 6.84 3.05 -9.02
CA GLN A 174 5.94 3.26 -10.19
C GLN A 174 5.02 4.45 -9.90
N GLY A 175 4.40 5.01 -10.91
CA GLY A 175 3.50 6.17 -10.67
C GLY A 175 2.35 6.15 -11.69
N TYR A 176 1.14 6.36 -11.22
CA TYR A 176 -0.04 6.37 -12.13
C TYR A 176 -1.09 7.32 -11.57
N ALA A 177 -1.98 7.80 -12.39
CA ALA A 177 -3.02 8.76 -11.91
C ALA A 177 -3.60 8.31 -10.57
N GLY A 178 -3.98 7.07 -10.47
CA GLY A 178 -4.55 6.54 -9.18
C GLY A 178 -5.97 6.05 -9.41
N GLY A 179 -6.23 4.79 -9.21
CA GLY A 179 -7.60 4.26 -9.42
C GLY A 179 -7.68 2.84 -8.84
N LEU A 180 -7.95 2.72 -7.57
CA LEU A 180 -8.04 1.37 -6.95
C LEU A 180 -8.91 0.46 -7.81
N ALA A 181 -9.63 1.01 -8.75
CA ALA A 181 -10.50 0.19 -9.63
C ALA A 181 -9.67 -0.34 -10.81
N SER A 182 -8.90 0.52 -11.42
CA SER A 182 -8.06 0.07 -12.58
C SER A 182 -6.69 -0.40 -12.06
N VAL A 183 -6.14 0.29 -11.11
CA VAL A 183 -4.81 -0.13 -10.56
C VAL A 183 -4.88 -1.58 -10.08
N CYS A 184 -6.06 -2.06 -9.76
CA CYS A 184 -6.18 -3.47 -9.26
C CYS A 184 -6.29 -4.44 -10.44
N ALA A 185 -7.19 -4.18 -11.36
CA ALA A 185 -7.35 -5.11 -12.52
C ALA A 185 -6.27 -4.82 -13.56
N GLN A 186 -5.94 -3.58 -13.76
CA GLN A 186 -4.90 -3.23 -14.78
C GLN A 186 -3.64 -4.06 -14.54
N TYR A 187 -3.37 -4.42 -13.31
CA TYR A 187 -2.15 -5.23 -13.01
C TYR A 187 -2.43 -6.69 -13.37
N GLY A 188 -3.66 -7.08 -13.46
CA GLY A 188 -3.98 -8.49 -13.82
C GLY A 188 -3.91 -8.67 -15.34
N ILE A 189 -4.63 -7.88 -16.07
CA ILE A 189 -4.59 -8.01 -17.57
C ILE A 189 -3.30 -7.38 -18.09
N ASN A 190 -2.68 -8.01 -19.06
CA ASN A 190 -1.42 -7.45 -19.61
C ASN A 190 -1.74 -6.35 -20.63
N ALA A 191 -1.39 -5.13 -20.32
CA ALA A 191 -1.67 -4.01 -21.26
C ALA A 191 -0.62 -3.99 -22.37
N SER A 192 -0.46 -2.88 -23.04
CA SER A 192 0.55 -2.80 -24.13
C SER A 192 1.95 -2.67 -23.52
N SER A 19 13.01 -14.34 4.25
CA SER A 19 13.82 -13.97 5.44
C SER A 19 12.90 -13.52 6.58
N MET A 20 11.65 -13.92 6.53
CA MET A 20 10.70 -13.52 7.60
C MET A 20 9.35 -14.21 7.38
N LYS A 21 8.39 -13.97 8.23
CA LYS A 21 7.05 -14.60 8.06
C LYS A 21 5.96 -13.61 8.48
N ASN A 22 6.33 -12.38 8.74
CA ASN A 22 5.31 -11.36 9.14
C ASN A 22 5.73 -10.00 8.60
N VAL A 23 4.84 -9.33 7.90
CA VAL A 23 5.17 -7.98 7.34
C VAL A 23 4.18 -6.95 7.89
N LEU A 24 4.60 -5.71 8.01
CA LEU A 24 3.69 -4.66 8.56
C LEU A 24 4.00 -3.33 7.87
N VAL A 25 3.09 -2.81 7.10
CA VAL A 25 3.32 -1.51 6.41
C VAL A 25 2.92 -0.37 7.34
N GLY A 26 3.54 0.77 7.20
CA GLY A 26 3.22 1.94 8.07
C GLY A 26 2.99 3.17 7.20
N LEU A 27 1.88 3.84 7.38
CA LEU A 27 1.57 5.06 6.57
C LEU A 27 1.09 6.15 7.53
N GLY A 28 1.71 7.30 7.54
CA GLY A 28 1.26 8.38 8.47
C GLY A 28 1.48 9.74 7.82
N TRP A 29 0.67 10.71 8.17
CA TRP A 29 0.83 12.06 7.57
C TRP A 29 0.12 13.11 8.43
N ASP A 30 0.58 14.33 8.39
CA ASP A 30 -0.06 15.41 9.19
C ASP A 30 -0.96 16.25 8.29
N ALA A 31 -2.24 16.04 8.35
CA ALA A 31 -3.17 16.82 7.49
C ALA A 31 -3.22 18.27 7.99
N ARG A 32 -3.85 19.15 7.24
CA ARG A 32 -3.93 20.58 7.65
C ARG A 32 -5.38 21.06 7.49
N SER A 33 -6.07 21.24 8.59
CA SER A 33 -7.48 21.70 8.50
C SER A 33 -7.52 23.23 8.36
N THR A 34 -7.82 23.71 7.19
CA THR A 34 -7.88 25.19 6.97
C THR A 34 -9.25 25.71 7.40
N ASP A 35 -10.29 25.18 6.80
CA ASP A 35 -11.67 25.63 7.17
C ASP A 35 -12.67 24.53 6.82
N GLY A 36 -12.20 23.33 6.60
CA GLY A 36 -13.13 22.20 6.27
C GLY A 36 -12.42 21.22 5.34
N GLN A 37 -11.34 21.62 4.73
CA GLN A 37 -10.60 20.71 3.82
C GLN A 37 -9.73 19.76 4.64
N ASP A 38 -9.19 18.74 4.01
CA ASP A 38 -8.33 17.77 4.73
C ASP A 38 -7.77 16.74 3.76
N PHE A 39 -6.61 16.21 4.03
CA PHE A 39 -6.01 15.20 3.11
C PHE A 39 -6.33 13.79 3.62
N ASP A 40 -6.59 12.87 2.72
CA ASP A 40 -6.92 11.48 3.16
C ASP A 40 -6.28 10.47 2.20
N LEU A 41 -5.16 9.90 2.57
CA LEU A 41 -4.49 8.89 1.69
C LEU A 41 -5.12 7.53 1.95
N ASP A 42 -4.92 6.59 1.06
CA ASP A 42 -5.51 5.22 1.26
C ASP A 42 -4.46 4.16 0.92
N ALA A 43 -4.09 3.35 1.89
CA ALA A 43 -3.07 2.28 1.64
C ALA A 43 -3.79 0.96 1.38
N SER A 44 -3.36 0.22 0.39
CA SER A 44 -4.02 -1.09 0.09
C SER A 44 -2.99 -2.07 -0.49
N ALA A 45 -3.34 -3.33 -0.58
CA ALA A 45 -2.40 -4.36 -1.14
C ALA A 45 -3.08 -5.06 -2.32
N PHE A 46 -2.30 -5.63 -3.20
CA PHE A 46 -2.89 -6.34 -4.39
C PHE A 46 -2.21 -7.71 -4.56
N LEU A 47 -2.99 -8.74 -4.72
CA LEU A 47 -2.39 -10.10 -4.88
C LEU A 47 -1.91 -10.29 -6.32
N LEU A 48 -0.78 -10.93 -6.51
CA LEU A 48 -0.27 -11.15 -7.90
C LEU A 48 0.45 -12.51 -7.96
N ALA A 49 0.07 -13.35 -8.87
CA ALA A 49 0.73 -14.67 -9.00
C ALA A 49 2.13 -14.49 -9.60
N ALA A 50 2.98 -15.47 -9.49
CA ALA A 50 4.35 -15.35 -10.08
C ALA A 50 4.28 -15.71 -11.56
N ASN A 51 3.12 -16.01 -12.06
CA ASN A 51 3.00 -16.38 -13.50
C ASN A 51 3.04 -15.10 -14.35
N GLY A 52 3.02 -13.96 -13.71
CA GLY A 52 3.06 -12.67 -14.48
C GLY A 52 1.66 -12.07 -14.53
N LYS A 53 0.68 -12.81 -14.06
CA LYS A 53 -0.73 -12.30 -14.07
C LYS A 53 -1.42 -12.76 -12.79
N VAL A 54 -2.18 -11.90 -12.18
CA VAL A 54 -2.87 -12.30 -10.93
C VAL A 54 -4.02 -13.25 -11.27
N ARG A 55 -4.30 -14.17 -10.40
CA ARG A 55 -5.44 -15.10 -10.67
C ARG A 55 -6.73 -14.29 -10.58
N GLY A 56 -6.58 -12.99 -10.44
CA GLY A 56 -7.78 -12.10 -10.34
C GLY A 56 -7.44 -10.89 -9.46
N ASP A 57 -7.10 -9.78 -10.05
CA ASP A 57 -6.75 -8.58 -9.25
C ASP A 57 -7.91 -8.26 -8.30
N ALA A 58 -9.10 -8.64 -8.67
CA ALA A 58 -10.28 -8.37 -7.80
C ALA A 58 -10.05 -9.01 -6.43
N ASP A 59 -8.95 -9.69 -6.24
CA ASP A 59 -8.68 -10.33 -4.92
C ASP A 59 -7.92 -9.35 -4.03
N PHE A 60 -8.01 -8.08 -4.35
CA PHE A 60 -7.29 -7.05 -3.53
C PHE A 60 -8.22 -6.56 -2.43
N ILE A 61 -7.80 -6.65 -1.19
CA ILE A 61 -8.66 -6.20 -0.06
C ILE A 61 -8.33 -4.75 0.28
N PHE A 62 -9.34 -3.96 0.52
CA PHE A 62 -9.13 -2.52 0.88
C PHE A 62 -10.09 -2.13 2.01
N TYR A 63 -10.30 -0.87 2.22
CA TYR A 63 -11.22 -0.43 3.33
C TYR A 63 -12.50 -1.26 3.31
N ASN A 64 -12.78 -1.96 2.24
CA ASN A 64 -14.03 -2.76 2.20
C ASN A 64 -13.97 -3.88 3.24
N ASN A 65 -12.79 -4.19 3.73
CA ASN A 65 -12.68 -5.26 4.76
C ASN A 65 -11.37 -5.08 5.54
N LEU A 66 -11.46 -4.77 6.81
CA LEU A 66 -10.22 -4.56 7.61
C LEU A 66 -9.68 -5.92 8.07
N LYS A 67 -10.28 -7.00 7.65
CA LYS A 67 -9.79 -8.34 8.07
C LYS A 67 -10.15 -9.38 6.99
N SER A 68 -9.17 -10.05 6.46
CA SER A 68 -9.45 -11.07 5.41
C SER A 68 -9.86 -12.38 6.09
N ALA A 69 -10.68 -13.16 5.44
CA ALA A 69 -11.11 -14.45 6.05
C ALA A 69 -10.03 -15.51 5.83
N ASP A 70 -9.55 -15.63 4.61
CA ASP A 70 -8.50 -16.64 4.29
C ASP A 70 -7.23 -15.92 3.83
N GLY A 71 -7.25 -14.61 3.82
CA GLY A 71 -6.05 -13.85 3.38
C GLY A 71 -5.11 -13.63 4.56
N SER A 72 -5.59 -13.81 5.76
CA SER A 72 -4.72 -13.61 6.95
C SER A 72 -4.22 -12.17 6.98
N VAL A 73 -4.73 -11.33 6.11
CA VAL A 73 -4.30 -9.91 6.07
C VAL A 73 -5.23 -9.07 6.94
N THR A 74 -4.75 -7.98 7.49
CA THR A 74 -5.63 -7.12 8.35
C THR A 74 -5.21 -5.66 8.20
N HIS A 75 -6.15 -4.79 7.90
CA HIS A 75 -5.82 -3.34 7.74
C HIS A 75 -6.05 -2.63 9.07
N THR A 76 -5.09 -1.86 9.51
CA THR A 76 -5.25 -1.13 10.80
C THR A 76 -6.49 -0.26 10.74
N GLY A 77 -6.69 0.45 9.66
CA GLY A 77 -7.88 1.32 9.53
C GLY A 77 -7.62 2.41 8.49
N ASP A 78 -8.62 3.20 8.17
CA ASP A 78 -8.44 4.29 7.15
C ASP A 78 -8.89 5.62 7.76
N ASN A 79 -7.96 6.51 8.01
CA ASN A 79 -8.34 7.83 8.61
C ASN A 79 -8.75 8.79 7.49
N ARG A 80 -9.74 9.60 7.73
CA ARG A 80 -10.20 10.57 6.69
C ARG A 80 -9.36 11.84 6.78
N THR A 81 -8.46 11.90 7.72
CA THR A 81 -7.61 13.13 7.87
C THR A 81 -6.23 12.72 8.39
N GLY A 82 -6.17 11.72 9.22
CA GLY A 82 -4.85 11.29 9.76
C GLY A 82 -4.27 12.40 10.64
N GLU A 83 -5.08 13.33 11.04
CA GLU A 83 -4.59 14.44 11.90
C GLU A 83 -3.96 13.86 13.18
N GLY A 84 -2.67 13.97 13.32
CA GLY A 84 -2.02 13.43 14.54
C GLY A 84 -0.52 13.24 14.29
N ASP A 85 0.30 14.09 14.85
CA ASP A 85 1.76 13.96 14.62
C ASP A 85 2.21 12.53 14.94
N GLY A 86 2.18 11.65 13.97
CA GLY A 86 2.60 10.24 14.22
C GLY A 86 2.03 9.34 13.13
N ASP A 87 1.74 8.11 13.46
CA ASP A 87 1.18 7.18 12.45
C ASP A 87 -0.31 7.47 12.25
N ASP A 88 -0.93 6.87 11.27
CA ASP A 88 -2.38 7.11 11.04
C ASP A 88 -3.00 5.88 10.36
N GLU A 89 -2.25 5.23 9.49
CA GLU A 89 -2.79 4.02 8.79
C GLU A 89 -1.67 2.98 8.64
N SER A 90 -2.01 1.73 8.67
CA SER A 90 -0.98 0.66 8.53
C SER A 90 -1.64 -0.63 8.04
N LEU A 91 -0.87 -1.65 7.81
CA LEU A 91 -1.46 -2.94 7.31
C LEU A 91 -0.67 -4.11 7.90
N LYS A 92 -1.34 -5.00 8.60
CA LYS A 92 -0.64 -6.18 9.19
C LYS A 92 -0.82 -7.37 8.25
N ILE A 93 0.25 -8.07 7.94
CA ILE A 93 0.16 -9.23 7.01
C ILE A 93 0.97 -10.40 7.56
N LYS A 94 0.51 -11.61 7.33
CA LYS A 94 1.23 -12.83 7.81
C LYS A 94 1.50 -13.74 6.61
N LEU A 95 2.73 -13.84 6.18
CA LEU A 95 3.04 -14.69 5.00
C LEU A 95 2.90 -16.17 5.37
N ASP A 96 3.36 -16.54 6.53
CA ASP A 96 3.24 -17.98 6.94
C ASP A 96 1.81 -18.46 6.73
N ALA A 97 0.90 -17.56 6.46
CA ALA A 97 -0.53 -17.94 6.25
C ALA A 97 -0.93 -17.69 4.79
N VAL A 98 0.03 -17.61 3.90
CA VAL A 98 -0.29 -17.36 2.46
C VAL A 98 -0.15 -18.69 1.68
N PRO A 99 -1.24 -19.31 1.28
CA PRO A 99 -1.19 -20.60 0.51
C PRO A 99 -0.23 -20.52 -0.69
N GLY A 100 -0.25 -21.51 -1.54
CA GLY A 100 0.66 -21.51 -2.72
C GLY A 100 -0.06 -20.89 -3.92
N ASP A 101 -1.26 -20.41 -3.73
CA ASP A 101 -2.01 -19.81 -4.87
C ASP A 101 -1.31 -18.53 -5.30
N VAL A 102 -1.14 -17.59 -4.40
CA VAL A 102 -0.45 -16.31 -4.77
C VAL A 102 1.05 -16.48 -4.52
N ASP A 103 1.86 -15.80 -5.30
CA ASP A 103 3.34 -15.91 -5.14
C ASP A 103 3.96 -14.51 -5.03
N LYS A 104 3.21 -13.48 -5.36
CA LYS A 104 3.75 -12.10 -5.28
C LYS A 104 2.66 -11.15 -4.76
N ILE A 105 2.97 -10.36 -3.77
CA ILE A 105 1.97 -9.41 -3.20
C ILE A 105 2.63 -8.02 -3.07
N ILE A 106 2.05 -7.02 -3.67
CA ILE A 106 2.64 -5.65 -3.60
C ILE A 106 1.85 -4.78 -2.63
N PHE A 107 2.36 -3.61 -2.37
CA PHE A 107 1.67 -2.65 -1.44
C PHE A 107 1.82 -1.25 -2.03
N VAL A 108 0.74 -0.51 -2.17
CA VAL A 108 0.85 0.86 -2.78
C VAL A 108 -0.05 1.84 -2.03
N VAL A 109 0.27 3.11 -2.13
CA VAL A 109 -0.55 4.18 -1.47
C VAL A 109 -1.15 5.08 -2.55
N THR A 110 -2.35 5.56 -2.35
CA THR A 110 -2.99 6.44 -3.39
C THR A 110 -3.75 7.58 -2.71
N ILE A 111 -3.73 8.74 -3.30
CA ILE A 111 -4.46 9.89 -2.72
C ILE A 111 -5.96 9.70 -2.93
N HIS A 112 -6.77 10.01 -1.94
CA HIS A 112 -8.25 9.82 -2.09
C HIS A 112 -8.89 11.14 -2.54
N ASP A 113 -8.82 12.15 -1.72
CA ASP A 113 -9.44 13.46 -2.09
C ASP A 113 -9.02 13.84 -3.52
N ALA A 114 -7.97 13.25 -4.01
CA ALA A 114 -7.51 13.59 -5.39
C ALA A 114 -8.66 13.41 -6.38
N GLN A 115 -9.31 12.29 -6.37
CA GLN A 115 -10.44 12.08 -7.32
C GLN A 115 -11.45 13.22 -7.17
N ALA A 116 -11.54 13.82 -6.01
CA ALA A 116 -12.53 14.92 -5.80
C ALA A 116 -11.91 16.30 -6.12
N ARG A 117 -10.78 16.61 -5.53
CA ARG A 117 -10.14 17.96 -5.76
C ARG A 117 -8.82 17.80 -6.53
N ARG A 118 -8.40 16.59 -6.78
CA ARG A 118 -7.12 16.39 -7.53
C ARG A 118 -5.97 17.05 -6.76
N GLN A 119 -5.25 16.28 -5.98
CA GLN A 119 -4.11 16.85 -5.21
C GLN A 119 -3.07 15.75 -4.96
N SER A 120 -1.81 16.11 -4.95
CA SER A 120 -0.74 15.09 -4.71
C SER A 120 -0.32 15.12 -3.25
N PHE A 121 0.19 14.02 -2.75
CA PHE A 121 0.62 13.99 -1.31
C PHE A 121 1.44 15.24 -0.99
N GLY A 122 2.15 15.77 -1.95
CA GLY A 122 2.96 17.00 -1.69
C GLY A 122 2.08 18.08 -1.07
N GLN A 123 0.85 18.17 -1.51
CA GLN A 123 -0.06 19.20 -0.95
C GLN A 123 -0.22 18.97 0.56
N VAL A 124 0.20 17.83 1.04
CA VAL A 124 0.08 17.54 2.49
C VAL A 124 1.23 18.21 3.24
N SER A 125 1.14 18.30 4.54
CA SER A 125 2.24 18.94 5.31
C SER A 125 3.51 18.09 5.22
N GLY A 126 3.36 16.81 5.03
CA GLY A 126 4.57 15.94 4.92
C GLY A 126 4.18 14.48 5.19
N ALA A 127 3.58 13.84 4.23
CA ALA A 127 3.18 12.41 4.43
C ALA A 127 4.41 11.52 4.31
N PHE A 128 4.36 10.34 4.87
CA PHE A 128 5.53 9.42 4.79
C PHE A 128 5.04 7.96 4.78
N ILE A 129 5.93 7.05 4.51
CA ILE A 129 5.55 5.59 4.46
C ILE A 129 6.65 4.78 5.17
N ARG A 130 6.30 3.67 5.76
CA ARG A 130 7.33 2.84 6.46
C ARG A 130 6.98 1.35 6.31
N LEU A 131 7.96 0.49 6.37
CA LEU A 131 7.70 -0.97 6.22
C LEU A 131 8.61 -1.73 7.18
N VAL A 132 8.04 -2.47 8.11
CA VAL A 132 8.88 -3.24 9.08
C VAL A 132 8.43 -4.70 9.09
N ASN A 133 9.31 -5.60 9.41
CA ASN A 133 8.93 -7.03 9.46
C ASN A 133 8.47 -7.36 10.89
N ASP A 134 7.20 -7.48 11.09
CA ASP A 134 6.70 -7.80 12.46
C ASP A 134 7.34 -9.10 12.93
N ASP A 135 8.08 -9.74 12.06
CA ASP A 135 8.73 -11.03 12.44
C ASP A 135 10.10 -10.75 13.05
N ASN A 136 10.92 -10.00 12.36
CA ASN A 136 12.28 -9.68 12.88
C ASN A 136 12.26 -8.36 13.65
N GLN A 137 11.19 -7.61 13.52
CA GLN A 137 11.10 -6.32 14.26
C GLN A 137 12.26 -5.40 13.82
N THR A 138 12.46 -5.26 12.54
CA THR A 138 13.57 -4.39 12.03
C THR A 138 13.03 -3.53 10.89
N GLU A 139 12.84 -2.25 11.13
CA GLU A 139 12.30 -1.37 10.06
C GLU A 139 13.04 -1.62 8.74
N VAL A 140 12.32 -1.91 7.69
CA VAL A 140 12.98 -2.19 6.38
C VAL A 140 13.36 -0.86 5.72
N ALA A 141 12.44 0.06 5.60
CA ALA A 141 12.78 1.36 4.95
C ALA A 141 11.57 2.30 4.95
N ARG A 142 11.76 3.51 4.51
CA ARG A 142 10.64 4.50 4.46
C ARG A 142 10.80 5.37 3.21
N TYR A 143 9.73 5.57 2.48
CA TYR A 143 9.82 6.39 1.24
C TYR A 143 9.51 7.85 1.57
N ASP A 144 10.12 8.78 0.89
CA ASP A 144 9.86 10.23 1.16
C ASP A 144 8.88 10.77 0.11
N LEU A 145 7.71 11.16 0.53
CA LEU A 145 6.70 11.69 -0.43
C LEU A 145 6.96 13.18 -0.69
N THR A 146 7.31 13.92 0.33
CA THR A 146 7.58 15.38 0.13
C THR A 146 8.47 15.57 -1.10
N GLU A 147 9.30 14.60 -1.40
CA GLU A 147 10.20 14.71 -2.58
C GLU A 147 9.56 14.01 -3.79
N ASP A 148 9.19 12.78 -3.66
CA ASP A 148 8.58 12.04 -4.81
C ASP A 148 7.12 12.46 -5.00
N ALA A 149 6.61 13.31 -4.16
CA ALA A 149 5.19 13.72 -4.30
C ALA A 149 5.01 14.46 -5.63
N SER A 150 5.83 15.42 -5.90
CA SER A 150 5.69 16.18 -7.18
C SER A 150 5.82 15.22 -8.37
N THR A 151 5.99 13.95 -8.11
CA THR A 151 6.14 12.97 -9.23
C THR A 151 4.75 12.48 -9.69
N GLU A 152 3.80 12.37 -8.79
CA GLU A 152 2.46 11.88 -9.21
C GLU A 152 1.48 11.98 -8.05
N THR A 153 0.58 11.05 -7.97
CA THR A 153 -0.43 11.04 -6.86
C THR A 153 -0.45 9.64 -6.23
N ALA A 154 -0.22 8.62 -7.03
CA ALA A 154 -0.19 7.23 -6.49
C ALA A 154 1.20 6.64 -6.74
N MET A 155 1.61 5.67 -5.96
CA MET A 155 2.97 5.09 -6.15
C MET A 155 3.05 3.75 -5.41
N LEU A 156 3.91 2.86 -5.86
CA LEU A 156 4.06 1.54 -5.18
C LEU A 156 5.25 1.61 -4.20
N PHE A 157 5.00 1.36 -2.94
CA PHE A 157 6.11 1.42 -1.96
C PHE A 157 7.18 0.38 -2.34
N GLY A 158 6.77 -0.80 -2.71
CA GLY A 158 7.78 -1.83 -3.08
C GLY A 158 7.08 -3.09 -3.61
N GLU A 159 7.67 -4.23 -3.40
CA GLU A 159 7.07 -5.51 -3.89
C GLU A 159 7.50 -6.66 -2.98
N LEU A 160 6.86 -7.80 -3.11
CA LEU A 160 7.21 -8.98 -2.28
C LEU A 160 7.04 -10.24 -3.13
N TYR A 161 7.97 -11.16 -3.10
CA TYR A 161 7.82 -12.40 -3.93
C TYR A 161 8.54 -13.58 -3.25
N ARG A 162 8.26 -14.78 -3.71
CA ARG A 162 8.90 -15.98 -3.11
C ARG A 162 10.26 -16.22 -3.75
N HIS A 163 11.19 -16.75 -3.01
CA HIS A 163 12.54 -17.02 -3.57
C HIS A 163 13.20 -18.16 -2.79
N ASN A 164 13.66 -19.17 -3.47
CA ASN A 164 14.30 -20.32 -2.77
C ASN A 164 13.33 -20.87 -1.72
N GLY A 165 12.06 -20.66 -1.89
CA GLY A 165 11.08 -21.17 -0.90
C GLY A 165 10.98 -20.22 0.29
N GLU A 166 11.56 -19.04 0.16
CA GLU A 166 11.51 -18.03 1.27
C GLU A 166 10.98 -16.70 0.73
N TRP A 167 10.15 -16.04 1.49
CA TRP A 167 9.60 -14.73 1.03
C TRP A 167 10.73 -13.70 0.96
N LYS A 168 10.63 -12.75 0.06
CA LYS A 168 11.70 -11.71 -0.06
C LYS A 168 11.03 -10.35 -0.35
N PHE A 169 11.77 -9.28 -0.19
CA PHE A 169 11.19 -7.93 -0.45
C PHE A 169 12.15 -7.10 -1.30
N ARG A 170 11.65 -6.39 -2.26
CA ARG A 170 12.53 -5.55 -3.14
C ARG A 170 11.81 -4.24 -3.49
N ALA A 171 12.39 -3.12 -3.17
CA ALA A 171 11.74 -1.82 -3.48
C ALA A 171 12.08 -1.39 -4.90
N VAL A 172 11.24 -0.59 -5.51
CA VAL A 172 11.50 -0.12 -6.91
C VAL A 172 11.24 1.39 -6.99
N GLY A 173 10.31 1.89 -6.22
CA GLY A 173 10.02 3.34 -6.26
C GLY A 173 9.62 3.75 -7.67
N GLN A 174 8.36 3.65 -7.99
CA GLN A 174 7.89 4.03 -9.36
C GLN A 174 6.49 4.63 -9.27
N GLY A 175 6.34 5.88 -9.63
CA GLY A 175 4.99 6.53 -9.57
C GLY A 175 4.23 6.26 -10.86
N TYR A 176 2.93 6.18 -10.80
CA TYR A 176 2.13 5.91 -12.02
C TYR A 176 0.75 6.58 -11.89
N ALA A 177 0.31 7.27 -12.91
CA ALA A 177 -1.02 7.94 -12.85
C ALA A 177 -2.09 6.99 -13.38
N GLY A 178 -2.10 5.76 -12.93
CA GLY A 178 -3.12 4.80 -13.42
C GLY A 178 -4.45 5.02 -12.68
N GLY A 179 -4.37 5.41 -11.43
CA GLY A 179 -5.62 5.65 -10.65
C GLY A 179 -6.03 4.37 -9.92
N LEU A 180 -6.66 4.50 -8.78
CA LEU A 180 -7.07 3.29 -8.02
C LEU A 180 -8.12 2.52 -8.84
N ALA A 181 -8.66 3.15 -9.86
CA ALA A 181 -9.68 2.47 -10.70
C ALA A 181 -8.98 1.55 -11.71
N SER A 182 -7.94 2.03 -12.33
CA SER A 182 -7.21 1.19 -13.33
C SER A 182 -6.12 0.39 -12.63
N VAL A 183 -5.39 1.02 -11.74
CA VAL A 183 -4.30 0.30 -11.01
C VAL A 183 -4.85 -1.02 -10.43
N CYS A 184 -6.14 -1.11 -10.27
CA CYS A 184 -6.72 -2.36 -9.70
C CYS A 184 -6.69 -3.50 -10.72
N ALA A 185 -7.33 -3.32 -11.84
CA ALA A 185 -7.36 -4.40 -12.87
C ALA A 185 -6.13 -4.27 -13.79
N GLN A 186 -5.52 -3.13 -13.82
CA GLN A 186 -4.33 -2.94 -14.71
C GLN A 186 -3.27 -3.99 -14.36
N TYR A 187 -3.01 -4.19 -13.11
CA TYR A 187 -2.00 -5.20 -12.71
C TYR A 187 -2.58 -6.61 -12.88
N GLY A 188 -3.74 -6.70 -13.50
CA GLY A 188 -4.37 -8.02 -13.71
C GLY A 188 -5.24 -7.98 -14.97
N ILE A 189 -4.90 -7.13 -15.91
CA ILE A 189 -5.72 -7.05 -17.15
C ILE A 189 -5.42 -8.26 -18.04
N ASN A 190 -6.45 -8.92 -18.51
CA ASN A 190 -6.23 -10.10 -19.39
C ASN A 190 -5.96 -9.64 -20.82
N ALA A 191 -4.75 -9.79 -21.29
CA ALA A 191 -4.43 -9.35 -22.68
C ALA A 191 -4.90 -10.42 -23.67
N SER A 192 -5.55 -10.03 -24.73
CA SER A 192 -6.03 -11.02 -25.73
C SER A 192 -4.83 -11.56 -26.53
N SER A 19 13.05 -15.11 5.01
CA SER A 19 12.53 -15.48 6.35
C SER A 19 11.44 -14.50 6.77
N MET A 20 10.86 -13.80 5.84
CA MET A 20 9.78 -12.84 6.19
C MET A 20 8.50 -13.60 6.52
N LYS A 21 8.33 -13.96 7.76
CA LYS A 21 7.10 -14.72 8.17
C LYS A 21 5.97 -13.72 8.46
N ASN A 22 6.31 -12.50 8.73
CA ASN A 22 5.27 -11.46 9.04
C ASN A 22 5.71 -10.11 8.50
N VAL A 23 4.86 -9.46 7.74
CA VAL A 23 5.21 -8.11 7.18
C VAL A 23 4.24 -7.07 7.73
N LEU A 24 4.68 -5.84 7.82
CA LEU A 24 3.79 -4.77 8.37
C LEU A 24 4.14 -3.43 7.70
N VAL A 25 3.30 -2.94 6.82
CA VAL A 25 3.59 -1.65 6.15
C VAL A 25 3.07 -0.51 7.03
N GLY A 26 3.69 0.64 6.95
CA GLY A 26 3.26 1.80 7.78
C GLY A 26 3.06 3.04 6.91
N LEU A 27 1.99 3.76 7.14
CA LEU A 27 1.71 5.00 6.35
C LEU A 27 1.19 6.06 7.31
N GLY A 28 1.80 7.22 7.36
CA GLY A 28 1.31 8.26 8.32
C GLY A 28 1.61 9.65 7.77
N TRP A 29 0.84 10.63 8.18
CA TRP A 29 1.08 12.01 7.69
C TRP A 29 0.41 13.00 8.64
N ASP A 30 0.92 14.20 8.70
CA ASP A 30 0.33 15.22 9.61
C ASP A 30 -0.89 15.87 8.94
N ALA A 31 -2.01 15.89 9.60
CA ALA A 31 -3.23 16.50 9.00
C ALA A 31 -3.20 18.01 9.22
N ARG A 32 -3.25 18.78 8.16
CA ARG A 32 -3.23 20.26 8.31
C ARG A 32 -4.65 20.78 8.51
N SER A 33 -4.99 21.18 9.70
CA SER A 33 -6.37 21.70 9.97
C SER A 33 -6.35 23.23 9.96
N THR A 34 -7.27 23.83 9.29
CA THR A 34 -7.33 25.33 9.24
C THR A 34 -8.75 25.76 8.89
N ASP A 35 -9.11 25.70 7.63
CA ASP A 35 -10.48 26.09 7.22
C ASP A 35 -11.37 24.85 7.21
N GLY A 36 -11.02 23.84 7.97
CA GLY A 36 -11.84 22.60 8.02
C GLY A 36 -11.34 21.64 6.94
N GLN A 37 -10.37 22.03 6.17
CA GLN A 37 -9.83 21.14 5.10
C GLN A 37 -8.81 20.17 5.70
N ASP A 38 -8.33 19.25 4.91
CA ASP A 38 -7.32 18.27 5.44
C ASP A 38 -6.86 17.36 4.30
N PHE A 39 -6.23 16.27 4.61
CA PHE A 39 -5.75 15.33 3.56
C PHE A 39 -6.00 13.88 4.00
N ASP A 40 -6.27 13.00 3.08
CA ASP A 40 -6.54 11.57 3.45
C ASP A 40 -5.91 10.65 2.41
N LEU A 41 -5.24 9.61 2.85
CA LEU A 41 -4.59 8.64 1.91
C LEU A 41 -5.20 7.25 2.15
N ASP A 42 -5.03 6.35 1.22
CA ASP A 42 -5.61 4.98 1.38
C ASP A 42 -4.53 3.93 1.10
N ALA A 43 -4.28 3.05 2.05
CA ALA A 43 -3.26 1.99 1.85
C ALA A 43 -3.96 0.69 1.43
N SER A 44 -3.45 0.02 0.43
CA SER A 44 -4.09 -1.25 -0.03
C SER A 44 -3.02 -2.18 -0.63
N ALA A 45 -3.37 -3.42 -0.85
CA ALA A 45 -2.38 -4.39 -1.44
C ALA A 45 -3.07 -5.18 -2.55
N PHE A 46 -2.41 -5.34 -3.67
CA PHE A 46 -3.02 -6.09 -4.82
C PHE A 46 -2.34 -7.46 -4.97
N LEU A 47 -3.13 -8.49 -5.15
CA LEU A 47 -2.54 -9.85 -5.30
C LEU A 47 -2.13 -10.08 -6.76
N LEU A 48 -1.13 -10.89 -6.99
CA LEU A 48 -0.69 -11.16 -8.39
C LEU A 48 -0.16 -12.61 -8.46
N ALA A 49 -0.65 -13.39 -9.38
CA ALA A 49 -0.16 -14.79 -9.52
C ALA A 49 1.13 -14.82 -10.32
N ALA A 50 1.81 -15.94 -10.35
CA ALA A 50 3.08 -16.03 -11.13
C ALA A 50 2.75 -16.35 -12.59
N ASN A 51 1.50 -16.57 -12.89
CA ASN A 51 1.12 -16.90 -14.30
C ASN A 51 1.22 -15.64 -15.15
N GLY A 52 1.45 -14.50 -14.53
CA GLY A 52 1.55 -13.22 -15.30
C GLY A 52 0.25 -12.45 -15.16
N LYS A 53 -0.73 -13.03 -14.51
CA LYS A 53 -2.04 -12.35 -14.31
C LYS A 53 -2.59 -12.70 -12.94
N VAL A 54 -3.14 -11.75 -12.24
CA VAL A 54 -3.69 -12.05 -10.90
C VAL A 54 -4.89 -12.99 -11.03
N ARG A 55 -5.05 -13.87 -10.09
CA ARG A 55 -6.21 -14.80 -10.15
C ARG A 55 -7.47 -13.97 -9.92
N GLY A 56 -7.33 -12.67 -9.89
CA GLY A 56 -8.51 -11.79 -9.67
C GLY A 56 -8.06 -10.48 -9.01
N ASP A 57 -7.94 -9.43 -9.78
CA ASP A 57 -7.51 -8.12 -9.22
C ASP A 57 -8.47 -7.73 -8.10
N ALA A 58 -9.72 -7.95 -8.30
CA ALA A 58 -10.74 -7.60 -7.27
C ALA A 58 -10.40 -8.29 -5.95
N ASP A 59 -9.35 -9.07 -5.91
CA ASP A 59 -8.98 -9.77 -4.65
C ASP A 59 -8.00 -8.89 -3.87
N PHE A 60 -8.04 -7.60 -4.09
CA PHE A 60 -7.13 -6.67 -3.36
C PHE A 60 -7.81 -6.21 -2.07
N ILE A 61 -7.07 -6.15 -1.00
CA ILE A 61 -7.65 -5.70 0.29
C ILE A 61 -7.79 -4.19 0.30
N PHE A 62 -8.91 -3.70 0.75
CA PHE A 62 -9.17 -2.22 0.79
C PHE A 62 -9.50 -1.82 2.23
N TYR A 63 -10.03 -0.65 2.43
CA TYR A 63 -10.36 -0.18 3.81
C TYR A 63 -11.60 -0.91 4.35
N ASN A 64 -12.63 -1.01 3.56
CA ASN A 64 -13.87 -1.69 4.06
C ASN A 64 -13.51 -3.10 4.53
N ASN A 65 -12.41 -3.64 4.07
CA ASN A 65 -11.99 -5.01 4.51
C ASN A 65 -11.18 -4.90 5.80
N LEU A 66 -11.84 -4.86 6.92
CA LEU A 66 -11.10 -4.75 8.22
C LEU A 66 -10.01 -5.81 8.26
N LYS A 67 -10.25 -6.95 7.68
CA LYS A 67 -9.23 -8.04 7.69
C LYS A 67 -9.67 -9.17 6.76
N SER A 68 -8.75 -9.97 6.31
CA SER A 68 -9.11 -11.10 5.40
C SER A 68 -9.54 -12.30 6.24
N ALA A 69 -10.36 -13.15 5.68
CA ALA A 69 -10.82 -14.35 6.45
C ALA A 69 -9.74 -15.42 6.41
N ASP A 70 -9.23 -15.72 5.23
CA ASP A 70 -8.16 -16.76 5.09
C ASP A 70 -6.88 -16.10 4.59
N GLY A 71 -6.92 -14.83 4.29
CA GLY A 71 -5.70 -14.14 3.80
C GLY A 71 -4.80 -13.78 4.97
N SER A 72 -5.26 -13.98 6.17
CA SER A 72 -4.42 -13.66 7.37
C SER A 72 -3.99 -12.20 7.29
N VAL A 73 -4.66 -11.40 6.50
CA VAL A 73 -4.30 -9.97 6.38
C VAL A 73 -5.14 -9.15 7.37
N THR A 74 -4.58 -8.08 7.89
CA THR A 74 -5.34 -7.22 8.86
C THR A 74 -5.01 -5.76 8.61
N HIS A 75 -6.02 -4.94 8.42
CA HIS A 75 -5.77 -3.49 8.16
C HIS A 75 -5.81 -2.73 9.49
N THR A 76 -4.79 -1.96 9.79
CA THR A 76 -4.77 -1.19 11.06
C THR A 76 -6.02 -0.31 11.14
N GLY A 77 -6.34 0.37 10.07
CA GLY A 77 -7.54 1.24 10.07
C GLY A 77 -7.35 2.37 9.06
N ASP A 78 -8.38 2.68 8.30
CA ASP A 78 -8.26 3.77 7.28
C ASP A 78 -8.71 5.09 7.91
N ASN A 79 -7.80 6.00 8.12
CA ASN A 79 -8.18 7.31 8.73
C ASN A 79 -8.90 8.16 7.68
N ARG A 80 -9.14 9.42 7.98
CA ARG A 80 -9.84 10.31 7.00
C ARG A 80 -9.24 11.71 7.08
N THR A 81 -8.18 11.87 7.84
CA THR A 81 -7.54 13.22 7.96
C THR A 81 -6.05 13.06 8.28
N GLY A 82 -5.71 12.05 9.04
CA GLY A 82 -4.27 11.82 9.40
C GLY A 82 -4.04 12.26 10.84
N GLU A 83 -5.09 12.59 11.54
CA GLU A 83 -4.92 13.03 12.96
C GLU A 83 -4.26 11.92 13.76
N GLY A 84 -3.13 12.20 14.37
CA GLY A 84 -2.42 11.17 15.18
C GLY A 84 -0.91 11.43 15.13
N ASP A 85 -0.29 11.56 16.27
CA ASP A 85 1.17 11.82 16.28
C ASP A 85 1.93 10.51 16.07
N GLY A 86 1.52 9.74 15.11
CA GLY A 86 2.23 8.44 14.85
C GLY A 86 1.70 7.82 13.55
N ASP A 87 1.83 6.53 13.39
CA ASP A 87 1.35 5.88 12.15
C ASP A 87 -0.17 6.08 12.02
N ASP A 88 -0.61 6.74 10.99
CA ASP A 88 -2.07 6.96 10.81
C ASP A 88 -2.70 5.73 10.16
N GLU A 89 -2.06 5.18 9.15
CA GLU A 89 -2.60 3.97 8.45
C GLU A 89 -1.52 2.88 8.43
N SER A 90 -1.92 1.65 8.26
CA SER A 90 -0.93 0.54 8.24
C SER A 90 -1.63 -0.77 7.85
N LEU A 91 -0.88 -1.75 7.44
CA LEU A 91 -1.51 -3.06 7.05
C LEU A 91 -0.61 -4.21 7.50
N LYS A 92 -1.13 -5.12 8.29
CA LYS A 92 -0.32 -6.27 8.77
C LYS A 92 -0.58 -7.48 7.87
N ILE A 93 0.45 -8.19 7.49
CA ILE A 93 0.28 -9.38 6.60
C ILE A 93 1.12 -10.56 7.11
N LYS A 94 0.55 -11.74 7.13
CA LYS A 94 1.29 -12.95 7.58
C LYS A 94 1.58 -13.84 6.36
N LEU A 95 2.69 -13.63 5.72
CA LEU A 95 3.02 -14.44 4.52
C LEU A 95 2.98 -15.94 4.86
N ASP A 96 3.43 -16.30 6.02
CA ASP A 96 3.43 -17.74 6.42
C ASP A 96 2.04 -18.33 6.17
N ALA A 97 1.03 -17.50 6.06
CA ALA A 97 -0.35 -18.02 5.83
C ALA A 97 -0.66 -18.02 4.33
N VAL A 98 0.03 -17.22 3.57
CA VAL A 98 -0.23 -17.18 2.10
C VAL A 98 0.02 -18.58 1.50
N PRO A 99 -0.94 -19.16 0.80
CA PRO A 99 -0.76 -20.51 0.18
C PRO A 99 0.05 -20.45 -1.11
N GLY A 100 -0.03 -21.47 -1.92
CA GLY A 100 0.76 -21.49 -3.19
C GLY A 100 -0.07 -20.84 -4.31
N ASP A 101 -1.26 -20.37 -4.00
CA ASP A 101 -2.10 -19.74 -5.04
C ASP A 101 -1.43 -18.44 -5.51
N VAL A 102 -1.19 -17.54 -4.60
CA VAL A 102 -0.55 -16.25 -4.97
C VAL A 102 0.98 -16.43 -4.97
N ASP A 103 1.67 -15.71 -5.81
CA ASP A 103 3.16 -15.83 -5.87
C ASP A 103 3.79 -14.44 -5.82
N LYS A 104 2.99 -13.41 -5.87
CA LYS A 104 3.55 -12.03 -5.82
C LYS A 104 2.49 -11.08 -5.26
N ILE A 105 2.86 -10.28 -4.30
CA ILE A 105 1.90 -9.30 -3.68
C ILE A 105 2.58 -7.93 -3.61
N ILE A 106 1.82 -6.86 -3.61
CA ILE A 106 2.43 -5.49 -3.56
C ILE A 106 1.65 -4.57 -2.63
N PHE A 107 2.18 -3.41 -2.34
CA PHE A 107 1.49 -2.43 -1.46
C PHE A 107 1.69 -1.03 -2.03
N VAL A 108 0.63 -0.28 -2.17
CA VAL A 108 0.77 1.10 -2.76
C VAL A 108 -0.15 2.08 -2.00
N VAL A 109 0.24 3.33 -1.93
CA VAL A 109 -0.60 4.36 -1.24
C VAL A 109 -1.32 5.18 -2.30
N THR A 110 -2.62 5.32 -2.19
CA THR A 110 -3.40 6.11 -3.20
C THR A 110 -3.99 7.36 -2.53
N ILE A 111 -4.01 8.46 -3.24
CA ILE A 111 -4.57 9.71 -2.67
C ILE A 111 -6.10 9.59 -2.64
N HIS A 112 -6.73 10.00 -1.57
CA HIS A 112 -8.21 9.90 -1.49
C HIS A 112 -8.86 10.89 -2.46
N ASP A 113 -9.95 11.50 -2.06
CA ASP A 113 -10.63 12.47 -2.96
C ASP A 113 -9.65 13.58 -3.37
N ALA A 114 -8.65 13.82 -2.57
CA ALA A 114 -7.67 14.89 -2.93
C ALA A 114 -7.21 14.70 -4.38
N GLN A 115 -7.41 13.53 -4.92
CA GLN A 115 -6.99 13.28 -6.34
C GLN A 115 -7.91 14.06 -7.27
N ALA A 116 -9.20 14.01 -7.04
CA ALA A 116 -10.15 14.74 -7.92
C ALA A 116 -9.86 16.25 -7.83
N ARG A 117 -9.80 16.78 -6.64
CA ARG A 117 -9.52 18.23 -6.48
C ARG A 117 -8.05 18.50 -6.84
N ARG A 118 -7.38 17.54 -7.42
CA ARG A 118 -5.95 17.73 -7.80
C ARG A 118 -5.15 18.11 -6.55
N GLN A 119 -4.76 17.13 -5.76
CA GLN A 119 -3.98 17.43 -4.53
C GLN A 119 -3.06 16.24 -4.22
N SER A 120 -2.00 16.09 -4.96
CA SER A 120 -1.08 14.95 -4.71
C SER A 120 -0.57 15.00 -3.27
N PHE A 121 -0.12 13.88 -2.77
CA PHE A 121 0.39 13.83 -1.36
C PHE A 121 1.30 15.04 -1.11
N GLY A 122 1.83 15.63 -2.15
CA GLY A 122 2.75 16.80 -1.95
C GLY A 122 2.01 17.93 -1.23
N GLN A 123 0.78 18.17 -1.59
CA GLN A 123 0.02 19.27 -0.92
C GLN A 123 -0.02 19.03 0.60
N VAL A 124 0.29 17.83 1.01
CA VAL A 124 0.27 17.54 2.48
C VAL A 124 1.46 18.24 3.15
N SER A 125 1.46 18.33 4.44
CA SER A 125 2.59 19.01 5.13
C SER A 125 3.84 18.14 5.05
N GLY A 126 3.69 16.85 5.02
CA GLY A 126 4.87 15.95 4.93
C GLY A 126 4.46 14.51 5.25
N ALA A 127 3.82 13.85 4.32
CA ALA A 127 3.41 12.44 4.56
C ALA A 127 4.63 11.53 4.42
N PHE A 128 4.53 10.31 4.90
CA PHE A 128 5.69 9.38 4.80
C PHE A 128 5.20 7.93 4.77
N ILE A 129 6.09 7.01 4.48
CA ILE A 129 5.71 5.57 4.42
C ILE A 129 6.81 4.76 5.11
N ARG A 130 6.46 3.65 5.71
CA ARG A 130 7.50 2.82 6.42
C ARG A 130 7.19 1.33 6.23
N LEU A 131 8.19 0.49 6.36
CA LEU A 131 7.97 -0.98 6.20
C LEU A 131 8.82 -1.72 7.24
N VAL A 132 8.26 -2.74 7.84
CA VAL A 132 9.04 -3.51 8.86
C VAL A 132 8.55 -4.96 8.89
N ASN A 133 9.40 -5.87 9.26
CA ASN A 133 8.99 -7.30 9.34
C ASN A 133 8.50 -7.57 10.75
N ASP A 134 7.22 -7.64 10.96
CA ASP A 134 6.71 -7.91 12.33
C ASP A 134 7.33 -9.20 12.85
N ASP A 135 8.03 -9.89 11.99
CA ASP A 135 8.68 -11.17 12.41
C ASP A 135 10.09 -10.88 12.96
N ASN A 136 10.89 -10.19 12.20
CA ASN A 136 12.28 -9.87 12.66
C ASN A 136 12.28 -8.58 13.48
N GLN A 137 11.24 -7.80 13.39
CA GLN A 137 11.18 -6.53 14.16
C GLN A 137 12.37 -5.65 13.79
N THR A 138 12.55 -5.42 12.50
CA THR A 138 13.70 -4.56 12.04
C THR A 138 13.20 -3.63 10.93
N GLU A 139 13.21 -2.35 11.16
CA GLU A 139 12.75 -1.39 10.13
C GLU A 139 13.35 -1.76 8.76
N VAL A 140 12.53 -1.86 7.75
CA VAL A 140 13.06 -2.21 6.40
C VAL A 140 13.45 -0.92 5.66
N ALA A 141 12.53 -0.01 5.47
CA ALA A 141 12.88 1.25 4.75
C ALA A 141 11.72 2.23 4.80
N ARG A 142 11.91 3.42 4.30
CA ARG A 142 10.82 4.44 4.29
C ARG A 142 10.91 5.27 3.01
N TYR A 143 9.80 5.45 2.32
CA TYR A 143 9.82 6.23 1.06
C TYR A 143 9.46 7.70 1.36
N ASP A 144 10.03 8.63 0.62
CA ASP A 144 9.73 10.07 0.86
C ASP A 144 8.70 10.55 -0.15
N LEU A 145 7.53 10.91 0.31
CA LEU A 145 6.48 11.38 -0.63
C LEU A 145 6.72 12.85 -0.98
N THR A 146 7.08 13.65 -0.03
CA THR A 146 7.33 15.09 -0.32
C THR A 146 8.20 15.21 -1.56
N GLU A 147 8.98 14.21 -1.85
CA GLU A 147 9.87 14.26 -3.06
C GLU A 147 9.17 13.57 -4.24
N ASP A 148 8.76 12.34 -4.06
CA ASP A 148 8.08 11.61 -5.18
C ASP A 148 6.64 12.08 -5.31
N ALA A 149 6.20 12.95 -4.45
CA ALA A 149 4.79 13.43 -4.53
C ALA A 149 4.58 14.21 -5.83
N SER A 150 5.39 15.20 -6.05
CA SER A 150 5.24 16.01 -7.30
C SER A 150 5.26 15.09 -8.52
N THR A 151 5.47 13.81 -8.33
CA THR A 151 5.51 12.88 -9.49
C THR A 151 4.09 12.50 -9.91
N GLU A 152 3.17 12.40 -8.98
CA GLU A 152 1.77 12.01 -9.36
C GLU A 152 0.86 12.11 -8.14
N THR A 153 -0.12 11.26 -8.07
CA THR A 153 -1.07 11.25 -6.92
C THR A 153 -0.99 9.86 -6.25
N ALA A 154 -0.71 8.85 -7.02
CA ALA A 154 -0.58 7.47 -6.45
C ALA A 154 0.90 7.08 -6.45
N MET A 155 1.25 6.05 -5.73
CA MET A 155 2.69 5.64 -5.70
C MET A 155 2.82 4.24 -5.13
N LEU A 156 3.77 3.48 -5.62
CA LEU A 156 3.97 2.09 -5.11
C LEU A 156 5.20 2.05 -4.19
N PHE A 157 5.03 1.56 -3.00
CA PHE A 157 6.20 1.50 -2.06
C PHE A 157 7.18 0.43 -2.54
N GLY A 158 6.68 -0.74 -2.88
CA GLY A 158 7.61 -1.82 -3.35
C GLY A 158 6.79 -3.03 -3.81
N GLU A 159 7.39 -4.19 -3.79
CA GLU A 159 6.64 -5.42 -4.22
C GLU A 159 7.08 -6.61 -3.35
N LEU A 160 6.32 -7.68 -3.38
CA LEU A 160 6.67 -8.89 -2.57
C LEU A 160 6.64 -10.11 -3.48
N TYR A 161 7.62 -10.98 -3.39
CA TYR A 161 7.63 -12.18 -4.29
C TYR A 161 8.34 -13.34 -3.58
N ARG A 162 8.18 -14.53 -4.11
CA ARG A 162 8.83 -15.73 -3.49
C ARG A 162 10.04 -16.16 -4.31
N HIS A 163 11.07 -16.61 -3.65
CA HIS A 163 12.30 -17.07 -4.38
C HIS A 163 12.67 -18.47 -3.92
N ASN A 164 13.67 -18.61 -3.09
CA ASN A 164 14.07 -19.96 -2.60
C ASN A 164 13.01 -20.47 -1.63
N GLY A 165 11.80 -20.66 -2.10
CA GLY A 165 10.72 -21.16 -1.20
C GLY A 165 10.53 -20.18 -0.04
N GLU A 166 11.10 -19.01 -0.14
CA GLU A 166 10.97 -17.99 0.94
C GLU A 166 10.49 -16.66 0.34
N TRP A 167 9.94 -15.80 1.15
CA TRP A 167 9.45 -14.49 0.63
C TRP A 167 10.58 -13.45 0.62
N LYS A 168 10.51 -12.49 -0.25
CA LYS A 168 11.56 -11.43 -0.30
C LYS A 168 10.96 -10.14 -0.86
N PHE A 169 11.10 -9.06 -0.14
CA PHE A 169 10.52 -7.76 -0.61
C PHE A 169 11.55 -7.03 -1.47
N ARG A 170 11.10 -6.24 -2.41
CA ARG A 170 12.04 -5.50 -3.30
C ARG A 170 11.42 -4.15 -3.68
N ALA A 171 12.03 -3.07 -3.29
CA ALA A 171 11.47 -1.73 -3.63
C ALA A 171 11.79 -1.41 -5.09
N VAL A 172 10.99 -0.57 -5.72
CA VAL A 172 11.24 -0.21 -7.15
C VAL A 172 10.93 1.28 -7.36
N GLY A 173 9.95 1.79 -6.66
CA GLY A 173 9.60 3.23 -6.83
C GLY A 173 9.03 3.46 -8.23
N GLN A 174 7.75 3.31 -8.38
CA GLN A 174 7.10 3.51 -9.72
C GLN A 174 5.78 4.25 -9.54
N GLY A 175 5.75 5.52 -9.87
CA GLY A 175 4.48 6.31 -9.73
C GLY A 175 3.65 6.17 -11.00
N TYR A 176 2.35 6.16 -10.86
CA TYR A 176 1.47 6.03 -12.07
C TYR A 176 0.14 6.75 -11.81
N ALA A 177 -0.55 7.15 -12.87
CA ALA A 177 -1.85 7.85 -12.71
C ALA A 177 -2.99 6.93 -13.18
N GLY A 178 -2.71 5.67 -13.32
CA GLY A 178 -3.76 4.71 -13.78
C GLY A 178 -5.03 4.92 -12.94
N GLY A 179 -4.89 5.37 -11.73
CA GLY A 179 -6.08 5.58 -10.86
C GLY A 179 -6.42 4.29 -10.12
N LEU A 180 -6.85 4.40 -8.89
CA LEU A 180 -7.20 3.17 -8.12
C LEU A 180 -8.20 2.33 -8.93
N ALA A 181 -8.87 2.93 -9.86
CA ALA A 181 -9.85 2.16 -10.68
C ALA A 181 -9.11 1.25 -11.66
N SER A 182 -8.20 1.80 -12.42
CA SER A 182 -7.44 0.97 -13.40
C SER A 182 -6.26 0.30 -12.71
N VAL A 183 -5.55 1.02 -11.89
CA VAL A 183 -4.39 0.42 -11.18
C VAL A 183 -4.79 -0.91 -10.55
N CYS A 184 -6.05 -1.12 -10.34
CA CYS A 184 -6.51 -2.39 -9.70
C CYS A 184 -6.58 -3.51 -10.75
N ALA A 185 -7.35 -3.32 -11.79
CA ALA A 185 -7.48 -4.39 -12.83
C ALA A 185 -6.32 -4.28 -13.84
N GLN A 186 -5.87 -3.09 -14.09
CA GLN A 186 -4.75 -2.92 -15.07
C GLN A 186 -3.61 -3.88 -14.74
N TYR A 187 -3.43 -4.17 -13.48
CA TYR A 187 -2.34 -5.11 -13.09
C TYR A 187 -2.75 -6.55 -13.42
N GLY A 188 -4.03 -6.78 -13.58
CA GLY A 188 -4.51 -8.15 -13.92
C GLY A 188 -4.66 -8.29 -15.43
N ILE A 189 -5.35 -7.36 -16.05
CA ILE A 189 -5.53 -7.43 -17.52
C ILE A 189 -4.28 -6.88 -18.23
N ASN A 190 -3.45 -7.74 -18.74
CA ASN A 190 -2.22 -7.27 -19.44
C ASN A 190 -2.59 -6.75 -20.83
N ALA A 191 -2.11 -5.59 -21.19
CA ALA A 191 -2.44 -5.03 -22.53
C ALA A 191 -1.54 -5.68 -23.58
N SER A 192 -0.25 -5.59 -23.41
CA SER A 192 0.68 -6.20 -24.41
C SER A 192 2.08 -6.30 -23.79
N SER A 19 12.48 -16.76 6.03
CA SER A 19 12.98 -15.36 5.93
C SER A 19 11.91 -14.39 6.44
N MET A 20 11.25 -13.72 5.55
CA MET A 20 10.18 -12.75 5.98
C MET A 20 8.89 -13.52 6.29
N LYS A 21 8.64 -13.80 7.53
CA LYS A 21 7.41 -14.54 7.90
C LYS A 21 6.29 -13.54 8.20
N ASN A 22 6.62 -12.30 8.44
CA ASN A 22 5.58 -11.27 8.73
C ASN A 22 6.02 -9.92 8.18
N VAL A 23 5.18 -9.28 7.41
CA VAL A 23 5.53 -7.95 6.82
C VAL A 23 4.53 -6.91 7.31
N LEU A 24 4.93 -5.67 7.41
CA LEU A 24 3.99 -4.61 7.89
C LEU A 24 4.34 -3.27 7.24
N VAL A 25 3.47 -2.78 6.40
CA VAL A 25 3.72 -1.47 5.73
C VAL A 25 3.24 -0.36 6.66
N GLY A 26 3.84 0.80 6.59
CA GLY A 26 3.44 1.93 7.47
C GLY A 26 3.20 3.18 6.63
N LEU A 27 2.12 3.87 6.88
CA LEU A 27 1.80 5.11 6.12
C LEU A 27 1.27 6.15 7.11
N GLY A 28 1.89 7.29 7.21
CA GLY A 28 1.41 8.33 8.17
C GLY A 28 1.69 9.72 7.61
N TRP A 29 1.00 10.71 8.10
CA TRP A 29 1.24 12.09 7.59
C TRP A 29 0.66 13.11 8.56
N ASP A 30 1.18 14.31 8.53
CA ASP A 30 0.66 15.37 9.46
C ASP A 30 -0.58 16.02 8.85
N ALA A 31 -1.67 16.00 9.55
CA ALA A 31 -2.92 16.62 9.01
C ALA A 31 -2.88 18.13 9.27
N ARG A 32 -3.64 18.88 8.51
CA ARG A 32 -3.66 20.37 8.71
C ARG A 32 -5.12 20.85 8.74
N SER A 33 -5.61 21.22 9.89
CA SER A 33 -7.02 21.70 9.99
C SER A 33 -7.05 23.22 9.86
N THR A 34 -7.87 23.72 8.99
CA THR A 34 -7.96 25.20 8.80
C THR A 34 -9.36 25.56 8.28
N ASP A 35 -9.60 25.36 7.01
CA ASP A 35 -10.94 25.67 6.45
C ASP A 35 -11.85 24.45 6.61
N GLY A 36 -11.54 23.59 7.53
CA GLY A 36 -12.39 22.37 7.74
C GLY A 36 -11.93 21.26 6.79
N GLN A 37 -11.06 21.59 5.87
CA GLN A 37 -10.57 20.55 4.91
C GLN A 37 -9.42 19.77 5.54
N ASP A 38 -8.90 18.80 4.84
CA ASP A 38 -7.78 18.00 5.40
C ASP A 38 -7.30 16.99 4.34
N PHE A 39 -6.17 16.38 4.56
CA PHE A 39 -5.64 15.39 3.57
C PHE A 39 -6.04 13.98 4.02
N ASP A 40 -6.35 13.12 3.08
CA ASP A 40 -6.76 11.72 3.44
C ASP A 40 -6.17 10.73 2.43
N LEU A 41 -5.09 10.07 2.78
CA LEU A 41 -4.49 9.07 1.84
C LEU A 41 -5.15 7.72 2.09
N ASP A 42 -5.01 6.79 1.16
CA ASP A 42 -5.65 5.45 1.32
C ASP A 42 -4.63 4.35 1.05
N ALA A 43 -4.43 3.47 2.00
CA ALA A 43 -3.44 2.35 1.82
C ALA A 43 -4.20 1.09 1.39
N SER A 44 -3.67 0.36 0.44
CA SER A 44 -4.36 -0.88 -0.03
C SER A 44 -3.32 -1.90 -0.51
N ALA A 45 -3.74 -3.12 -0.72
CA ALA A 45 -2.79 -4.18 -1.20
C ALA A 45 -3.46 -4.98 -2.32
N PHE A 46 -2.71 -5.38 -3.32
CA PHE A 46 -3.30 -6.16 -4.46
C PHE A 46 -2.51 -7.46 -4.65
N LEU A 47 -3.20 -8.54 -4.87
CA LEU A 47 -2.50 -9.85 -5.06
C LEU A 47 -2.08 -10.00 -6.52
N LEU A 48 -1.15 -10.86 -6.81
CA LEU A 48 -0.71 -11.06 -8.22
C LEU A 48 -0.32 -12.54 -8.41
N ALA A 49 -0.78 -13.17 -9.46
CA ALA A 49 -0.43 -14.60 -9.70
C ALA A 49 0.90 -14.70 -10.47
N ALA A 50 1.40 -15.89 -10.67
CA ALA A 50 2.68 -16.05 -11.43
C ALA A 50 2.39 -16.08 -12.93
N ASN A 51 1.14 -16.20 -13.31
CA ASN A 51 0.80 -16.25 -14.76
C ASN A 51 0.97 -14.86 -15.36
N GLY A 52 1.30 -13.89 -14.56
CA GLY A 52 1.48 -12.49 -15.08
C GLY A 52 0.21 -11.69 -14.80
N LYS A 53 -0.80 -12.36 -14.32
CA LYS A 53 -2.09 -11.67 -13.99
C LYS A 53 -2.48 -12.04 -12.56
N VAL A 54 -3.52 -11.46 -12.03
CA VAL A 54 -3.92 -11.81 -10.65
C VAL A 54 -4.91 -12.97 -10.69
N ARG A 55 -4.76 -13.93 -9.82
CA ARG A 55 -5.72 -15.06 -9.81
C ARG A 55 -7.10 -14.47 -9.52
N GLY A 56 -7.13 -13.18 -9.27
CA GLY A 56 -8.42 -12.50 -8.98
C GLY A 56 -8.13 -11.06 -8.55
N ASP A 57 -7.95 -10.18 -9.50
CA ASP A 57 -7.65 -8.76 -9.15
C ASP A 57 -8.63 -8.28 -8.07
N ALA A 58 -9.87 -8.64 -8.21
CA ALA A 58 -10.88 -8.21 -7.20
C ALA A 58 -10.51 -8.79 -5.83
N ASP A 59 -9.40 -9.45 -5.72
CA ASP A 59 -8.99 -10.03 -4.41
C ASP A 59 -8.11 -9.03 -3.67
N PHE A 60 -8.26 -7.77 -3.95
CA PHE A 60 -7.42 -6.74 -3.26
C PHE A 60 -8.14 -6.28 -2.00
N ILE A 61 -7.46 -6.32 -0.88
CA ILE A 61 -8.10 -5.92 0.40
C ILE A 61 -8.17 -4.38 0.49
N PHE A 62 -9.35 -3.86 0.70
CA PHE A 62 -9.53 -2.37 0.80
C PHE A 62 -9.71 -2.00 2.29
N TYR A 63 -10.10 -0.78 2.56
CA TYR A 63 -10.28 -0.37 3.98
C TYR A 63 -11.59 -0.94 4.53
N ASN A 64 -12.33 -1.65 3.74
CA ASN A 64 -13.62 -2.23 4.23
C ASN A 64 -13.33 -3.49 5.03
N ASN A 65 -12.61 -4.42 4.48
CA ASN A 65 -12.30 -5.68 5.23
C ASN A 65 -11.14 -5.42 6.19
N LEU A 66 -11.42 -4.89 7.34
CA LEU A 66 -10.34 -4.61 8.33
C LEU A 66 -9.52 -5.88 8.58
N LYS A 67 -10.10 -7.03 8.36
CA LYS A 67 -9.36 -8.30 8.60
C LYS A 67 -9.89 -9.40 7.66
N SER A 68 -9.03 -9.95 6.85
CA SER A 68 -9.49 -11.02 5.92
C SER A 68 -9.81 -12.29 6.71
N ALA A 69 -10.67 -13.13 6.20
CA ALA A 69 -11.02 -14.38 6.93
C ALA A 69 -9.94 -15.43 6.70
N ASP A 70 -9.55 -15.64 5.47
CA ASP A 70 -8.50 -16.65 5.14
C ASP A 70 -7.28 -15.93 4.55
N GLY A 71 -7.34 -14.64 4.40
CA GLY A 71 -6.20 -13.89 3.82
C GLY A 71 -5.13 -13.67 4.90
N SER A 72 -5.48 -13.86 6.14
CA SER A 72 -4.49 -13.66 7.24
C SER A 72 -3.99 -12.22 7.21
N VAL A 73 -4.65 -11.36 6.48
CA VAL A 73 -4.21 -9.93 6.41
C VAL A 73 -4.97 -9.12 7.46
N THR A 74 -4.38 -8.06 7.94
CA THR A 74 -5.08 -7.22 8.97
C THR A 74 -4.72 -5.75 8.76
N HIS A 75 -5.71 -4.91 8.62
CA HIS A 75 -5.44 -3.45 8.41
C HIS A 75 -5.43 -2.74 9.76
N THR A 76 -4.40 -2.00 10.06
CA THR A 76 -4.35 -1.29 11.37
C THR A 76 -5.59 -0.40 11.51
N GLY A 77 -5.96 0.28 10.46
CA GLY A 77 -7.15 1.17 10.53
C GLY A 77 -7.03 2.27 9.48
N ASP A 78 -8.06 2.45 8.68
CA ASP A 78 -8.01 3.51 7.64
C ASP A 78 -8.55 4.82 8.22
N ASN A 79 -7.70 5.79 8.41
CA ASN A 79 -8.16 7.09 8.97
C ASN A 79 -8.82 7.93 7.87
N ARG A 80 -9.03 9.19 8.13
CA ARG A 80 -9.66 10.08 7.10
C ARG A 80 -9.12 11.49 7.23
N THR A 81 -8.06 11.66 7.99
CA THR A 81 -7.47 13.02 8.17
C THR A 81 -5.97 12.90 8.48
N GLY A 82 -5.60 11.87 9.21
CA GLY A 82 -4.16 11.68 9.57
C GLY A 82 -3.96 12.03 11.04
N GLU A 83 -5.03 12.28 11.74
CA GLU A 83 -4.91 12.62 13.19
C GLU A 83 -4.22 11.48 13.92
N GLY A 84 -3.02 11.69 14.38
CA GLY A 84 -2.29 10.61 15.12
C GLY A 84 -0.79 10.92 15.13
N ASP A 85 -0.20 10.94 16.30
CA ASP A 85 1.26 11.23 16.38
C ASP A 85 2.05 9.98 16.02
N GLY A 86 1.88 9.47 14.83
CA GLY A 86 2.63 8.26 14.42
C GLY A 86 2.06 7.72 13.10
N ASP A 87 2.08 6.43 12.91
CA ASP A 87 1.54 5.86 11.65
C ASP A 87 0.02 5.98 11.64
N ASP A 88 -0.52 6.75 10.73
CA ASP A 88 -2.01 6.90 10.67
C ASP A 88 -2.62 5.70 9.96
N GLU A 89 -1.97 5.20 8.93
CA GLU A 89 -2.49 4.02 8.18
C GLU A 89 -1.40 2.96 8.09
N SER A 90 -1.76 1.70 8.14
CA SER A 90 -0.74 0.63 8.06
C SER A 90 -1.42 -0.70 7.75
N LEU A 91 -0.68 -1.66 7.24
CA LEU A 91 -1.29 -3.00 6.92
C LEU A 91 -0.33 -4.12 7.32
N LYS A 92 -0.83 -5.11 8.01
CA LYS A 92 0.03 -6.26 8.46
C LYS A 92 -0.37 -7.52 7.67
N ILE A 93 0.59 -8.26 7.20
CA ILE A 93 0.29 -9.51 6.43
C ILE A 93 1.19 -10.66 6.89
N LYS A 94 0.63 -11.69 7.44
CA LYS A 94 1.44 -12.85 7.88
C LYS A 94 1.71 -13.73 6.66
N LEU A 95 2.80 -13.50 5.97
CA LEU A 95 3.11 -14.30 4.76
C LEU A 95 3.18 -15.80 5.13
N ASP A 96 3.49 -16.10 6.36
CA ASP A 96 3.57 -17.52 6.79
C ASP A 96 2.19 -18.18 6.66
N ALA A 97 1.22 -17.47 6.15
CA ALA A 97 -0.16 -18.03 6.00
C ALA A 97 -0.59 -17.91 4.53
N VAL A 98 0.27 -17.42 3.69
CA VAL A 98 -0.09 -17.27 2.25
C VAL A 98 0.12 -18.63 1.54
N PRO A 99 -0.89 -19.15 0.85
CA PRO A 99 -0.75 -20.46 0.14
C PRO A 99 0.03 -20.33 -1.17
N GLY A 100 -0.10 -21.29 -2.05
CA GLY A 100 0.64 -21.23 -3.34
C GLY A 100 -0.23 -20.56 -4.41
N ASP A 101 -1.39 -20.09 -4.04
CA ASP A 101 -2.28 -19.42 -5.02
C ASP A 101 -1.60 -18.15 -5.55
N VAL A 102 -1.20 -17.28 -4.66
CA VAL A 102 -0.52 -16.02 -5.08
C VAL A 102 0.99 -16.27 -5.17
N ASP A 103 1.65 -15.58 -6.06
CA ASP A 103 3.13 -15.77 -6.24
C ASP A 103 3.84 -14.44 -5.97
N LYS A 104 3.10 -13.36 -5.91
CA LYS A 104 3.73 -12.04 -5.66
C LYS A 104 2.69 -11.08 -5.09
N ILE A 105 3.04 -10.41 -4.01
CA ILE A 105 2.08 -9.44 -3.36
C ILE A 105 2.63 -8.02 -3.55
N ILE A 106 1.76 -7.04 -3.54
CA ILE A 106 2.22 -5.63 -3.73
C ILE A 106 1.40 -4.69 -2.83
N PHE A 107 2.00 -3.60 -2.42
CA PHE A 107 1.30 -2.61 -1.55
C PHE A 107 1.41 -1.23 -2.21
N VAL A 108 0.30 -0.55 -2.39
CA VAL A 108 0.35 0.79 -3.06
C VAL A 108 -0.56 1.78 -2.31
N VAL A 109 -0.20 3.03 -2.33
CA VAL A 109 -1.02 4.08 -1.66
C VAL A 109 -1.77 4.86 -2.74
N THR A 110 -2.86 5.48 -2.39
CA THR A 110 -3.64 6.25 -3.41
C THR A 110 -4.28 7.48 -2.76
N ILE A 111 -4.32 8.57 -3.47
CA ILE A 111 -4.93 9.81 -2.90
C ILE A 111 -6.46 9.64 -2.87
N HIS A 112 -7.07 9.78 -1.72
CA HIS A 112 -8.54 9.60 -1.62
C HIS A 112 -9.25 10.65 -2.49
N ASP A 113 -10.22 11.33 -1.94
CA ASP A 113 -10.96 12.37 -2.72
C ASP A 113 -10.05 13.55 -3.03
N ALA A 114 -8.97 13.69 -2.30
CA ALA A 114 -8.05 14.84 -2.58
C ALA A 114 -7.69 14.85 -4.07
N GLN A 115 -7.88 13.75 -4.74
CA GLN A 115 -7.56 13.69 -6.20
C GLN A 115 -8.62 14.48 -6.97
N ALA A 116 -9.85 14.39 -6.58
CA ALA A 116 -10.93 15.13 -7.29
C ALA A 116 -10.62 16.62 -7.26
N ARG A 117 -10.32 17.14 -6.10
CA ARG A 117 -10.00 18.59 -6.00
C ARG A 117 -8.56 18.82 -6.45
N ARG A 118 -7.94 17.82 -7.00
CA ARG A 118 -6.53 17.98 -7.47
C ARG A 118 -5.64 18.28 -6.26
N GLN A 119 -5.13 17.27 -5.61
CA GLN A 119 -4.24 17.49 -4.43
C GLN A 119 -3.32 16.29 -4.25
N SER A 120 -2.31 16.19 -5.07
CA SER A 120 -1.36 15.03 -4.95
C SER A 120 -0.76 14.99 -3.54
N PHE A 121 -0.12 13.92 -3.20
CA PHE A 121 0.50 13.80 -1.83
C PHE A 121 1.26 15.08 -1.50
N GLY A 122 1.62 15.85 -2.48
CA GLY A 122 2.40 17.10 -2.21
C GLY A 122 1.58 18.07 -1.36
N GLN A 123 0.34 18.29 -1.71
CA GLN A 123 -0.49 19.26 -0.91
C GLN A 123 -0.50 18.82 0.55
N VAL A 124 0.01 17.65 0.85
CA VAL A 124 0.03 17.19 2.26
C VAL A 124 1.08 17.99 3.03
N SER A 125 1.05 17.94 4.33
CA SER A 125 2.05 18.70 5.13
C SER A 125 3.38 17.94 5.15
N GLY A 126 3.42 16.78 4.55
CA GLY A 126 4.68 15.97 4.51
C GLY A 126 4.36 14.54 4.93
N ALA A 127 3.86 13.74 4.02
CA ALA A 127 3.53 12.34 4.38
C ALA A 127 4.79 11.48 4.40
N PHE A 128 4.72 10.30 4.98
CA PHE A 128 5.93 9.43 5.04
C PHE A 128 5.51 7.96 5.01
N ILE A 129 6.03 7.21 4.08
CA ILE A 129 5.69 5.76 3.98
C ILE A 129 6.84 4.95 4.58
N ARG A 130 6.55 3.85 5.24
CA ARG A 130 7.66 3.04 5.85
C ARG A 130 7.32 1.55 5.74
N LEU A 131 8.34 0.71 5.82
CA LEU A 131 8.11 -0.77 5.73
C LEU A 131 8.95 -1.46 6.80
N VAL A 132 8.39 -2.42 7.47
CA VAL A 132 9.15 -3.14 8.54
C VAL A 132 8.72 -4.60 8.59
N ASN A 133 9.60 -5.48 8.96
CA ASN A 133 9.22 -6.91 9.06
C ASN A 133 8.70 -7.17 10.48
N ASP A 134 7.41 -7.28 10.65
CA ASP A 134 6.88 -7.54 12.01
C ASP A 134 7.58 -8.76 12.59
N ASP A 135 8.30 -9.47 11.76
CA ASP A 135 9.02 -10.68 12.23
C ASP A 135 10.39 -10.29 12.81
N ASN A 136 11.15 -9.53 12.07
CA ASN A 136 12.51 -9.12 12.56
C ASN A 136 12.39 -7.81 13.35
N GLN A 137 11.32 -7.09 13.19
CA GLN A 137 11.15 -5.80 13.94
C GLN A 137 12.31 -4.86 13.59
N THR A 138 12.55 -4.65 12.33
CA THR A 138 13.67 -3.74 11.91
C THR A 138 13.25 -2.93 10.69
N GLU A 139 13.37 -1.64 10.74
CA GLU A 139 12.98 -0.79 9.58
C GLU A 139 13.58 -1.36 8.29
N VAL A 140 12.78 -1.50 7.27
CA VAL A 140 13.29 -2.05 5.98
C VAL A 140 13.54 -0.91 4.98
N ALA A 141 12.62 0.00 4.83
CA ALA A 141 12.84 1.11 3.86
C ALA A 141 11.89 2.28 4.15
N ARG A 142 12.05 3.36 3.44
CA ARG A 142 11.17 4.55 3.64
C ARG A 142 11.03 5.31 2.31
N TYR A 143 9.94 6.02 2.14
CA TYR A 143 9.73 6.79 0.87
C TYR A 143 9.25 8.20 1.20
N ASP A 144 9.77 9.19 0.52
CA ASP A 144 9.35 10.61 0.80
C ASP A 144 8.32 11.04 -0.25
N LEU A 145 7.17 11.47 0.17
CA LEU A 145 6.12 11.90 -0.81
C LEU A 145 6.28 13.40 -1.11
N THR A 146 6.70 14.18 -0.16
CA THR A 146 6.87 15.64 -0.42
C THR A 146 7.66 15.83 -1.72
N GLU A 147 8.58 14.94 -1.99
CA GLU A 147 9.40 15.04 -3.23
C GLU A 147 8.78 14.17 -4.33
N ASP A 148 8.40 12.96 -4.00
CA ASP A 148 7.80 12.06 -5.02
C ASP A 148 6.33 12.42 -5.24
N ALA A 149 5.84 13.40 -4.55
CA ALA A 149 4.41 13.80 -4.71
C ALA A 149 4.16 14.24 -6.15
N SER A 150 4.94 15.16 -6.61
CA SER A 150 4.76 15.68 -8.00
C SER A 150 4.84 14.55 -9.03
N THR A 151 5.00 13.32 -8.60
CA THR A 151 5.09 12.21 -9.59
C THR A 151 3.69 11.71 -9.97
N GLU A 152 2.77 11.70 -9.04
CA GLU A 152 1.38 11.22 -9.39
C GLU A 152 0.49 11.28 -8.15
N THR A 153 -0.68 10.69 -8.23
CA THR A 153 -1.63 10.66 -7.07
C THR A 153 -1.77 9.20 -6.61
N ALA A 154 -1.11 8.30 -7.29
CA ALA A 154 -1.17 6.86 -6.92
C ALA A 154 0.17 6.23 -7.30
N MET A 155 0.73 5.41 -6.45
CA MET A 155 2.06 4.81 -6.79
C MET A 155 2.31 3.57 -5.92
N LEU A 156 3.17 2.70 -6.36
CA LEU A 156 3.48 1.48 -5.57
C LEU A 156 4.63 1.79 -4.60
N PHE A 157 4.41 1.57 -3.33
CA PHE A 157 5.46 1.88 -2.33
C PHE A 157 6.51 0.75 -2.32
N GLY A 158 6.07 -0.48 -2.41
CA GLY A 158 7.06 -1.60 -2.39
C GLY A 158 6.43 -2.88 -2.94
N GLU A 159 7.15 -3.97 -2.92
CA GLU A 159 6.60 -5.25 -3.45
C GLU A 159 7.22 -6.42 -2.70
N LEU A 160 6.62 -7.59 -2.80
CA LEU A 160 7.17 -8.79 -2.10
C LEU A 160 6.99 -10.01 -3.02
N TYR A 161 7.96 -10.88 -3.09
CA TYR A 161 7.83 -12.08 -3.97
C TYR A 161 8.51 -13.30 -3.32
N ARG A 162 8.23 -14.47 -3.84
CA ARG A 162 8.84 -15.71 -3.25
C ARG A 162 10.18 -16.01 -3.91
N HIS A 163 11.11 -16.57 -3.17
CA HIS A 163 12.44 -16.89 -3.75
C HIS A 163 13.01 -18.12 -3.03
N ASN A 164 13.34 -19.14 -3.76
CA ASN A 164 13.91 -20.36 -3.12
C ASN A 164 12.95 -20.84 -2.03
N GLY A 165 11.68 -20.52 -2.15
CA GLY A 165 10.71 -20.96 -1.11
C GLY A 165 10.75 -19.99 0.07
N GLU A 166 11.36 -18.84 -0.09
CA GLU A 166 11.46 -17.85 1.02
C GLU A 166 10.95 -16.49 0.52
N TRP A 167 10.14 -15.83 1.29
CA TRP A 167 9.62 -14.49 0.87
C TRP A 167 10.77 -13.49 0.83
N LYS A 168 10.74 -12.56 -0.09
CA LYS A 168 11.83 -11.55 -0.19
C LYS A 168 11.24 -10.20 -0.62
N PHE A 169 11.64 -9.14 0.02
CA PHE A 169 11.10 -7.80 -0.34
C PHE A 169 11.97 -7.15 -1.43
N ARG A 170 11.39 -6.28 -2.21
CA ARG A 170 12.16 -5.61 -3.28
C ARG A 170 11.40 -4.37 -3.75
N ALA A 171 11.87 -3.21 -3.39
CA ALA A 171 11.16 -1.96 -3.80
C ALA A 171 11.28 -1.76 -5.32
N VAL A 172 10.33 -1.10 -5.91
CA VAL A 172 10.37 -0.85 -7.39
C VAL A 172 10.00 0.60 -7.68
N GLY A 173 9.14 1.18 -6.89
CA GLY A 173 8.74 2.59 -7.11
C GLY A 173 8.10 2.73 -8.49
N GLN A 174 6.82 2.49 -8.58
CA GLN A 174 6.09 2.59 -9.89
C GLN A 174 4.99 3.64 -9.78
N GLY A 175 5.18 4.79 -10.38
CA GLY A 175 4.14 5.85 -10.31
C GLY A 175 3.18 5.73 -11.49
N TYR A 176 1.91 5.89 -11.26
CA TYR A 176 0.92 5.79 -12.37
C TYR A 176 -0.29 6.68 -12.06
N ALA A 177 -0.64 7.57 -12.95
CA ALA A 177 -1.79 8.46 -12.70
C ALA A 177 -3.09 7.74 -13.06
N GLY A 178 -3.14 6.45 -12.82
CA GLY A 178 -4.38 5.68 -13.15
C GLY A 178 -5.42 5.92 -12.05
N GLY A 179 -5.85 4.87 -11.39
CA GLY A 179 -6.87 5.03 -10.32
C GLY A 179 -6.99 3.72 -9.54
N LEU A 180 -7.56 3.78 -8.36
CA LEU A 180 -7.71 2.54 -7.55
C LEU A 180 -8.72 1.62 -8.23
N ALA A 181 -9.47 2.13 -9.17
CA ALA A 181 -10.47 1.27 -9.88
C ALA A 181 -9.79 0.48 -10.98
N SER A 182 -8.96 1.12 -11.77
CA SER A 182 -8.27 0.40 -12.87
C SER A 182 -7.03 -0.30 -12.32
N VAL A 183 -6.27 0.37 -11.50
CA VAL A 183 -5.04 -0.26 -10.92
C VAL A 183 -5.39 -1.64 -10.36
N CYS A 184 -6.64 -1.87 -10.08
CA CYS A 184 -7.04 -3.19 -9.51
C CYS A 184 -7.00 -4.26 -10.60
N ALA A 185 -7.80 -4.10 -11.62
CA ALA A 185 -7.83 -5.12 -12.71
C ALA A 185 -6.69 -4.85 -13.71
N GLN A 186 -6.32 -3.61 -13.87
CA GLN A 186 -5.23 -3.28 -14.82
C GLN A 186 -3.99 -4.13 -14.53
N TYR A 187 -3.76 -4.45 -13.30
CA TYR A 187 -2.56 -5.28 -12.96
C TYR A 187 -2.80 -6.71 -13.44
N GLY A 188 -4.03 -7.07 -13.65
CA GLY A 188 -4.33 -8.45 -14.14
C GLY A 188 -3.96 -8.56 -15.61
N ILE A 189 -4.42 -7.65 -16.42
CA ILE A 189 -4.09 -7.70 -17.87
C ILE A 189 -2.69 -7.10 -18.10
N ASN A 190 -1.77 -7.90 -18.56
CA ASN A 190 -0.39 -7.37 -18.79
C ASN A 190 -0.42 -6.34 -19.91
N ALA A 191 -0.33 -5.08 -19.57
CA ALA A 191 -0.35 -4.01 -20.61
C ALA A 191 1.04 -3.89 -21.25
N SER A 192 1.20 -2.98 -22.17
CA SER A 192 2.53 -2.82 -22.83
C SER A 192 3.47 -2.03 -21.91
N SER A 19 13.63 -16.17 6.31
CA SER A 19 14.14 -14.78 6.53
C SER A 19 13.03 -13.91 7.12
N MET A 20 12.42 -13.08 6.32
CA MET A 20 11.34 -12.20 6.85
C MET A 20 10.08 -13.04 7.08
N LYS A 21 9.79 -13.37 8.31
CA LYS A 21 8.58 -14.20 8.60
C LYS A 21 7.38 -13.27 8.81
N ASN A 22 7.61 -12.00 9.01
CA ASN A 22 6.47 -11.05 9.22
C ASN A 22 6.83 -9.69 8.63
N VAL A 23 5.89 -9.07 7.95
CA VAL A 23 6.14 -7.72 7.35
C VAL A 23 5.07 -6.75 7.84
N LEU A 24 5.38 -5.49 7.89
CA LEU A 24 4.37 -4.49 8.38
C LEU A 24 4.60 -3.15 7.67
N VAL A 25 3.63 -2.68 6.94
CA VAL A 25 3.76 -1.37 6.24
C VAL A 25 3.35 -0.26 7.22
N GLY A 26 3.90 0.92 7.06
CA GLY A 26 3.54 2.05 7.97
C GLY A 26 3.39 3.34 7.17
N LEU A 27 2.21 3.89 7.18
CA LEU A 27 1.95 5.17 6.45
C LEU A 27 1.47 6.20 7.46
N GLY A 28 2.01 7.39 7.44
CA GLY A 28 1.58 8.43 8.42
C GLY A 28 1.68 9.82 7.80
N TRP A 29 0.83 10.71 8.20
CA TRP A 29 0.89 12.09 7.63
C TRP A 29 0.12 13.05 8.53
N ASP A 30 0.36 14.33 8.38
CA ASP A 30 -0.35 15.33 9.23
C ASP A 30 -1.73 15.61 8.66
N ALA A 31 -2.75 15.58 9.48
CA ALA A 31 -4.13 15.85 8.99
C ALA A 31 -4.41 17.36 9.10
N ARG A 32 -4.63 18.01 7.99
CA ARG A 32 -4.91 19.47 8.02
C ARG A 32 -6.39 19.71 8.34
N SER A 33 -6.70 20.14 9.54
CA SER A 33 -8.11 20.40 9.93
C SER A 33 -8.36 21.90 10.00
N THR A 34 -9.37 22.40 9.32
CA THR A 34 -9.66 23.86 9.35
C THR A 34 -11.17 24.07 9.27
N ASP A 35 -11.83 23.39 8.38
CA ASP A 35 -13.31 23.54 8.25
C ASP A 35 -13.90 22.28 7.62
N GLY A 36 -13.43 21.13 8.03
CA GLY A 36 -13.96 19.86 7.45
C GLY A 36 -12.99 19.34 6.38
N GLN A 37 -12.23 20.22 5.79
CA GLN A 37 -11.28 19.78 4.74
C GLN A 37 -10.10 19.06 5.40
N ASP A 38 -9.73 17.91 4.87
CA ASP A 38 -8.59 17.16 5.47
C ASP A 38 -8.00 16.22 4.43
N PHE A 39 -6.77 15.81 4.60
CA PHE A 39 -6.12 14.89 3.62
C PHE A 39 -6.25 13.45 4.13
N ASP A 40 -6.55 12.52 3.27
CA ASP A 40 -6.69 11.09 3.69
C ASP A 40 -6.10 10.17 2.62
N LEU A 41 -4.94 9.63 2.86
CA LEU A 41 -4.33 8.70 1.86
C LEU A 41 -4.89 7.30 2.07
N ASP A 42 -5.30 6.64 1.02
CA ASP A 42 -5.88 5.28 1.16
C ASP A 42 -4.80 4.22 0.90
N ALA A 43 -4.49 3.42 1.88
CA ALA A 43 -3.45 2.35 1.71
C ALA A 43 -4.14 1.03 1.41
N SER A 44 -3.68 0.31 0.42
CA SER A 44 -4.32 -0.99 0.07
C SER A 44 -3.28 -1.94 -0.52
N ALA A 45 -3.61 -3.20 -0.65
CA ALA A 45 -2.65 -4.20 -1.21
C ALA A 45 -3.41 -5.17 -2.12
N PHE A 46 -2.86 -5.46 -3.28
CA PHE A 46 -3.54 -6.40 -4.24
C PHE A 46 -2.75 -7.69 -4.36
N LEU A 47 -3.42 -8.81 -4.41
CA LEU A 47 -2.70 -10.11 -4.53
C LEU A 47 -2.31 -10.34 -6.00
N LEU A 48 -1.27 -11.09 -6.26
CA LEU A 48 -0.87 -11.35 -7.66
C LEU A 48 -0.24 -12.76 -7.75
N ALA A 49 -0.74 -13.60 -8.61
CA ALA A 49 -0.17 -14.97 -8.74
C ALA A 49 1.10 -14.92 -9.60
N ALA A 50 1.87 -15.97 -9.59
CA ALA A 50 3.12 -15.99 -10.42
C ALA A 50 2.77 -16.40 -11.84
N ASN A 51 1.53 -16.70 -12.10
CA ASN A 51 1.13 -17.12 -13.48
C ASN A 51 1.09 -15.89 -14.39
N GLY A 52 1.25 -14.72 -13.82
CA GLY A 52 1.23 -13.47 -14.64
C GLY A 52 -0.12 -12.78 -14.48
N LYS A 53 -1.02 -13.39 -13.75
CA LYS A 53 -2.37 -12.78 -13.54
C LYS A 53 -2.85 -13.14 -12.13
N VAL A 54 -3.44 -12.21 -11.44
CA VAL A 54 -3.93 -12.51 -10.07
C VAL A 54 -5.09 -13.49 -10.15
N ARG A 55 -5.19 -14.36 -9.19
CA ARG A 55 -6.32 -15.32 -9.19
C ARG A 55 -7.61 -14.53 -8.96
N GLY A 56 -7.49 -13.23 -8.93
CA GLY A 56 -8.70 -12.37 -8.72
C GLY A 56 -8.28 -11.04 -8.08
N ASP A 57 -8.19 -10.01 -8.86
CA ASP A 57 -7.80 -8.68 -8.30
C ASP A 57 -8.76 -8.30 -7.18
N ALA A 58 -10.00 -8.65 -7.32
CA ALA A 58 -11.01 -8.32 -6.29
C ALA A 58 -10.59 -8.91 -4.94
N ASP A 59 -9.48 -9.61 -4.90
CA ASP A 59 -9.03 -10.20 -3.61
C ASP A 59 -8.08 -9.22 -2.92
N PHE A 60 -8.21 -7.95 -3.21
CA PHE A 60 -7.33 -6.93 -2.58
C PHE A 60 -7.97 -6.43 -1.29
N ILE A 61 -7.17 -6.21 -0.29
CA ILE A 61 -7.70 -5.72 1.02
C ILE A 61 -7.65 -4.18 1.03
N PHE A 62 -8.67 -3.56 1.55
CA PHE A 62 -8.69 -2.07 1.60
C PHE A 62 -9.64 -1.61 2.72
N TYR A 63 -10.14 -0.40 2.61
CA TYR A 63 -11.05 0.14 3.65
C TYR A 63 -12.39 -0.62 3.62
N ASN A 64 -12.36 -1.90 3.85
CA ASN A 64 -13.62 -2.70 3.83
C ASN A 64 -13.32 -4.11 4.32
N ASN A 65 -12.23 -4.67 3.88
CA ASN A 65 -11.84 -6.04 4.31
C ASN A 65 -10.84 -5.93 5.46
N LEU A 66 -11.31 -5.93 6.67
CA LEU A 66 -10.39 -5.82 7.84
C LEU A 66 -9.21 -6.77 7.65
N LYS A 67 -9.38 -7.79 6.86
CA LYS A 67 -8.27 -8.76 6.64
C LYS A 67 -8.65 -9.75 5.55
N SER A 68 -7.67 -10.33 4.91
CA SER A 68 -7.97 -11.33 3.84
C SER A 68 -8.48 -12.62 4.47
N ALA A 69 -9.17 -13.43 3.72
CA ALA A 69 -9.69 -14.71 4.29
C ALA A 69 -8.60 -15.77 4.24
N ASP A 70 -7.97 -15.92 3.10
CA ASP A 70 -6.88 -16.94 2.95
C ASP A 70 -5.56 -16.23 2.65
N GLY A 71 -5.58 -14.93 2.54
CA GLY A 71 -4.33 -14.18 2.24
C GLY A 71 -3.51 -14.00 3.52
N SER A 72 -4.09 -14.33 4.65
CA SER A 72 -3.34 -14.18 5.93
C SER A 72 -2.88 -12.74 6.09
N VAL A 73 -3.45 -11.84 5.33
CA VAL A 73 -3.05 -10.40 5.43
C VAL A 73 -3.99 -9.69 6.41
N THR A 74 -3.52 -8.65 7.06
CA THR A 74 -4.39 -7.92 8.04
C THR A 74 -4.15 -6.41 7.92
N HIS A 75 -5.19 -5.65 7.73
CA HIS A 75 -5.05 -4.17 7.62
C HIS A 75 -5.23 -3.53 9.00
N THR A 76 -4.33 -2.68 9.41
CA THR A 76 -4.47 -2.03 10.74
C THR A 76 -5.73 -1.17 10.77
N GLY A 77 -5.90 -0.29 9.82
CA GLY A 77 -7.11 0.57 9.81
C GLY A 77 -6.85 1.80 8.94
N ASP A 78 -7.72 2.06 7.99
CA ASP A 78 -7.52 3.25 7.11
C ASP A 78 -8.13 4.49 7.78
N ASN A 79 -7.33 5.48 8.05
CA ASN A 79 -7.87 6.71 8.70
C ASN A 79 -8.58 7.56 7.65
N ARG A 80 -9.46 8.44 8.08
CA ARG A 80 -10.20 9.32 7.12
C ARG A 80 -9.64 10.74 7.19
N THR A 81 -8.54 10.92 7.88
CA THR A 81 -7.94 12.29 7.98
C THR A 81 -6.45 12.17 8.30
N GLY A 82 -6.08 11.19 9.09
CA GLY A 82 -4.65 11.00 9.45
C GLY A 82 -4.44 11.38 10.91
N GLU A 83 -5.50 11.66 11.62
CA GLU A 83 -5.36 12.04 13.05
C GLU A 83 -4.67 10.90 13.81
N GLY A 84 -3.53 11.18 14.38
CA GLY A 84 -2.79 10.12 15.14
C GLY A 84 -1.28 10.35 14.98
N ASP A 85 -0.62 10.77 16.01
CA ASP A 85 0.85 11.01 15.91
C ASP A 85 1.59 9.68 16.07
N GLY A 86 1.21 8.68 15.34
CA GLY A 86 1.89 7.37 15.45
C GLY A 86 1.31 6.39 14.42
N ASP A 87 1.88 6.34 13.25
CA ASP A 87 1.37 5.40 12.20
C ASP A 87 -0.15 5.58 12.05
N ASP A 88 -0.57 6.32 11.08
CA ASP A 88 -2.04 6.53 10.87
C ASP A 88 -2.64 5.29 10.22
N GLU A 89 -1.91 4.66 9.33
CA GLU A 89 -2.42 3.43 8.65
C GLU A 89 -1.27 2.44 8.48
N SER A 90 -1.58 1.18 8.34
CA SER A 90 -0.50 0.17 8.16
C SER A 90 -1.09 -1.15 7.65
N LEU A 91 -0.26 -2.11 7.34
CA LEU A 91 -0.77 -3.42 6.84
C LEU A 91 0.18 -4.53 7.31
N LYS A 92 -0.32 -5.49 8.04
CA LYS A 92 0.54 -6.61 8.53
C LYS A 92 0.41 -7.81 7.58
N ILE A 93 1.51 -8.42 7.22
CA ILE A 93 1.46 -9.60 6.29
C ILE A 93 2.34 -10.73 6.85
N LYS A 94 1.74 -11.78 7.34
CA LYS A 94 2.53 -12.91 7.88
C LYS A 94 2.84 -13.88 6.74
N LEU A 95 3.85 -13.58 5.96
CA LEU A 95 4.20 -14.47 4.82
C LEU A 95 4.29 -15.92 5.32
N ASP A 96 4.65 -16.11 6.56
CA ASP A 96 4.76 -17.49 7.10
C ASP A 96 3.38 -18.13 7.15
N ALA A 97 2.38 -17.46 6.65
CA ALA A 97 0.99 -18.02 6.65
C ALA A 97 0.39 -17.92 5.25
N VAL A 98 1.10 -17.33 4.33
CA VAL A 98 0.58 -17.20 2.94
C VAL A 98 0.67 -18.58 2.24
N PRO A 99 -0.41 -19.10 1.70
CA PRO A 99 -0.39 -20.43 1.02
C PRO A 99 0.25 -20.35 -0.38
N GLY A 100 0.16 -21.41 -1.13
CA GLY A 100 0.75 -21.40 -2.50
C GLY A 100 -0.22 -20.76 -3.49
N ASP A 101 -1.35 -20.31 -3.03
CA ASP A 101 -2.33 -19.68 -3.95
C ASP A 101 -1.71 -18.41 -4.55
N VAL A 102 -1.23 -17.53 -3.72
CA VAL A 102 -0.60 -16.27 -4.22
C VAL A 102 0.92 -16.44 -4.21
N ASP A 103 1.61 -15.80 -5.12
CA ASP A 103 3.10 -15.90 -5.18
C ASP A 103 3.72 -14.51 -5.24
N LYS A 104 2.90 -13.50 -5.32
CA LYS A 104 3.44 -12.10 -5.38
C LYS A 104 2.39 -11.13 -4.84
N ILE A 105 2.81 -10.22 -4.00
CA ILE A 105 1.86 -9.22 -3.40
C ILE A 105 2.39 -7.81 -3.64
N ILE A 106 1.52 -6.83 -3.67
CA ILE A 106 1.98 -5.42 -3.91
C ILE A 106 1.23 -4.46 -2.97
N PHE A 107 1.80 -3.31 -2.73
CA PHE A 107 1.16 -2.30 -1.82
C PHE A 107 1.31 -0.92 -2.45
N VAL A 108 0.26 -0.14 -2.47
CA VAL A 108 0.34 1.23 -3.09
C VAL A 108 -0.50 2.22 -2.28
N VAL A 109 -0.19 3.49 -2.39
CA VAL A 109 -0.95 4.54 -1.66
C VAL A 109 -1.62 5.45 -2.69
N THR A 110 -2.90 5.70 -2.55
CA THR A 110 -3.63 6.57 -3.53
C THR A 110 -4.29 7.74 -2.79
N ILE A 111 -4.31 8.90 -3.41
CA ILE A 111 -4.95 10.07 -2.77
C ILE A 111 -6.47 9.92 -2.82
N HIS A 112 -7.17 10.50 -1.89
CA HIS A 112 -8.66 10.37 -1.88
C HIS A 112 -9.27 11.33 -2.91
N ASP A 113 -10.29 12.05 -2.52
CA ASP A 113 -10.93 13.00 -3.48
C ASP A 113 -10.00 14.19 -3.73
N ALA A 114 -9.04 14.41 -2.86
CA ALA A 114 -8.11 15.55 -3.07
C ALA A 114 -7.55 15.50 -4.50
N GLN A 115 -7.63 14.35 -5.12
CA GLN A 115 -7.10 14.23 -6.50
C GLN A 115 -7.93 15.11 -7.44
N ALA A 116 -9.21 15.21 -7.20
CA ALA A 116 -10.07 16.05 -8.07
C ALA A 116 -9.88 17.52 -7.72
N ARG A 117 -9.66 17.82 -6.47
CA ARG A 117 -9.45 19.25 -6.05
C ARG A 117 -8.00 19.64 -6.30
N ARG A 118 -7.29 18.85 -7.08
CA ARG A 118 -5.86 19.19 -7.35
C ARG A 118 -5.11 19.37 -6.03
N GLN A 119 -4.91 18.32 -5.30
CA GLN A 119 -4.18 18.42 -4.00
C GLN A 119 -3.48 17.10 -3.71
N SER A 120 -2.52 16.73 -4.52
CA SER A 120 -1.80 15.45 -4.30
C SER A 120 -1.18 15.44 -2.91
N PHE A 121 -0.59 14.34 -2.52
CA PHE A 121 0.02 14.24 -1.16
C PHE A 121 0.87 15.50 -0.89
N GLY A 122 1.46 16.06 -1.91
CA GLY A 122 2.31 17.28 -1.70
C GLY A 122 1.49 18.34 -0.96
N GLN A 123 0.24 18.48 -1.29
CA GLN A 123 -0.60 19.50 -0.60
C GLN A 123 -0.58 19.24 0.91
N VAL A 124 -0.21 18.06 1.31
CA VAL A 124 -0.16 17.75 2.76
C VAL A 124 1.05 18.43 3.38
N SER A 125 1.12 18.47 4.69
CA SER A 125 2.28 19.13 5.36
C SER A 125 3.53 18.27 5.17
N GLY A 126 3.37 16.99 4.95
CA GLY A 126 4.56 16.11 4.76
C GLY A 126 4.19 14.66 5.10
N ALA A 127 3.55 13.98 4.18
CA ALA A 127 3.17 12.56 4.45
C ALA A 127 4.41 11.69 4.31
N PHE A 128 4.37 10.46 4.80
CA PHE A 128 5.58 9.59 4.70
C PHE A 128 5.18 8.11 4.74
N ILE A 129 5.75 7.33 3.86
CA ILE A 129 5.46 5.86 3.83
C ILE A 129 6.61 5.14 4.53
N ARG A 130 6.34 4.05 5.20
CA ARG A 130 7.44 3.31 5.91
C ARG A 130 7.19 1.80 5.84
N LEU A 131 8.23 1.02 5.92
CA LEU A 131 8.08 -0.47 5.88
C LEU A 131 9.05 -1.09 6.89
N VAL A 132 8.60 -2.09 7.62
CA VAL A 132 9.50 -2.73 8.63
C VAL A 132 9.19 -4.22 8.72
N ASN A 133 10.15 -4.99 9.15
CA ASN A 133 9.91 -6.46 9.28
C ASN A 133 9.45 -6.73 10.71
N ASP A 134 8.18 -6.94 10.91
CA ASP A 134 7.69 -7.22 12.29
C ASP A 134 8.41 -8.46 12.83
N ASP A 135 9.15 -9.12 11.98
CA ASP A 135 9.90 -10.34 12.41
C ASP A 135 11.29 -9.95 12.92
N ASN A 136 12.03 -9.21 12.14
CA ASN A 136 13.41 -8.81 12.56
C ASN A 136 13.34 -7.47 13.30
N GLN A 137 12.24 -6.78 13.23
CA GLN A 137 12.12 -5.47 13.93
C GLN A 137 13.22 -4.53 13.43
N THR A 138 13.36 -4.40 12.14
CA THR A 138 14.40 -3.50 11.56
C THR A 138 13.78 -2.66 10.44
N GLU A 139 13.68 -1.38 10.63
CA GLU A 139 13.08 -0.50 9.58
C GLU A 139 13.64 -0.88 8.21
N VAL A 140 12.78 -1.10 7.25
CA VAL A 140 13.25 -1.47 5.88
C VAL A 140 13.55 -0.19 5.08
N ALA A 141 12.57 0.65 4.87
CA ALA A 141 12.83 1.90 4.10
C ALA A 141 11.63 2.83 4.18
N ARG A 142 11.75 4.01 3.63
CA ARG A 142 10.62 4.98 3.66
C ARG A 142 10.64 5.82 2.38
N TYR A 143 9.51 6.01 1.75
CA TYR A 143 9.48 6.81 0.49
C TYR A 143 9.19 8.28 0.83
N ASP A 144 9.72 9.19 0.06
CA ASP A 144 9.49 10.64 0.34
C ASP A 144 8.42 11.17 -0.61
N LEU A 145 7.25 11.45 -0.11
CA LEU A 145 6.16 11.96 -1.00
C LEU A 145 6.36 13.46 -1.22
N THR A 146 6.82 14.17 -0.24
CA THR A 146 7.02 15.64 -0.42
C THR A 146 7.77 15.89 -1.74
N GLU A 147 8.62 14.98 -2.12
CA GLU A 147 9.38 15.14 -3.39
C GLU A 147 8.65 14.40 -4.53
N ASP A 148 8.27 13.17 -4.31
CA ASP A 148 7.58 12.39 -5.39
C ASP A 148 6.11 12.78 -5.45
N ALA A 149 5.67 13.70 -4.63
CA ALA A 149 4.24 14.10 -4.64
C ALA A 149 3.91 14.84 -5.94
N SER A 150 4.67 15.83 -6.27
CA SER A 150 4.40 16.61 -7.51
C SER A 150 4.43 15.69 -8.73
N THR A 151 4.61 14.41 -8.55
CA THR A 151 4.65 13.49 -9.72
C THR A 151 3.26 12.97 -10.08
N GLU A 152 2.39 12.77 -9.11
CA GLU A 152 1.03 12.24 -9.45
C GLU A 152 0.14 12.26 -8.20
N THR A 153 -0.73 11.30 -8.10
CA THR A 153 -1.65 11.20 -6.92
C THR A 153 -1.75 9.74 -6.50
N ALA A 154 -0.94 8.90 -7.10
CA ALA A 154 -0.94 7.46 -6.74
C ALA A 154 0.41 6.86 -7.10
N MET A 155 0.89 5.91 -6.34
CA MET A 155 2.21 5.31 -6.64
C MET A 155 2.39 3.99 -5.88
N LEU A 156 3.24 3.14 -6.37
CA LEU A 156 3.47 1.82 -5.68
C LEU A 156 4.72 1.92 -4.78
N PHE A 157 4.58 1.58 -3.53
CA PHE A 157 5.76 1.66 -2.62
C PHE A 157 6.76 0.56 -2.98
N GLY A 158 6.31 -0.66 -3.09
CA GLY A 158 7.25 -1.77 -3.45
C GLY A 158 6.45 -3.04 -3.76
N GLU A 159 7.08 -4.18 -3.73
CA GLU A 159 6.36 -5.45 -4.02
C GLU A 159 7.02 -6.61 -3.26
N LEU A 160 6.35 -7.73 -3.21
CA LEU A 160 6.91 -8.92 -2.49
C LEU A 160 6.76 -10.14 -3.39
N TYR A 161 7.73 -11.01 -3.43
CA TYR A 161 7.62 -12.21 -4.30
C TYR A 161 8.42 -13.38 -3.72
N ARG A 162 8.19 -14.57 -4.20
CA ARG A 162 8.92 -15.76 -3.68
C ARG A 162 10.12 -16.06 -4.57
N HIS A 163 11.21 -16.46 -3.98
CA HIS A 163 12.44 -16.79 -4.78
C HIS A 163 12.67 -18.29 -4.73
N ASN A 164 13.82 -18.72 -4.27
CA ASN A 164 14.09 -20.18 -4.19
C ASN A 164 13.28 -20.78 -3.05
N GLY A 165 12.01 -20.48 -2.99
CA GLY A 165 11.16 -21.03 -1.88
C GLY A 165 11.25 -20.09 -0.67
N GLU A 166 11.82 -18.92 -0.86
CA GLU A 166 11.94 -17.94 0.27
C GLU A 166 11.37 -16.59 -0.16
N TRP A 167 10.67 -15.92 0.72
CA TRP A 167 10.08 -14.60 0.37
C TRP A 167 11.20 -13.57 0.15
N LYS A 168 10.96 -12.58 -0.66
CA LYS A 168 12.01 -11.54 -0.92
C LYS A 168 11.33 -10.23 -1.31
N PHE A 169 11.57 -9.18 -0.57
CA PHE A 169 10.94 -7.86 -0.90
C PHE A 169 11.87 -7.06 -1.82
N ARG A 170 11.31 -6.26 -2.69
CA ARG A 170 12.14 -5.45 -3.62
C ARG A 170 11.38 -4.17 -3.99
N ALA A 171 11.81 -3.05 -3.48
CA ALA A 171 11.11 -1.77 -3.79
C ALA A 171 11.45 -1.34 -5.22
N VAL A 172 10.60 -0.57 -5.83
CA VAL A 172 10.84 -0.10 -7.23
C VAL A 172 10.45 1.37 -7.34
N GLY A 173 9.42 1.77 -6.64
CA GLY A 173 8.99 3.19 -6.71
C GLY A 173 8.43 3.51 -8.09
N GLN A 174 7.16 3.27 -8.30
CA GLN A 174 6.52 3.55 -9.62
C GLN A 174 5.45 4.64 -9.45
N GLY A 175 4.97 5.18 -10.53
CA GLY A 175 3.92 6.25 -10.44
C GLY A 175 2.93 6.09 -11.59
N TYR A 176 1.66 6.20 -11.32
CA TYR A 176 0.64 6.06 -12.40
C TYR A 176 -0.59 6.90 -12.06
N ALA A 177 -1.15 7.56 -13.04
CA ALA A 177 -2.35 8.41 -12.78
C ALA A 177 -3.62 7.64 -13.21
N GLY A 178 -3.48 6.36 -13.46
CA GLY A 178 -4.68 5.56 -13.87
C GLY A 178 -5.83 5.82 -12.91
N GLY A 179 -5.73 5.34 -11.70
CA GLY A 179 -6.82 5.56 -10.71
C GLY A 179 -6.67 4.58 -9.55
N LEU A 180 -7.46 4.72 -8.53
CA LEU A 180 -7.36 3.79 -7.36
C LEU A 180 -8.13 2.51 -7.68
N ALA A 181 -9.22 2.61 -8.40
CA ALA A 181 -10.01 1.40 -8.75
C ALA A 181 -9.40 0.71 -9.97
N SER A 182 -8.78 1.46 -10.84
CA SER A 182 -8.18 0.84 -12.05
C SER A 182 -6.94 0.03 -11.65
N VAL A 183 -5.98 0.66 -11.02
CA VAL A 183 -4.76 -0.08 -10.61
C VAL A 183 -5.15 -1.38 -9.90
N CYS A 184 -6.37 -1.45 -9.42
CA CYS A 184 -6.83 -2.68 -8.71
C CYS A 184 -7.05 -3.81 -9.72
N ALA A 185 -7.95 -3.63 -10.64
CA ALA A 185 -8.24 -4.70 -11.64
C ALA A 185 -7.28 -4.59 -12.82
N GLN A 186 -6.61 -3.48 -12.97
CA GLN A 186 -5.67 -3.31 -14.11
C GLN A 186 -4.45 -4.22 -13.94
N TYR A 187 -4.07 -4.49 -12.72
CA TYR A 187 -2.89 -5.37 -12.49
C TYR A 187 -3.26 -6.82 -12.83
N GLY A 188 -4.53 -7.11 -12.87
CA GLY A 188 -4.97 -8.51 -13.20
C GLY A 188 -4.86 -8.73 -14.70
N ILE A 189 -5.41 -7.84 -15.48
CA ILE A 189 -5.35 -7.99 -16.97
C ILE A 189 -4.01 -7.47 -17.47
N ASN A 190 -3.36 -8.21 -18.35
CA ASN A 190 -2.04 -7.75 -18.88
C ASN A 190 -2.28 -6.72 -19.99
N ALA A 191 -1.52 -5.66 -19.98
CA ALA A 191 -1.70 -4.62 -21.03
C ALA A 191 -0.99 -5.06 -22.32
N SER A 192 0.24 -5.51 -22.19
CA SER A 192 0.98 -5.95 -23.40
C SER A 192 0.13 -6.95 -24.19
N SER A 19 13.82 -14.15 3.79
CA SER A 19 13.19 -14.92 4.91
C SER A 19 12.13 -14.06 5.60
N MET A 20 11.41 -13.28 4.85
CA MET A 20 10.36 -12.41 5.45
C MET A 20 9.15 -13.27 5.85
N LYS A 21 9.11 -13.71 7.07
CA LYS A 21 7.96 -14.54 7.52
C LYS A 21 6.79 -13.64 7.92
N ASN A 22 7.08 -12.42 8.30
CA ASN A 22 5.99 -11.48 8.70
C ASN A 22 6.39 -10.05 8.29
N VAL A 23 5.51 -9.36 7.60
CA VAL A 23 5.83 -7.96 7.16
C VAL A 23 4.74 -7.01 7.69
N LEU A 24 5.05 -5.75 7.77
CA LEU A 24 4.04 -4.77 8.29
C LEU A 24 4.27 -3.42 7.62
N VAL A 25 3.37 -3.01 6.77
CA VAL A 25 3.51 -1.69 6.07
C VAL A 25 2.93 -0.60 6.97
N GLY A 26 3.44 0.60 6.86
CA GLY A 26 2.93 1.72 7.71
C GLY A 26 2.73 2.98 6.86
N LEU A 27 1.69 3.72 7.13
CA LEU A 27 1.41 4.97 6.36
C LEU A 27 0.93 6.03 7.36
N GLY A 28 1.56 7.18 7.40
CA GLY A 28 1.12 8.22 8.37
C GLY A 28 1.35 9.61 7.79
N TRP A 29 0.51 10.55 8.12
CA TRP A 29 0.69 11.93 7.59
C TRP A 29 -0.01 12.93 8.52
N ASP A 30 0.45 14.15 8.53
CA ASP A 30 -0.18 15.18 9.41
C ASP A 30 -1.31 15.88 8.67
N ALA A 31 -2.44 16.03 9.31
CA ALA A 31 -3.60 16.71 8.64
C ALA A 31 -3.42 18.22 8.75
N ARG A 32 -3.40 18.91 7.64
CA ARG A 32 -3.23 20.39 7.68
C ARG A 32 -4.55 21.05 8.06
N SER A 33 -4.65 21.55 9.27
CA SER A 33 -5.91 22.22 9.71
C SER A 33 -5.82 23.71 9.41
N THR A 34 -6.81 24.26 8.77
CA THR A 34 -6.79 25.72 8.45
C THR A 34 -8.22 26.22 8.29
N ASP A 35 -9.04 25.51 7.56
CA ASP A 35 -10.45 25.94 7.36
C ASP A 35 -11.34 24.70 7.22
N GLY A 36 -10.99 23.63 7.90
CA GLY A 36 -11.80 22.38 7.81
C GLY A 36 -11.23 21.49 6.70
N GLN A 37 -10.43 22.04 5.84
CA GLN A 37 -9.84 21.21 4.75
C GLN A 37 -8.81 20.23 5.34
N ASP A 38 -8.64 19.10 4.72
CA ASP A 38 -7.66 18.11 5.25
C ASP A 38 -7.23 17.16 4.14
N PHE A 39 -6.66 16.04 4.49
CA PHE A 39 -6.22 15.06 3.45
C PHE A 39 -6.43 13.64 3.97
N ASP A 40 -6.77 12.72 3.11
CA ASP A 40 -6.99 11.30 3.57
C ASP A 40 -6.44 10.33 2.51
N LEU A 41 -5.30 9.75 2.77
CA LEU A 41 -4.72 8.77 1.78
C LEU A 41 -5.36 7.41 2.05
N ASP A 42 -5.26 6.49 1.11
CA ASP A 42 -5.85 5.13 1.29
C ASP A 42 -4.80 4.07 0.98
N ALA A 43 -4.49 3.23 1.94
CA ALA A 43 -3.47 2.16 1.71
C ALA A 43 -4.18 0.85 1.39
N SER A 44 -3.69 0.11 0.43
CA SER A 44 -4.34 -1.18 0.05
C SER A 44 -3.29 -2.15 -0.46
N ALA A 45 -3.64 -3.41 -0.61
CA ALA A 45 -2.67 -4.43 -1.11
C ALA A 45 -3.35 -5.28 -2.18
N PHE A 46 -2.72 -5.44 -3.31
CA PHE A 46 -3.33 -6.26 -4.42
C PHE A 46 -2.58 -7.59 -4.57
N LEU A 47 -3.30 -8.66 -4.77
CA LEU A 47 -2.64 -9.99 -4.91
C LEU A 47 -2.14 -10.14 -6.35
N LEU A 48 -1.09 -10.90 -6.55
CA LEU A 48 -0.56 -11.10 -7.92
C LEU A 48 0.02 -12.52 -8.05
N ALA A 49 -0.48 -13.30 -8.96
CA ALA A 49 0.06 -14.68 -9.13
C ALA A 49 1.47 -14.63 -9.73
N ALA A 50 2.11 -15.76 -9.87
CA ALA A 50 3.48 -15.78 -10.46
C ALA A 50 3.37 -15.82 -11.99
N ASN A 51 2.17 -15.88 -12.51
CA ASN A 51 2.00 -15.93 -13.98
C ASN A 51 2.16 -14.52 -14.55
N GLY A 52 2.28 -13.54 -13.69
CA GLY A 52 2.42 -12.13 -14.16
C GLY A 52 1.06 -11.44 -14.09
N LYS A 53 0.02 -12.20 -13.89
CA LYS A 53 -1.36 -11.61 -13.80
C LYS A 53 -2.04 -12.13 -12.54
N VAL A 54 -2.73 -11.28 -11.84
CA VAL A 54 -3.41 -11.75 -10.60
C VAL A 54 -4.57 -12.68 -10.96
N ARG A 55 -4.82 -13.65 -10.16
CA ARG A 55 -5.95 -14.58 -10.44
C ARG A 55 -7.24 -13.76 -10.40
N GLY A 56 -7.11 -12.48 -10.17
CA GLY A 56 -8.31 -11.59 -10.10
C GLY A 56 -8.05 -10.45 -9.13
N ASP A 57 -7.71 -9.29 -9.65
CA ASP A 57 -7.43 -8.13 -8.75
C ASP A 57 -8.57 -7.98 -7.74
N ALA A 58 -9.75 -8.38 -8.12
CA ALA A 58 -10.92 -8.27 -7.21
C ALA A 58 -10.62 -8.98 -5.90
N ASP A 59 -9.48 -9.63 -5.79
CA ASP A 59 -9.13 -10.34 -4.53
C ASP A 59 -8.27 -9.41 -3.68
N PHE A 60 -8.47 -8.13 -3.81
CA PHE A 60 -7.66 -7.15 -3.04
C PHE A 60 -8.36 -6.84 -1.71
N ILE A 61 -7.61 -6.79 -0.65
CA ILE A 61 -8.19 -6.51 0.68
C ILE A 61 -8.37 -5.00 0.86
N PHE A 62 -9.46 -4.59 1.44
CA PHE A 62 -9.69 -3.13 1.66
C PHE A 62 -10.85 -2.93 2.64
N TYR A 63 -11.49 -1.79 2.58
CA TYR A 63 -12.62 -1.51 3.51
C TYR A 63 -13.53 -2.74 3.63
N ASN A 64 -14.15 -3.15 2.57
CA ASN A 64 -15.06 -4.33 2.64
C ASN A 64 -14.34 -5.48 3.35
N ASN A 65 -13.05 -5.36 3.56
CA ASN A 65 -12.30 -6.45 4.23
C ASN A 65 -11.18 -5.84 5.07
N LEU A 66 -11.41 -5.62 6.34
CA LEU A 66 -10.36 -5.02 7.21
C LEU A 66 -9.30 -6.09 7.52
N LYS A 67 -9.61 -7.33 7.28
CA LYS A 67 -8.62 -8.41 7.56
C LYS A 67 -9.04 -9.70 6.86
N SER A 68 -8.09 -10.52 6.48
CA SER A 68 -8.43 -11.80 5.80
C SER A 68 -8.47 -12.93 6.83
N ALA A 69 -9.42 -13.82 6.71
CA ALA A 69 -9.51 -14.94 7.69
C ALA A 69 -8.46 -16.00 7.35
N ASP A 70 -8.39 -16.39 6.11
CA ASP A 70 -7.39 -17.42 5.69
C ASP A 70 -6.18 -16.74 5.05
N GLY A 71 -6.29 -15.47 4.77
CA GLY A 71 -5.14 -14.74 4.14
C GLY A 71 -4.16 -14.30 5.22
N SER A 72 -4.54 -14.41 6.47
CA SER A 72 -3.63 -14.00 7.57
C SER A 72 -3.29 -12.51 7.42
N VAL A 73 -4.07 -11.78 6.66
CA VAL A 73 -3.81 -10.34 6.47
C VAL A 73 -4.59 -9.54 7.50
N THR A 74 -4.12 -8.38 7.89
CA THR A 74 -4.87 -7.57 8.92
C THR A 74 -4.65 -6.08 8.68
N HIS A 75 -5.68 -5.35 8.36
CA HIS A 75 -5.56 -3.89 8.13
C HIS A 75 -5.86 -3.15 9.44
N THR A 76 -4.98 -2.29 9.86
CA THR A 76 -5.24 -1.55 11.14
C THR A 76 -6.54 -0.75 11.01
N GLY A 77 -6.74 -0.10 9.89
CA GLY A 77 -7.98 0.69 9.70
C GLY A 77 -7.72 1.82 8.69
N ASP A 78 -8.73 2.61 8.41
CA ASP A 78 -8.56 3.74 7.43
C ASP A 78 -8.99 5.05 8.08
N ASN A 79 -8.06 5.93 8.34
CA ASN A 79 -8.42 7.23 8.99
C ASN A 79 -8.86 8.22 7.92
N ARG A 80 -9.66 9.19 8.29
CA ARG A 80 -10.13 10.20 7.29
C ARG A 80 -9.23 11.44 7.36
N THR A 81 -8.19 11.39 8.16
CA THR A 81 -7.27 12.56 8.27
C THR A 81 -5.89 12.08 8.69
N GLY A 82 -5.82 11.07 9.50
CA GLY A 82 -4.48 10.55 9.94
C GLY A 82 -3.79 11.62 10.79
N GLU A 83 -4.53 12.36 11.57
CA GLU A 83 -3.91 13.41 12.41
C GLU A 83 -3.29 12.74 13.65
N GLY A 84 -1.99 12.80 13.77
CA GLY A 84 -1.32 12.17 14.94
C GLY A 84 0.14 11.86 14.60
N ASP A 85 1.05 12.24 15.46
CA ASP A 85 2.49 11.99 15.18
C ASP A 85 2.76 10.49 15.31
N GLY A 86 2.55 9.74 14.26
CA GLY A 86 2.80 8.27 14.33
C GLY A 86 2.12 7.59 13.13
N ASP A 87 2.53 6.39 12.81
CA ASP A 87 1.91 5.67 11.66
C ASP A 87 0.39 5.69 11.81
N ASP A 88 -0.30 6.29 10.88
CA ASP A 88 -1.79 6.32 10.97
C ASP A 88 -2.38 5.02 10.45
N GLU A 89 -2.23 4.75 9.17
CA GLU A 89 -2.77 3.49 8.59
C GLU A 89 -1.65 2.45 8.51
N SER A 90 -2.00 1.19 8.39
CA SER A 90 -0.95 0.14 8.31
C SER A 90 -1.58 -1.18 7.84
N LEU A 91 -0.75 -2.15 7.52
CA LEU A 91 -1.29 -3.45 7.04
C LEU A 91 -0.34 -4.57 7.47
N LYS A 92 -0.81 -5.50 8.27
CA LYS A 92 0.05 -6.62 8.73
C LYS A 92 -0.20 -7.84 7.82
N ILE A 93 0.84 -8.46 7.34
CA ILE A 93 0.67 -9.66 6.45
C ILE A 93 1.66 -10.76 6.87
N LYS A 94 1.14 -11.91 7.21
CA LYS A 94 2.03 -13.04 7.61
C LYS A 94 2.39 -13.86 6.37
N LEU A 95 3.37 -13.43 5.63
CA LEU A 95 3.76 -14.18 4.40
C LEU A 95 3.97 -15.66 4.74
N ASP A 96 3.99 -15.98 6.01
CA ASP A 96 4.19 -17.40 6.40
C ASP A 96 2.86 -18.16 6.29
N ALA A 97 1.77 -17.55 6.68
CA ALA A 97 0.46 -18.24 6.61
C ALA A 97 -0.15 -18.03 5.21
N VAL A 98 0.59 -17.43 4.32
CA VAL A 98 0.05 -17.20 2.94
C VAL A 98 0.20 -18.50 2.12
N PRO A 99 -0.87 -19.03 1.56
CA PRO A 99 -0.80 -20.28 0.73
C PRO A 99 -0.28 -20.00 -0.68
N GLY A 100 -0.51 -20.92 -1.59
CA GLY A 100 -0.03 -20.71 -2.99
C GLY A 100 -1.06 -19.88 -3.77
N ASP A 101 -2.09 -19.42 -3.10
CA ASP A 101 -3.12 -18.61 -3.81
C ASP A 101 -2.44 -17.44 -4.52
N VAL A 102 -1.46 -16.84 -3.90
CA VAL A 102 -0.74 -15.68 -4.54
C VAL A 102 0.77 -15.86 -4.32
N ASP A 103 1.53 -15.77 -5.38
CA ASP A 103 3.01 -15.94 -5.25
C ASP A 103 3.67 -14.56 -5.21
N LYS A 104 2.91 -13.52 -5.40
CA LYS A 104 3.49 -12.15 -5.37
C LYS A 104 2.43 -11.16 -4.87
N ILE A 105 2.78 -10.32 -3.93
CA ILE A 105 1.81 -9.32 -3.38
C ILE A 105 2.42 -7.93 -3.47
N ILE A 106 1.61 -6.91 -3.54
CA ILE A 106 2.13 -5.50 -3.64
C ILE A 106 1.34 -4.59 -2.71
N PHE A 107 1.94 -3.49 -2.32
CA PHE A 107 1.25 -2.51 -1.42
C PHE A 107 1.40 -1.12 -2.02
N VAL A 108 0.31 -0.41 -2.21
CA VAL A 108 0.40 0.95 -2.81
C VAL A 108 -0.57 1.90 -2.11
N VAL A 109 -0.26 3.17 -2.10
CA VAL A 109 -1.16 4.18 -1.46
C VAL A 109 -1.84 5.00 -2.56
N THR A 110 -3.07 5.38 -2.36
CA THR A 110 -3.81 6.17 -3.41
C THR A 110 -4.49 7.38 -2.77
N ILE A 111 -4.51 8.48 -3.48
CA ILE A 111 -5.17 9.70 -2.94
C ILE A 111 -6.69 9.51 -3.00
N HIS A 112 -7.35 9.62 -1.88
CA HIS A 112 -8.82 9.43 -1.86
C HIS A 112 -9.52 10.46 -2.73
N ASP A 113 -10.58 11.04 -2.25
CA ASP A 113 -11.34 12.06 -3.06
C ASP A 113 -10.43 13.26 -3.36
N ALA A 114 -9.37 13.44 -2.62
CA ALA A 114 -8.49 14.60 -2.90
C ALA A 114 -8.07 14.57 -4.37
N GLN A 115 -8.20 13.44 -5.01
CA GLN A 115 -7.82 13.35 -6.45
C GLN A 115 -8.94 13.95 -7.30
N ALA A 116 -10.13 14.02 -6.77
CA ALA A 116 -11.26 14.59 -7.55
C ALA A 116 -10.95 16.06 -7.87
N ARG A 117 -10.63 16.83 -6.87
CA ARG A 117 -10.31 18.28 -7.12
C ARG A 117 -8.82 18.40 -7.45
N ARG A 118 -8.16 17.28 -7.67
CA ARG A 118 -6.72 17.32 -8.00
C ARG A 118 -5.91 17.79 -6.79
N GLN A 119 -5.39 16.88 -6.02
CA GLN A 119 -4.59 17.27 -4.82
C GLN A 119 -3.61 16.15 -4.47
N SER A 120 -2.52 16.07 -5.20
CA SER A 120 -1.52 15.00 -4.92
C SER A 120 -1.07 15.08 -3.47
N PHE A 121 -0.56 14.00 -2.94
CA PHE A 121 -0.11 14.00 -1.51
C PHE A 121 0.71 15.28 -1.24
N GLY A 122 1.26 15.89 -2.25
CA GLY A 122 2.07 17.11 -2.03
C GLY A 122 1.25 18.15 -1.26
N GLN A 123 -0.01 18.28 -1.59
CA GLN A 123 -0.87 19.27 -0.87
C GLN A 123 -0.80 18.99 0.63
N VAL A 124 -0.43 17.80 1.01
CA VAL A 124 -0.35 17.47 2.46
C VAL A 124 0.86 18.20 3.08
N SER A 125 0.96 18.21 4.37
CA SER A 125 2.10 18.91 5.02
C SER A 125 3.36 18.06 4.91
N GLY A 126 3.21 16.75 4.92
CA GLY A 126 4.41 15.88 4.81
C GLY A 126 4.01 14.43 5.11
N ALA A 127 3.36 13.78 4.18
CA ALA A 127 2.95 12.36 4.40
C ALA A 127 4.17 11.46 4.24
N PHE A 128 4.08 10.24 4.70
CA PHE A 128 5.25 9.31 4.55
C PHE A 128 4.78 7.86 4.58
N ILE A 129 5.66 6.95 4.26
CA ILE A 129 5.32 5.50 4.26
C ILE A 129 6.43 4.75 5.03
N ARG A 130 6.11 3.62 5.61
CA ARG A 130 7.15 2.87 6.37
C ARG A 130 6.95 1.36 6.17
N LEU A 131 8.01 0.60 6.09
CA LEU A 131 7.89 -0.87 5.90
C LEU A 131 8.85 -1.56 6.88
N VAL A 132 8.33 -2.43 7.71
CA VAL A 132 9.21 -3.14 8.71
C VAL A 132 8.89 -4.63 8.69
N ASN A 133 9.81 -5.44 9.15
CA ASN A 133 9.58 -6.90 9.18
C ASN A 133 9.09 -7.27 10.59
N ASP A 134 7.81 -7.49 10.75
CA ASP A 134 7.30 -7.85 12.10
C ASP A 134 7.97 -9.15 12.53
N ASP A 135 8.70 -9.76 11.63
CA ASP A 135 9.41 -11.03 11.97
C ASP A 135 10.80 -10.71 12.50
N ASN A 136 11.56 -9.93 11.78
CA ASN A 136 12.95 -9.58 12.23
C ASN A 136 12.90 -8.35 13.13
N GLN A 137 11.81 -7.65 13.13
CA GLN A 137 11.70 -6.42 14.00
C GLN A 137 12.79 -5.43 13.61
N THR A 138 12.90 -5.13 12.34
CA THR A 138 13.94 -4.16 11.87
C THR A 138 13.36 -3.31 10.73
N GLU A 139 13.06 -2.06 11.00
CA GLU A 139 12.48 -1.18 9.93
C GLU A 139 13.26 -1.37 8.63
N VAL A 140 12.57 -1.44 7.53
CA VAL A 140 13.27 -1.63 6.22
C VAL A 140 13.56 -0.26 5.60
N ALA A 141 12.56 0.58 5.44
CA ALA A 141 12.82 1.91 4.83
C ALA A 141 11.55 2.76 4.81
N ARG A 142 11.66 4.00 4.40
CA ARG A 142 10.47 4.90 4.34
C ARG A 142 10.59 5.78 3.09
N TYR A 143 9.52 5.93 2.35
CA TYR A 143 9.56 6.78 1.10
C TYR A 143 9.08 8.20 1.43
N ASP A 144 9.62 9.18 0.76
CA ASP A 144 9.19 10.60 1.01
C ASP A 144 8.21 11.03 -0.07
N LEU A 145 6.98 11.28 0.31
CA LEU A 145 5.96 11.70 -0.70
C LEU A 145 6.14 13.19 -1.01
N THR A 146 6.38 14.01 -0.01
CA THR A 146 6.56 15.46 -0.26
C THR A 146 7.52 15.66 -1.45
N GLU A 147 8.37 14.70 -1.69
CA GLU A 147 9.33 14.82 -2.84
C GLU A 147 8.74 14.14 -4.07
N ASP A 148 8.31 12.91 -3.93
CA ASP A 148 7.73 12.18 -5.09
C ASP A 148 6.25 12.50 -5.21
N ALA A 149 5.80 13.50 -4.52
CA ALA A 149 4.36 13.86 -4.57
C ALA A 149 4.06 14.62 -5.86
N SER A 150 4.83 15.63 -6.14
CA SER A 150 4.60 16.43 -7.38
C SER A 150 4.71 15.53 -8.60
N THR A 151 4.93 14.25 -8.40
CA THR A 151 5.06 13.33 -9.57
C THR A 151 3.69 12.77 -9.97
N GLU A 152 2.79 12.57 -9.03
CA GLU A 152 1.45 12.03 -9.39
C GLU A 152 0.54 12.04 -8.17
N THR A 153 -0.37 11.09 -8.10
CA THR A 153 -1.32 11.01 -6.94
C THR A 153 -1.21 9.61 -6.31
N ALA A 154 -1.02 8.60 -7.12
CA ALA A 154 -0.89 7.20 -6.58
C ALA A 154 0.56 6.74 -6.75
N MET A 155 1.00 5.81 -5.95
CA MET A 155 2.40 5.34 -6.07
C MET A 155 2.59 4.02 -5.33
N LEU A 156 3.42 3.15 -5.84
CA LEU A 156 3.67 1.84 -5.18
C LEU A 156 4.89 1.96 -4.27
N PHE A 157 4.83 1.43 -3.07
CA PHE A 157 6.00 1.53 -2.15
C PHE A 157 6.95 0.35 -2.39
N GLY A 158 6.44 -0.85 -2.47
CA GLY A 158 7.35 -2.01 -2.68
C GLY A 158 6.58 -3.21 -3.22
N GLU A 159 7.22 -4.36 -3.28
CA GLU A 159 6.56 -5.58 -3.81
C GLU A 159 7.15 -6.82 -3.14
N LEU A 160 6.30 -7.70 -2.65
CA LEU A 160 6.80 -8.95 -1.99
C LEU A 160 6.72 -10.10 -3.00
N TYR A 161 7.66 -11.01 -2.98
CA TYR A 161 7.62 -12.15 -3.92
C TYR A 161 8.33 -13.37 -3.32
N ARG A 162 8.13 -14.53 -3.89
CA ARG A 162 8.77 -15.77 -3.35
C ARG A 162 10.10 -16.03 -4.06
N HIS A 163 11.06 -16.58 -3.37
CA HIS A 163 12.37 -16.87 -4.00
C HIS A 163 12.99 -18.11 -3.32
N ASN A 164 13.35 -19.09 -4.10
CA ASN A 164 13.95 -20.32 -3.50
C ASN A 164 13.01 -20.90 -2.45
N GLY A 165 11.74 -20.60 -2.56
CA GLY A 165 10.75 -21.12 -1.56
C GLY A 165 10.74 -20.23 -0.32
N GLU A 166 11.35 -19.07 -0.41
CA GLU A 166 11.39 -18.13 0.76
C GLU A 166 10.88 -16.75 0.32
N TRP A 167 10.14 -16.08 1.17
CA TRP A 167 9.63 -14.73 0.79
C TRP A 167 10.79 -13.76 0.67
N LYS A 168 10.70 -12.82 -0.24
CA LYS A 168 11.79 -11.82 -0.41
C LYS A 168 11.18 -10.49 -0.85
N PHE A 169 11.81 -9.40 -0.51
CA PHE A 169 11.27 -8.06 -0.88
C PHE A 169 11.98 -7.50 -2.12
N ARG A 170 11.32 -6.66 -2.86
CA ARG A 170 11.93 -6.06 -4.07
C ARG A 170 11.21 -4.75 -4.40
N ALA A 171 11.89 -3.64 -4.31
CA ALA A 171 11.25 -2.34 -4.61
C ALA A 171 11.06 -2.18 -6.12
N VAL A 172 10.10 -1.40 -6.53
CA VAL A 172 9.84 -1.19 -7.99
C VAL A 172 9.51 0.29 -8.22
N GLY A 173 8.81 0.90 -7.29
CA GLY A 173 8.46 2.34 -7.45
C GLY A 173 7.65 2.56 -8.72
N GLN A 174 6.36 2.32 -8.67
CA GLN A 174 5.48 2.53 -9.86
C GLN A 174 4.65 3.79 -9.62
N GLY A 175 3.99 4.28 -10.63
CA GLY A 175 3.16 5.52 -10.44
C GLY A 175 1.95 5.48 -11.37
N TYR A 176 0.76 5.59 -10.80
CA TYR A 176 -0.49 5.58 -11.62
C TYR A 176 -1.23 6.90 -11.41
N ALA A 177 -2.04 7.31 -12.35
CA ALA A 177 -2.78 8.58 -12.19
C ALA A 177 -3.88 8.40 -11.14
N GLY A 178 -3.84 7.31 -10.41
CA GLY A 178 -4.88 7.07 -9.38
C GLY A 178 -6.15 6.51 -10.03
N GLY A 179 -6.29 5.22 -10.04
CA GLY A 179 -7.51 4.61 -10.65
C GLY A 179 -7.86 3.32 -9.91
N LEU A 180 -8.43 3.43 -8.74
CA LEU A 180 -8.79 2.20 -7.96
C LEU A 180 -9.52 1.22 -8.89
N ALA A 181 -10.08 1.71 -9.97
CA ALA A 181 -10.81 0.81 -10.91
C ALA A 181 -9.81 0.19 -11.90
N SER A 182 -8.94 0.98 -12.45
CA SER A 182 -7.95 0.44 -13.43
C SER A 182 -6.69 -0.02 -12.69
N VAL A 183 -6.21 0.76 -11.77
CA VAL A 183 -4.99 0.38 -11.01
C VAL A 183 -5.18 -1.00 -10.39
N CYS A 184 -6.39 -1.40 -10.14
CA CYS A 184 -6.62 -2.74 -9.53
C CYS A 184 -6.59 -3.82 -10.61
N ALA A 185 -7.39 -3.68 -11.63
CA ALA A 185 -7.39 -4.70 -12.71
C ALA A 185 -6.15 -4.52 -13.59
N GLN A 186 -5.50 -3.40 -13.48
CA GLN A 186 -4.29 -3.17 -14.32
C GLN A 186 -3.18 -4.13 -13.87
N TYR A 187 -3.24 -4.61 -12.66
CA TYR A 187 -2.19 -5.55 -12.18
C TYR A 187 -2.38 -6.90 -12.87
N GLY A 188 -3.55 -7.14 -13.41
CA GLY A 188 -3.79 -8.45 -14.10
C GLY A 188 -3.31 -8.34 -15.55
N ILE A 189 -3.54 -7.23 -16.19
CA ILE A 189 -3.10 -7.07 -17.61
C ILE A 189 -1.57 -6.92 -17.64
N ASN A 190 -0.95 -7.39 -18.70
CA ASN A 190 0.53 -7.28 -18.80
C ASN A 190 0.90 -5.86 -19.24
N ALA A 191 1.42 -5.06 -18.36
CA ALA A 191 1.80 -3.67 -18.74
C ALA A 191 3.16 -3.70 -19.44
N SER A 192 3.86 -2.59 -19.43
CA SER A 192 5.19 -2.55 -20.09
C SER A 192 5.94 -1.29 -19.65
N SER A 19 14.21 -15.05 6.58
CA SER A 19 12.93 -15.18 5.82
C SER A 19 11.86 -14.30 6.48
N MET A 20 11.29 -13.39 5.75
CA MET A 20 10.24 -12.51 6.34
C MET A 20 8.99 -13.34 6.64
N LYS A 21 8.80 -13.72 7.87
CA LYS A 21 7.60 -14.53 8.22
C LYS A 21 6.42 -13.60 8.53
N ASN A 22 6.70 -12.36 8.81
CA ASN A 22 5.60 -11.39 9.12
C ASN A 22 5.98 -10.00 8.60
N VAL A 23 5.01 -9.24 8.17
CA VAL A 23 5.28 -7.87 7.64
C VAL A 23 4.31 -6.87 8.26
N LEU A 24 4.69 -5.62 8.34
CA LEU A 24 3.78 -4.60 8.95
C LEU A 24 4.03 -3.25 8.27
N VAL A 25 3.11 -2.80 7.46
CA VAL A 25 3.29 -1.48 6.77
C VAL A 25 2.77 -0.37 7.70
N GLY A 26 3.32 0.81 7.59
CA GLY A 26 2.86 1.93 8.47
C GLY A 26 2.82 3.24 7.66
N LEU A 27 1.64 3.81 7.53
CA LEU A 27 1.50 5.09 6.77
C LEU A 27 1.12 6.19 7.75
N GLY A 28 1.74 7.34 7.67
CA GLY A 28 1.41 8.43 8.63
C GLY A 28 1.60 9.79 7.96
N TRP A 29 0.76 10.74 8.26
CA TRP A 29 0.90 12.08 7.64
C TRP A 29 0.18 13.12 8.50
N ASP A 30 0.62 14.36 8.42
CA ASP A 30 -0.03 15.44 9.22
C ASP A 30 -1.08 16.14 8.38
N ALA A 31 -2.31 16.14 8.84
CA ALA A 31 -3.39 16.83 8.06
C ALA A 31 -3.35 18.32 8.36
N ARG A 32 -3.92 19.13 7.50
CA ARG A 32 -3.92 20.61 7.72
C ARG A 32 -5.33 21.16 7.47
N SER A 33 -5.85 21.91 8.41
CA SER A 33 -7.22 22.47 8.22
C SER A 33 -7.14 23.73 7.36
N THR A 34 -7.84 23.76 6.27
CA THR A 34 -7.80 24.96 5.39
C THR A 34 -9.10 25.05 4.58
N ASP A 35 -9.71 26.21 4.54
CA ASP A 35 -10.99 26.35 3.79
C ASP A 35 -11.94 25.24 4.19
N GLY A 36 -11.65 24.55 5.26
CA GLY A 36 -12.55 23.44 5.72
C GLY A 36 -12.28 22.19 4.88
N GLN A 37 -11.09 21.66 4.95
CA GLN A 37 -10.76 20.44 4.16
C GLN A 37 -9.70 19.63 4.90
N ASP A 38 -9.43 18.43 4.45
CA ASP A 38 -8.40 17.58 5.12
C ASP A 38 -7.88 16.53 4.14
N PHE A 39 -6.67 16.08 4.31
CA PHE A 39 -6.10 15.06 3.38
C PHE A 39 -6.28 13.66 3.98
N ASP A 40 -6.61 12.69 3.17
CA ASP A 40 -6.80 11.30 3.68
C ASP A 40 -6.23 10.30 2.66
N LEU A 41 -5.09 9.73 2.95
CA LEU A 41 -4.50 8.74 1.99
C LEU A 41 -5.13 7.37 2.26
N ASP A 42 -5.00 6.45 1.33
CA ASP A 42 -5.60 5.09 1.51
C ASP A 42 -4.53 4.03 1.26
N ALA A 43 -4.31 3.15 2.21
CA ALA A 43 -3.29 2.07 2.04
C ALA A 43 -3.99 0.79 1.61
N SER A 44 -3.42 0.07 0.67
CA SER A 44 -4.06 -1.20 0.20
C SER A 44 -2.98 -2.18 -0.26
N ALA A 45 -3.36 -3.42 -0.47
CA ALA A 45 -2.38 -4.46 -0.94
C ALA A 45 -3.02 -5.24 -2.08
N PHE A 46 -2.29 -5.46 -3.15
CA PHE A 46 -2.86 -6.21 -4.32
C PHE A 46 -2.19 -7.57 -4.45
N LEU A 47 -2.95 -8.62 -4.52
CA LEU A 47 -2.37 -9.98 -4.64
C LEU A 47 -2.03 -10.27 -6.11
N LEU A 48 -0.98 -11.01 -6.37
CA LEU A 48 -0.62 -11.34 -7.79
C LEU A 48 0.01 -12.74 -7.81
N ALA A 49 -0.52 -13.63 -8.61
CA ALA A 49 0.06 -15.01 -8.67
C ALA A 49 1.33 -14.98 -9.52
N ALA A 50 2.12 -16.03 -9.47
CA ALA A 50 3.36 -16.08 -10.27
C ALA A 50 3.04 -16.56 -11.69
N ASN A 51 1.79 -16.86 -11.95
CA ASN A 51 1.41 -17.33 -13.30
C ASN A 51 1.38 -16.15 -14.28
N GLY A 52 1.53 -14.96 -13.76
CA GLY A 52 1.52 -13.74 -14.64
C GLY A 52 0.16 -13.05 -14.52
N LYS A 53 -0.75 -13.63 -13.78
CA LYS A 53 -2.10 -13.00 -13.61
C LYS A 53 -2.59 -13.29 -12.19
N VAL A 54 -3.18 -12.33 -11.55
CA VAL A 54 -3.68 -12.56 -10.17
C VAL A 54 -4.85 -13.54 -10.21
N ARG A 55 -4.97 -14.36 -9.21
CA ARG A 55 -6.10 -15.32 -9.17
C ARG A 55 -7.38 -14.51 -9.00
N GLY A 56 -7.27 -13.21 -9.05
CA GLY A 56 -8.47 -12.33 -8.88
C GLY A 56 -8.06 -11.01 -8.26
N ASP A 57 -7.88 -10.00 -9.06
CA ASP A 57 -7.48 -8.66 -8.52
C ASP A 57 -8.43 -8.28 -7.38
N ALA A 58 -9.68 -8.63 -7.53
CA ALA A 58 -10.68 -8.30 -6.48
C ALA A 58 -10.26 -8.90 -5.14
N ASP A 59 -9.15 -9.59 -5.10
CA ASP A 59 -8.68 -10.19 -3.82
C ASP A 59 -7.77 -9.20 -3.10
N PHE A 60 -7.93 -7.93 -3.37
CA PHE A 60 -7.08 -6.90 -2.71
C PHE A 60 -7.76 -6.42 -1.43
N ILE A 61 -7.00 -6.23 -0.40
CA ILE A 61 -7.57 -5.78 0.89
C ILE A 61 -7.90 -4.28 0.84
N PHE A 62 -9.01 -3.92 1.40
CA PHE A 62 -9.43 -2.48 1.41
C PHE A 62 -10.40 -2.26 2.59
N TYR A 63 -11.02 -1.12 2.67
CA TYR A 63 -11.96 -0.89 3.81
C TYR A 63 -13.10 -1.91 3.74
N ASN A 64 -13.44 -2.35 2.57
CA ASN A 64 -14.54 -3.36 2.45
C ASN A 64 -14.06 -4.71 2.98
N ASN A 65 -12.93 -4.73 3.62
CA ASN A 65 -12.40 -6.01 4.17
C ASN A 65 -11.47 -5.72 5.35
N LEU A 66 -11.95 -5.88 6.55
CA LEU A 66 -11.09 -5.60 7.74
C LEU A 66 -9.91 -6.57 7.75
N LYS A 67 -10.07 -7.74 7.21
CA LYS A 67 -8.97 -8.72 7.19
C LYS A 67 -9.29 -9.86 6.23
N SER A 68 -8.29 -10.56 5.75
CA SER A 68 -8.55 -11.70 4.80
C SER A 68 -8.65 -12.99 5.60
N ALA A 69 -9.52 -13.88 5.20
CA ALA A 69 -9.67 -15.17 5.94
C ALA A 69 -8.56 -16.12 5.51
N ASP A 70 -8.35 -16.26 4.23
CA ASP A 70 -7.27 -17.18 3.73
C ASP A 70 -6.02 -16.36 3.39
N GLY A 71 -6.16 -15.06 3.31
CA GLY A 71 -4.98 -14.21 2.97
C GLY A 71 -4.16 -13.93 4.24
N SER A 72 -4.71 -14.21 5.39
CA SER A 72 -3.97 -13.96 6.65
C SER A 72 -3.57 -12.49 6.72
N VAL A 73 -4.23 -11.65 5.97
CA VAL A 73 -3.91 -10.20 5.99
C VAL A 73 -4.80 -9.50 7.02
N THR A 74 -4.34 -8.41 7.59
CA THR A 74 -5.16 -7.68 8.60
C THR A 74 -4.90 -6.18 8.48
N HIS A 75 -5.90 -5.41 8.14
CA HIS A 75 -5.72 -3.94 8.00
C HIS A 75 -6.08 -3.27 9.33
N THR A 76 -5.25 -2.38 9.81
CA THR A 76 -5.56 -1.70 11.10
C THR A 76 -6.80 -0.82 10.94
N GLY A 77 -6.79 0.06 9.98
CA GLY A 77 -7.98 0.94 9.79
C GLY A 77 -7.58 2.15 8.94
N ASP A 78 -8.42 2.55 8.02
CA ASP A 78 -8.10 3.72 7.16
C ASP A 78 -8.55 5.01 7.85
N ASN A 79 -7.63 5.82 8.27
CA ASN A 79 -8.01 7.09 8.96
C ASN A 79 -8.61 8.06 7.93
N ARG A 80 -9.34 9.04 8.38
CA ARG A 80 -9.96 10.03 7.45
C ARG A 80 -9.16 11.34 7.47
N THR A 81 -8.09 11.38 8.20
CA THR A 81 -7.27 12.63 8.26
C THR A 81 -5.84 12.27 8.67
N GLY A 82 -5.67 11.28 9.49
CA GLY A 82 -4.29 10.89 9.92
C GLY A 82 -3.74 11.94 10.88
N GLU A 83 -4.59 12.78 11.40
CA GLU A 83 -4.12 13.84 12.34
C GLU A 83 -3.43 13.18 13.54
N GLY A 84 -2.13 13.32 13.63
CA GLY A 84 -1.39 12.71 14.77
C GLY A 84 0.05 12.41 14.33
N ASP A 85 1.02 12.83 15.11
CA ASP A 85 2.44 12.58 14.73
C ASP A 85 2.78 11.12 15.02
N GLY A 86 2.66 10.27 14.04
CA GLY A 86 2.99 8.83 14.26
C GLY A 86 2.29 7.99 13.19
N ASP A 87 2.68 6.74 13.06
CA ASP A 87 2.03 5.86 12.04
C ASP A 87 0.51 5.97 12.16
N ASP A 88 -0.13 6.64 11.25
CA ASP A 88 -1.61 6.78 11.32
C ASP A 88 -2.25 5.43 11.01
N GLU A 89 -2.17 4.98 9.78
CA GLU A 89 -2.78 3.67 9.40
C GLU A 89 -1.72 2.57 9.49
N SER A 90 -2.11 1.34 9.36
CA SER A 90 -1.13 0.22 9.43
C SER A 90 -1.71 -1.02 8.76
N LEU A 91 -0.88 -1.91 8.30
CA LEU A 91 -1.38 -3.15 7.63
C LEU A 91 -0.48 -4.33 8.03
N LYS A 92 -1.03 -5.32 8.68
CA LYS A 92 -0.22 -6.50 9.13
C LYS A 92 -0.44 -7.66 8.16
N ILE A 93 0.61 -8.32 7.74
CA ILE A 93 0.47 -9.48 6.80
C ILE A 93 1.38 -10.62 7.26
N LYS A 94 0.95 -11.84 7.06
CA LYS A 94 1.77 -13.02 7.46
C LYS A 94 2.15 -13.81 6.20
N LEU A 95 3.36 -13.68 5.75
CA LEU A 95 3.79 -14.41 4.53
C LEU A 95 3.95 -15.89 4.84
N ASP A 96 3.81 -16.27 6.08
CA ASP A 96 3.95 -17.70 6.46
C ASP A 96 2.62 -18.43 6.22
N ALA A 97 1.53 -17.75 6.37
CA ALA A 97 0.20 -18.40 6.15
C ALA A 97 -0.16 -18.35 4.66
N VAL A 98 0.69 -17.78 3.85
CA VAL A 98 0.38 -17.70 2.40
C VAL A 98 0.63 -19.08 1.74
N PRO A 99 -0.35 -19.66 1.08
CA PRO A 99 -0.18 -20.99 0.44
C PRO A 99 0.58 -20.90 -0.89
N GLY A 100 0.48 -21.90 -1.72
CA GLY A 100 1.21 -21.87 -3.02
C GLY A 100 0.38 -21.12 -4.06
N ASP A 101 -0.79 -20.67 -3.70
CA ASP A 101 -1.65 -19.93 -4.66
C ASP A 101 -1.03 -18.56 -4.95
N VAL A 102 -0.87 -17.75 -3.94
CA VAL A 102 -0.27 -16.40 -4.14
C VAL A 102 1.25 -16.53 -4.14
N ASP A 103 1.93 -15.68 -4.88
CA ASP A 103 3.43 -15.74 -4.93
C ASP A 103 4.01 -14.33 -4.83
N LYS A 104 3.26 -13.32 -5.19
CA LYS A 104 3.77 -11.92 -5.12
C LYS A 104 2.68 -11.01 -4.54
N ILE A 105 3.04 -10.20 -3.57
CA ILE A 105 2.05 -9.28 -2.93
C ILE A 105 2.69 -7.89 -2.80
N ILE A 106 2.11 -6.89 -3.43
CA ILE A 106 2.68 -5.51 -3.36
C ILE A 106 1.83 -4.65 -2.42
N PHE A 107 2.35 -3.50 -2.07
CA PHE A 107 1.61 -2.57 -1.16
C PHE A 107 1.73 -1.16 -1.74
N VAL A 108 0.63 -0.50 -1.97
CA VAL A 108 0.69 0.87 -2.57
C VAL A 108 -0.31 1.81 -1.86
N VAL A 109 -0.05 3.09 -1.89
CA VAL A 109 -0.96 4.08 -1.24
C VAL A 109 -1.64 4.89 -2.35
N THR A 110 -2.86 5.31 -2.12
CA THR A 110 -3.60 6.10 -3.17
C THR A 110 -4.26 7.32 -2.55
N ILE A 111 -4.30 8.41 -3.26
CA ILE A 111 -4.94 9.65 -2.73
C ILE A 111 -6.46 9.47 -2.77
N HIS A 112 -7.17 10.11 -1.89
CA HIS A 112 -8.65 9.95 -1.86
C HIS A 112 -9.28 10.79 -2.98
N ASP A 113 -10.51 11.18 -2.80
CA ASP A 113 -11.21 11.99 -3.84
C ASP A 113 -10.35 13.19 -4.23
N ALA A 114 -9.38 13.53 -3.42
CA ALA A 114 -8.52 14.70 -3.75
C ALA A 114 -8.06 14.59 -5.21
N GLN A 115 -8.12 13.42 -5.79
CA GLN A 115 -7.70 13.26 -7.22
C GLN A 115 -8.53 14.20 -8.10
N ALA A 116 -9.82 14.20 -7.93
CA ALA A 116 -10.67 15.10 -8.76
C ALA A 116 -10.31 16.55 -8.46
N ARG A 117 -10.30 16.93 -7.22
CA ARG A 117 -9.95 18.33 -6.87
C ARG A 117 -8.46 18.56 -7.16
N ARG A 118 -7.82 17.61 -7.79
CA ARG A 118 -6.37 17.78 -8.10
C ARG A 118 -5.62 18.17 -6.83
N GLN A 119 -5.22 17.20 -6.05
CA GLN A 119 -4.48 17.52 -4.79
C GLN A 119 -3.61 16.32 -4.40
N SER A 120 -2.53 16.10 -5.11
CA SER A 120 -1.64 14.96 -4.80
C SER A 120 -1.18 15.05 -3.34
N PHE A 121 -0.67 13.97 -2.80
CA PHE A 121 -0.20 14.01 -1.38
C PHE A 121 0.67 15.25 -1.16
N GLY A 122 1.12 15.88 -2.21
CA GLY A 122 1.98 17.08 -2.04
C GLY A 122 1.25 18.16 -1.24
N GLN A 123 -0.01 18.35 -1.51
CA GLN A 123 -0.79 19.37 -0.76
C GLN A 123 -0.66 19.10 0.74
N VAL A 124 -0.29 17.90 1.10
CA VAL A 124 -0.15 17.58 2.56
C VAL A 124 1.09 18.28 3.10
N SER A 125 1.27 18.26 4.40
CA SER A 125 2.46 18.93 5.00
C SER A 125 3.69 18.03 4.87
N GLY A 126 3.49 16.77 4.61
CA GLY A 126 4.66 15.85 4.47
C GLY A 126 4.26 14.44 4.92
N ALA A 127 3.63 13.69 4.06
CA ALA A 127 3.21 12.31 4.45
C ALA A 127 4.44 11.39 4.42
N PHE A 128 4.34 10.23 5.02
CA PHE A 128 5.51 9.31 5.02
C PHE A 128 5.05 7.86 5.15
N ILE A 129 5.66 6.97 4.41
CA ILE A 129 5.30 5.53 4.48
C ILE A 129 6.37 4.79 5.29
N ARG A 130 6.01 3.72 5.94
CA ARG A 130 7.01 2.96 6.77
C ARG A 130 6.80 1.46 6.57
N LEU A 131 7.87 0.71 6.46
CA LEU A 131 7.75 -0.76 6.28
C LEU A 131 8.70 -1.47 7.26
N VAL A 132 8.21 -2.46 7.95
CA VAL A 132 9.09 -3.18 8.93
C VAL A 132 8.64 -4.64 9.02
N ASN A 133 9.51 -5.51 9.44
CA ASN A 133 9.14 -6.94 9.59
C ASN A 133 8.74 -7.19 11.04
N ASP A 134 7.47 -7.28 11.33
CA ASP A 134 7.06 -7.53 12.73
C ASP A 134 7.61 -8.90 13.15
N ASP A 135 8.20 -9.59 12.21
CA ASP A 135 8.78 -10.93 12.53
C ASP A 135 10.05 -10.75 13.35
N ASN A 136 10.94 -9.89 12.90
CA ASN A 136 12.22 -9.65 13.63
C ASN A 136 12.31 -8.16 13.99
N GLN A 137 11.30 -7.40 13.68
CA GLN A 137 11.31 -5.94 13.99
C GLN A 137 12.49 -5.29 13.27
N THR A 138 12.70 -5.63 12.02
CA THR A 138 13.83 -5.01 11.25
C THR A 138 13.27 -3.89 10.36
N GLU A 139 13.31 -2.68 10.85
CA GLU A 139 12.79 -1.54 10.04
C GLU A 139 13.35 -1.61 8.62
N VAL A 140 12.50 -1.58 7.63
CA VAL A 140 12.99 -1.64 6.22
C VAL A 140 13.32 -0.23 5.73
N ALA A 141 12.34 0.62 5.57
CA ALA A 141 12.63 2.00 5.08
C ALA A 141 11.34 2.82 4.98
N ARG A 142 11.47 4.08 4.65
CA ARG A 142 10.26 4.96 4.51
C ARG A 142 10.49 5.95 3.37
N TYR A 143 9.53 6.13 2.52
CA TYR A 143 9.69 7.08 1.37
C TYR A 143 9.07 8.44 1.72
N ASP A 144 9.62 9.51 1.21
CA ASP A 144 9.07 10.86 1.51
C ASP A 144 8.14 11.29 0.37
N LEU A 145 6.87 11.41 0.66
CA LEU A 145 5.90 11.82 -0.40
C LEU A 145 6.24 13.24 -0.89
N THR A 146 6.52 14.14 0.01
CA THR A 146 6.85 15.53 -0.40
C THR A 146 7.84 15.49 -1.57
N GLU A 147 8.50 14.38 -1.77
CA GLU A 147 9.48 14.27 -2.89
C GLU A 147 8.80 13.66 -4.12
N ASP A 148 8.20 12.51 -3.97
CA ASP A 148 7.52 11.84 -5.14
C ASP A 148 6.05 12.26 -5.16
N ALA A 149 5.70 13.26 -4.40
CA ALA A 149 4.28 13.68 -4.37
C ALA A 149 3.95 14.51 -5.61
N SER A 150 4.70 15.54 -5.85
CA SER A 150 4.44 16.40 -7.03
C SER A 150 4.54 15.57 -8.32
N THR A 151 4.77 14.29 -8.20
CA THR A 151 4.89 13.44 -9.43
C THR A 151 3.53 12.84 -9.80
N GLU A 152 2.69 12.54 -8.84
CA GLU A 152 1.36 11.94 -9.21
C GLU A 152 0.44 11.91 -7.99
N THR A 153 -0.44 10.95 -7.94
CA THR A 153 -1.40 10.82 -6.78
C THR A 153 -1.26 9.42 -6.18
N ALA A 154 -0.99 8.44 -7.00
CA ALA A 154 -0.85 7.02 -6.51
C ALA A 154 0.58 6.55 -6.77
N MET A 155 1.08 5.66 -5.97
CA MET A 155 2.47 5.15 -6.17
C MET A 155 2.68 3.87 -5.37
N LEU A 156 3.63 3.06 -5.76
CA LEU A 156 3.91 1.78 -5.05
C LEU A 156 5.09 1.98 -4.10
N PHE A 157 4.96 1.55 -2.87
CA PHE A 157 6.08 1.71 -1.90
C PHE A 157 7.12 0.61 -2.13
N GLY A 158 6.71 -0.64 -2.16
CA GLY A 158 7.71 -1.73 -2.38
C GLY A 158 7.02 -2.96 -2.97
N GLU A 159 7.70 -4.08 -2.94
CA GLU A 159 7.11 -5.33 -3.50
C GLU A 159 7.68 -6.54 -2.75
N LEU A 160 6.99 -7.66 -2.80
CA LEU A 160 7.48 -8.88 -2.08
C LEU A 160 7.23 -10.10 -2.97
N TYR A 161 8.16 -11.03 -3.01
CA TYR A 161 7.95 -12.24 -3.87
C TYR A 161 8.69 -13.44 -3.27
N ARG A 162 8.39 -14.62 -3.72
CA ARG A 162 9.07 -15.84 -3.19
C ARG A 162 10.35 -16.09 -3.98
N HIS A 163 11.37 -16.61 -3.33
CA HIS A 163 12.66 -16.89 -4.03
C HIS A 163 13.42 -17.99 -3.30
N ASN A 164 13.99 -18.90 -4.02
CA ASN A 164 14.74 -20.01 -3.37
C ASN A 164 13.85 -20.72 -2.34
N GLY A 165 12.58 -20.41 -2.33
CA GLY A 165 11.66 -21.07 -1.35
C GLY A 165 11.46 -20.17 -0.13
N GLU A 166 11.99 -18.98 -0.15
CA GLU A 166 11.83 -18.04 1.01
C GLU A 166 11.30 -16.70 0.51
N TRP A 167 10.60 -15.97 1.34
CA TRP A 167 10.06 -14.66 0.91
C TRP A 167 11.19 -13.65 0.80
N LYS A 168 11.06 -12.68 -0.08
CA LYS A 168 12.14 -11.66 -0.25
C LYS A 168 11.52 -10.32 -0.65
N PHE A 169 11.94 -9.25 -0.02
CA PHE A 169 11.39 -7.91 -0.34
C PHE A 169 12.21 -7.27 -1.46
N ARG A 170 11.61 -6.42 -2.25
CA ARG A 170 12.35 -5.75 -3.36
C ARG A 170 11.69 -4.41 -3.67
N ALA A 171 12.42 -3.34 -3.53
CA ALA A 171 11.84 -1.99 -3.82
C ALA A 171 11.77 -1.76 -5.33
N VAL A 172 10.87 -0.94 -5.77
CA VAL A 172 10.73 -0.66 -7.23
C VAL A 172 10.27 0.78 -7.43
N GLY A 173 9.42 1.26 -6.57
CA GLY A 173 8.92 2.66 -6.71
C GLY A 173 8.29 2.85 -8.09
N GLN A 174 7.06 2.42 -8.23
CA GLN A 174 6.36 2.56 -9.55
C GLN A 174 5.31 3.67 -9.45
N GLY A 175 5.59 4.82 -10.00
CA GLY A 175 4.61 5.95 -9.93
C GLY A 175 3.62 5.84 -11.09
N TYR A 176 2.35 6.00 -10.81
CA TYR A 176 1.33 5.91 -11.90
C TYR A 176 0.14 6.79 -11.55
N ALA A 177 -0.17 7.75 -12.39
CA ALA A 177 -1.33 8.66 -12.10
C ALA A 177 -2.62 8.01 -12.61
N GLY A 178 -2.62 6.71 -12.77
CA GLY A 178 -3.84 6.03 -13.28
C GLY A 178 -5.00 6.26 -12.30
N GLY A 179 -5.54 5.21 -11.74
CA GLY A 179 -6.67 5.36 -10.79
C GLY A 179 -6.78 4.11 -9.92
N LEU A 180 -7.39 4.23 -8.76
CA LEU A 180 -7.53 3.04 -7.87
C LEU A 180 -8.50 2.05 -8.52
N ALA A 181 -9.25 2.48 -9.49
CA ALA A 181 -10.20 1.54 -10.16
C ALA A 181 -9.45 0.67 -11.16
N SER A 182 -8.64 1.26 -12.00
CA SER A 182 -7.87 0.46 -13.00
C SER A 182 -6.65 -0.16 -12.32
N VAL A 183 -5.91 0.61 -11.57
CA VAL A 183 -4.70 0.08 -10.90
C VAL A 183 -5.05 -1.22 -10.16
N CYS A 184 -6.31 -1.43 -9.87
CA CYS A 184 -6.72 -2.67 -9.15
C CYS A 184 -6.89 -3.83 -10.13
N ALA A 185 -7.72 -3.68 -11.13
CA ALA A 185 -7.93 -4.79 -12.10
C ALA A 185 -6.85 -4.75 -13.19
N GLN A 186 -6.43 -3.58 -13.57
CA GLN A 186 -5.38 -3.46 -14.63
C GLN A 186 -4.18 -4.35 -14.28
N TYR A 187 -3.94 -4.57 -13.01
CA TYR A 187 -2.79 -5.42 -12.61
C TYR A 187 -3.10 -6.88 -12.93
N GLY A 188 -4.36 -7.20 -13.09
CA GLY A 188 -4.73 -8.61 -13.41
C GLY A 188 -4.63 -8.84 -14.92
N ILE A 189 -5.28 -8.01 -15.70
CA ILE A 189 -5.22 -8.17 -17.18
C ILE A 189 -3.93 -7.55 -17.71
N ASN A 190 -2.93 -8.36 -17.97
CA ASN A 190 -1.65 -7.81 -18.48
C ASN A 190 -1.80 -7.45 -19.96
N ALA A 191 -1.67 -6.20 -20.30
CA ALA A 191 -1.80 -5.79 -21.72
C ALA A 191 -0.51 -6.08 -22.47
N SER A 192 -0.46 -5.78 -23.74
CA SER A 192 0.78 -6.04 -24.52
C SER A 192 0.71 -5.30 -25.86
N SER A 19 13.51 -14.49 4.25
CA SER A 19 12.93 -15.17 5.45
C SER A 19 11.86 -14.27 6.06
N MET A 20 11.10 -13.58 5.25
CA MET A 20 10.03 -12.70 5.81
C MET A 20 8.78 -13.52 6.12
N LYS A 21 8.63 -13.94 7.35
CA LYS A 21 7.44 -14.75 7.72
C LYS A 21 6.28 -13.81 8.07
N ASN A 22 6.59 -12.61 8.48
CA ASN A 22 5.52 -11.63 8.83
C ASN A 22 5.98 -10.22 8.46
N VAL A 23 5.08 -9.38 8.02
CA VAL A 23 5.46 -7.98 7.63
C VAL A 23 4.37 -7.01 8.07
N LEU A 24 4.71 -5.75 8.20
CA LEU A 24 3.70 -4.74 8.64
C LEU A 24 4.00 -3.40 7.95
N VAL A 25 3.09 -2.91 7.16
CA VAL A 25 3.31 -1.62 6.46
C VAL A 25 2.89 -0.46 7.39
N GLY A 26 3.49 0.68 7.24
CA GLY A 26 3.14 1.85 8.10
C GLY A 26 2.94 3.10 7.25
N LEU A 27 1.76 3.64 7.25
CA LEU A 27 1.46 4.88 6.46
C LEU A 27 0.93 5.94 7.42
N GLY A 28 1.49 7.12 7.45
CA GLY A 28 0.99 8.16 8.39
C GLY A 28 1.29 9.56 7.85
N TRP A 29 0.54 10.53 8.27
CA TRP A 29 0.76 11.91 7.79
C TRP A 29 0.10 12.90 8.74
N ASP A 30 0.60 14.11 8.80
CA ASP A 30 0.02 15.12 9.71
C ASP A 30 -1.20 15.77 9.05
N ALA A 31 -2.32 15.75 9.71
CA ALA A 31 -3.54 16.37 9.12
C ALA A 31 -3.51 17.88 9.32
N ARG A 32 -3.51 18.64 8.26
CA ARG A 32 -3.47 20.12 8.38
C ARG A 32 -4.90 20.66 8.50
N SER A 33 -5.30 21.08 9.67
CA SER A 33 -6.69 21.62 9.87
C SER A 33 -6.63 23.14 9.97
N THR A 34 -7.04 23.84 8.94
CA THR A 34 -7.02 25.33 8.96
C THR A 34 -8.40 25.84 9.39
N ASP A 35 -9.42 25.48 8.66
CA ASP A 35 -10.80 25.93 9.01
C ASP A 35 -11.82 24.97 8.41
N GLY A 36 -11.39 23.80 8.02
CA GLY A 36 -12.33 22.80 7.43
C GLY A 36 -11.59 21.95 6.40
N GLN A 37 -10.41 22.35 6.02
CA GLN A 37 -9.63 21.57 5.02
C GLN A 37 -8.90 20.42 5.72
N ASP A 38 -8.33 19.52 4.97
CA ASP A 38 -7.60 18.37 5.60
C ASP A 38 -6.97 17.52 4.50
N PHE A 39 -6.56 16.33 4.82
CA PHE A 39 -5.93 15.44 3.79
C PHE A 39 -6.14 13.98 4.18
N ASP A 40 -6.38 13.13 3.22
CA ASP A 40 -6.60 11.67 3.53
C ASP A 40 -5.93 10.81 2.46
N LEU A 41 -5.38 9.68 2.84
CA LEU A 41 -4.72 8.76 1.87
C LEU A 41 -5.36 7.38 2.00
N ASP A 42 -5.16 6.52 1.02
CA ASP A 42 -5.78 5.15 1.09
C ASP A 42 -4.71 4.09 0.81
N ALA A 43 -4.49 3.20 1.76
CA ALA A 43 -3.46 2.13 1.57
C ALA A 43 -4.17 0.84 1.13
N SER A 44 -3.64 0.17 0.14
CA SER A 44 -4.28 -1.09 -0.33
C SER A 44 -3.21 -2.03 -0.89
N ALA A 45 -3.56 -3.28 -1.12
CA ALA A 45 -2.58 -4.27 -1.67
C ALA A 45 -3.25 -5.11 -2.74
N PHE A 46 -2.61 -5.29 -3.87
CA PHE A 46 -3.20 -6.10 -4.98
C PHE A 46 -2.47 -7.45 -5.09
N LEU A 47 -3.20 -8.52 -5.22
CA LEU A 47 -2.55 -9.85 -5.34
C LEU A 47 -2.09 -10.09 -6.77
N LEU A 48 -1.08 -10.89 -6.96
CA LEU A 48 -0.60 -11.18 -8.35
C LEU A 48 -0.05 -12.62 -8.40
N ALA A 49 -0.49 -13.40 -9.35
CA ALA A 49 0.01 -14.81 -9.44
C ALA A 49 1.33 -14.83 -10.21
N ALA A 50 2.01 -15.95 -10.20
CA ALA A 50 3.31 -16.04 -10.93
C ALA A 50 3.04 -16.39 -12.40
N ASN A 51 1.79 -16.62 -12.74
CA ASN A 51 1.47 -16.97 -14.16
C ASN A 51 1.55 -15.71 -15.02
N GLY A 52 1.74 -14.57 -14.41
CA GLY A 52 1.83 -13.30 -15.19
C GLY A 52 0.50 -12.55 -15.09
N LYS A 53 -0.47 -13.14 -14.45
CA LYS A 53 -1.80 -12.49 -14.30
C LYS A 53 -2.37 -12.82 -12.92
N VAL A 54 -2.95 -11.87 -12.25
CA VAL A 54 -3.52 -12.16 -10.91
C VAL A 54 -4.69 -13.12 -11.05
N ARG A 55 -4.85 -13.98 -10.08
CA ARG A 55 -5.98 -14.94 -10.14
C ARG A 55 -7.28 -14.13 -10.03
N GLY A 56 -7.15 -12.83 -10.00
CA GLY A 56 -8.37 -11.96 -9.90
C GLY A 56 -7.99 -10.65 -9.20
N ASP A 57 -7.77 -9.61 -9.95
CA ASP A 57 -7.42 -8.29 -9.33
C ASP A 57 -8.44 -7.95 -8.25
N ALA A 58 -9.68 -8.24 -8.52
CA ALA A 58 -10.75 -7.93 -7.52
C ALA A 58 -10.44 -8.62 -6.20
N ASP A 59 -9.36 -9.36 -6.13
CA ASP A 59 -9.00 -10.05 -4.86
C ASP A 59 -8.09 -9.14 -4.03
N PHE A 60 -8.19 -7.85 -4.23
CA PHE A 60 -7.34 -6.89 -3.47
C PHE A 60 -8.07 -6.48 -2.18
N ILE A 61 -7.36 -6.46 -1.09
CA ILE A 61 -7.98 -6.09 0.20
C ILE A 61 -8.14 -4.56 0.27
N PHE A 62 -9.26 -4.11 0.74
CA PHE A 62 -9.53 -2.64 0.86
C PHE A 62 -9.91 -2.31 2.31
N TYR A 63 -10.43 -1.13 2.54
CA TYR A 63 -10.82 -0.75 3.93
C TYR A 63 -12.10 -1.49 4.34
N ASN A 64 -13.08 -1.53 3.50
CA ASN A 64 -14.34 -2.23 3.86
C ASN A 64 -14.02 -3.65 4.36
N ASN A 65 -12.86 -4.16 4.03
CA ASN A 65 -12.48 -5.53 4.49
C ASN A 65 -11.56 -5.41 5.71
N LEU A 66 -12.12 -5.40 6.89
CA LEU A 66 -11.27 -5.28 8.11
C LEU A 66 -10.15 -6.32 8.04
N LYS A 67 -10.41 -7.46 7.46
CA LYS A 67 -9.36 -8.51 7.36
C LYS A 67 -9.84 -9.64 6.43
N SER A 68 -8.92 -10.38 5.88
CA SER A 68 -9.30 -11.50 4.97
C SER A 68 -9.65 -12.73 5.79
N ALA A 69 -10.36 -13.66 5.21
CA ALA A 69 -10.74 -14.90 5.96
C ALA A 69 -9.60 -15.92 5.88
N ASP A 70 -9.11 -16.16 4.68
CA ASP A 70 -8.00 -17.14 4.50
C ASP A 70 -6.76 -16.42 3.97
N GLY A 71 -6.86 -15.14 3.71
CA GLY A 71 -5.69 -14.38 3.19
C GLY A 71 -4.73 -14.06 4.34
N SER A 72 -5.18 -14.24 5.56
CA SER A 72 -4.29 -13.93 6.72
C SER A 72 -3.85 -12.47 6.66
N VAL A 73 -4.50 -11.68 5.85
CA VAL A 73 -4.15 -10.23 5.74
C VAL A 73 -5.02 -9.43 6.70
N THR A 74 -4.52 -8.34 7.24
CA THR A 74 -5.34 -7.53 8.18
C THR A 74 -5.01 -6.05 8.03
N HIS A 75 -6.01 -5.24 7.77
CA HIS A 75 -5.78 -3.77 7.61
C HIS A 75 -5.99 -3.08 8.96
N THR A 76 -5.03 -2.30 9.40
CA THR A 76 -5.19 -1.62 10.71
C THR A 76 -6.45 -0.74 10.68
N GLY A 77 -6.61 0.03 9.64
CA GLY A 77 -7.82 0.91 9.55
C GLY A 77 -7.52 2.11 8.66
N ASP A 78 -8.39 2.40 7.73
CA ASP A 78 -8.15 3.57 6.83
C ASP A 78 -8.71 4.83 7.48
N ASN A 79 -7.85 5.73 7.88
CA ASN A 79 -8.33 6.99 8.53
C ASN A 79 -9.03 7.87 7.50
N ARG A 80 -9.32 9.09 7.84
CA ARG A 80 -9.99 10.01 6.88
C ARG A 80 -9.45 11.43 7.07
N THR A 81 -8.43 11.59 7.86
CA THR A 81 -7.85 12.93 8.09
C THR A 81 -6.36 12.80 8.41
N GLY A 82 -5.98 11.76 9.11
CA GLY A 82 -4.54 11.55 9.46
C GLY A 82 -4.32 11.89 10.94
N GLU A 83 -5.39 12.10 11.66
CA GLU A 83 -5.25 12.43 13.10
C GLU A 83 -4.52 11.30 13.81
N GLY A 84 -3.43 11.60 14.47
CA GLY A 84 -2.66 10.54 15.19
C GLY A 84 -1.18 10.92 15.23
N ASP A 85 -0.59 10.94 16.38
CA ASP A 85 0.85 11.29 16.48
C ASP A 85 1.71 10.09 16.10
N GLY A 86 1.37 9.43 15.03
CA GLY A 86 2.16 8.24 14.60
C GLY A 86 1.60 7.69 13.28
N ASP A 87 1.63 6.41 13.11
CA ASP A 87 1.10 5.81 11.85
C ASP A 87 -0.44 5.92 11.84
N ASP A 88 -0.98 6.62 10.88
CA ASP A 88 -2.46 6.76 10.82
C ASP A 88 -3.07 5.52 10.17
N GLU A 89 -2.40 4.95 9.19
CA GLU A 89 -2.93 3.72 8.50
C GLU A 89 -1.80 2.69 8.40
N SER A 90 -2.14 1.44 8.30
CA SER A 90 -1.09 0.39 8.20
C SER A 90 -1.70 -0.92 7.70
N LEU A 91 -0.90 -1.93 7.50
CA LEU A 91 -1.43 -3.24 7.02
C LEU A 91 -0.56 -4.38 7.55
N LYS A 92 -1.14 -5.30 8.29
CA LYS A 92 -0.35 -6.44 8.84
C LYS A 92 -0.57 -7.66 7.93
N ILE A 93 0.48 -8.34 7.54
CA ILE A 93 0.33 -9.52 6.64
C ILE A 93 1.23 -10.66 7.12
N LYS A 94 0.72 -11.87 7.13
CA LYS A 94 1.52 -13.04 7.56
C LYS A 94 2.00 -13.79 6.31
N LEU A 95 3.06 -13.34 5.71
CA LEU A 95 3.57 -14.01 4.49
C LEU A 95 3.82 -15.49 4.77
N ASP A 96 3.65 -15.91 6.00
CA ASP A 96 3.88 -17.35 6.35
C ASP A 96 2.56 -18.13 6.20
N ALA A 97 1.44 -17.47 6.40
CA ALA A 97 0.12 -18.18 6.29
C ALA A 97 -0.40 -18.08 4.86
N VAL A 98 0.29 -17.37 4.00
CA VAL A 98 -0.19 -17.25 2.59
C VAL A 98 -0.22 -18.65 1.94
N PRO A 99 -1.12 -18.87 1.00
CA PRO A 99 -1.23 -20.19 0.31
C PRO A 99 -0.13 -20.39 -0.73
N GLY A 100 -0.23 -21.43 -1.53
CA GLY A 100 0.80 -21.69 -2.58
C GLY A 100 0.32 -21.13 -3.92
N ASP A 101 -0.84 -20.54 -3.94
CA ASP A 101 -1.37 -19.99 -5.23
C ASP A 101 -0.72 -18.63 -5.50
N VAL A 102 -1.01 -17.65 -4.69
CA VAL A 102 -0.40 -16.31 -4.91
C VAL A 102 1.12 -16.43 -4.88
N ASP A 103 1.81 -15.60 -5.62
CA ASP A 103 3.31 -15.67 -5.65
C ASP A 103 3.88 -14.26 -5.53
N LYS A 104 3.05 -13.25 -5.53
CA LYS A 104 3.58 -11.87 -5.42
C LYS A 104 2.48 -10.93 -4.91
N ILE A 105 2.83 -9.93 -4.16
CA ILE A 105 1.80 -8.98 -3.61
C ILE A 105 2.41 -7.58 -3.55
N ILE A 106 1.74 -6.61 -4.12
CA ILE A 106 2.26 -5.20 -4.12
C ILE A 106 1.47 -4.35 -3.15
N PHE A 107 1.98 -3.19 -2.85
CA PHE A 107 1.28 -2.26 -1.90
C PHE A 107 1.45 -0.83 -2.41
N VAL A 108 0.39 -0.08 -2.50
CA VAL A 108 0.49 1.33 -3.01
C VAL A 108 -0.40 2.26 -2.18
N VAL A 109 -0.03 3.53 -2.12
CA VAL A 109 -0.84 4.53 -1.36
C VAL A 109 -1.49 5.49 -2.36
N THR A 110 -2.79 5.52 -2.40
CA THR A 110 -3.49 6.43 -3.38
C THR A 110 -4.02 7.66 -2.65
N ILE A 111 -4.01 8.79 -3.31
CA ILE A 111 -4.53 10.04 -2.68
C ILE A 111 -6.05 9.96 -2.62
N HIS A 112 -6.63 10.20 -1.46
CA HIS A 112 -8.10 10.13 -1.34
C HIS A 112 -8.75 11.16 -2.27
N ASP A 113 -9.89 11.69 -1.89
CA ASP A 113 -10.57 12.70 -2.74
C ASP A 113 -9.62 13.85 -3.05
N ALA A 114 -8.57 14.00 -2.30
CA ALA A 114 -7.62 15.11 -2.57
C ALA A 114 -7.21 15.07 -4.05
N GLN A 115 -7.40 13.95 -4.69
CA GLN A 115 -7.02 13.84 -6.13
C GLN A 115 -8.05 14.59 -6.98
N ALA A 116 -9.29 14.61 -6.56
CA ALA A 116 -10.33 15.32 -7.34
C ALA A 116 -9.97 16.82 -7.43
N ARG A 117 -9.69 17.43 -6.31
CA ARG A 117 -9.33 18.87 -6.32
C ARG A 117 -7.86 19.02 -6.67
N ARG A 118 -7.25 17.96 -7.13
CA ARG A 118 -5.80 18.03 -7.50
C ARG A 118 -4.99 18.40 -6.25
N GLN A 119 -4.55 17.41 -5.51
CA GLN A 119 -3.75 17.69 -4.28
C GLN A 119 -2.84 16.50 -3.98
N SER A 120 -1.73 16.42 -4.65
CA SER A 120 -0.79 15.29 -4.41
C SER A 120 -0.39 15.25 -2.94
N PHE A 121 0.01 14.09 -2.46
CA PHE A 121 0.41 13.96 -1.03
C PHE A 121 1.32 15.14 -0.65
N GLY A 122 1.86 15.84 -1.62
CA GLY A 122 2.77 16.98 -1.31
C GLY A 122 1.99 18.09 -0.62
N GLN A 123 0.82 18.40 -1.10
CA GLN A 123 0.02 19.48 -0.44
C GLN A 123 -0.10 19.19 1.05
N VAL A 124 0.18 17.98 1.46
CA VAL A 124 0.08 17.64 2.90
C VAL A 124 1.24 18.28 3.66
N SER A 125 1.17 18.32 4.95
CA SER A 125 2.26 18.93 5.75
C SER A 125 3.52 18.07 5.64
N GLY A 126 3.36 16.79 5.38
CA GLY A 126 4.56 15.90 5.26
C GLY A 126 4.14 14.44 5.49
N ALA A 127 3.56 13.83 4.51
CA ALA A 127 3.13 12.41 4.67
C ALA A 127 4.36 11.50 4.57
N PHE A 128 4.26 10.29 5.04
CA PHE A 128 5.42 9.36 4.97
C PHE A 128 4.94 7.91 4.88
N ILE A 129 5.84 7.00 4.61
CA ILE A 129 5.48 5.56 4.50
C ILE A 129 6.57 4.74 5.21
N ARG A 130 6.22 3.62 5.77
CA ARG A 130 7.25 2.80 6.49
C ARG A 130 6.93 1.31 6.34
N LEU A 131 7.93 0.47 6.46
CA LEU A 131 7.71 -1.00 6.34
C LEU A 131 8.60 -1.70 7.35
N VAL A 132 8.10 -2.70 8.03
CA VAL A 132 8.93 -3.44 9.04
C VAL A 132 8.63 -4.93 8.98
N ASN A 133 9.53 -5.73 9.46
CA ASN A 133 9.29 -7.20 9.48
C ASN A 133 8.73 -7.57 10.84
N ASP A 134 7.44 -7.80 10.93
CA ASP A 134 6.86 -8.16 12.24
C ASP A 134 7.46 -9.49 12.69
N ASP A 135 8.22 -10.11 11.82
CA ASP A 135 8.86 -11.40 12.16
C ASP A 135 10.24 -11.15 12.77
N ASN A 136 11.05 -10.38 12.11
CA ASN A 136 12.41 -10.09 12.64
C ASN A 136 12.37 -8.83 13.51
N GLN A 137 11.30 -8.09 13.45
CA GLN A 137 11.20 -6.85 14.26
C GLN A 137 12.33 -5.89 13.88
N THR A 138 12.49 -5.62 12.61
CA THR A 138 13.57 -4.70 12.14
C THR A 138 13.03 -3.81 11.03
N GLU A 139 13.01 -2.51 11.25
CA GLU A 139 12.50 -1.58 10.20
C GLU A 139 13.08 -1.97 8.83
N VAL A 140 12.23 -2.06 7.83
CA VAL A 140 12.74 -2.43 6.47
C VAL A 140 13.14 -1.15 5.71
N ALA A 141 12.25 -0.22 5.54
CA ALA A 141 12.62 1.02 4.81
C ALA A 141 11.49 2.05 4.91
N ARG A 142 11.71 3.24 4.40
CA ARG A 142 10.66 4.29 4.45
C ARG A 142 10.78 5.19 3.22
N TYR A 143 9.69 5.42 2.53
CA TYR A 143 9.73 6.28 1.30
C TYR A 143 9.31 7.71 1.68
N ASP A 144 9.97 8.70 1.12
CA ASP A 144 9.62 10.11 1.45
C ASP A 144 8.62 10.65 0.42
N LEU A 145 7.43 10.95 0.85
CA LEU A 145 6.41 11.48 -0.11
C LEU A 145 6.65 12.98 -0.34
N THR A 146 6.96 13.70 0.70
CA THR A 146 7.20 15.17 0.53
C THR A 146 8.13 15.40 -0.67
N GLU A 147 8.95 14.43 -0.97
CA GLU A 147 9.89 14.58 -2.13
C GLU A 147 9.28 13.95 -3.38
N ASP A 148 8.89 12.70 -3.31
CA ASP A 148 8.29 12.02 -4.50
C ASP A 148 6.85 12.47 -4.69
N ALA A 149 6.33 13.28 -3.81
CA ALA A 149 4.93 13.73 -3.95
C ALA A 149 4.76 14.54 -5.23
N SER A 150 5.55 15.56 -5.38
CA SER A 150 5.45 16.42 -6.61
C SER A 150 5.55 15.53 -7.86
N THR A 151 5.77 14.26 -7.69
CA THR A 151 5.88 13.37 -8.89
C THR A 151 4.50 12.95 -9.38
N GLU A 152 3.55 12.77 -8.50
CA GLU A 152 2.19 12.36 -8.95
C GLU A 152 1.21 12.38 -7.78
N THR A 153 0.28 11.47 -7.77
CA THR A 153 -0.73 11.38 -6.68
C THR A 153 -0.75 9.94 -6.16
N ALA A 154 -0.53 8.99 -7.03
CA ALA A 154 -0.51 7.54 -6.62
C ALA A 154 0.89 6.99 -6.86
N MET A 155 1.31 6.04 -6.08
CA MET A 155 2.68 5.47 -6.28
C MET A 155 2.80 4.15 -5.53
N LEU A 156 3.71 3.30 -5.95
CA LEU A 156 3.89 1.98 -5.29
C LEU A 156 5.05 2.06 -4.30
N PHE A 157 4.83 1.69 -3.07
CA PHE A 157 5.93 1.75 -2.06
C PHE A 157 6.94 0.64 -2.36
N GLY A 158 6.47 -0.57 -2.55
CA GLY A 158 7.42 -1.69 -2.84
C GLY A 158 6.64 -2.93 -3.25
N GLU A 159 7.28 -4.07 -3.24
CA GLU A 159 6.58 -5.33 -3.62
C GLU A 159 7.22 -6.53 -2.90
N LEU A 160 6.56 -7.65 -2.92
CA LEU A 160 7.10 -8.87 -2.25
C LEU A 160 6.88 -10.06 -3.18
N TYR A 161 7.89 -10.87 -3.39
CA TYR A 161 7.74 -12.06 -4.31
C TYR A 161 8.37 -13.29 -3.66
N ARG A 162 8.08 -14.45 -4.18
CA ARG A 162 8.64 -15.71 -3.59
C ARG A 162 9.97 -16.05 -4.27
N HIS A 163 10.90 -16.59 -3.53
CA HIS A 163 12.23 -16.96 -4.10
C HIS A 163 12.71 -18.25 -3.46
N ASN A 164 12.86 -19.30 -4.22
CA ASN A 164 13.33 -20.59 -3.64
C ASN A 164 12.38 -21.00 -2.52
N GLY A 165 11.14 -20.59 -2.60
CA GLY A 165 10.16 -20.97 -1.53
C GLY A 165 10.29 -20.01 -0.35
N GLU A 166 10.95 -18.89 -0.55
CA GLU A 166 11.14 -17.90 0.56
C GLU A 166 10.68 -16.51 0.09
N TRP A 167 9.92 -15.82 0.89
CA TRP A 167 9.45 -14.47 0.49
C TRP A 167 10.64 -13.52 0.43
N LYS A 168 10.59 -12.53 -0.44
CA LYS A 168 11.73 -11.57 -0.55
C LYS A 168 11.19 -10.21 -1.02
N PHE A 169 11.62 -9.15 -0.38
CA PHE A 169 11.13 -7.80 -0.78
C PHE A 169 12.06 -7.20 -1.85
N ARG A 170 11.54 -6.30 -2.65
CA ARG A 170 12.37 -5.67 -3.72
C ARG A 170 11.82 -4.27 -4.02
N ALA A 171 12.58 -3.25 -3.71
CA ALA A 171 12.09 -1.86 -3.98
C ALA A 171 11.87 -1.68 -5.48
N VAL A 172 11.00 -0.77 -5.86
CA VAL A 172 10.73 -0.53 -7.31
C VAL A 172 10.35 0.94 -7.50
N GLY A 173 9.63 1.51 -6.57
CA GLY A 173 9.22 2.93 -6.71
C GLY A 173 8.62 3.17 -8.09
N GLN A 174 7.38 2.78 -8.26
CA GLN A 174 6.69 2.96 -9.59
C GLN A 174 5.60 4.03 -9.46
N GLY A 175 5.78 5.17 -10.06
CA GLY A 175 4.75 6.25 -9.98
C GLY A 175 3.83 6.16 -11.20
N TYR A 176 2.54 6.32 -11.01
CA TYR A 176 1.60 6.25 -12.16
C TYR A 176 0.38 7.14 -11.89
N ALA A 177 -0.15 7.77 -12.91
CA ALA A 177 -1.35 8.65 -12.72
C ALA A 177 -2.61 7.88 -13.14
N GLY A 178 -2.49 6.61 -13.37
CA GLY A 178 -3.67 5.81 -13.80
C GLY A 178 -4.85 6.10 -12.86
N GLY A 179 -5.04 5.29 -11.86
CA GLY A 179 -6.16 5.53 -10.91
C GLY A 179 -6.41 4.26 -10.09
N LEU A 180 -7.10 4.39 -8.99
CA LEU A 180 -7.37 3.19 -8.13
C LEU A 180 -8.31 2.25 -8.89
N ALA A 181 -8.91 2.70 -9.96
CA ALA A 181 -9.83 1.83 -10.73
C ALA A 181 -9.03 0.97 -11.71
N SER A 182 -8.13 1.57 -12.43
CA SER A 182 -7.31 0.79 -13.42
C SER A 182 -6.13 0.13 -12.69
N VAL A 183 -5.46 0.86 -11.84
CA VAL A 183 -4.30 0.27 -11.12
C VAL A 183 -4.70 -1.07 -10.51
N CYS A 184 -5.97 -1.31 -10.33
CA CYS A 184 -6.43 -2.59 -9.73
C CYS A 184 -6.45 -3.70 -10.78
N ALA A 185 -7.19 -3.52 -11.84
CA ALA A 185 -7.27 -4.57 -12.89
C ALA A 185 -6.11 -4.43 -13.88
N GLN A 186 -5.65 -3.22 -14.10
CA GLN A 186 -4.54 -3.00 -15.06
C GLN A 186 -3.38 -3.95 -14.73
N TYR A 187 -3.21 -4.28 -13.49
CA TYR A 187 -2.10 -5.20 -13.12
C TYR A 187 -2.47 -6.64 -13.48
N GLY A 188 -3.74 -6.89 -13.70
CA GLY A 188 -4.17 -8.28 -14.06
C GLY A 188 -4.04 -8.47 -15.57
N ILE A 189 -4.63 -7.61 -16.34
CA ILE A 189 -4.53 -7.74 -17.83
C ILE A 189 -3.24 -7.10 -18.32
N ASN A 190 -2.18 -7.87 -18.39
CA ASN A 190 -0.88 -7.30 -18.86
C ASN A 190 -0.95 -7.07 -20.37
N ALA A 191 -0.39 -5.98 -20.83
CA ALA A 191 -0.42 -5.69 -22.30
C ALA A 191 0.68 -6.49 -23.00
N SER A 192 0.81 -7.75 -22.67
CA SER A 192 1.86 -8.58 -23.31
C SER A 192 3.22 -7.87 -23.22
N SER A 19 14.39 -15.29 6.70
CA SER A 19 14.33 -13.84 6.36
C SER A 19 13.26 -13.15 7.21
N MET A 20 12.07 -13.69 7.22
CA MET A 20 10.98 -13.07 8.04
C MET A 20 9.74 -13.96 7.99
N LYS A 21 8.82 -13.75 8.89
CA LYS A 21 7.57 -14.58 8.92
C LYS A 21 6.35 -13.66 9.00
N ASN A 22 6.56 -12.39 9.21
CA ASN A 22 5.41 -11.43 9.31
C ASN A 22 5.83 -10.08 8.73
N VAL A 23 4.90 -9.33 8.20
CA VAL A 23 5.22 -7.99 7.62
C VAL A 23 4.20 -6.97 8.13
N LEU A 24 4.60 -5.72 8.23
CA LEU A 24 3.66 -4.68 8.72
C LEU A 24 3.95 -3.35 8.02
N VAL A 25 3.06 -2.91 7.17
CA VAL A 25 3.28 -1.62 6.45
C VAL A 25 2.77 -0.48 7.34
N GLY A 26 3.33 0.69 7.22
CA GLY A 26 2.88 1.84 8.07
C GLY A 26 2.96 3.14 7.29
N LEU A 27 1.84 3.77 7.07
CA LEU A 27 1.79 5.08 6.33
C LEU A 27 1.42 6.17 7.33
N GLY A 28 2.05 7.31 7.26
CA GLY A 28 1.72 8.39 8.23
C GLY A 28 1.99 9.76 7.62
N TRP A 29 1.25 10.75 8.02
CA TRP A 29 1.46 12.12 7.46
C TRP A 29 0.83 13.16 8.37
N ASP A 30 1.26 14.39 8.28
CA ASP A 30 0.69 15.46 9.15
C ASP A 30 -0.65 15.93 8.58
N ALA A 31 -1.69 15.86 9.36
CA ALA A 31 -3.03 16.32 8.89
C ALA A 31 -3.25 17.78 9.30
N ARG A 32 -3.78 18.59 8.42
CA ARG A 32 -4.03 20.02 8.76
C ARG A 32 -5.45 20.41 8.33
N SER A 33 -6.34 20.58 9.27
CA SER A 33 -7.75 20.96 8.93
C SER A 33 -7.92 22.47 9.10
N THR A 34 -7.98 23.19 8.02
CA THR A 34 -8.16 24.68 8.11
C THR A 34 -9.64 25.01 8.25
N ASP A 35 -10.42 24.70 7.25
CA ASP A 35 -11.88 24.99 7.33
C ASP A 35 -12.63 24.09 6.35
N GLY A 36 -12.00 23.03 5.92
CA GLY A 36 -12.67 22.10 4.97
C GLY A 36 -11.60 21.29 4.22
N GLN A 37 -10.41 21.82 4.12
CA GLN A 37 -9.33 21.08 3.41
C GLN A 37 -8.70 20.05 4.35
N ASP A 38 -8.09 19.02 3.81
CA ASP A 38 -7.46 17.99 4.68
C ASP A 38 -6.75 16.96 3.81
N PHE A 39 -5.68 16.38 4.30
CA PHE A 39 -4.94 15.36 3.50
C PHE A 39 -5.40 13.96 3.89
N ASP A 40 -5.74 13.14 2.92
CA ASP A 40 -6.21 11.75 3.23
C ASP A 40 -5.64 10.79 2.19
N LEU A 41 -4.59 10.09 2.53
CA LEU A 41 -3.99 9.10 1.57
C LEU A 41 -4.61 7.73 1.85
N ASP A 42 -4.95 6.99 0.83
CA ASP A 42 -5.58 5.65 1.02
C ASP A 42 -4.54 4.54 0.82
N ALA A 43 -4.49 3.59 1.72
CA ALA A 43 -3.51 2.47 1.59
C ALA A 43 -4.24 1.27 0.98
N SER A 44 -3.57 0.51 0.16
CA SER A 44 -4.23 -0.68 -0.47
C SER A 44 -3.20 -1.78 -0.74
N ALA A 45 -3.67 -2.96 -1.05
CA ALA A 45 -2.73 -4.09 -1.34
C ALA A 45 -3.41 -5.06 -2.30
N PHE A 46 -2.74 -5.42 -3.38
CA PHE A 46 -3.35 -6.37 -4.37
C PHE A 46 -2.52 -7.65 -4.47
N LEU A 47 -3.17 -8.77 -4.67
CA LEU A 47 -2.44 -10.06 -4.77
C LEU A 47 -1.99 -10.28 -6.21
N LEU A 48 -0.90 -10.96 -6.42
CA LEU A 48 -0.42 -11.21 -7.82
C LEU A 48 0.25 -12.59 -7.88
N ALA A 49 -0.10 -13.38 -8.86
CA ALA A 49 0.51 -14.73 -8.98
C ALA A 49 1.86 -14.62 -9.70
N ALA A 50 2.61 -15.69 -9.76
CA ALA A 50 3.93 -15.64 -10.44
C ALA A 50 3.74 -15.87 -11.94
N ASN A 51 2.53 -16.16 -12.36
CA ASN A 51 2.29 -16.38 -13.81
C ASN A 51 2.36 -15.04 -14.55
N GLY A 52 2.44 -13.96 -13.81
CA GLY A 52 2.51 -12.61 -14.46
C GLY A 52 1.15 -11.94 -14.37
N LYS A 53 0.18 -12.64 -13.84
CA LYS A 53 -1.19 -12.06 -13.69
C LYS A 53 -1.83 -12.59 -12.41
N VAL A 54 -2.54 -11.77 -11.71
CA VAL A 54 -3.18 -12.25 -10.45
C VAL A 54 -4.24 -13.26 -10.79
N ARG A 55 -4.37 -14.27 -9.99
CA ARG A 55 -5.42 -15.30 -10.25
C ARG A 55 -6.78 -14.65 -9.99
N GLY A 56 -6.78 -13.36 -9.77
CA GLY A 56 -8.06 -12.65 -9.50
C GLY A 56 -7.80 -11.35 -8.74
N ASP A 57 -7.77 -10.24 -9.43
CA ASP A 57 -7.53 -8.94 -8.75
C ASP A 57 -8.59 -8.74 -7.67
N ALA A 58 -9.77 -9.23 -7.92
CA ALA A 58 -10.87 -9.08 -6.93
C ALA A 58 -10.45 -9.66 -5.58
N ASP A 59 -9.27 -10.22 -5.50
CA ASP A 59 -8.80 -10.79 -4.20
C ASP A 59 -8.00 -9.71 -3.46
N PHE A 60 -8.31 -8.47 -3.70
CA PHE A 60 -7.57 -7.36 -3.02
C PHE A 60 -8.27 -7.02 -1.71
N ILE A 61 -7.50 -6.81 -0.67
CA ILE A 61 -8.08 -6.46 0.65
C ILE A 61 -8.21 -4.94 0.77
N PHE A 62 -9.28 -4.50 1.35
CA PHE A 62 -9.49 -3.04 1.52
C PHE A 62 -10.64 -2.82 2.52
N TYR A 63 -11.29 -1.70 2.44
CA TYR A 63 -12.42 -1.42 3.38
C TYR A 63 -13.53 -2.45 3.15
N ASN A 64 -13.71 -2.88 1.94
CA ASN A 64 -14.79 -3.88 1.66
C ASN A 64 -14.54 -5.14 2.49
N ASN A 65 -13.47 -5.17 3.24
CA ASN A 65 -13.18 -6.37 4.07
C ASN A 65 -12.23 -5.98 5.21
N LEU A 66 -12.69 -6.04 6.43
CA LEU A 66 -11.81 -5.67 7.57
C LEU A 66 -10.52 -6.50 7.52
N LYS A 67 -10.60 -7.68 6.97
CA LYS A 67 -9.38 -8.54 6.88
C LYS A 67 -9.64 -9.70 5.93
N SER A 68 -8.61 -10.28 5.38
CA SER A 68 -8.79 -11.41 4.43
C SER A 68 -9.22 -12.66 5.21
N ALA A 69 -10.08 -13.46 4.65
CA ALA A 69 -10.53 -14.69 5.35
C ALA A 69 -9.45 -15.77 5.22
N ASP A 70 -8.86 -15.87 4.05
CA ASP A 70 -7.79 -16.89 3.82
C ASP A 70 -6.47 -16.18 3.52
N GLY A 71 -6.52 -14.88 3.30
CA GLY A 71 -5.26 -14.13 3.00
C GLY A 71 -4.50 -13.87 4.29
N SER A 72 -5.13 -14.06 5.42
CA SER A 72 -4.45 -13.82 6.72
C SER A 72 -3.97 -12.37 6.80
N VAL A 73 -4.41 -11.54 5.89
CA VAL A 73 -3.99 -10.10 5.92
C VAL A 73 -5.03 -9.29 6.70
N THR A 74 -4.62 -8.21 7.31
CA THR A 74 -5.58 -7.38 8.10
C THR A 74 -5.22 -5.91 7.98
N HIS A 75 -6.17 -5.06 7.69
CA HIS A 75 -5.89 -3.60 7.56
C HIS A 75 -6.15 -2.92 8.91
N THR A 76 -5.29 -2.01 9.31
CA THR A 76 -5.49 -1.32 10.61
C THR A 76 -6.67 -0.37 10.50
N GLY A 77 -6.62 0.58 9.62
CA GLY A 77 -7.75 1.54 9.48
C GLY A 77 -7.33 2.70 8.56
N ASP A 78 -8.17 3.10 7.66
CA ASP A 78 -7.83 4.22 6.74
C ASP A 78 -8.19 5.56 7.40
N ASN A 79 -7.24 6.43 7.59
CA ASN A 79 -7.53 7.74 8.23
C ASN A 79 -8.12 8.69 7.18
N ARG A 80 -9.17 9.39 7.52
CA ARG A 80 -9.80 10.33 6.55
C ARG A 80 -9.16 11.71 6.68
N THR A 81 -8.11 11.82 7.45
CA THR A 81 -7.44 13.14 7.63
C THR A 81 -5.97 12.92 7.99
N GLY A 82 -5.67 11.89 8.74
CA GLY A 82 -4.26 11.60 9.13
C GLY A 82 -4.06 11.99 10.60
N GLU A 83 -5.11 12.34 11.27
CA GLU A 83 -4.98 12.73 12.71
C GLU A 83 -4.39 11.56 13.49
N GLY A 84 -3.25 11.75 14.09
CA GLY A 84 -2.60 10.65 14.88
C GLY A 84 -1.08 10.72 14.67
N ASP A 85 -0.38 11.23 15.63
CA ASP A 85 1.11 11.33 15.49
C ASP A 85 1.73 9.95 15.78
N GLY A 86 1.40 8.97 14.98
CA GLY A 86 1.98 7.61 15.21
C GLY A 86 1.40 6.64 14.19
N ASP A 87 2.02 6.53 13.05
CA ASP A 87 1.51 5.58 12.00
C ASP A 87 0.01 5.77 11.83
N ASP A 88 -0.40 6.55 10.87
CA ASP A 88 -1.86 6.77 10.66
C ASP A 88 -2.50 5.46 10.16
N GLU A 89 -2.18 5.04 8.96
CA GLU A 89 -2.76 3.78 8.40
C GLU A 89 -1.68 2.70 8.40
N SER A 90 -2.07 1.45 8.29
CA SER A 90 -1.06 0.36 8.28
C SER A 90 -1.71 -0.94 7.81
N LEU A 91 -0.94 -1.98 7.63
CA LEU A 91 -1.50 -3.29 7.17
C LEU A 91 -0.69 -4.43 7.80
N LYS A 92 -1.36 -5.31 8.51
CA LYS A 92 -0.64 -6.46 9.15
C LYS A 92 -0.75 -7.69 8.25
N ILE A 93 0.34 -8.38 8.04
CA ILE A 93 0.31 -9.60 7.16
C ILE A 93 1.04 -10.75 7.84
N LYS A 94 0.59 -11.96 7.63
CA LYS A 94 1.25 -13.16 8.22
C LYS A 94 1.80 -14.02 7.09
N LEU A 95 3.08 -13.96 6.85
CA LEU A 95 3.68 -14.76 5.75
C LEU A 95 3.44 -16.25 5.99
N ASP A 96 3.75 -16.72 7.16
CA ASP A 96 3.55 -18.17 7.47
C ASP A 96 2.09 -18.56 7.29
N ALA A 97 1.25 -17.62 6.93
CA ALA A 97 -0.21 -17.92 6.75
C ALA A 97 -0.60 -17.77 5.27
N VAL A 98 0.35 -17.50 4.41
CA VAL A 98 0.03 -17.35 2.97
C VAL A 98 -0.48 -18.69 2.40
N PRO A 99 -1.38 -18.67 1.46
CA PRO A 99 -1.93 -19.92 0.85
C PRO A 99 -0.94 -20.56 -0.14
N GLY A 100 -1.42 -21.41 -1.00
CA GLY A 100 -0.53 -22.09 -2.01
C GLY A 100 -0.95 -21.67 -3.42
N ASP A 101 -1.24 -20.40 -3.61
CA ASP A 101 -1.66 -19.92 -4.96
C ASP A 101 -0.95 -18.60 -5.28
N VAL A 102 -1.11 -17.62 -4.43
CA VAL A 102 -0.44 -16.30 -4.68
C VAL A 102 1.07 -16.48 -4.56
N ASP A 103 1.83 -15.71 -5.31
CA ASP A 103 3.33 -15.83 -5.26
C ASP A 103 3.95 -14.44 -5.12
N LYS A 104 3.16 -13.40 -5.23
CA LYS A 104 3.73 -12.03 -5.09
C LYS A 104 2.65 -11.07 -4.56
N ILE A 105 3.03 -10.18 -3.69
CA ILE A 105 2.06 -9.20 -3.11
C ILE A 105 2.56 -7.78 -3.38
N ILE A 106 1.68 -6.82 -3.44
CA ILE A 106 2.12 -5.41 -3.71
C ILE A 106 1.33 -4.43 -2.84
N PHE A 107 1.89 -3.30 -2.54
CA PHE A 107 1.19 -2.28 -1.70
C PHE A 107 1.41 -0.90 -2.31
N VAL A 108 0.36 -0.12 -2.43
CA VAL A 108 0.48 1.24 -3.02
C VAL A 108 -0.34 2.26 -2.23
N VAL A 109 -0.01 3.52 -2.33
CA VAL A 109 -0.77 4.59 -1.62
C VAL A 109 -1.33 5.56 -2.65
N THR A 110 -2.63 5.62 -2.79
CA THR A 110 -3.25 6.54 -3.79
C THR A 110 -3.89 7.73 -3.08
N ILE A 111 -3.94 8.86 -3.75
CA ILE A 111 -4.56 10.06 -3.13
C ILE A 111 -6.08 9.88 -3.12
N HIS A 112 -6.70 10.01 -1.97
CA HIS A 112 -8.18 9.84 -1.90
C HIS A 112 -8.87 10.89 -2.77
N ASP A 113 -9.95 11.47 -2.29
CA ASP A 113 -10.67 12.50 -3.09
C ASP A 113 -9.76 13.72 -3.29
N ALA A 114 -8.74 13.85 -2.50
CA ALA A 114 -7.83 15.02 -2.66
C ALA A 114 -7.41 15.14 -4.14
N GLN A 115 -7.56 14.10 -4.89
CA GLN A 115 -7.18 14.15 -6.33
C GLN A 115 -8.21 15.00 -7.10
N ALA A 116 -9.46 14.93 -6.71
CA ALA A 116 -10.51 15.72 -7.41
C ALA A 116 -10.22 17.21 -7.22
N ARG A 117 -10.04 17.65 -6.00
CA ARG A 117 -9.76 19.09 -5.75
C ARG A 117 -8.30 19.38 -6.13
N ARG A 118 -7.65 18.45 -6.76
CA ARG A 118 -6.23 18.66 -7.16
C ARG A 118 -5.37 18.86 -5.91
N GLN A 119 -4.83 17.78 -5.38
CA GLN A 119 -3.97 17.89 -4.17
C GLN A 119 -3.02 16.70 -4.11
N SER A 120 -2.08 16.64 -5.02
CA SER A 120 -1.13 15.50 -5.04
C SER A 120 -0.39 15.41 -3.71
N PHE A 121 0.35 14.36 -3.48
CA PHE A 121 1.09 14.21 -2.20
C PHE A 121 1.81 15.53 -1.87
N GLY A 122 2.38 16.15 -2.86
CA GLY A 122 3.10 17.44 -2.62
C GLY A 122 2.21 18.41 -1.86
N GLN A 123 0.92 18.28 -1.99
CA GLN A 123 0.00 19.21 -1.26
C GLN A 123 0.09 18.96 0.24
N VAL A 124 0.58 17.82 0.63
CA VAL A 124 0.68 17.51 2.10
C VAL A 124 1.92 18.19 2.68
N SER A 125 2.00 18.27 3.98
CA SER A 125 3.18 18.93 4.61
C SER A 125 4.40 18.01 4.50
N GLY A 126 4.19 16.72 4.48
CA GLY A 126 5.34 15.78 4.38
C GLY A 126 4.90 14.37 4.80
N ALA A 127 4.21 13.69 3.94
CA ALA A 127 3.75 12.31 4.27
C ALA A 127 4.94 11.34 4.17
N PHE A 128 4.82 10.16 4.73
CA PHE A 128 5.95 9.20 4.66
C PHE A 128 5.43 7.76 4.78
N ILE A 129 6.04 6.85 4.06
CA ILE A 129 5.64 5.42 4.11
C ILE A 129 6.63 4.68 5.02
N ARG A 130 6.21 3.60 5.65
CA ARG A 130 7.13 2.85 6.54
C ARG A 130 6.85 1.35 6.44
N LEU A 131 7.88 0.54 6.41
CA LEU A 131 7.68 -0.94 6.31
C LEU A 131 8.58 -1.63 7.35
N VAL A 132 8.06 -2.63 8.02
CA VAL A 132 8.89 -3.33 9.05
C VAL A 132 8.48 -4.80 9.12
N ASN A 133 9.35 -5.65 9.60
CA ASN A 133 8.99 -7.08 9.71
C ASN A 133 8.45 -7.33 11.12
N ASP A 134 7.16 -7.44 11.26
CA ASP A 134 6.58 -7.68 12.60
C ASP A 134 7.18 -8.96 13.17
N ASP A 135 7.93 -9.67 12.38
CA ASP A 135 8.55 -10.94 12.86
C ASP A 135 9.92 -10.65 13.47
N ASN A 136 10.76 -9.97 12.75
CA ASN A 136 12.13 -9.64 13.27
C ASN A 136 12.14 -8.23 13.85
N GLN A 137 11.07 -7.51 13.70
CA GLN A 137 11.01 -6.12 14.24
C GLN A 137 12.21 -5.32 13.72
N THR A 138 12.51 -5.48 12.45
CA THR A 138 13.67 -4.74 11.84
C THR A 138 13.15 -3.75 10.80
N GLU A 139 13.24 -2.47 11.09
CA GLU A 139 12.74 -1.45 10.11
C GLU A 139 13.25 -1.79 8.71
N VAL A 140 12.36 -1.91 7.76
CA VAL A 140 12.79 -2.25 6.37
C VAL A 140 13.17 -0.96 5.62
N ALA A 141 12.26 -0.03 5.46
CA ALA A 141 12.61 1.21 4.74
C ALA A 141 11.45 2.22 4.79
N ARG A 142 11.65 3.40 4.28
CA ARG A 142 10.58 4.43 4.28
C ARG A 142 10.73 5.31 3.04
N TYR A 143 9.66 5.91 2.59
CA TYR A 143 9.72 6.77 1.37
C TYR A 143 8.83 8.01 1.56
N ASP A 144 9.21 9.12 0.99
CA ASP A 144 8.39 10.37 1.14
C ASP A 144 7.63 10.64 -0.15
N LEU A 145 6.33 10.57 -0.12
CA LEU A 145 5.53 10.82 -1.35
C LEU A 145 5.40 12.33 -1.59
N THR A 146 5.27 13.09 -0.53
CA THR A 146 5.14 14.56 -0.71
C THR A 146 6.33 15.10 -1.51
N GLU A 147 7.47 14.49 -1.37
CA GLU A 147 8.68 14.97 -2.12
C GLU A 147 8.86 14.17 -3.42
N ASP A 148 8.42 12.94 -3.44
CA ASP A 148 8.59 12.11 -4.67
C ASP A 148 7.39 12.29 -5.60
N ALA A 149 6.29 11.71 -5.25
CA ALA A 149 5.07 11.82 -6.11
C ALA A 149 4.49 13.22 -6.00
N SER A 150 5.24 14.14 -5.47
CA SER A 150 4.76 15.54 -5.32
C SER A 150 4.01 15.98 -6.59
N THR A 151 4.24 15.32 -7.69
CA THR A 151 3.55 15.69 -8.97
C THR A 151 2.52 14.63 -9.35
N GLU A 152 2.70 13.42 -8.87
CA GLU A 152 1.73 12.34 -9.22
C GLU A 152 0.66 12.23 -8.13
N THR A 153 -0.24 11.28 -8.24
CA THR A 153 -1.31 11.11 -7.23
C THR A 153 -1.44 9.61 -6.90
N ALA A 154 -0.55 8.81 -7.40
CA ALA A 154 -0.62 7.35 -7.12
C ALA A 154 0.73 6.71 -7.45
N MET A 155 1.19 5.80 -6.63
CA MET A 155 2.51 5.15 -6.90
C MET A 155 2.64 3.89 -6.02
N LEU A 156 3.43 2.94 -6.44
CA LEU A 156 3.60 1.68 -5.64
C LEU A 156 4.87 1.78 -4.79
N PHE A 157 4.75 1.59 -3.49
CA PHE A 157 5.96 1.67 -2.63
C PHE A 157 6.92 0.55 -3.03
N GLY A 158 6.43 -0.65 -3.23
CA GLY A 158 7.35 -1.76 -3.63
C GLY A 158 6.57 -3.04 -3.82
N GLU A 159 7.21 -4.17 -3.68
CA GLU A 159 6.50 -5.47 -3.87
C GLU A 159 7.16 -6.55 -3.01
N LEU A 160 6.50 -7.67 -2.84
CA LEU A 160 7.06 -8.79 -2.03
C LEU A 160 6.89 -10.09 -2.81
N TYR A 161 7.96 -10.79 -3.11
CA TYR A 161 7.85 -12.07 -3.89
C TYR A 161 8.62 -13.19 -3.17
N ARG A 162 8.40 -14.41 -3.56
CA ARG A 162 9.09 -15.55 -2.90
C ARG A 162 10.39 -15.89 -3.65
N HIS A 163 11.44 -16.18 -2.93
CA HIS A 163 12.73 -16.53 -3.57
C HIS A 163 13.37 -17.69 -2.80
N ASN A 164 13.68 -18.77 -3.47
CA ASN A 164 14.29 -19.93 -2.77
C ASN A 164 13.39 -20.36 -1.62
N GLY A 165 12.13 -20.00 -1.67
CA GLY A 165 11.19 -20.38 -0.59
C GLY A 165 11.22 -19.32 0.53
N GLU A 166 11.77 -18.17 0.24
CA GLU A 166 11.84 -17.08 1.27
C GLU A 166 11.28 -15.78 0.69
N TRP A 167 10.51 -15.07 1.46
CA TRP A 167 9.92 -13.79 0.95
C TRP A 167 11.05 -12.77 0.75
N LYS A 168 10.88 -11.87 -0.18
CA LYS A 168 11.93 -10.84 -0.42
C LYS A 168 11.28 -9.56 -0.94
N PHE A 169 11.52 -8.45 -0.29
CA PHE A 169 10.92 -7.16 -0.73
C PHE A 169 11.86 -6.46 -1.71
N ARG A 170 11.37 -6.14 -2.89
CA ARG A 170 12.21 -5.45 -3.92
C ARG A 170 11.56 -4.12 -4.31
N ALA A 171 12.12 -3.03 -3.88
CA ALA A 171 11.53 -1.70 -4.21
C ALA A 171 11.79 -1.39 -5.70
N VAL A 172 10.96 -0.57 -6.29
CA VAL A 172 11.13 -0.22 -7.73
C VAL A 172 10.84 1.27 -7.93
N GLY A 173 9.93 1.81 -7.18
CA GLY A 173 9.60 3.25 -7.33
C GLY A 173 9.05 3.51 -8.74
N GLN A 174 7.77 3.37 -8.92
CA GLN A 174 7.16 3.60 -10.26
C GLN A 174 5.83 4.33 -10.09
N GLY A 175 5.80 5.61 -10.38
CA GLY A 175 4.52 6.38 -10.23
C GLY A 175 3.67 6.18 -11.48
N TYR A 176 2.36 6.26 -11.32
CA TYR A 176 1.45 6.09 -12.49
C TYR A 176 0.23 6.99 -12.31
N ALA A 177 -0.10 7.78 -13.30
CA ALA A 177 -1.27 8.69 -13.19
C ALA A 177 -2.53 7.96 -13.64
N GLY A 178 -2.53 6.66 -13.54
CA GLY A 178 -3.73 5.88 -13.97
C GLY A 178 -4.89 6.16 -13.01
N GLY A 179 -5.20 5.23 -12.15
CA GLY A 179 -6.32 5.44 -11.18
C GLY A 179 -6.15 4.50 -9.99
N LEU A 180 -6.88 4.72 -8.93
CA LEU A 180 -6.76 3.84 -7.74
C LEU A 180 -7.57 2.56 -7.96
N ALA A 181 -8.71 2.66 -8.60
CA ALA A 181 -9.54 1.45 -8.84
C ALA A 181 -9.04 0.73 -10.10
N SER A 182 -8.40 1.45 -10.99
CA SER A 182 -7.90 0.80 -12.23
C SER A 182 -6.66 -0.04 -11.91
N VAL A 183 -5.63 0.56 -11.37
CA VAL A 183 -4.41 -0.21 -11.03
C VAL A 183 -4.79 -1.47 -10.27
N CYS A 184 -5.96 -1.50 -9.69
CA CYS A 184 -6.39 -2.70 -8.93
C CYS A 184 -6.71 -3.85 -9.90
N ALA A 185 -7.66 -3.65 -10.78
CA ALA A 185 -8.02 -4.73 -11.74
C ALA A 185 -7.10 -4.67 -12.96
N GLN A 186 -6.65 -3.51 -13.32
CA GLN A 186 -5.75 -3.38 -14.50
C GLN A 186 -4.44 -4.13 -14.26
N TYR A 187 -4.08 -4.34 -13.02
CA TYR A 187 -2.81 -5.06 -12.73
C TYR A 187 -2.99 -6.54 -13.07
N GLY A 188 -4.21 -7.01 -13.15
CA GLY A 188 -4.44 -8.44 -13.50
C GLY A 188 -4.52 -8.60 -15.01
N ILE A 189 -5.36 -7.84 -15.66
CA ILE A 189 -5.48 -7.95 -17.14
C ILE A 189 -4.34 -7.16 -17.80
N ASN A 190 -3.92 -7.59 -18.96
CA ASN A 190 -2.82 -6.87 -19.67
C ASN A 190 -3.34 -5.55 -20.22
N ALA A 191 -2.69 -4.46 -19.91
CA ALA A 191 -3.15 -3.14 -20.43
C ALA A 191 -2.67 -2.96 -21.87
N SER A 192 -2.86 -3.95 -22.69
CA SER A 192 -2.41 -3.82 -24.11
C SER A 192 -0.95 -3.38 -24.15
N SER A 19 11.73 -10.59 7.32
CA SER A 19 12.59 -11.00 6.18
C SER A 19 11.83 -11.98 5.29
N MET A 20 11.02 -12.82 5.87
CA MET A 20 10.24 -13.79 5.05
C MET A 20 9.30 -14.58 5.96
N LYS A 21 8.64 -13.91 6.87
CA LYS A 21 7.70 -14.61 7.79
C LYS A 21 6.58 -13.65 8.19
N ASN A 22 6.92 -12.44 8.53
CA ASN A 22 5.87 -11.45 8.92
C ASN A 22 6.31 -10.05 8.46
N VAL A 23 5.45 -9.36 7.75
CA VAL A 23 5.81 -7.98 7.27
C VAL A 23 4.68 -7.03 7.63
N LEU A 24 4.98 -5.77 7.84
CA LEU A 24 3.91 -4.80 8.21
C LEU A 24 4.28 -3.42 7.67
N VAL A 25 3.49 -2.92 6.74
CA VAL A 25 3.76 -1.58 6.18
C VAL A 25 3.10 -0.53 7.07
N GLY A 26 3.64 0.66 7.12
CA GLY A 26 3.04 1.73 7.98
C GLY A 26 3.11 3.07 7.26
N LEU A 27 1.96 3.66 6.98
CA LEU A 27 1.92 4.98 6.29
C LEU A 27 1.49 6.04 7.32
N GLY A 28 2.14 7.17 7.34
CA GLY A 28 1.75 8.21 8.34
C GLY A 28 2.00 9.60 7.77
N TRP A 29 1.21 10.56 8.17
CA TRP A 29 1.40 11.94 7.64
C TRP A 29 0.73 12.94 8.57
N ASP A 30 1.19 14.17 8.57
CA ASP A 30 0.58 15.20 9.46
C ASP A 30 -0.70 15.74 8.81
N ALA A 31 -1.74 15.88 9.60
CA ALA A 31 -3.03 16.41 9.04
C ALA A 31 -3.01 17.93 9.09
N ARG A 32 -3.30 18.58 7.98
CA ARG A 32 -3.32 20.07 7.95
C ARG A 32 -4.59 20.55 7.24
N SER A 33 -5.52 21.08 7.99
CA SER A 33 -6.80 21.56 7.36
C SER A 33 -6.61 23.01 6.89
N THR A 34 -6.83 23.25 5.62
CA THR A 34 -6.68 24.63 5.08
C THR A 34 -7.65 24.82 3.92
N ASP A 35 -8.33 25.93 3.88
CA ASP A 35 -9.30 26.18 2.78
C ASP A 35 -10.20 24.96 2.60
N GLY A 36 -10.19 24.05 3.54
CA GLY A 36 -11.04 22.84 3.42
C GLY A 36 -10.71 21.85 4.54
N GLN A 37 -10.99 20.59 4.34
CA GLN A 37 -10.69 19.59 5.39
C GLN A 37 -9.21 19.21 5.34
N ASP A 38 -8.81 18.22 6.09
CA ASP A 38 -7.38 17.80 6.08
C ASP A 38 -7.12 16.85 4.91
N PHE A 39 -5.97 16.25 4.87
CA PHE A 39 -5.65 15.30 3.75
C PHE A 39 -5.94 13.87 4.21
N ASP A 40 -6.35 13.02 3.29
CA ASP A 40 -6.65 11.60 3.68
C ASP A 40 -6.18 10.65 2.57
N LEU A 41 -5.05 10.03 2.77
CA LEU A 41 -4.54 9.08 1.73
C LEU A 41 -5.21 7.72 1.97
N ASP A 42 -5.16 6.85 0.99
CA ASP A 42 -5.81 5.51 1.13
C ASP A 42 -4.78 4.41 0.85
N ALA A 43 -4.55 3.53 1.79
CA ALA A 43 -3.57 2.42 1.59
C ALA A 43 -4.32 1.15 1.18
N SER A 44 -3.77 0.40 0.27
CA SER A 44 -4.46 -0.86 -0.18
C SER A 44 -3.42 -1.90 -0.59
N ALA A 45 -3.85 -3.12 -0.77
CA ALA A 45 -2.90 -4.20 -1.19
C ALA A 45 -3.59 -5.03 -2.28
N PHE A 46 -2.97 -5.15 -3.44
CA PHE A 46 -3.59 -5.94 -4.55
C PHE A 46 -2.88 -7.28 -4.70
N LEU A 47 -3.63 -8.35 -4.70
CA LEU A 47 -3.01 -9.70 -4.84
C LEU A 47 -2.58 -9.91 -6.29
N LEU A 48 -1.61 -10.76 -6.53
CA LEU A 48 -1.18 -11.01 -7.93
C LEU A 48 -0.71 -12.48 -8.06
N ALA A 49 -1.24 -13.22 -9.00
CA ALA A 49 -0.83 -14.64 -9.16
C ALA A 49 0.46 -14.71 -9.98
N ALA A 50 1.06 -15.87 -10.07
CA ALA A 50 2.32 -16.01 -10.86
C ALA A 50 1.96 -16.23 -12.34
N ASN A 51 0.70 -16.36 -12.64
CA ASN A 51 0.30 -16.58 -14.07
C ASN A 51 0.48 -15.28 -14.84
N GLY A 52 0.77 -14.21 -14.16
CA GLY A 52 0.97 -12.89 -14.85
C GLY A 52 -0.28 -12.04 -14.66
N LYS A 53 -1.29 -12.60 -14.03
CA LYS A 53 -2.55 -11.84 -13.80
C LYS A 53 -3.14 -12.25 -12.45
N VAL A 54 -3.66 -11.32 -11.71
CA VAL A 54 -4.24 -11.67 -10.39
C VAL A 54 -5.45 -12.56 -10.57
N ARG A 55 -5.64 -13.50 -9.69
CA ARG A 55 -6.82 -14.39 -9.79
C ARG A 55 -8.08 -13.54 -9.65
N GLY A 56 -7.89 -12.25 -9.50
CA GLY A 56 -9.05 -11.33 -9.35
C GLY A 56 -8.64 -10.10 -8.53
N ASP A 57 -8.37 -9.01 -9.18
CA ASP A 57 -7.96 -7.77 -8.45
C ASP A 57 -8.97 -7.49 -7.34
N ALA A 58 -10.21 -7.80 -7.59
CA ALA A 58 -11.27 -7.55 -6.57
C ALA A 58 -10.90 -8.26 -5.27
N ASP A 59 -9.82 -9.00 -5.26
CA ASP A 59 -9.41 -9.70 -4.01
C ASP A 59 -8.46 -8.80 -3.23
N PHE A 60 -8.57 -7.51 -3.40
CA PHE A 60 -7.68 -6.56 -2.67
C PHE A 60 -8.32 -6.18 -1.34
N ILE A 61 -7.51 -6.06 -0.33
CA ILE A 61 -8.04 -5.70 1.02
C ILE A 61 -8.29 -4.20 1.09
N PHE A 62 -9.36 -3.83 1.72
CA PHE A 62 -9.72 -2.39 1.86
C PHE A 62 -10.50 -2.21 3.18
N TYR A 63 -11.05 -1.05 3.41
CA TYR A 63 -11.80 -0.85 4.69
C TYR A 63 -13.01 -1.79 4.72
N ASN A 64 -13.57 -2.11 3.58
CA ASN A 64 -14.74 -3.02 3.54
C ASN A 64 -14.32 -4.40 4.05
N ASN A 65 -13.08 -4.54 4.47
CA ASN A 65 -12.60 -5.87 4.98
C ASN A 65 -11.58 -5.64 6.08
N LEU A 66 -11.91 -5.97 7.30
CA LEU A 66 -10.95 -5.76 8.41
C LEU A 66 -9.73 -6.66 8.20
N LYS A 67 -9.92 -7.81 7.63
CA LYS A 67 -8.76 -8.72 7.38
C LYS A 67 -9.17 -9.83 6.41
N SER A 68 -8.23 -10.41 5.73
CA SER A 68 -8.56 -11.49 4.77
C SER A 68 -8.94 -12.76 5.54
N ALA A 69 -9.69 -13.64 4.93
CA ALA A 69 -10.08 -14.89 5.63
C ALA A 69 -8.93 -15.90 5.55
N ASP A 70 -8.39 -16.09 4.37
CA ASP A 70 -7.25 -17.05 4.18
C ASP A 70 -6.01 -16.27 3.71
N GLY A 71 -6.16 -15.01 3.46
CA GLY A 71 -4.98 -14.20 3.00
C GLY A 71 -4.07 -13.91 4.19
N SER A 72 -4.54 -14.11 5.39
CA SER A 72 -3.70 -13.85 6.59
C SER A 72 -3.31 -12.37 6.62
N VAL A 73 -3.97 -11.55 5.85
CA VAL A 73 -3.64 -10.09 5.84
C VAL A 73 -4.56 -9.37 6.84
N THR A 74 -4.09 -8.27 7.39
CA THR A 74 -4.93 -7.53 8.39
C THR A 74 -4.69 -6.02 8.22
N HIS A 75 -5.74 -5.26 8.06
CA HIS A 75 -5.59 -3.78 7.90
C HIS A 75 -5.69 -3.11 9.28
N THR A 76 -4.70 -2.36 9.66
CA THR A 76 -4.74 -1.69 10.99
C THR A 76 -5.96 -0.76 11.04
N GLY A 77 -6.16 0.04 10.03
CA GLY A 77 -7.32 0.97 10.04
C GLY A 77 -7.08 2.12 9.06
N ASP A 78 -8.06 2.47 8.28
CA ASP A 78 -7.87 3.58 7.30
C ASP A 78 -8.18 4.92 7.99
N ASN A 79 -7.19 5.73 8.19
CA ASN A 79 -7.42 7.05 8.86
C ASN A 79 -8.12 7.99 7.87
N ARG A 80 -8.84 8.97 8.38
CA ARG A 80 -9.55 9.94 7.49
C ARG A 80 -8.90 11.31 7.59
N THR A 81 -7.78 11.40 8.26
CA THR A 81 -7.09 12.73 8.40
C THR A 81 -5.59 12.51 8.62
N GLY A 82 -5.23 11.46 9.30
CA GLY A 82 -3.77 11.18 9.58
C GLY A 82 -3.46 11.59 11.01
N GLU A 83 -4.46 11.96 11.76
CA GLU A 83 -4.22 12.37 13.17
C GLU A 83 -3.56 11.22 13.93
N GLY A 84 -2.31 11.37 14.30
CA GLY A 84 -1.61 10.28 15.03
C GLY A 84 -0.10 10.47 14.92
N ASP A 85 0.58 10.67 16.03
CA ASP A 85 2.05 10.87 15.98
C ASP A 85 2.73 9.53 15.66
N GLY A 86 2.61 9.07 14.44
CA GLY A 86 3.25 7.79 14.07
C GLY A 86 2.57 7.21 12.82
N ASP A 87 2.95 6.03 12.41
CA ASP A 87 2.32 5.43 11.21
C ASP A 87 0.80 5.49 11.34
N ASP A 88 0.16 6.34 10.58
CA ASP A 88 -1.32 6.45 10.67
C ASP A 88 -1.95 5.13 10.23
N GLU A 89 -1.86 4.80 8.97
CA GLU A 89 -2.45 3.52 8.48
C GLU A 89 -1.37 2.43 8.49
N SER A 90 -1.76 1.19 8.29
CA SER A 90 -0.75 0.10 8.30
C SER A 90 -1.42 -1.20 7.83
N LEU A 91 -0.63 -2.15 7.37
CA LEU A 91 -1.21 -3.44 6.90
C LEU A 91 -0.27 -4.58 7.27
N LYS A 92 -0.75 -5.54 8.04
CA LYS A 92 0.12 -6.68 8.46
C LYS A 92 -0.14 -7.88 7.54
N ILE A 93 0.91 -8.55 7.12
CA ILE A 93 0.74 -9.72 6.20
C ILE A 93 1.64 -10.87 6.65
N LYS A 94 1.05 -11.95 7.09
CA LYS A 94 1.87 -13.14 7.51
C LYS A 94 2.20 -13.94 6.26
N LEU A 95 3.30 -13.67 5.64
CA LEU A 95 3.67 -14.41 4.39
C LEU A 95 3.91 -15.88 4.73
N ASP A 96 3.86 -16.23 5.99
CA ASP A 96 4.08 -17.66 6.37
C ASP A 96 2.76 -18.43 6.26
N ALA A 97 1.65 -17.74 6.34
CA ALA A 97 0.32 -18.43 6.23
C ALA A 97 -0.22 -18.31 4.81
N VAL A 98 0.41 -17.50 3.99
CA VAL A 98 -0.09 -17.34 2.60
C VAL A 98 -0.01 -18.70 1.87
N PRO A 99 -1.10 -19.20 1.30
CA PRO A 99 -1.10 -20.50 0.60
C PRO A 99 -0.46 -20.41 -0.80
N GLY A 100 -0.73 -21.37 -1.64
CA GLY A 100 -0.14 -21.35 -3.02
C GLY A 100 -1.10 -20.62 -3.98
N ASP A 101 -2.18 -20.10 -3.47
CA ASP A 101 -3.14 -19.39 -4.36
C ASP A 101 -2.45 -18.16 -4.95
N VAL A 102 -1.92 -17.31 -4.12
CA VAL A 102 -1.23 -16.08 -4.62
C VAL A 102 0.28 -16.33 -4.63
N ASP A 103 0.99 -15.72 -5.56
CA ASP A 103 2.47 -15.92 -5.63
C ASP A 103 3.18 -14.57 -5.50
N LYS A 104 2.43 -13.49 -5.48
CA LYS A 104 3.06 -12.15 -5.34
C LYS A 104 2.04 -11.17 -4.75
N ILE A 105 2.50 -10.27 -3.93
CA ILE A 105 1.59 -9.26 -3.30
C ILE A 105 2.18 -7.87 -3.51
N ILE A 106 1.36 -6.85 -3.52
CA ILE A 106 1.86 -5.46 -3.73
C ILE A 106 1.10 -4.48 -2.83
N PHE A 107 1.73 -3.39 -2.47
CA PHE A 107 1.06 -2.38 -1.59
C PHE A 107 1.28 -1.00 -2.19
N VAL A 108 0.22 -0.24 -2.38
CA VAL A 108 0.35 1.11 -2.98
C VAL A 108 -0.58 2.11 -2.27
N VAL A 109 -0.23 3.36 -2.29
CA VAL A 109 -1.08 4.40 -1.63
C VAL A 109 -1.74 5.25 -2.73
N THR A 110 -2.97 5.64 -2.52
CA THR A 110 -3.69 6.46 -3.55
C THR A 110 -4.33 7.68 -2.89
N ILE A 111 -4.34 8.79 -3.58
CA ILE A 111 -4.94 10.02 -2.99
C ILE A 111 -6.48 9.87 -3.03
N HIS A 112 -7.13 10.16 -1.94
CA HIS A 112 -8.61 10.02 -1.90
C HIS A 112 -9.27 11.15 -2.68
N ASP A 113 -10.36 11.69 -2.18
CA ASP A 113 -11.07 12.79 -2.89
C ASP A 113 -10.08 13.90 -3.24
N ALA A 114 -9.01 14.04 -2.51
CA ALA A 114 -8.03 15.11 -2.82
C ALA A 114 -7.66 15.02 -4.30
N GLN A 115 -7.89 13.90 -4.93
CA GLN A 115 -7.55 13.75 -6.37
C GLN A 115 -8.62 14.45 -7.21
N ALA A 116 -9.86 14.36 -6.82
CA ALA A 116 -10.94 15.03 -7.60
C ALA A 116 -10.64 16.52 -7.70
N ARG A 117 -10.35 17.14 -6.59
CA ARG A 117 -10.02 18.60 -6.60
C ARG A 117 -8.56 18.76 -7.01
N ARG A 118 -7.91 17.68 -7.32
CA ARG A 118 -6.47 17.73 -7.71
C ARG A 118 -5.61 18.19 -6.53
N GLN A 119 -5.04 17.27 -5.82
CA GLN A 119 -4.17 17.63 -4.66
C GLN A 119 -3.22 16.47 -4.37
N SER A 120 -2.15 16.37 -5.12
CA SER A 120 -1.17 15.27 -4.88
C SER A 120 -0.69 15.32 -3.44
N PHE A 121 -0.21 14.22 -2.93
CA PHE A 121 0.26 14.20 -1.51
C PHE A 121 1.13 15.43 -1.24
N GLY A 122 1.74 15.98 -2.25
CA GLY A 122 2.61 17.18 -2.03
C GLY A 122 1.83 18.23 -1.24
N GLN A 123 0.55 18.33 -1.47
CA GLN A 123 -0.27 19.33 -0.74
C GLN A 123 -0.16 19.06 0.76
N VAL A 124 0.15 17.84 1.13
CA VAL A 124 0.27 17.51 2.58
C VAL A 124 1.51 18.20 3.15
N SER A 125 1.67 18.21 4.44
CA SER A 125 2.86 18.88 5.04
C SER A 125 4.10 17.99 4.87
N GLY A 126 3.92 16.71 4.74
CA GLY A 126 5.10 15.81 4.56
C GLY A 126 4.73 14.38 4.98
N ALA A 127 4.07 13.66 4.11
CA ALA A 127 3.68 12.26 4.46
C ALA A 127 4.90 11.36 4.35
N PHE A 128 4.84 10.18 4.90
CA PHE A 128 6.03 9.26 4.82
C PHE A 128 5.57 7.80 4.94
N ILE A 129 6.19 6.93 4.18
CA ILE A 129 5.85 5.48 4.23
C ILE A 129 6.90 4.78 5.09
N ARG A 130 6.54 3.70 5.74
CA ARG A 130 7.53 2.97 6.61
C ARG A 130 7.28 1.47 6.51
N LEU A 131 8.31 0.67 6.70
CA LEU A 131 8.15 -0.81 6.62
C LEU A 131 8.87 -1.45 7.79
N VAL A 132 8.35 -2.53 8.31
CA VAL A 132 9.01 -3.22 9.45
C VAL A 132 8.63 -4.70 9.45
N ASN A 133 9.54 -5.54 9.82
CA ASN A 133 9.22 -6.99 9.87
C ASN A 133 8.51 -7.27 11.20
N ASP A 134 7.22 -7.41 11.18
CA ASP A 134 6.49 -7.67 12.46
C ASP A 134 7.19 -8.81 13.20
N ASP A 135 8.05 -9.51 12.52
CA ASP A 135 8.79 -10.63 13.18
C ASP A 135 9.96 -10.07 13.99
N ASN A 136 10.64 -9.08 13.47
CA ASN A 136 11.80 -8.50 14.21
C ASN A 136 11.38 -7.18 14.89
N GLN A 137 10.30 -6.61 14.45
CA GLN A 137 9.83 -5.33 15.08
C GLN A 137 10.92 -4.26 14.94
N THR A 138 11.43 -4.08 13.74
CA THR A 138 12.50 -3.05 13.52
C THR A 138 12.34 -2.43 12.14
N GLU A 139 12.14 -1.14 12.06
CA GLU A 139 11.98 -0.49 10.74
C GLU A 139 13.03 -1.00 9.75
N VAL A 140 12.70 -1.08 8.48
CA VAL A 140 13.68 -1.58 7.47
C VAL A 140 13.67 -0.68 6.23
N ALA A 141 12.61 0.05 5.99
CA ALA A 141 12.60 0.93 4.78
C ALA A 141 11.55 2.03 4.93
N ARG A 142 11.70 3.10 4.19
CA ARG A 142 10.72 4.21 4.28
C ARG A 142 10.82 5.08 3.00
N TYR A 143 9.75 5.74 2.64
CA TYR A 143 9.76 6.60 1.41
C TYR A 143 9.18 7.98 1.76
N ASP A 144 9.64 9.02 1.09
CA ASP A 144 9.13 10.40 1.37
C ASP A 144 8.33 10.89 0.17
N LEU A 145 7.05 11.10 0.36
CA LEU A 145 6.20 11.57 -0.77
C LEU A 145 6.58 13.02 -1.12
N THR A 146 6.89 13.82 -0.13
CA THR A 146 7.26 15.25 -0.42
C THR A 146 8.26 15.29 -1.57
N GLU A 147 8.93 14.19 -1.81
CA GLU A 147 9.92 14.16 -2.93
C GLU A 147 9.25 13.58 -4.19
N ASP A 148 8.61 12.45 -4.07
CA ASP A 148 7.94 11.83 -5.24
C ASP A 148 6.48 12.28 -5.29
N ALA A 149 6.15 13.32 -4.60
CA ALA A 149 4.74 13.80 -4.58
C ALA A 149 4.46 14.64 -5.82
N SER A 150 5.31 15.60 -6.08
CA SER A 150 5.10 16.47 -7.27
C SER A 150 5.11 15.62 -8.55
N THR A 151 5.24 14.33 -8.42
CA THR A 151 5.30 13.45 -9.63
C THR A 151 3.88 12.97 -10.01
N GLU A 152 3.02 12.76 -9.04
CA GLU A 152 1.64 12.26 -9.39
C GLU A 152 0.76 12.27 -8.15
N THR A 153 -0.16 11.35 -8.06
CA THR A 153 -1.08 11.27 -6.89
C THR A 153 -1.01 9.86 -6.28
N ALA A 154 -0.74 8.86 -7.08
CA ALA A 154 -0.64 7.46 -6.56
C ALA A 154 0.81 6.99 -6.68
N MET A 155 1.21 6.02 -5.90
CA MET A 155 2.62 5.55 -6.00
C MET A 155 2.78 4.18 -5.31
N LEU A 156 3.37 3.25 -5.99
CA LEU A 156 3.57 1.90 -5.39
C LEU A 156 4.81 1.93 -4.49
N PHE A 157 4.68 1.54 -3.25
CA PHE A 157 5.85 1.56 -2.34
C PHE A 157 6.79 0.38 -2.65
N GLY A 158 6.29 -0.83 -2.63
CA GLY A 158 7.18 -1.99 -2.92
C GLY A 158 6.35 -3.23 -3.24
N GLU A 159 6.97 -4.38 -3.25
CA GLU A 159 6.22 -5.64 -3.55
C GLU A 159 6.88 -6.83 -2.85
N LEU A 160 6.20 -7.94 -2.79
CA LEU A 160 6.77 -9.16 -2.15
C LEU A 160 6.50 -10.36 -3.06
N TYR A 161 7.46 -11.24 -3.22
CA TYR A 161 7.25 -12.42 -4.12
C TYR A 161 7.96 -13.65 -3.54
N ARG A 162 7.65 -14.82 -4.05
CA ARG A 162 8.30 -16.06 -3.55
C ARG A 162 9.62 -16.30 -4.29
N HIS A 163 10.56 -16.93 -3.65
CA HIS A 163 11.86 -17.19 -4.30
C HIS A 163 12.52 -18.41 -3.66
N ASN A 164 12.83 -19.42 -4.43
CA ASN A 164 13.46 -20.64 -3.85
C ASN A 164 12.60 -21.17 -2.72
N GLY A 165 11.31 -20.90 -2.75
CA GLY A 165 10.42 -21.39 -1.67
C GLY A 165 10.50 -20.45 -0.46
N GLU A 166 11.11 -19.30 -0.63
CA GLU A 166 11.25 -18.33 0.49
C GLU A 166 10.74 -16.96 0.04
N TRP A 167 10.01 -16.27 0.88
CA TRP A 167 9.49 -14.93 0.51
C TRP A 167 10.66 -13.95 0.35
N LYS A 168 10.52 -12.96 -0.49
CA LYS A 168 11.63 -11.98 -0.69
C LYS A 168 11.04 -10.64 -1.15
N PHE A 169 11.50 -9.57 -0.57
CA PHE A 169 10.98 -8.22 -0.97
C PHE A 169 11.84 -7.66 -2.10
N ARG A 170 11.28 -6.80 -2.91
CA ARG A 170 12.05 -6.20 -4.04
C ARG A 170 11.49 -4.81 -4.37
N ALA A 171 12.23 -3.78 -4.07
CA ALA A 171 11.74 -2.40 -4.35
C ALA A 171 11.44 -2.27 -5.85
N VAL A 172 10.56 -1.36 -6.21
CA VAL A 172 10.21 -1.17 -7.65
C VAL A 172 10.09 0.32 -7.95
N GLY A 173 9.60 1.08 -7.01
CA GLY A 173 9.45 2.54 -7.24
C GLY A 173 8.65 2.77 -8.52
N GLN A 174 7.36 2.70 -8.44
CA GLN A 174 6.49 2.92 -9.63
C GLN A 174 5.20 3.61 -9.19
N GLY A 175 4.45 4.14 -10.12
CA GLY A 175 3.18 4.82 -9.73
C GLY A 175 2.29 5.03 -10.95
N TYR A 176 1.26 5.82 -10.81
CA TYR A 176 0.34 6.08 -11.95
C TYR A 176 -0.24 7.48 -11.82
N ALA A 177 -0.69 8.06 -12.90
CA ALA A 177 -1.27 9.44 -12.82
C ALA A 177 -2.33 9.48 -11.72
N GLY A 178 -3.16 8.47 -11.64
CA GLY A 178 -4.21 8.45 -10.58
C GLY A 178 -5.45 7.74 -11.12
N GLY A 179 -5.68 6.52 -10.71
CA GLY A 179 -6.87 5.77 -11.19
C GLY A 179 -7.17 4.63 -10.22
N LEU A 180 -7.36 4.93 -8.97
CA LEU A 180 -7.65 3.86 -7.97
C LEU A 180 -8.70 2.90 -8.53
N ALA A 181 -9.41 3.31 -9.56
CA ALA A 181 -10.44 2.43 -10.16
C ALA A 181 -9.78 1.51 -11.18
N SER A 182 -8.85 2.03 -11.94
CA SER A 182 -8.15 1.19 -12.96
C SER A 182 -6.93 0.53 -12.33
N VAL A 183 -6.16 1.28 -11.59
CA VAL A 183 -4.94 0.71 -10.95
C VAL A 183 -5.30 -0.59 -10.24
N CYS A 184 -6.54 -0.80 -9.95
CA CYS A 184 -6.96 -2.06 -9.27
C CYS A 184 -6.99 -3.20 -10.27
N ALA A 185 -7.82 -3.10 -11.27
CA ALA A 185 -7.91 -4.20 -12.28
C ALA A 185 -6.68 -4.16 -13.19
N GLN A 186 -6.03 -3.03 -13.25
CA GLN A 186 -4.82 -2.91 -14.12
C GLN A 186 -3.80 -3.98 -13.72
N TYR A 187 -3.85 -4.43 -12.50
CA TYR A 187 -2.88 -5.47 -12.05
C TYR A 187 -3.21 -6.80 -12.72
N GLY A 188 -4.39 -6.93 -13.26
CA GLY A 188 -4.77 -8.21 -13.94
C GLY A 188 -4.22 -8.23 -15.36
N ILE A 189 -4.40 -7.18 -16.10
CA ILE A 189 -3.87 -7.14 -17.49
C ILE A 189 -2.41 -6.72 -17.48
N ASN A 190 -1.63 -7.24 -18.39
CA ASN A 190 -0.18 -6.88 -18.43
C ASN A 190 -0.01 -5.51 -19.11
N ALA A 191 0.71 -4.61 -18.50
CA ALA A 191 0.91 -3.27 -19.11
C ALA A 191 2.00 -3.35 -20.18
N SER A 192 2.28 -4.53 -20.66
CA SER A 192 3.33 -4.67 -21.71
C SER A 192 2.84 -4.04 -23.02
#